data_5OT4
#
_entry.id   5OT4
#
_cell.length_a   242.648
_cell.length_b   230.909
_cell.length_c   86.726
_cell.angle_alpha   90.000
_cell.angle_beta   90.400
_cell.angle_gamma   90.000
#
_symmetry.space_group_name_H-M   'C 1 2 1'
#
loop_
_entity.id
_entity.type
_entity.pdbx_description
1 polymer Interaptin
2 non-polymer GLYCEROL
#
_entity_poly.entity_id   1
_entity_poly.type   'polypeptide(L)'
_entity_poly.pdbx_seq_one_letter_code
;SMILEEYIRMAKNKEFFDALEEIAESAKNDETLRNELAKVLDDILKTDPSDPEAFRKIVAEHQEFWDEHDPSLMEFNEGR
FFGKSRKQYLKSDDFLNSTDPTYNFQKLHQFAAEQRVKLGLEKSDTDTLVAILKNNPEECRAYIESKKPGLGNFSEGNVH
GWLKEEYTPTIPPKAINKSTGVLSDEAIKRIKEQARDLLLLKLINSSGNTQLLKDLRDAMSKPEAERAANALGFPTEGNG
VLFLSREVVDALEERVEKLEQEAAKRGFDSYVQSLSHNALLAKKNGLESTTAAGFKNSLDEPYKTYLPESEWERAQGVLG
ARYLQAVLSSGTQNLKDALNAKDANALITELKKPALLGPHDYIDKAVTEENLGSLKKNMMKSFINNIKDETNLKALDALK
ALDGAKNLDKFKEVLGKLGITPADWVKDTDLKDMKQWARARQFELEINRVSSLGSGAHSKLMSTLTKLPVEKQREILAKP
QQLRHLMNAYESHVAEHYLGKNASGIAELLTENKRLEGFRAIHNAEVARVLANFKPEITLNDKQVAAINQALTTANSNPN
TYTQATDYKILIDAIKTQSGSVNQKDFYNAFNLNDDGRAFTSSTPRKDEMSKQQQHNQHIYAEYNSTSNSGNKKLLAVLL
SIEKPVTFSKDIVNRFLRPLKDSETPQDYADTLFGENPTNPANKKFKDDLLRELTPTVFNEIKNDLRKQELLDTNPAHVM
TAIKALSTELESIKGITGPIRTNADKLKFINDIDPVHLYNPTFQGTARSKAAQMKERYEGLSRDCGLVVDQLRRQVVALE
GHLKSLPKEGEFKAAGLTLEQKAEIKKLRTDLEAELSAVREDLDFYKKIQGKLETIVKEVDVAAKGKMHYYYNSEGIKRH
PPVSRDQIPPLPNVPNPSLRS
;
_entity_poly.pdbx_strand_id   A,B,C,D
#
# COMPACT_ATOMS: atom_id res chain seq x y z
N TYR A 7 64.69 -7.86 -80.86
CA TYR A 7 65.22 -7.55 -79.49
C TYR A 7 66.75 -7.38 -79.45
N ILE A 8 67.27 -6.86 -78.33
CA ILE A 8 68.71 -6.57 -78.13
C ILE A 8 69.23 -7.05 -76.73
N ARG A 9 69.12 -6.20 -75.69
CA ARG A 9 69.44 -6.49 -74.24
C ARG A 9 70.87 -6.22 -73.73
N MET A 10 71.71 -5.55 -74.52
CA MET A 10 73.18 -5.57 -74.29
C MET A 10 73.58 -4.52 -73.22
N ALA A 11 72.81 -4.48 -72.13
CA ALA A 11 72.78 -3.31 -71.25
C ALA A 11 72.36 -3.61 -69.81
N LYS A 12 72.61 -2.63 -68.93
CA LYS A 12 72.41 -2.76 -67.47
C LYS A 12 71.03 -2.29 -66.97
N ASN A 13 70.16 -1.82 -67.86
CA ASN A 13 68.88 -1.21 -67.45
C ASN A 13 67.98 -2.13 -66.62
N LYS A 14 67.82 -3.39 -67.02
CA LYS A 14 67.06 -4.34 -66.20
C LYS A 14 67.83 -4.64 -64.94
N GLU A 15 69.14 -4.79 -65.06
CA GLU A 15 69.98 -5.19 -63.91
C GLU A 15 69.93 -4.19 -62.75
N PHE A 16 69.68 -2.91 -63.04
CA PHE A 16 69.46 -1.90 -62.00
C PHE A 16 68.03 -1.91 -61.43
N PHE A 17 67.01 -2.05 -62.28
CA PHE A 17 65.62 -2.31 -61.82
C PHE A 17 65.66 -3.47 -60.82
N ASP A 18 66.15 -4.61 -61.26
CA ASP A 18 66.22 -5.81 -60.43
C ASP A 18 67.10 -5.70 -59.17
N ALA A 19 68.11 -4.83 -59.20
CA ALA A 19 69.02 -4.65 -58.06
C ALA A 19 68.41 -3.73 -57.03
N LEU A 20 67.93 -2.57 -57.47
CA LEU A 20 67.17 -1.67 -56.58
C LEU A 20 66.09 -2.45 -55.81
N GLU A 21 65.31 -3.26 -56.54
CA GLU A 21 64.20 -4.03 -55.96
C GLU A 21 64.67 -4.96 -54.85
N GLU A 22 65.77 -5.66 -55.07
CA GLU A 22 66.36 -6.51 -54.02
C GLU A 22 66.91 -5.69 -52.87
N ILE A 23 67.70 -4.66 -53.19
CA ILE A 23 68.38 -3.88 -52.17
C ILE A 23 67.35 -3.34 -51.20
N ALA A 24 66.28 -2.76 -51.75
CA ALA A 24 65.17 -2.20 -50.94
C ALA A 24 64.60 -3.21 -49.94
N GLU A 25 64.40 -4.44 -50.39
CA GLU A 25 63.97 -5.54 -49.52
C GLU A 25 64.97 -5.75 -48.37
N SER A 26 66.27 -5.83 -48.68
CA SER A 26 67.28 -6.01 -47.61
C SER A 26 67.51 -4.79 -46.70
N ALA A 27 66.94 -3.63 -47.07
CA ALA A 27 66.92 -2.43 -46.21
C ALA A 27 65.74 -2.38 -45.22
N LYS A 28 64.84 -3.36 -45.31
CA LYS A 28 63.83 -3.59 -44.28
C LYS A 28 64.41 -3.56 -42.87
N ASN A 29 65.53 -4.28 -42.69
CA ASN A 29 66.12 -4.59 -41.37
C ASN A 29 67.62 -4.27 -41.31
N ASP A 30 67.99 -3.12 -41.87
CA ASP A 30 69.38 -2.66 -42.00
C ASP A 30 69.36 -1.12 -42.01
N GLU A 31 68.98 -0.51 -40.89
CA GLU A 31 68.62 0.92 -40.87
C GLU A 31 69.59 1.86 -41.60
N THR A 32 70.89 1.56 -41.55
CA THR A 32 71.86 2.41 -42.25
C THR A 32 71.81 2.21 -43.77
N LEU A 33 71.56 0.99 -44.24
CA LEU A 33 71.44 0.71 -45.69
C LEU A 33 70.23 1.41 -46.34
N ARG A 34 69.18 1.67 -45.55
CA ARG A 34 68.04 2.44 -46.04
C ARG A 34 68.46 3.91 -46.21
N ASN A 35 69.21 4.45 -45.24
CA ASN A 35 69.73 5.82 -45.33
C ASN A 35 70.67 5.99 -46.53
N GLU A 36 71.40 4.92 -46.88
CA GLU A 36 72.23 4.92 -48.09
C GLU A 36 71.36 4.84 -49.36
N LEU A 37 70.48 3.84 -49.42
CA LEU A 37 69.57 3.65 -50.55
C LEU A 37 68.58 4.81 -50.75
N ALA A 38 68.22 5.52 -49.69
CA ALA A 38 67.37 6.71 -49.84
C ALA A 38 68.08 7.80 -50.64
N LYS A 39 69.38 7.99 -50.40
CA LYS A 39 70.19 8.96 -51.17
C LYS A 39 70.29 8.59 -52.66
N VAL A 40 70.85 7.41 -52.96
CA VAL A 40 70.82 6.82 -54.32
C VAL A 40 69.56 7.20 -55.08
N LEU A 41 68.40 7.01 -54.43
CA LEU A 41 67.12 7.43 -55.00
C LEU A 41 66.97 8.96 -54.96
N ASP A 42 67.13 9.57 -53.79
CA ASP A 42 67.03 11.04 -53.64
C ASP A 42 67.74 11.78 -54.77
N ASP A 43 68.91 11.25 -55.20
CA ASP A 43 69.66 11.76 -56.36
C ASP A 43 69.02 11.38 -57.70
N ILE A 44 68.95 10.08 -58.00
CA ILE A 44 68.29 9.64 -59.25
C ILE A 44 67.02 10.47 -59.48
N LEU A 45 66.26 10.73 -58.43
CA LEU A 45 65.06 11.56 -58.52
C LEU A 45 65.32 13.00 -58.93
N LYS A 46 66.32 13.64 -58.33
CA LYS A 46 66.56 15.06 -58.58
C LYS A 46 66.84 15.29 -60.06
N THR A 47 67.57 14.36 -60.67
CA THR A 47 67.92 14.41 -62.09
C THR A 47 66.74 14.45 -63.07
N ASP A 48 66.89 15.19 -64.16
CA ASP A 48 65.97 15.10 -65.28
C ASP A 48 66.11 13.69 -65.89
N PRO A 49 64.98 13.02 -66.20
CA PRO A 49 65.07 11.68 -66.76
C PRO A 49 65.63 11.65 -68.19
N SER A 50 65.10 12.52 -69.05
CA SER A 50 65.44 12.57 -70.47
C SER A 50 66.59 13.57 -70.67
N ASP A 51 67.77 13.15 -70.22
CA ASP A 51 69.03 13.90 -70.29
C ASP A 51 70.17 12.87 -70.12
N PRO A 52 70.24 11.87 -71.02
CA PRO A 52 71.09 10.69 -70.83
C PRO A 52 72.51 10.95 -70.26
N GLU A 53 73.12 12.06 -70.64
CA GLU A 53 74.34 12.50 -69.98
C GLU A 53 74.05 12.66 -68.49
N ALA A 54 73.34 13.74 -68.11
CA ALA A 54 73.10 14.07 -66.69
C ALA A 54 72.59 12.89 -65.86
N PHE A 55 71.73 12.05 -66.46
CA PHE A 55 71.13 10.91 -65.75
C PHE A 55 72.17 9.86 -65.47
N ARG A 56 72.86 9.39 -66.51
CA ARG A 56 73.89 8.39 -66.32
C ARG A 56 75.12 8.93 -65.54
N LYS A 57 75.35 10.24 -65.59
CA LYS A 57 76.27 10.90 -64.65
C LYS A 57 75.84 10.50 -63.22
N ILE A 58 74.58 10.77 -62.85
CA ILE A 58 74.12 10.60 -61.45
C ILE A 58 74.07 9.13 -60.98
N VAL A 59 73.56 8.22 -61.80
CA VAL A 59 73.62 6.77 -61.46
C VAL A 59 75.06 6.27 -61.34
N ALA A 60 75.95 6.73 -62.22
CA ALA A 60 77.38 6.36 -62.16
C ALA A 60 78.05 6.89 -60.89
N GLU A 61 77.78 8.16 -60.56
CA GLU A 61 78.40 8.83 -59.40
C GLU A 61 77.99 8.26 -58.02
N HIS A 62 77.18 7.19 -57.99
CA HIS A 62 77.04 6.31 -56.82
C HIS A 62 77.67 4.93 -57.07
N GLN A 63 78.81 4.89 -57.79
CA GLN A 63 79.49 3.62 -58.14
C GLN A 63 79.95 2.81 -56.92
N GLU A 64 80.36 3.53 -55.86
CA GLU A 64 80.88 2.92 -54.64
C GLU A 64 79.75 2.17 -53.92
N PHE A 65 78.54 2.75 -53.94
CA PHE A 65 77.33 2.09 -53.42
C PHE A 65 76.80 0.98 -54.36
N TRP A 66 76.97 1.14 -55.68
CA TRP A 66 76.61 0.06 -56.62
C TRP A 66 77.47 -1.17 -56.41
N ASP A 67 78.80 -0.95 -56.52
CA ASP A 67 79.82 -1.99 -56.31
C ASP A 67 79.69 -2.66 -54.94
N GLU A 68 79.15 -1.95 -53.95
CA GLU A 68 78.89 -2.49 -52.60
C GLU A 68 77.79 -3.58 -52.51
N HIS A 69 76.74 -3.46 -53.32
CA HIS A 69 75.73 -4.52 -53.40
C HIS A 69 76.26 -5.61 -54.34
N ASP A 70 76.41 -5.24 -55.62
CA ASP A 70 76.89 -6.15 -56.67
C ASP A 70 77.96 -5.40 -57.49
N PRO A 71 79.19 -5.95 -57.58
CA PRO A 71 80.19 -5.39 -58.49
C PRO A 71 79.73 -5.42 -59.95
N SER A 72 79.03 -6.49 -60.36
CA SER A 72 78.56 -6.67 -61.73
C SER A 72 77.38 -5.75 -62.10
N LEU A 73 77.63 -4.44 -61.92
CA LEU A 73 76.80 -3.36 -62.42
C LEU A 73 77.69 -2.46 -63.27
N MET A 74 78.83 -2.10 -62.69
CA MET A 74 79.95 -1.57 -63.44
C MET A 74 80.64 -2.74 -64.19
N GLU A 75 81.60 -2.40 -65.05
CA GLU A 75 82.31 -3.39 -65.89
C GLU A 75 83.02 -4.49 -65.09
N GLN A 88 84.63 6.93 -69.35
CA GLN A 88 84.55 6.89 -70.81
C GLN A 88 83.43 5.98 -71.32
N TYR A 89 83.28 4.83 -70.68
CA TYR A 89 82.17 3.86 -70.92
C TYR A 89 80.93 4.23 -70.07
N LEU A 90 81.14 4.94 -68.96
CA LEU A 90 80.06 5.49 -68.15
C LEU A 90 79.25 6.51 -68.97
N LYS A 91 79.91 7.51 -69.58
CA LYS A 91 79.23 8.50 -70.44
C LYS A 91 78.64 7.89 -71.74
N SER A 92 79.23 6.78 -72.18
CA SER A 92 78.72 6.04 -73.32
C SER A 92 77.40 5.39 -72.93
N ASP A 93 76.37 5.62 -73.75
CA ASP A 93 75.04 4.98 -73.57
C ASP A 93 74.93 3.63 -74.32
N ASP A 94 76.08 2.95 -74.45
CA ASP A 94 76.15 1.63 -75.07
C ASP A 94 75.73 0.61 -74.02
N PHE A 95 76.44 0.67 -72.88
CA PHE A 95 76.17 -0.20 -71.76
C PHE A 95 74.84 0.15 -71.06
N LEU A 96 74.45 1.42 -71.16
CA LEU A 96 73.23 1.94 -70.54
C LEU A 96 72.31 2.44 -71.64
N ASN A 97 71.18 1.75 -71.81
CA ASN A 97 70.27 2.07 -72.89
C ASN A 97 69.44 3.32 -72.53
N SER A 98 69.32 4.21 -73.49
CA SER A 98 68.56 5.44 -73.36
C SER A 98 67.11 5.30 -73.84
N THR A 99 66.84 4.31 -74.70
CA THR A 99 65.47 3.98 -75.16
C THR A 99 65.24 2.46 -75.20
N ASP A 100 65.24 1.87 -74.00
CA ASP A 100 64.89 0.47 -73.82
C ASP A 100 63.34 0.36 -73.84
N PRO A 101 62.78 -0.64 -74.57
CA PRO A 101 61.31 -0.71 -74.68
C PRO A 101 60.58 -0.88 -73.37
N THR A 102 61.22 -1.56 -72.41
CA THR A 102 60.62 -1.87 -71.11
C THR A 102 61.18 -1.04 -69.94
N TYR A 103 62.41 -0.50 -70.06
CA TYR A 103 63.08 0.20 -68.93
C TYR A 103 63.88 1.44 -69.38
N ASN A 104 63.20 2.57 -69.62
CA ASN A 104 63.88 3.85 -70.00
C ASN A 104 64.59 4.53 -68.82
N PHE A 105 64.93 5.81 -68.98
CA PHE A 105 65.23 6.67 -67.85
C PHE A 105 63.93 7.16 -67.25
N GLN A 106 62.95 7.41 -68.11
CA GLN A 106 61.61 7.75 -67.65
C GLN A 106 61.04 6.67 -66.72
N LYS A 107 61.29 5.40 -67.05
CA LYS A 107 60.79 4.29 -66.21
C LYS A 107 61.59 4.18 -64.93
N LEU A 108 62.92 4.09 -65.04
CA LEU A 108 63.81 4.03 -63.87
C LEU A 108 63.80 5.29 -62.96
N HIS A 109 63.19 6.38 -63.42
CA HIS A 109 62.91 7.55 -62.58
C HIS A 109 61.57 7.33 -61.87
N GLN A 110 60.54 6.99 -62.67
CA GLN A 110 59.17 6.63 -62.21
C GLN A 110 59.18 5.47 -61.22
N PHE A 111 60.04 4.50 -61.48
CA PHE A 111 60.18 3.33 -60.63
C PHE A 111 60.98 3.68 -59.38
N ALA A 112 61.98 4.52 -59.52
CA ALA A 112 62.70 5.02 -58.35
C ALA A 112 61.87 5.92 -57.44
N ALA A 113 60.76 6.48 -57.94
CA ALA A 113 59.91 7.36 -57.10
C ALA A 113 59.01 6.51 -56.25
N GLU A 114 58.31 5.59 -56.90
CA GLU A 114 57.55 4.53 -56.25
C GLU A 114 58.46 3.97 -55.17
N GLN A 115 59.58 3.38 -55.57
CA GLN A 115 60.54 2.76 -54.63
C GLN A 115 60.97 3.64 -53.49
N ARG A 116 60.96 4.96 -53.67
CA ARG A 116 61.32 5.87 -52.58
C ARG A 116 60.23 5.91 -51.55
N VAL A 117 59.03 6.31 -51.95
CA VAL A 117 57.89 6.36 -51.01
C VAL A 117 57.63 4.97 -50.37
N LYS A 118 57.86 3.87 -51.10
CA LYS A 118 57.76 2.52 -50.52
C LYS A 118 58.78 2.26 -49.40
N LEU A 119 59.99 2.73 -49.57
CA LEU A 119 61.02 2.58 -48.55
C LEU A 119 60.70 3.36 -47.30
N GLY A 120 60.05 4.49 -47.45
CA GLY A 120 59.78 5.38 -46.32
C GLY A 120 58.65 4.94 -45.41
N LEU A 121 57.57 4.40 -45.98
CA LEU A 121 56.44 3.99 -45.16
C LEU A 121 56.68 2.67 -44.42
N GLU A 122 57.65 1.86 -44.89
CA GLU A 122 58.11 0.64 -44.20
C GLU A 122 58.30 0.80 -42.68
N LYS A 123 58.66 1.97 -42.21
CA LYS A 123 58.81 2.17 -40.78
C LYS A 123 58.04 3.40 -40.30
N SER A 124 56.99 3.78 -41.02
CA SER A 124 56.28 5.03 -40.68
C SER A 124 55.04 4.72 -39.80
N ASP A 125 54.57 5.73 -39.07
CA ASP A 125 53.52 5.53 -38.05
C ASP A 125 52.14 5.08 -38.59
N THR A 126 51.26 4.72 -37.66
CA THR A 126 49.87 4.35 -37.99
C THR A 126 49.05 5.45 -38.62
N ASP A 127 49.28 6.69 -38.22
CA ASP A 127 48.50 7.81 -38.76
C ASP A 127 48.86 8.11 -40.22
N THR A 128 50.14 7.96 -40.59
CA THR A 128 50.53 8.16 -42.00
C THR A 128 49.90 7.04 -42.82
N LEU A 129 50.20 5.79 -42.44
CA LEU A 129 49.65 4.58 -43.07
C LEU A 129 48.15 4.66 -43.37
N VAL A 130 47.39 5.17 -42.42
CA VAL A 130 45.98 5.42 -42.64
C VAL A 130 45.83 6.44 -43.76
N ALA A 131 46.44 7.61 -43.60
CA ALA A 131 46.28 8.75 -44.53
C ALA A 131 46.53 8.41 -46.00
N ILE A 132 47.53 7.57 -46.27
CA ILE A 132 47.75 7.05 -47.61
C ILE A 132 46.56 6.23 -48.10
N LEU A 133 45.93 5.41 -47.24
CA LEU A 133 44.71 4.69 -47.63
C LEU A 133 43.52 5.61 -47.77
N LYS A 134 43.44 6.60 -46.88
CA LYS A 134 42.34 7.55 -46.85
C LYS A 134 42.27 8.44 -48.11
N ASN A 135 43.43 8.81 -48.64
CA ASN A 135 43.49 9.83 -49.71
C ASN A 135 43.49 9.19 -51.10
N ASN A 136 42.74 9.77 -52.04
CA ASN A 136 42.73 9.35 -53.46
C ASN A 136 44.06 9.71 -54.16
N PRO A 137 44.33 9.12 -55.33
CA PRO A 137 45.67 9.23 -55.91
C PRO A 137 46.19 10.65 -56.03
N GLU A 138 45.31 11.56 -56.41
CA GLU A 138 45.65 12.97 -56.49
C GLU A 138 46.04 13.48 -55.12
N GLU A 139 45.11 13.32 -54.18
CA GLU A 139 45.28 13.78 -52.81
C GLU A 139 46.49 13.10 -52.15
N CYS A 140 46.77 11.86 -52.59
CA CYS A 140 47.83 11.04 -52.04
C CYS A 140 49.20 11.56 -52.44
N ARG A 141 49.31 12.10 -53.65
CA ARG A 141 50.58 12.66 -54.10
C ARG A 141 50.91 13.91 -53.27
N ALA A 142 49.96 14.84 -53.19
CA ALA A 142 50.09 16.03 -52.33
C ALA A 142 50.35 15.67 -50.87
N TYR A 143 49.73 14.60 -50.37
CA TYR A 143 50.03 14.10 -49.03
C TYR A 143 51.50 13.71 -48.90
N ILE A 144 52.05 13.01 -49.90
CA ILE A 144 53.47 12.60 -49.90
C ILE A 144 54.41 13.80 -49.84
N GLU A 145 54.01 14.90 -50.48
CA GLU A 145 54.76 16.16 -50.41
C GLU A 145 54.81 16.71 -48.97
N SER A 146 53.67 16.67 -48.26
CA SER A 146 53.63 17.18 -46.89
C SER A 146 54.44 16.34 -45.91
N LYS A 147 54.67 15.06 -46.21
CA LYS A 147 55.55 14.20 -45.42
C LYS A 147 56.94 14.19 -46.06
N LYS A 148 57.64 15.31 -45.88
CA LYS A 148 58.91 15.52 -46.54
C LYS A 148 59.90 15.80 -45.43
N PRO A 149 61.05 15.13 -45.45
CA PRO A 149 61.57 14.18 -46.43
C PRO A 149 61.20 12.74 -46.08
N GLY A 150 60.12 12.52 -45.34
CA GLY A 150 59.80 11.19 -44.86
C GLY A 150 59.58 10.14 -45.93
N LEU A 151 58.86 10.52 -46.98
CA LEU A 151 58.48 9.58 -48.01
C LEU A 151 59.09 10.07 -49.31
N GLY A 152 60.37 10.45 -49.24
CA GLY A 152 61.09 11.10 -50.33
C GLY A 152 60.96 12.63 -50.26
N ASN A 153 61.62 13.28 -51.21
CA ASN A 153 61.75 14.74 -51.23
C ASN A 153 60.81 15.34 -52.28
N PHE A 154 59.55 14.91 -52.29
CA PHE A 154 58.61 15.24 -53.38
C PHE A 154 58.00 16.65 -53.28
N SER A 155 58.82 17.65 -53.56
CA SER A 155 58.39 19.06 -53.67
C SER A 155 58.85 19.59 -55.03
N GLU A 156 58.34 20.75 -55.44
CA GLU A 156 58.68 21.29 -56.76
C GLU A 156 60.17 21.65 -56.85
N GLY A 157 60.81 21.28 -57.98
CA GLY A 157 62.22 21.50 -58.18
C GLY A 157 63.14 20.42 -57.62
N ASN A 158 62.85 19.88 -56.43
CA ASN A 158 63.71 18.84 -55.81
C ASN A 158 63.64 17.46 -56.50
N VAL A 159 62.56 17.16 -57.21
CA VAL A 159 62.46 15.95 -58.04
C VAL A 159 61.80 16.34 -59.37
N HIS A 160 62.34 15.82 -60.48
CA HIS A 160 62.19 16.50 -61.75
C HIS A 160 60.76 16.61 -62.21
N GLY A 161 60.12 15.48 -62.51
CA GLY A 161 58.72 15.50 -62.95
C GLY A 161 57.77 16.44 -62.17
N TRP A 162 58.10 16.68 -60.90
CA TRP A 162 57.14 17.16 -59.90
C TRP A 162 56.47 18.50 -60.21
N LEU A 163 55.14 18.47 -60.30
CA LEU A 163 54.34 19.66 -60.62
C LEU A 163 54.09 20.55 -59.41
N LYS A 164 53.50 21.72 -59.67
CA LYS A 164 53.02 22.63 -58.63
C LYS A 164 51.79 22.02 -57.98
N GLU A 165 51.63 22.26 -56.68
CA GLU A 165 50.43 21.84 -55.99
C GLU A 165 49.19 22.65 -56.45
N GLU A 166 48.23 21.94 -57.00
CA GLU A 166 46.89 22.48 -57.24
C GLU A 166 45.96 22.15 -56.09
N TYR A 167 44.79 22.76 -56.08
CA TYR A 167 43.88 22.61 -54.97
C TYR A 167 42.48 22.53 -55.55
N THR A 168 41.62 21.76 -54.89
CA THR A 168 40.29 21.52 -55.36
C THR A 168 39.40 22.73 -55.08
N PRO A 169 38.33 22.88 -55.87
CA PRO A 169 37.32 23.93 -55.67
C PRO A 169 36.28 23.67 -54.56
N THR A 170 36.33 22.50 -53.92
CA THR A 170 35.42 22.16 -52.80
C THR A 170 35.48 23.17 -51.63
N ILE A 171 34.46 23.16 -50.77
CA ILE A 171 34.26 24.19 -49.72
C ILE A 171 35.41 24.27 -48.69
N PRO A 172 35.72 23.16 -48.00
CA PRO A 172 37.06 23.08 -47.45
C PRO A 172 37.97 22.57 -48.58
N PRO A 173 38.89 23.42 -49.09
CA PRO A 173 39.70 22.97 -50.23
C PRO A 173 40.73 21.92 -49.82
N LYS A 174 40.94 20.94 -50.70
CA LYS A 174 41.75 19.78 -50.41
C LYS A 174 42.92 19.80 -51.37
N ALA A 175 44.13 19.72 -50.84
CA ALA A 175 45.36 19.78 -51.66
C ALA A 175 45.54 18.55 -52.54
N ILE A 176 45.66 18.77 -53.83
CA ILE A 176 45.89 17.68 -54.79
C ILE A 176 47.14 17.96 -55.59
N ASN A 177 47.75 16.91 -56.14
CA ASN A 177 49.00 17.05 -56.88
C ASN A 177 48.94 16.10 -58.05
N LYS A 178 48.98 16.65 -59.26
CA LYS A 178 48.63 15.90 -60.48
C LYS A 178 49.87 15.46 -61.24
N SER A 179 50.79 14.88 -60.49
CA SER A 179 52.13 14.63 -60.98
C SER A 179 52.27 13.17 -61.44
N THR A 180 51.47 12.78 -62.43
CA THR A 180 51.44 11.38 -62.88
C THR A 180 52.72 10.96 -63.57
N GLY A 181 53.45 11.95 -64.08
CA GLY A 181 54.76 11.71 -64.69
C GLY A 181 55.77 11.01 -63.82
N VAL A 182 55.64 11.18 -62.51
CA VAL A 182 56.57 10.58 -61.53
C VAL A 182 55.94 9.45 -60.68
N LEU A 183 54.76 9.70 -60.12
CA LEU A 183 54.02 8.69 -59.35
C LEU A 183 52.73 8.43 -60.08
N SER A 184 52.70 7.35 -60.87
CA SER A 184 51.55 7.02 -61.70
C SER A 184 50.39 6.55 -60.84
N ASP A 185 49.19 6.56 -61.41
CA ASP A 185 48.01 6.05 -60.70
C ASP A 185 48.16 4.59 -60.30
N GLU A 186 48.87 3.83 -61.11
CA GLU A 186 49.16 2.43 -60.79
C GLU A 186 50.25 2.37 -59.74
N ALA A 187 51.14 3.36 -59.70
CA ALA A 187 52.17 3.45 -58.64
C ALA A 187 51.60 3.77 -57.26
N ILE A 188 50.64 4.68 -57.15
CA ILE A 188 50.08 4.98 -55.83
C ILE A 188 49.13 3.86 -55.35
N LYS A 189 48.48 3.14 -56.27
CA LYS A 189 47.80 1.87 -55.90
C LYS A 189 48.77 0.87 -55.27
N ARG A 190 49.95 0.66 -55.86
CA ARG A 190 50.95 -0.24 -55.28
C ARG A 190 51.48 0.25 -53.93
N ILE A 191 51.59 1.57 -53.79
CA ILE A 191 51.94 2.17 -52.49
C ILE A 191 50.84 1.91 -51.45
N LYS A 192 49.57 2.10 -51.83
CA LYS A 192 48.44 1.76 -50.96
C LYS A 192 48.42 0.27 -50.64
N GLU A 193 48.83 -0.57 -51.60
CA GLU A 193 48.87 -2.02 -51.40
C GLU A 193 49.81 -2.28 -50.27
N GLN A 194 51.06 -1.84 -50.42
CA GLN A 194 52.05 -2.01 -49.35
C GLN A 194 51.62 -1.36 -48.01
N ALA A 195 50.92 -0.22 -48.04
CA ALA A 195 50.50 0.47 -46.81
C ALA A 195 49.52 -0.38 -46.02
N ARG A 196 48.45 -0.77 -46.70
CA ARG A 196 47.44 -1.71 -46.18
C ARG A 196 48.08 -2.84 -45.39
N ASP A 197 48.89 -3.66 -46.05
CA ASP A 197 49.57 -4.75 -45.36
C ASP A 197 50.18 -4.32 -44.00
N LEU A 198 51.02 -3.30 -44.02
CA LEU A 198 51.73 -2.86 -42.82
C LEU A 198 50.81 -2.31 -41.75
N LEU A 199 49.74 -1.63 -42.14
CA LEU A 199 48.73 -1.14 -41.18
C LEU A 199 47.99 -2.30 -40.53
N LEU A 200 47.70 -3.36 -41.30
CA LEU A 200 47.05 -4.57 -40.78
C LEU A 200 47.96 -5.27 -39.76
N LEU A 201 49.17 -5.68 -40.17
CA LEU A 201 50.14 -6.26 -39.25
C LEU A 201 50.24 -5.44 -37.97
N LYS A 202 50.19 -4.11 -38.07
CA LYS A 202 50.15 -3.24 -36.88
C LYS A 202 48.88 -3.50 -36.06
N LEU A 203 47.73 -3.56 -36.72
CA LEU A 203 46.47 -3.79 -36.04
C LEU A 203 46.39 -5.19 -35.45
N ILE A 204 46.74 -6.19 -36.25
CA ILE A 204 46.76 -7.60 -35.84
C ILE A 204 47.66 -7.85 -34.63
N ASN A 205 48.95 -7.55 -34.73
CA ASN A 205 49.87 -7.67 -33.59
C ASN A 205 49.40 -6.93 -32.30
N SER A 206 48.51 -5.95 -32.42
CA SER A 206 48.08 -5.18 -31.26
C SER A 206 46.66 -5.49 -30.77
N SER A 207 45.93 -6.36 -31.46
CA SER A 207 44.59 -6.76 -31.00
C SER A 207 44.71 -7.93 -30.05
N GLY A 208 44.06 -7.79 -28.89
CA GLY A 208 43.79 -8.92 -28.00
C GLY A 208 42.45 -9.56 -28.31
N ASN A 209 41.63 -8.88 -29.10
CA ASN A 209 40.26 -9.33 -29.38
C ASN A 209 40.27 -10.48 -30.39
N THR A 210 40.10 -11.68 -29.88
CA THR A 210 40.28 -12.89 -30.66
C THR A 210 39.13 -13.18 -31.63
N GLN A 211 37.89 -12.82 -31.25
CA GLN A 211 36.76 -13.13 -32.13
C GLN A 211 36.82 -12.30 -33.41
N LEU A 212 37.16 -11.02 -33.28
CA LEU A 212 37.32 -10.13 -34.45
C LEU A 212 38.33 -10.70 -35.40
N LEU A 213 39.53 -10.95 -34.87
CA LEU A 213 40.60 -11.52 -35.64
C LEU A 213 40.09 -12.74 -36.40
N LYS A 214 39.34 -13.60 -35.70
CA LYS A 214 38.79 -14.80 -36.33
C LYS A 214 37.79 -14.48 -37.43
N ASP A 215 36.93 -13.50 -37.20
CA ASP A 215 35.97 -13.08 -38.25
C ASP A 215 36.69 -12.73 -39.55
N LEU A 216 37.84 -12.07 -39.43
CA LEU A 216 38.64 -11.69 -40.59
C LEU A 216 39.26 -12.91 -41.28
N ARG A 217 39.95 -13.75 -40.53
CA ARG A 217 40.55 -14.94 -41.12
C ARG A 217 39.51 -15.92 -41.70
N ASP A 218 38.30 -15.97 -41.12
CA ASP A 218 37.28 -16.96 -41.51
C ASP A 218 36.14 -16.40 -42.36
N ALA A 219 36.25 -15.14 -42.77
CA ALA A 219 35.28 -14.57 -43.70
C ALA A 219 35.29 -15.30 -45.04
N MET A 220 34.23 -15.13 -45.82
CA MET A 220 34.20 -15.68 -47.20
C MET A 220 33.55 -14.71 -48.20
N SER A 221 33.66 -13.42 -47.91
CA SER A 221 33.06 -12.38 -48.73
C SER A 221 33.53 -11.02 -48.23
N LYS A 222 33.89 -10.16 -49.18
CA LYS A 222 34.41 -8.79 -48.92
C LYS A 222 33.59 -8.06 -47.84
N PRO A 223 32.25 -8.08 -47.91
CA PRO A 223 31.41 -7.42 -46.89
C PRO A 223 31.62 -7.74 -45.40
N GLU A 224 32.16 -8.92 -45.06
CA GLU A 224 32.53 -9.21 -43.67
C GLU A 224 34.06 -9.17 -43.42
N ALA A 225 34.85 -9.40 -44.48
CA ALA A 225 36.28 -9.04 -44.44
C ALA A 225 36.37 -7.57 -44.08
N GLU A 226 35.49 -6.76 -44.68
CA GLU A 226 35.30 -5.37 -44.29
C GLU A 226 35.06 -5.23 -42.79
N ARG A 227 33.85 -5.58 -42.33
CA ARG A 227 33.42 -5.26 -40.95
C ARG A 227 34.46 -5.70 -39.91
N ALA A 228 35.04 -6.88 -40.13
CA ALA A 228 36.12 -7.41 -39.31
C ALA A 228 37.32 -6.47 -39.26
N ALA A 229 37.71 -5.96 -40.44
CA ALA A 229 38.81 -5.00 -40.57
C ALA A 229 38.42 -3.68 -39.93
N ASN A 230 37.29 -3.16 -40.36
CA ASN A 230 36.83 -1.86 -39.86
C ASN A 230 36.77 -1.84 -38.34
N ALA A 231 36.41 -2.98 -37.75
CA ALA A 231 36.39 -3.09 -36.29
C ALA A 231 37.78 -3.18 -35.66
N LEU A 232 38.76 -3.68 -36.39
CA LEU A 232 40.13 -3.68 -35.85
C LEU A 232 40.77 -2.32 -35.92
N GLY A 233 40.25 -1.46 -36.78
CA GLY A 233 40.78 -0.11 -36.97
C GLY A 233 41.28 0.20 -38.36
N PHE A 234 41.06 -0.71 -39.31
CA PHE A 234 41.28 -0.42 -40.71
C PHE A 234 40.23 0.60 -41.18
N PRO A 235 40.64 1.58 -42.00
CA PRO A 235 39.69 2.64 -42.32
C PRO A 235 38.67 2.24 -43.39
N THR A 236 37.46 2.78 -43.22
CA THR A 236 36.35 2.71 -44.19
C THR A 236 36.76 3.06 -45.64
N GLU A 237 37.70 3.99 -45.75
CA GLU A 237 38.17 4.53 -47.03
C GLU A 237 39.04 3.51 -47.77
N GLY A 238 39.74 2.70 -47.00
CA GLY A 238 40.62 1.68 -47.57
C GLY A 238 39.92 0.51 -48.19
N ASN A 239 38.65 0.32 -47.84
CA ASN A 239 37.94 -0.95 -48.07
C ASN A 239 38.09 -1.41 -49.52
N GLY A 240 37.93 -0.48 -50.45
CA GLY A 240 38.21 -0.74 -51.86
C GLY A 240 39.43 -1.61 -52.17
N VAL A 241 40.51 -1.45 -51.42
CA VAL A 241 41.75 -2.17 -51.72
C VAL A 241 42.04 -3.30 -50.71
N LEU A 242 41.05 -3.56 -49.83
CA LEU A 242 41.17 -4.55 -48.76
C LEU A 242 41.11 -5.96 -49.31
N PHE A 243 42.23 -6.66 -49.18
CA PHE A 243 42.50 -7.91 -49.85
C PHE A 243 43.63 -8.50 -49.03
N LEU A 244 43.42 -9.71 -48.52
CA LEU A 244 44.40 -10.31 -47.62
C LEU A 244 45.52 -10.92 -48.45
N SER A 245 46.73 -10.44 -48.19
CA SER A 245 47.94 -11.03 -48.75
C SER A 245 48.20 -12.29 -47.96
N ARG A 246 49.17 -13.07 -48.42
CA ARG A 246 49.53 -14.28 -47.71
C ARG A 246 50.45 -13.99 -46.51
N GLU A 247 51.11 -12.81 -46.48
CA GLU A 247 51.96 -12.44 -45.34
C GLU A 247 51.10 -12.04 -44.15
N VAL A 248 50.12 -11.16 -44.40
CA VAL A 248 49.17 -10.72 -43.35
C VAL A 248 48.36 -11.91 -42.84
N VAL A 249 47.92 -12.78 -43.73
CA VAL A 249 47.20 -14.00 -43.32
C VAL A 249 48.05 -14.79 -42.34
N ASP A 250 49.24 -15.18 -42.80
CA ASP A 250 50.17 -15.98 -42.02
C ASP A 250 50.39 -15.40 -40.60
N ALA A 251 50.56 -14.08 -40.52
CA ALA A 251 50.76 -13.40 -39.24
C ALA A 251 49.49 -13.32 -38.39
N LEU A 252 48.33 -13.24 -39.03
CA LEU A 252 47.02 -13.21 -38.37
C LEU A 252 46.71 -14.56 -37.73
N GLU A 253 46.86 -15.59 -38.55
CA GLU A 253 46.66 -16.97 -38.13
C GLU A 253 47.50 -17.28 -36.89
N GLU A 254 48.79 -16.97 -36.94
CA GLU A 254 49.66 -17.17 -35.78
C GLU A 254 49.38 -16.21 -34.60
N ARG A 255 48.65 -15.12 -34.80
CA ARG A 255 48.24 -14.29 -33.67
C ARG A 255 47.13 -14.97 -32.89
N VAL A 256 46.07 -15.45 -33.54
CA VAL A 256 44.96 -16.05 -32.77
C VAL A 256 45.48 -17.24 -31.98
N GLU A 257 46.32 -18.08 -32.60
CA GLU A 257 46.87 -19.24 -31.90
C GLU A 257 47.68 -18.84 -30.67
N LYS A 258 48.34 -17.68 -30.72
CA LYS A 258 48.98 -17.11 -29.54
C LYS A 258 47.93 -16.75 -28.48
N LEU A 259 46.93 -15.97 -28.87
CA LEU A 259 45.90 -15.48 -27.92
C LEU A 259 45.08 -16.57 -27.26
N GLU A 260 44.63 -17.55 -28.06
CA GLU A 260 43.86 -18.69 -27.56
C GLU A 260 44.67 -19.53 -26.55
N GLN A 261 45.95 -19.77 -26.84
CA GLN A 261 46.81 -20.52 -25.91
C GLN A 261 46.97 -19.83 -24.58
N GLU A 262 47.41 -18.59 -24.56
CA GLU A 262 47.51 -17.87 -23.28
C GLU A 262 46.13 -17.56 -22.68
N ALA A 263 45.05 -17.61 -23.48
CA ALA A 263 43.67 -17.59 -22.93
C ALA A 263 43.35 -18.90 -22.25
N ALA A 264 43.61 -20.01 -22.95
CA ALA A 264 43.35 -21.32 -22.39
C ALA A 264 44.27 -21.65 -21.21
N LYS A 265 45.52 -21.23 -21.25
CA LYS A 265 46.40 -21.42 -20.12
C LYS A 265 45.82 -20.75 -18.90
N ARG A 266 45.34 -19.52 -19.06
CA ARG A 266 44.80 -18.78 -17.92
C ARG A 266 43.51 -19.39 -17.40
N GLY A 267 42.61 -19.74 -18.30
CA GLY A 267 41.28 -20.24 -17.94
C GLY A 267 41.19 -21.63 -17.33
N PHE A 268 42.26 -22.44 -17.45
CA PHE A 268 42.25 -23.83 -17.02
C PHE A 268 41.93 -24.05 -15.54
N ASP A 269 42.73 -23.48 -14.64
CA ASP A 269 42.53 -23.69 -13.20
C ASP A 269 41.11 -23.39 -12.75
N SER A 270 40.39 -22.55 -13.50
CA SER A 270 38.98 -22.28 -13.22
C SER A 270 38.09 -23.38 -13.75
N TYR A 271 38.24 -23.71 -15.02
CA TYR A 271 37.50 -24.81 -15.69
C TYR A 271 37.54 -26.15 -14.94
N VAL A 272 38.69 -26.47 -14.36
CA VAL A 272 38.86 -27.68 -13.55
C VAL A 272 37.97 -27.63 -12.33
N GLN A 273 37.95 -26.50 -11.64
CA GLN A 273 37.02 -26.28 -10.52
C GLN A 273 35.56 -26.27 -11.00
N SER A 274 35.31 -25.80 -12.22
CA SER A 274 33.96 -25.85 -12.82
C SER A 274 33.41 -27.25 -13.07
N LEU A 275 34.25 -28.28 -13.05
CA LEU A 275 33.84 -29.59 -13.51
C LEU A 275 32.95 -30.26 -12.50
N SER A 276 31.80 -30.77 -12.97
CA SER A 276 30.93 -31.60 -12.16
C SER A 276 31.64 -32.93 -11.79
N HIS A 277 31.04 -33.69 -10.88
CA HIS A 277 31.60 -34.95 -10.39
C HIS A 277 31.70 -36.00 -11.50
N ASN A 278 30.63 -36.18 -12.28
CA ASN A 278 30.66 -37.15 -13.38
C ASN A 278 31.71 -36.73 -14.40
N ALA A 279 31.80 -35.41 -14.64
CA ALA A 279 32.80 -34.82 -15.56
C ALA A 279 34.24 -35.13 -15.12
N LEU A 280 34.61 -34.64 -13.93
CA LEU A 280 35.83 -35.08 -13.25
C LEU A 280 36.12 -36.55 -13.49
N LEU A 281 35.13 -37.41 -13.26
CA LEU A 281 35.34 -38.85 -13.38
C LEU A 281 35.66 -39.31 -14.78
N ALA A 282 35.01 -38.68 -15.76
CA ALA A 282 35.24 -38.97 -17.18
C ALA A 282 36.66 -38.65 -17.70
N LYS A 283 37.36 -37.74 -17.03
CA LYS A 283 38.73 -37.36 -17.42
C LYS A 283 39.82 -38.42 -17.16
N LYS A 284 39.50 -39.49 -16.44
CA LYS A 284 40.50 -40.54 -16.17
C LYS A 284 41.38 -40.93 -17.37
N ASN A 285 40.77 -41.43 -18.44
CA ASN A 285 41.57 -41.82 -19.60
C ASN A 285 42.55 -40.73 -20.03
N GLY A 286 42.11 -39.48 -19.92
CA GLY A 286 42.99 -38.33 -20.05
C GLY A 286 44.13 -38.32 -19.07
N LEU A 287 43.82 -38.32 -17.77
CA LEU A 287 44.85 -38.18 -16.74
C LEU A 287 45.87 -39.33 -16.74
N GLU A 288 45.46 -40.49 -17.19
CA GLU A 288 46.39 -41.61 -17.28
C GLU A 288 47.21 -41.52 -18.56
N SER A 289 46.86 -40.60 -19.48
CA SER A 289 47.58 -40.49 -20.76
C SER A 289 49.08 -40.34 -20.60
N THR A 290 49.80 -41.08 -21.44
CA THR A 290 51.24 -41.11 -21.36
C THR A 290 51.92 -39.92 -22.11
N THR A 291 51.13 -39.10 -22.80
CA THR A 291 51.62 -37.92 -23.53
C THR A 291 50.60 -36.78 -23.46
N ALA A 292 51.07 -35.56 -23.72
CA ALA A 292 50.23 -34.39 -23.63
C ALA A 292 49.10 -34.36 -24.66
N ALA A 293 49.35 -34.93 -25.84
CA ALA A 293 48.33 -34.99 -26.88
C ALA A 293 47.10 -35.68 -26.31
N GLY A 294 47.33 -36.88 -25.79
CA GLY A 294 46.26 -37.64 -25.16
C GLY A 294 45.58 -36.89 -24.04
N PHE A 295 46.35 -36.54 -23.02
CA PHE A 295 45.81 -35.78 -21.90
C PHE A 295 44.91 -34.66 -22.39
N LYS A 296 45.41 -33.92 -23.37
CA LYS A 296 44.74 -32.74 -23.84
C LYS A 296 43.41 -33.17 -24.53
N ASN A 297 43.50 -34.20 -25.38
CA ASN A 297 42.36 -34.69 -26.13
C ASN A 297 41.13 -35.03 -25.29
N SER A 298 41.32 -35.30 -24.00
CA SER A 298 40.21 -35.58 -23.11
C SER A 298 39.58 -34.34 -22.47
N LEU A 299 40.12 -33.14 -22.69
CA LEU A 299 39.47 -31.94 -22.15
C LEU A 299 38.34 -31.44 -23.05
N ASP A 300 37.57 -30.47 -22.55
CA ASP A 300 36.53 -29.75 -23.32
C ASP A 300 37.17 -28.69 -24.25
N GLU A 301 36.42 -28.21 -25.26
CA GLU A 301 37.03 -27.73 -26.54
C GLU A 301 38.03 -26.57 -26.46
N PRO A 302 37.77 -25.55 -25.60
CA PRO A 302 38.83 -24.52 -25.54
C PRO A 302 40.21 -25.14 -25.21
N TYR A 303 40.23 -26.02 -24.24
CA TYR A 303 41.44 -26.58 -23.67
C TYR A 303 41.84 -27.82 -24.50
N LYS A 304 40.86 -28.52 -25.06
CA LYS A 304 41.09 -29.66 -25.95
C LYS A 304 42.11 -29.41 -27.06
N THR A 305 42.15 -28.21 -27.64
CA THR A 305 43.24 -27.88 -28.59
C THR A 305 44.18 -26.78 -28.06
N TYR A 306 43.62 -25.62 -27.74
CA TYR A 306 44.44 -24.43 -27.51
C TYR A 306 45.19 -24.39 -26.18
N LEU A 307 45.11 -25.43 -25.35
CA LEU A 307 45.99 -25.53 -24.19
C LEU A 307 47.37 -25.84 -24.75
N PRO A 308 48.41 -25.22 -24.19
CA PRO A 308 49.79 -25.56 -24.57
C PRO A 308 50.34 -26.76 -23.80
N GLU A 309 51.13 -27.58 -24.50
CA GLU A 309 51.73 -28.78 -23.93
C GLU A 309 52.70 -28.45 -22.82
N SER A 310 53.29 -27.26 -22.83
CA SER A 310 54.20 -26.87 -21.75
C SER A 310 53.49 -26.94 -20.40
N GLU A 311 52.22 -26.53 -20.37
CA GLU A 311 51.42 -26.58 -19.14
C GLU A 311 51.17 -28.00 -18.60
N TRP A 312 50.98 -28.96 -19.49
CA TRP A 312 50.62 -30.35 -19.15
C TRP A 312 51.02 -30.77 -17.75
N GLU A 313 52.31 -30.96 -17.50
CA GLU A 313 52.75 -31.51 -16.22
C GLU A 313 52.03 -30.83 -15.03
N ARG A 314 51.95 -29.52 -15.08
CA ARG A 314 51.20 -28.79 -14.07
C ARG A 314 49.72 -29.13 -14.08
N ALA A 315 49.11 -29.11 -15.26
CA ALA A 315 47.66 -29.33 -15.39
C ALA A 315 47.22 -30.76 -15.03
N GLN A 316 48.13 -31.73 -15.14
CA GLN A 316 47.90 -33.07 -14.58
C GLN A 316 47.55 -32.91 -13.12
N GLY A 317 48.35 -32.19 -12.35
CA GLY A 317 48.09 -31.96 -10.94
C GLY A 317 46.83 -31.20 -10.58
N VAL A 318 46.58 -30.06 -11.21
CA VAL A 318 45.40 -29.27 -10.86
C VAL A 318 44.11 -30.08 -11.04
N LEU A 319 43.98 -30.72 -12.19
CA LEU A 319 42.86 -31.61 -12.47
C LEU A 319 42.96 -32.94 -11.74
N GLY A 320 44.19 -33.40 -11.52
CA GLY A 320 44.45 -34.62 -10.75
C GLY A 320 43.87 -34.60 -9.36
N ALA A 321 44.34 -33.68 -8.54
CA ALA A 321 43.82 -33.59 -7.18
C ALA A 321 42.30 -33.36 -7.06
N ARG A 322 41.61 -32.90 -8.11
CA ARG A 322 40.16 -32.90 -8.08
C ARG A 322 39.65 -34.27 -8.42
N TYR A 323 40.28 -34.94 -9.39
CA TYR A 323 39.93 -36.32 -9.73
C TYR A 323 40.31 -37.31 -8.63
N LEU A 324 41.34 -37.05 -7.82
CA LEU A 324 41.58 -37.91 -6.66
C LEU A 324 40.47 -37.74 -5.62
N GLN A 325 39.99 -36.53 -5.40
CA GLN A 325 38.86 -36.32 -4.50
C GLN A 325 37.64 -37.11 -5.00
N ALA A 326 37.25 -36.93 -6.26
CA ALA A 326 36.05 -37.57 -6.84
C ALA A 326 36.01 -39.10 -6.82
N VAL A 327 37.06 -39.75 -7.32
CA VAL A 327 37.07 -41.21 -7.48
C VAL A 327 37.30 -41.94 -6.16
N LEU A 328 38.10 -41.35 -5.26
CA LEU A 328 38.33 -41.97 -3.96
C LEU A 328 37.07 -41.83 -3.10
N SER A 329 36.41 -40.67 -3.20
CA SER A 329 35.16 -40.42 -2.47
C SER A 329 34.09 -41.44 -2.78
N SER A 330 33.88 -41.73 -4.06
CA SER A 330 32.72 -42.49 -4.52
C SER A 330 32.94 -43.98 -4.83
N GLY A 331 34.11 -44.54 -4.49
CA GLY A 331 34.48 -45.90 -4.92
C GLY A 331 34.27 -47.01 -3.89
N THR A 332 34.51 -48.26 -4.33
CA THR A 332 34.37 -49.46 -3.47
C THR A 332 35.69 -50.15 -3.10
N GLN A 333 36.77 -49.81 -3.78
CA GLN A 333 38.11 -50.33 -3.45
C GLN A 333 38.45 -50.30 -1.92
N ASN A 334 39.41 -51.13 -1.50
CA ASN A 334 39.79 -51.25 -0.09
C ASN A 334 40.79 -50.16 0.21
N LEU A 335 40.51 -49.35 1.21
CA LEU A 335 41.30 -48.16 1.49
C LEU A 335 42.03 -48.13 2.83
N LYS A 336 42.13 -49.29 3.50
CA LYS A 336 42.77 -49.34 4.84
C LYS A 336 44.18 -48.76 4.82
N ASP A 337 45.02 -49.33 3.96
CA ASP A 337 46.44 -48.98 3.94
C ASP A 337 46.63 -47.52 3.50
N ALA A 338 45.85 -47.08 2.53
CA ALA A 338 45.97 -45.72 2.02
C ALA A 338 45.40 -44.67 2.99
N LEU A 339 44.34 -45.03 3.72
CA LEU A 339 43.90 -44.21 4.85
C LEU A 339 44.90 -44.17 6.00
N ASN A 340 45.70 -45.22 6.16
CA ASN A 340 46.76 -45.27 7.20
C ASN A 340 48.12 -44.74 6.74
N ALA A 341 48.16 -44.16 5.55
CA ALA A 341 49.40 -43.60 5.01
C ALA A 341 50.08 -42.66 6.00
N LYS A 342 51.40 -42.68 5.97
CA LYS A 342 52.23 -42.02 6.97
C LYS A 342 52.30 -40.56 6.57
N ASP A 343 52.74 -40.33 5.34
CA ASP A 343 52.85 -39.02 4.73
C ASP A 343 52.32 -39.15 3.31
N ALA A 344 52.40 -38.08 2.53
CA ALA A 344 52.06 -38.14 1.11
C ALA A 344 52.86 -39.21 0.38
N ASN A 345 54.17 -39.28 0.62
CA ASN A 345 55.04 -40.23 -0.11
C ASN A 345 54.56 -41.68 0.00
N ALA A 346 53.92 -42.03 1.11
CA ALA A 346 53.38 -43.39 1.32
C ALA A 346 51.95 -43.52 0.81
N LEU A 347 51.18 -42.46 0.96
CA LEU A 347 49.83 -42.40 0.39
C LEU A 347 49.91 -42.60 -1.12
N ILE A 348 50.96 -42.04 -1.73
CA ILE A 348 51.24 -42.18 -3.18
C ILE A 348 51.58 -43.61 -3.58
N THR A 349 52.54 -44.20 -2.90
CA THR A 349 52.98 -45.56 -3.24
C THR A 349 51.88 -46.58 -2.98
N GLU A 350 50.89 -46.20 -2.17
CA GLU A 350 49.72 -47.03 -1.92
C GLU A 350 48.68 -46.94 -3.04
N LEU A 351 48.34 -45.70 -3.43
CA LEU A 351 47.38 -45.43 -4.52
C LEU A 351 47.85 -45.94 -5.91
N LYS A 352 49.17 -46.02 -6.09
CA LYS A 352 49.73 -46.58 -7.33
C LYS A 352 49.59 -48.10 -7.44
N LYS A 353 49.18 -48.77 -6.36
CA LYS A 353 49.07 -50.22 -6.38
C LYS A 353 47.89 -50.61 -7.26
N PRO A 354 48.06 -51.64 -8.11
CA PRO A 354 47.05 -52.10 -9.07
C PRO A 354 45.58 -52.19 -8.56
N ALA A 355 45.39 -52.54 -7.29
CA ALA A 355 44.04 -52.60 -6.71
C ALA A 355 43.36 -51.26 -6.71
N LEU A 356 44.13 -50.21 -6.48
CA LEU A 356 43.61 -48.85 -6.43
C LEU A 356 43.69 -48.22 -7.84
N LEU A 357 44.43 -47.12 -7.98
CA LEU A 357 44.33 -46.29 -9.16
C LEU A 357 45.41 -46.59 -10.21
N GLY A 358 46.36 -47.45 -9.87
CA GLY A 358 47.35 -47.93 -10.81
C GLY A 358 48.57 -47.04 -10.90
N PRO A 359 49.66 -47.58 -11.48
CA PRO A 359 50.91 -46.87 -11.46
C PRO A 359 50.85 -45.81 -12.54
N HIS A 360 50.58 -44.57 -12.14
CA HIS A 360 50.48 -43.47 -13.09
C HIS A 360 51.09 -42.18 -12.56
N ASP A 361 51.77 -41.46 -13.43
CA ASP A 361 52.37 -40.20 -13.03
C ASP A 361 51.37 -39.22 -12.40
N TYR A 362 50.15 -39.11 -12.89
CA TYR A 362 49.22 -38.09 -12.35
C TYR A 362 49.05 -38.13 -10.83
N ILE A 363 49.11 -39.33 -10.24
CA ILE A 363 48.90 -39.48 -8.80
C ILE A 363 50.10 -38.88 -8.02
N ASP A 364 51.25 -38.69 -8.67
CA ASP A 364 52.34 -37.83 -8.14
C ASP A 364 51.96 -36.32 -8.25
N LYS A 365 50.67 -36.00 -8.28
CA LYS A 365 50.15 -34.71 -7.80
C LYS A 365 48.94 -34.95 -6.82
N ALA A 366 49.27 -35.76 -5.80
CA ALA A 366 48.58 -35.93 -4.54
C ALA A 366 49.63 -35.54 -3.52
N VAL A 367 49.82 -34.23 -3.41
CA VAL A 367 50.89 -33.59 -2.60
C VAL A 367 50.55 -33.22 -1.14
N THR A 368 51.44 -33.57 -0.22
CA THR A 368 51.29 -33.34 1.24
C THR A 368 50.60 -32.06 1.69
N GLU A 369 50.89 -30.97 0.97
CA GLU A 369 50.38 -29.63 1.31
C GLU A 369 48.87 -29.70 1.57
N GLU A 370 48.06 -29.45 0.56
CA GLU A 370 46.63 -29.35 0.77
C GLU A 370 45.99 -30.74 0.70
N ASN A 371 46.64 -31.66 0.00
CA ASN A 371 45.96 -32.91 -0.37
C ASN A 371 45.71 -33.83 0.83
N LEU A 372 46.75 -34.45 1.39
CA LEU A 372 46.53 -35.69 2.15
C LEU A 372 45.61 -35.56 3.36
N GLY A 373 45.32 -34.34 3.78
CA GLY A 373 44.21 -34.08 4.68
C GLY A 373 42.93 -34.29 3.89
N SER A 374 42.62 -33.32 3.02
CA SER A 374 41.48 -33.40 2.06
C SER A 374 41.25 -34.81 1.50
N LEU A 375 42.33 -35.45 1.03
CA LEU A 375 42.24 -36.77 0.41
C LEU A 375 41.80 -37.82 1.41
N LYS A 376 42.43 -37.86 2.57
CA LYS A 376 42.03 -38.81 3.61
C LYS A 376 40.61 -38.60 4.12
N LYS A 377 40.17 -37.35 4.32
CA LYS A 377 38.75 -37.09 4.62
C LYS A 377 37.86 -37.69 3.54
N ASN A 378 38.21 -37.46 2.29
CA ASN A 378 37.46 -38.01 1.17
C ASN A 378 37.51 -39.53 1.09
N MET A 379 38.68 -40.11 1.33
CA MET A 379 38.83 -41.56 1.41
C MET A 379 37.97 -42.15 2.54
N MET A 380 37.79 -41.39 3.62
CA MET A 380 37.00 -41.85 4.77
C MET A 380 35.50 -42.01 4.43
N LYS A 381 34.99 -41.19 3.51
CA LYS A 381 33.62 -41.35 3.01
C LYS A 381 33.46 -42.69 2.31
N SER A 382 34.44 -43.10 1.52
CA SER A 382 34.40 -44.38 0.84
C SER A 382 34.35 -45.48 1.88
N PHE A 383 35.30 -45.42 2.79
CA PHE A 383 35.47 -46.46 3.82
C PHE A 383 34.17 -46.78 4.55
N ILE A 384 33.59 -45.75 5.16
CA ILE A 384 32.33 -45.85 5.88
C ILE A 384 31.24 -46.46 4.99
N ASN A 385 31.13 -45.98 3.75
CA ASN A 385 30.09 -46.51 2.88
C ASN A 385 30.33 -47.95 2.41
N ASN A 386 31.57 -48.47 2.53
CA ASN A 386 31.85 -49.90 2.27
C ASN A 386 32.19 -50.66 3.54
N ILE A 387 31.58 -50.25 4.66
CA ILE A 387 31.65 -51.03 5.90
C ILE A 387 30.68 -52.21 5.78
N LYS A 388 31.18 -53.36 6.21
CA LYS A 388 30.62 -54.64 5.82
C LYS A 388 30.43 -55.46 7.08
N ASP A 389 29.41 -56.30 7.10
CA ASP A 389 29.24 -57.28 8.17
C ASP A 389 30.45 -58.21 8.18
N GLU A 390 31.50 -57.79 8.88
CA GLU A 390 32.70 -58.61 9.07
C GLU A 390 32.42 -59.69 10.13
N THR A 391 33.39 -60.60 10.35
CA THR A 391 33.15 -61.81 11.17
C THR A 391 32.91 -61.53 12.66
N ASN A 392 33.65 -60.59 13.25
CA ASN A 392 33.48 -60.22 14.67
C ASN A 392 32.54 -59.05 14.94
N LEU A 393 32.12 -58.33 13.89
CA LEU A 393 31.42 -57.05 14.04
C LEU A 393 30.29 -56.91 13.03
N LYS A 394 29.13 -56.48 13.50
CA LYS A 394 28.02 -56.11 12.63
C LYS A 394 28.34 -54.78 11.99
N ALA A 395 27.74 -54.54 10.82
CA ALA A 395 27.87 -53.26 10.13
C ALA A 395 27.17 -52.17 10.92
N LEU A 396 25.93 -52.45 11.32
CA LEU A 396 25.14 -51.47 12.06
C LEU A 396 25.77 -51.13 13.42
N ASP A 397 26.45 -52.08 14.04
CA ASP A 397 27.19 -51.82 15.27
C ASP A 397 28.37 -50.89 14.97
N ALA A 398 29.16 -51.24 13.97
CA ALA A 398 30.35 -50.45 13.63
C ALA A 398 30.00 -49.00 13.31
N LEU A 399 28.91 -48.82 12.58
CA LEU A 399 28.48 -47.48 12.21
C LEU A 399 27.98 -46.71 13.42
N LYS A 400 27.13 -47.36 14.23
CA LYS A 400 26.57 -46.73 15.42
C LYS A 400 27.64 -46.43 16.47
N ALA A 401 28.70 -47.26 16.52
CA ALA A 401 29.90 -46.93 17.31
C ALA A 401 30.46 -45.56 16.92
N LEU A 402 30.60 -45.37 15.61
CA LEU A 402 31.13 -44.13 15.06
C LEU A 402 30.13 -43.00 15.25
N ASP A 403 28.84 -43.25 15.07
CA ASP A 403 27.84 -42.20 15.33
C ASP A 403 27.78 -41.84 16.82
N GLY A 404 27.93 -42.85 17.68
CA GLY A 404 27.75 -42.69 19.12
C GLY A 404 28.81 -41.84 19.79
N ALA A 405 30.07 -42.27 19.66
CA ALA A 405 31.22 -41.69 20.41
C ALA A 405 31.19 -40.16 20.42
N LYS A 406 31.69 -39.52 21.48
CA LYS A 406 31.66 -38.03 21.53
C LYS A 406 33.01 -37.32 21.35
N ASN A 407 34.07 -37.81 21.98
CA ASN A 407 35.39 -37.19 21.79
C ASN A 407 35.99 -37.61 20.46
N LEU A 408 36.93 -36.81 19.98
CA LEU A 408 37.84 -37.22 18.91
C LEU A 408 38.55 -38.53 19.27
N ASP A 409 38.89 -38.69 20.55
CA ASP A 409 39.63 -39.85 21.07
C ASP A 409 38.74 -41.08 21.27
N LYS A 410 37.46 -40.85 21.53
CA LYS A 410 36.45 -41.91 21.58
C LYS A 410 36.17 -42.46 20.16
N PHE A 411 36.36 -41.61 19.17
CA PHE A 411 36.30 -41.96 17.74
C PHE A 411 37.50 -42.85 17.38
N LYS A 412 38.71 -42.29 17.53
CA LYS A 412 39.98 -42.99 17.24
C LYS A 412 40.03 -44.37 17.88
N GLU A 413 39.40 -44.50 19.05
CA GLU A 413 39.25 -45.79 19.68
C GLU A 413 38.52 -46.80 18.79
N VAL A 414 37.40 -46.39 18.20
CA VAL A 414 36.65 -47.32 17.35
C VAL A 414 37.37 -47.46 16.00
N LEU A 415 37.87 -46.34 15.46
CA LEU A 415 38.67 -46.35 14.21
C LEU A 415 39.93 -47.16 14.34
N GLY A 416 40.37 -47.39 15.58
CA GLY A 416 41.24 -48.51 15.87
C GLY A 416 40.58 -49.78 15.39
N LYS A 417 39.45 -50.15 15.99
CA LYS A 417 38.84 -51.45 15.70
C LYS A 417 38.42 -51.61 14.24
N LEU A 418 38.08 -50.51 13.56
CA LEU A 418 37.79 -50.59 12.12
C LEU A 418 39.02 -50.84 11.22
N GLY A 419 40.23 -50.59 11.73
CA GLY A 419 41.49 -50.86 11.02
C GLY A 419 42.34 -49.64 10.67
N ILE A 420 42.13 -48.52 11.37
CA ILE A 420 42.83 -47.27 11.09
C ILE A 420 43.66 -46.82 12.34
N THR A 421 44.92 -47.27 12.38
CA THR A 421 45.90 -46.86 13.39
C THR A 421 47.03 -46.17 12.64
N PRO A 422 47.46 -44.99 13.11
CA PRO A 422 47.13 -44.26 14.33
C PRO A 422 45.80 -43.53 14.33
N ALA A 423 45.33 -43.10 13.16
CA ALA A 423 44.25 -42.11 13.05
C ALA A 423 44.56 -40.71 13.66
N ASP A 424 45.83 -40.42 13.93
CA ASP A 424 46.23 -39.13 14.49
C ASP A 424 46.07 -37.99 13.51
N TRP A 425 45.95 -38.32 12.23
CA TRP A 425 45.51 -37.37 11.20
C TRP A 425 44.05 -36.87 11.32
N VAL A 426 43.19 -37.58 12.08
CA VAL A 426 41.75 -37.26 12.13
C VAL A 426 41.52 -35.95 12.85
N LYS A 427 40.90 -35.00 12.16
CA LYS A 427 40.68 -33.67 12.70
C LYS A 427 39.47 -33.64 13.66
N ASP A 428 39.29 -32.53 14.37
CA ASP A 428 38.12 -32.33 15.24
C ASP A 428 36.94 -31.85 14.42
N THR A 429 37.18 -30.87 13.55
CA THR A 429 36.10 -30.21 12.81
C THR A 429 35.27 -31.23 12.04
N ASP A 430 35.98 -32.17 11.41
CA ASP A 430 35.39 -33.18 10.53
C ASP A 430 34.44 -34.16 11.21
N LEU A 431 34.64 -34.35 12.51
CA LEU A 431 33.81 -35.25 13.33
C LEU A 431 32.29 -35.24 13.07
N LYS A 432 31.73 -34.10 12.67
CA LYS A 432 30.28 -33.98 12.40
C LYS A 432 29.96 -34.48 10.99
N ASP A 433 30.75 -34.02 10.01
CA ASP A 433 30.63 -34.49 8.62
C ASP A 433 30.73 -36.02 8.52
N MET A 434 31.73 -36.62 9.17
CA MET A 434 31.94 -38.07 9.03
C MET A 434 31.01 -38.92 9.88
N LYS A 435 30.41 -38.35 10.92
CA LYS A 435 29.28 -39.03 11.58
C LYS A 435 28.03 -39.01 10.70
N GLN A 436 27.79 -37.92 9.96
CA GLN A 436 26.65 -37.88 9.00
C GLN A 436 26.78 -38.98 7.94
N TRP A 437 28.00 -39.21 7.46
CA TRP A 437 28.28 -40.30 6.52
C TRP A 437 28.05 -41.64 7.18
N ALA A 438 28.38 -41.75 8.46
CA ALA A 438 28.03 -42.93 9.25
C ALA A 438 26.51 -43.16 9.37
N ARG A 439 25.75 -42.11 9.67
CA ARG A 439 24.29 -42.25 9.79
C ARG A 439 23.66 -42.55 8.45
N ALA A 440 24.07 -41.78 7.44
CA ALA A 440 23.52 -41.90 6.10
C ALA A 440 23.59 -43.34 5.63
N ARG A 441 24.73 -43.97 5.91
CA ARG A 441 25.01 -45.35 5.55
C ARG A 441 24.12 -46.30 6.34
N GLN A 442 23.96 -46.01 7.64
CA GLN A 442 23.03 -46.77 8.47
C GLN A 442 21.68 -46.82 7.80
N PHE A 443 21.14 -45.67 7.40
CA PHE A 443 19.87 -45.64 6.67
C PHE A 443 19.89 -46.54 5.44
N GLU A 444 20.92 -46.37 4.60
CA GLU A 444 21.07 -47.16 3.35
C GLU A 444 20.76 -48.63 3.60
N LEU A 445 21.45 -49.20 4.60
CA LEU A 445 21.27 -50.59 4.99
C LEU A 445 19.84 -50.83 5.49
N GLU A 446 19.43 -50.10 6.53
CA GLU A 446 18.12 -50.32 7.18
C GLU A 446 16.94 -50.22 6.23
N ILE A 447 17.07 -49.46 5.14
CA ILE A 447 16.01 -49.45 4.12
C ILE A 447 16.21 -50.63 3.15
N ASN A 448 17.46 -51.03 2.92
CA ASN A 448 17.74 -52.26 2.14
C ASN A 448 17.19 -53.49 2.85
N ARG A 449 17.28 -53.49 4.19
CA ARG A 449 16.71 -54.54 5.06
C ARG A 449 15.16 -54.58 5.01
N VAL A 450 14.59 -53.38 5.05
CA VAL A 450 13.14 -53.21 5.02
C VAL A 450 12.50 -53.42 3.62
N SER A 451 13.02 -52.79 2.58
CA SER A 451 12.46 -52.92 1.24
C SER A 451 13.00 -54.16 0.53
N SER A 452 12.10 -54.88 -0.13
CA SER A 452 12.48 -55.87 -1.16
C SER A 452 13.32 -55.20 -2.24
N LEU A 453 12.95 -53.97 -2.59
CA LEU A 453 13.61 -53.21 -3.65
C LEU A 453 14.95 -52.72 -3.12
N GLY A 454 15.68 -51.93 -3.91
CA GLY A 454 16.94 -51.35 -3.42
C GLY A 454 16.70 -50.14 -2.53
N SER A 455 17.72 -49.75 -1.77
CA SER A 455 17.78 -48.39 -1.19
C SER A 455 17.85 -47.33 -2.31
N GLY A 456 18.53 -47.69 -3.41
CA GLY A 456 18.52 -46.91 -4.63
C GLY A 456 17.13 -46.60 -5.14
N ALA A 457 16.24 -47.59 -5.04
CA ALA A 457 14.84 -47.40 -5.44
C ALA A 457 14.07 -46.39 -4.61
N HIS A 458 14.55 -46.10 -3.40
CA HIS A 458 14.01 -45.01 -2.58
C HIS A 458 15.06 -43.91 -2.42
N SER A 459 15.41 -43.25 -3.52
CA SER A 459 16.42 -42.15 -3.48
C SER A 459 15.92 -40.92 -2.71
N LYS A 460 14.66 -40.56 -2.95
CA LYS A 460 14.03 -39.39 -2.36
C LYS A 460 13.79 -39.60 -0.87
N LEU A 461 13.31 -40.78 -0.51
CA LEU A 461 13.19 -41.14 0.91
C LEU A 461 14.59 -41.08 1.57
N MET A 462 15.60 -41.59 0.87
CA MET A 462 16.97 -41.64 1.41
C MET A 462 17.57 -40.23 1.56
N SER A 463 17.16 -39.29 0.70
CA SER A 463 17.51 -37.87 0.89
C SER A 463 16.87 -37.31 2.16
N THR A 464 15.52 -37.27 2.21
CA THR A 464 14.78 -36.60 3.30
C THR A 464 15.20 -37.00 4.72
N LEU A 465 15.66 -38.23 4.90
CA LEU A 465 16.22 -38.69 6.19
C LEU A 465 17.57 -38.02 6.43
N THR A 466 18.36 -37.92 5.38
CA THR A 466 19.71 -37.39 5.48
C THR A 466 19.73 -35.86 5.75
N LYS A 467 18.58 -35.21 5.54
CA LYS A 467 18.37 -33.77 5.78
C LYS A 467 17.51 -33.42 7.04
N LEU A 468 16.99 -34.43 7.75
CA LEU A 468 16.38 -34.23 9.09
C LEU A 468 17.47 -33.84 10.08
N PRO A 469 17.19 -32.92 11.02
CA PRO A 469 18.34 -32.46 11.81
C PRO A 469 18.96 -33.53 12.67
N VAL A 470 20.22 -33.32 13.03
CA VAL A 470 21.10 -34.35 13.60
C VAL A 470 20.37 -35.29 14.55
N GLU A 471 19.53 -34.70 15.39
CA GLU A 471 18.92 -35.46 16.45
C GLU A 471 17.83 -36.39 15.94
N LYS A 472 16.90 -35.88 15.13
CA LYS A 472 15.79 -36.70 14.64
C LYS A 472 16.32 -37.93 13.92
N GLN A 473 17.38 -37.72 13.12
CA GLN A 473 18.09 -38.83 12.48
C GLN A 473 18.36 -39.99 13.46
N ARG A 474 18.95 -39.68 14.61
CA ARG A 474 19.32 -40.71 15.60
C ARG A 474 18.10 -41.46 16.15
N GLU A 475 16.97 -40.76 16.19
CA GLU A 475 15.70 -41.22 16.74
C GLU A 475 15.10 -42.25 15.80
N ILE A 476 14.92 -41.83 14.55
CA ILE A 476 14.31 -42.67 13.50
C ILE A 476 15.15 -43.92 13.25
N LEU A 477 16.43 -43.85 13.62
CA LEU A 477 17.39 -44.92 13.44
C LEU A 477 17.37 -45.87 14.63
N ALA A 478 17.18 -45.30 15.82
CA ALA A 478 16.89 -46.09 17.02
C ALA A 478 15.52 -46.81 16.93
N LYS A 479 14.61 -46.30 16.10
CA LYS A 479 13.30 -46.91 15.96
C LYS A 479 13.01 -47.21 14.49
N PRO A 480 13.83 -48.09 13.86
CA PRO A 480 13.82 -48.33 12.41
C PRO A 480 12.49 -48.74 11.79
N GLN A 481 11.58 -49.28 12.60
CA GLN A 481 10.28 -49.72 12.10
C GLN A 481 9.51 -48.64 11.33
N GLN A 482 9.73 -47.36 11.64
CA GLN A 482 8.98 -46.31 10.94
C GLN A 482 9.35 -46.10 9.47
N LEU A 483 10.57 -46.51 9.08
CA LEU A 483 10.98 -46.55 7.64
C LEU A 483 9.94 -47.29 6.79
N ARG A 484 9.47 -48.40 7.36
CA ARG A 484 8.35 -49.18 6.84
C ARG A 484 7.14 -48.28 6.60
N HIS A 485 6.78 -47.49 7.62
CA HIS A 485 5.58 -46.66 7.55
C HIS A 485 5.74 -45.52 6.55
N LEU A 486 6.97 -45.03 6.46
CA LEU A 486 7.29 -43.96 5.52
C LEU A 486 7.14 -44.38 4.05
N MET A 487 7.54 -45.62 3.71
CA MET A 487 7.35 -46.20 2.35
C MET A 487 5.89 -46.40 2.00
N ASN A 488 5.06 -46.46 3.04
CA ASN A 488 3.62 -46.42 2.94
C ASN A 488 3.04 -45.06 3.39
N ALA A 489 3.81 -43.97 3.26
CA ALA A 489 3.29 -42.63 3.52
C ALA A 489 2.96 -42.05 2.16
N TYR A 490 1.69 -41.78 1.91
CA TYR A 490 1.27 -41.19 0.60
C TYR A 490 0.63 -39.78 0.68
N GLU A 491 0.21 -39.34 1.86
CA GLU A 491 -0.30 -37.99 2.07
C GLU A 491 0.60 -37.31 3.10
N SER A 492 1.01 -36.07 2.80
CA SER A 492 2.10 -35.37 3.52
C SER A 492 2.06 -35.40 5.07
N HIS A 493 0.84 -35.30 5.62
CA HIS A 493 0.64 -35.42 7.07
C HIS A 493 1.13 -36.76 7.62
N VAL A 494 0.94 -37.83 6.84
CA VAL A 494 1.38 -39.19 7.24
C VAL A 494 2.90 -39.23 7.37
N ALA A 495 3.58 -38.65 6.39
CA ALA A 495 5.02 -38.49 6.42
C ALA A 495 5.45 -37.58 7.56
N GLU A 496 4.74 -36.49 7.74
CA GLU A 496 5.06 -35.53 8.80
C GLU A 496 5.09 -36.19 10.17
N HIS A 497 4.12 -37.08 10.44
CA HIS A 497 4.01 -37.72 11.74
C HIS A 497 5.29 -38.47 12.14
N TYR A 498 6.04 -38.97 11.16
CA TYR A 498 7.34 -39.62 11.42
C TYR A 498 8.58 -38.72 11.18
N LEU A 499 8.54 -37.88 10.13
CA LEU A 499 9.70 -37.04 9.74
C LEU A 499 9.94 -35.87 10.69
N GLY A 500 9.21 -34.79 10.45
CA GLY A 500 9.42 -33.54 11.17
C GLY A 500 8.18 -32.71 11.04
N LYS A 501 8.32 -31.42 11.31
CA LYS A 501 7.19 -30.51 11.27
C LYS A 501 6.77 -30.35 9.81
N ASN A 502 7.62 -29.69 9.01
CA ASN A 502 7.33 -29.37 7.61
C ASN A 502 8.54 -29.78 6.78
N ALA A 503 9.10 -30.93 7.13
CA ALA A 503 10.45 -31.33 6.73
C ALA A 503 10.72 -31.25 5.22
N SER A 504 12.00 -31.11 4.90
CA SER A 504 12.47 -30.99 3.52
C SER A 504 12.13 -32.22 2.71
N GLY A 505 11.64 -32.00 1.50
CA GLY A 505 11.54 -33.03 0.47
C GLY A 505 10.39 -34.01 0.54
N ILE A 506 9.33 -33.68 1.28
CA ILE A 506 8.18 -34.59 1.41
C ILE A 506 7.44 -34.75 0.10
N ALA A 507 7.17 -33.63 -0.58
CA ALA A 507 6.52 -33.66 -1.89
C ALA A 507 7.08 -34.75 -2.81
N GLU A 508 8.41 -34.86 -2.85
CA GLU A 508 9.10 -35.86 -3.69
C GLU A 508 8.93 -37.28 -3.14
N LEU A 509 9.10 -37.43 -1.83
CA LEU A 509 8.90 -38.71 -1.15
C LEU A 509 7.57 -39.35 -1.54
N LEU A 510 6.50 -38.56 -1.44
CA LEU A 510 5.17 -39.09 -1.68
C LEU A 510 5.06 -39.62 -3.09
N THR A 511 5.50 -38.82 -4.06
CA THR A 511 5.39 -39.22 -5.47
C THR A 511 6.30 -40.42 -5.82
N GLU A 512 7.39 -40.60 -5.06
CA GLU A 512 8.21 -41.83 -5.10
C GLU A 512 7.35 -43.01 -4.69
N ASN A 513 6.77 -42.91 -3.51
CA ASN A 513 5.93 -43.96 -2.98
C ASN A 513 4.76 -44.31 -3.90
N LYS A 514 4.16 -43.32 -4.54
CA LYS A 514 3.09 -43.55 -5.53
C LYS A 514 3.55 -44.33 -6.77
N ARG A 515 4.75 -44.02 -7.26
CA ARG A 515 5.34 -44.72 -8.42
C ARG A 515 5.76 -46.15 -8.08
N LEU A 516 6.31 -46.34 -6.87
CA LEU A 516 6.79 -47.66 -6.40
C LEU A 516 5.70 -48.67 -6.07
N GLU A 517 4.49 -48.20 -5.77
CA GLU A 517 3.46 -49.09 -5.27
C GLU A 517 3.17 -50.22 -6.27
N GLY A 518 3.16 -49.87 -7.56
CA GLY A 518 3.03 -50.86 -8.64
C GLY A 518 4.00 -52.01 -8.47
N PHE A 519 5.28 -51.68 -8.46
CA PHE A 519 6.37 -52.67 -8.40
C PHE A 519 6.33 -53.40 -7.06
N ARG A 520 6.07 -52.64 -6.00
CA ARG A 520 6.00 -53.20 -4.65
C ARG A 520 4.85 -54.23 -4.51
N ALA A 521 3.79 -54.03 -5.30
CA ALA A 521 2.71 -55.00 -5.42
C ALA A 521 2.76 -55.79 -6.76
N ILE A 522 3.96 -56.13 -7.22
CA ILE A 522 4.14 -56.97 -8.42
C ILE A 522 4.40 -58.39 -7.93
N HIS A 523 4.05 -59.39 -8.73
CA HIS A 523 3.90 -60.78 -8.22
C HIS A 523 5.19 -61.61 -8.02
N ASN A 524 6.34 -60.96 -8.08
CA ASN A 524 7.62 -61.63 -7.94
C ASN A 524 8.65 -60.53 -7.65
N ALA A 525 9.53 -60.77 -6.68
CA ALA A 525 10.41 -59.73 -6.15
C ALA A 525 11.60 -59.38 -7.02
N GLU A 526 12.01 -60.31 -7.90
CA GLU A 526 13.06 -60.01 -8.90
C GLU A 526 12.53 -59.05 -9.96
N VAL A 527 11.47 -59.44 -10.65
CA VAL A 527 10.81 -58.54 -11.60
C VAL A 527 10.46 -57.16 -10.99
N ALA A 528 10.20 -57.11 -9.68
CA ALA A 528 10.03 -55.84 -8.93
C ALA A 528 11.31 -55.00 -8.93
N ARG A 529 12.40 -55.61 -8.45
CA ARG A 529 13.71 -54.95 -8.32
C ARG A 529 14.21 -54.31 -9.63
N VAL A 530 14.36 -55.14 -10.66
CA VAL A 530 14.90 -54.69 -11.95
C VAL A 530 13.96 -53.69 -12.64
N LEU A 531 12.64 -53.96 -12.66
CA LEU A 531 11.70 -53.02 -13.28
C LEU A 531 11.64 -51.67 -12.54
N ALA A 532 11.71 -51.71 -11.22
CA ALA A 532 11.79 -50.48 -10.43
C ALA A 532 13.12 -49.72 -10.68
N ASN A 533 14.23 -50.46 -10.72
CA ASN A 533 15.57 -49.91 -10.96
C ASN A 533 16.03 -49.93 -12.44
N PHE A 534 15.15 -49.58 -13.39
CA PHE A 534 15.53 -49.47 -14.83
C PHE A 534 16.02 -48.02 -15.07
N LYS A 535 16.90 -47.83 -16.04
CA LYS A 535 17.65 -46.57 -16.20
C LYS A 535 16.71 -45.40 -16.55
N PRO A 536 15.93 -45.54 -17.64
CA PRO A 536 14.76 -44.67 -17.74
C PRO A 536 13.70 -45.17 -16.73
N GLU A 537 12.95 -44.25 -16.13
CA GLU A 537 11.88 -44.60 -15.19
C GLU A 537 10.58 -45.04 -15.88
N ILE A 538 10.04 -46.19 -15.47
CA ILE A 538 8.76 -46.67 -16.02
C ILE A 538 7.64 -46.15 -15.11
N THR A 539 6.43 -46.06 -15.66
CA THR A 539 5.25 -45.68 -14.89
C THR A 539 4.04 -46.49 -15.37
N LEU A 540 3.33 -47.05 -14.38
CA LEU A 540 2.29 -48.05 -14.60
C LEU A 540 0.86 -47.53 -14.36
N ASN A 541 -0.09 -48.30 -14.88
CA ASN A 541 -1.47 -48.31 -14.42
C ASN A 541 -1.64 -49.62 -13.64
N ASP A 542 -2.73 -49.72 -12.89
CA ASP A 542 -3.06 -50.97 -12.19
C ASP A 542 -3.39 -52.05 -13.22
N LYS A 543 -3.98 -51.64 -14.35
CA LYS A 543 -4.27 -52.58 -15.44
C LYS A 543 -3.02 -53.10 -16.14
N GLN A 544 -1.95 -52.30 -16.17
CA GLN A 544 -0.62 -52.79 -16.64
C GLN A 544 -0.07 -53.86 -15.71
N VAL A 545 -0.06 -53.57 -14.40
CA VAL A 545 0.47 -54.50 -13.41
C VAL A 545 -0.45 -55.74 -13.26
N ALA A 546 -1.72 -55.59 -13.63
CA ALA A 546 -2.62 -56.74 -13.72
C ALA A 546 -2.11 -57.74 -14.76
N ALA A 547 -1.85 -57.22 -15.96
CA ALA A 547 -1.37 -58.04 -17.07
C ALA A 547 0.04 -58.55 -16.84
N ILE A 548 0.87 -57.79 -16.11
CA ILE A 548 2.20 -58.26 -15.70
C ILE A 548 2.09 -59.47 -14.75
N ASN A 549 1.20 -59.37 -13.77
CA ASN A 549 0.95 -60.47 -12.82
C ASN A 549 0.23 -61.65 -13.48
N GLN A 550 -0.57 -61.35 -14.52
CA GLN A 550 -1.20 -62.35 -15.38
C GLN A 550 -0.13 -63.11 -16.18
N ALA A 551 0.86 -62.39 -16.70
CA ALA A 551 1.97 -63.02 -17.39
C ALA A 551 2.72 -63.99 -16.50
N LEU A 552 2.97 -63.58 -15.26
CA LEU A 552 3.64 -64.45 -14.30
C LEU A 552 2.84 -65.68 -13.89
N THR A 553 1.50 -65.63 -13.94
CA THR A 553 0.66 -66.83 -13.69
C THR A 553 0.79 -67.88 -14.80
N THR A 554 0.84 -67.43 -16.08
CA THR A 554 1.11 -68.33 -17.23
C THR A 554 2.49 -68.95 -17.09
N ALA A 555 3.44 -68.12 -16.63
CA ALA A 555 4.81 -68.57 -16.32
C ALA A 555 4.89 -69.66 -15.23
N ASN A 556 4.20 -69.47 -14.11
CA ASN A 556 4.13 -70.52 -13.07
C ASN A 556 3.42 -71.78 -13.57
N SER A 557 2.44 -71.62 -14.47
CA SER A 557 1.79 -72.72 -15.22
C SER A 557 2.74 -73.59 -16.09
N ASN A 558 3.77 -72.94 -16.67
CA ASN A 558 4.81 -73.55 -17.54
C ASN A 558 5.99 -74.22 -16.74
N PRO A 559 6.09 -75.57 -16.75
CA PRO A 559 7.08 -76.26 -15.87
C PRO A 559 8.56 -76.15 -16.27
N ASN A 560 8.89 -75.52 -17.40
CA ASN A 560 10.28 -75.17 -17.80
C ASN A 560 10.39 -73.73 -18.35
N THR A 561 9.88 -72.77 -17.60
CA THR A 561 10.07 -71.35 -17.91
C THR A 561 11.54 -70.95 -17.69
N TYR A 562 12.16 -71.51 -16.66
CA TYR A 562 13.49 -71.08 -16.19
C TYR A 562 14.70 -71.96 -16.63
N THR A 563 14.44 -72.98 -17.47
CA THR A 563 15.51 -73.75 -18.15
C THR A 563 15.40 -73.86 -19.70
N GLN A 564 14.20 -73.73 -20.26
CA GLN A 564 14.06 -73.66 -21.72
C GLN A 564 14.04 -72.19 -22.14
N ALA A 565 15.04 -71.77 -22.91
CA ALA A 565 15.20 -70.35 -23.25
C ALA A 565 14.07 -69.76 -24.08
N THR A 566 13.33 -70.62 -24.78
CA THR A 566 12.17 -70.18 -25.57
C THR A 566 10.94 -69.94 -24.70
N ASP A 567 10.94 -70.55 -23.50
CA ASP A 567 9.85 -70.43 -22.49
C ASP A 567 10.10 -69.37 -21.41
N TYR A 568 11.37 -69.12 -21.06
CA TYR A 568 11.74 -67.91 -20.31
C TYR A 568 11.36 -66.64 -21.11
N LYS A 569 11.47 -66.69 -22.44
CA LYS A 569 11.12 -65.56 -23.32
C LYS A 569 9.64 -65.16 -23.26
N ILE A 570 8.76 -66.13 -23.04
CA ILE A 570 7.30 -65.91 -23.01
C ILE A 570 6.91 -65.02 -21.81
N LEU A 571 7.62 -65.18 -20.69
CA LEU A 571 7.47 -64.34 -19.49
C LEU A 571 7.98 -62.90 -19.69
N ILE A 572 9.12 -62.75 -20.39
CA ILE A 572 9.75 -61.42 -20.62
C ILE A 572 8.97 -60.66 -21.70
N ASP A 573 8.61 -61.37 -22.77
CA ASP A 573 7.85 -60.79 -23.90
C ASP A 573 6.51 -60.23 -23.46
N ALA A 574 5.89 -60.91 -22.50
CA ALA A 574 4.64 -60.45 -21.91
C ALA A 574 4.83 -59.14 -21.10
N ILE A 575 5.90 -59.06 -20.30
CA ILE A 575 6.18 -57.88 -19.44
C ILE A 575 6.60 -56.70 -20.31
N LYS A 576 7.68 -56.92 -21.07
CA LYS A 576 8.20 -55.99 -22.06
C LYS A 576 7.17 -54.98 -22.51
N THR A 577 6.08 -55.51 -23.06
CA THR A 577 5.01 -54.73 -23.68
C THR A 577 4.37 -53.71 -22.73
N GLN A 578 4.28 -54.11 -21.46
CA GLN A 578 3.63 -53.31 -20.42
C GLN A 578 4.50 -52.14 -19.95
N SER A 579 5.83 -52.33 -19.89
CA SER A 579 6.74 -51.20 -19.67
C SER A 579 6.52 -50.15 -20.77
N GLY A 580 6.71 -50.57 -22.02
CA GLY A 580 6.14 -49.90 -23.18
C GLY A 580 7.00 -49.07 -24.12
N SER A 581 8.12 -48.52 -23.63
CA SER A 581 8.78 -47.42 -24.36
C SER A 581 10.25 -47.19 -24.01
N VAL A 582 11.13 -48.11 -24.42
CA VAL A 582 12.58 -48.02 -24.13
C VAL A 582 13.39 -48.95 -25.07
N ASN A 583 14.71 -49.00 -24.89
CA ASN A 583 15.55 -49.91 -25.67
C ASN A 583 15.27 -51.38 -25.32
N GLN A 584 15.04 -52.18 -26.36
CA GLN A 584 14.84 -53.63 -26.24
C GLN A 584 15.97 -54.38 -25.54
N LYS A 585 17.21 -53.97 -25.84
CA LYS A 585 18.45 -54.73 -25.57
C LYS A 585 18.78 -54.79 -24.06
N ASP A 586 18.87 -53.61 -23.44
CA ASP A 586 19.04 -53.45 -21.98
C ASP A 586 17.98 -54.22 -21.22
N PHE A 587 16.73 -54.15 -21.70
CA PHE A 587 15.66 -54.96 -21.17
C PHE A 587 16.09 -56.42 -21.10
N TYR A 588 16.48 -56.96 -22.25
CA TYR A 588 16.87 -58.38 -22.33
C TYR A 588 18.11 -58.73 -21.52
N ASN A 589 19.12 -57.87 -21.54
CA ASN A 589 20.34 -58.13 -20.78
C ASN A 589 20.05 -58.07 -19.27
N ALA A 590 19.31 -57.03 -18.84
CA ALA A 590 18.91 -56.82 -17.41
C ALA A 590 18.11 -57.97 -16.77
N PHE A 591 17.52 -58.83 -17.61
CA PHE A 591 16.89 -60.11 -17.18
C PHE A 591 17.71 -61.38 -17.48
N ASN A 592 19.00 -61.21 -17.81
CA ASN A 592 19.91 -62.32 -18.23
C ASN A 592 19.44 -63.13 -19.45
N LEU A 593 19.30 -62.42 -20.57
CA LEU A 593 19.16 -63.02 -21.89
C LEU A 593 20.16 -62.29 -22.79
N ASN A 594 20.55 -62.90 -23.91
CA ASN A 594 21.37 -62.21 -24.90
C ASN A 594 20.55 -61.05 -25.56
N ASP A 595 21.18 -60.28 -26.44
CA ASP A 595 20.55 -59.09 -27.04
C ASP A 595 19.36 -59.42 -27.96
N ASP A 596 19.43 -60.60 -28.59
CA ASP A 596 18.45 -61.10 -29.56
C ASP A 596 17.21 -61.68 -28.88
N GLY A 597 17.44 -62.41 -27.79
CA GLY A 597 16.41 -63.25 -27.17
C GLY A 597 16.83 -64.70 -27.25
N ARG A 598 17.37 -65.11 -28.41
CA ARG A 598 17.81 -66.48 -28.72
C ARG A 598 18.19 -67.40 -27.53
N ALA A 599 19.04 -66.93 -26.62
CA ALA A 599 19.49 -67.77 -25.50
C ALA A 599 20.06 -66.96 -24.33
N PHE A 600 20.23 -67.66 -23.22
CA PHE A 600 20.63 -67.06 -21.94
C PHE A 600 22.08 -66.60 -22.01
N THR A 601 22.36 -65.44 -21.42
CA THR A 601 23.75 -65.00 -21.21
C THR A 601 24.42 -65.90 -20.14
N SER A 602 25.71 -66.20 -20.30
CA SER A 602 26.45 -67.19 -19.48
C SER A 602 26.35 -66.97 -17.98
N SER A 603 26.64 -65.75 -17.56
CA SER A 603 26.50 -65.33 -16.16
C SER A 603 25.03 -64.94 -15.92
N THR A 604 24.27 -65.78 -15.22
CA THR A 604 22.79 -65.72 -15.21
C THR A 604 22.10 -65.55 -13.81
N PRO A 605 22.52 -64.53 -13.01
CA PRO A 605 21.99 -64.34 -11.65
C PRO A 605 20.54 -63.80 -11.48
N ARG A 606 20.08 -62.89 -12.35
CA ARG A 606 18.72 -62.28 -12.24
C ARG A 606 17.60 -63.31 -12.43
N LYS A 607 17.70 -64.08 -13.51
CA LYS A 607 16.85 -65.24 -13.76
C LYS A 607 16.94 -66.32 -12.64
N ASP A 608 18.15 -66.54 -12.11
CA ASP A 608 18.38 -67.53 -11.04
C ASP A 608 17.50 -67.23 -9.80
N GLU A 609 17.50 -65.97 -9.34
CA GLU A 609 16.67 -65.57 -8.18
C GLU A 609 15.19 -65.53 -8.56
N MET A 610 14.85 -65.09 -9.78
CA MET A 610 13.46 -65.21 -10.29
C MET A 610 12.94 -66.63 -10.06
N SER A 611 13.69 -67.61 -10.56
CA SER A 611 13.35 -69.02 -10.39
C SER A 611 13.14 -69.36 -8.90
N LYS A 612 14.12 -68.99 -8.06
CA LYS A 612 14.07 -69.22 -6.60
C LYS A 612 12.82 -68.60 -5.94
N GLN A 613 12.36 -67.46 -6.47
CA GLN A 613 11.15 -66.80 -6.00
C GLN A 613 9.92 -67.50 -6.49
N GLN A 614 9.82 -67.65 -7.81
CA GLN A 614 8.66 -68.26 -8.42
C GLN A 614 8.51 -69.75 -8.10
N GLN A 615 9.54 -70.38 -7.52
CA GLN A 615 9.41 -71.73 -6.96
C GLN A 615 8.71 -71.72 -5.61
N HIS A 616 8.88 -70.64 -4.85
CA HIS A 616 8.21 -70.50 -3.56
C HIS A 616 6.72 -70.15 -3.76
N ASN A 617 6.41 -69.53 -4.89
CA ASN A 617 5.03 -69.32 -5.29
C ASN A 617 4.54 -70.55 -6.07
N GLN A 618 4.57 -71.73 -5.45
CA GLN A 618 3.97 -72.92 -6.09
C GLN A 618 2.61 -73.06 -5.47
N HIS A 619 2.60 -73.31 -4.16
CA HIS A 619 1.37 -73.58 -3.44
C HIS A 619 0.53 -72.32 -3.28
N ILE A 620 1.20 -71.17 -3.18
CA ILE A 620 0.49 -69.89 -3.11
C ILE A 620 -0.23 -69.66 -4.43
N TYR A 621 0.46 -69.85 -5.57
CA TYR A 621 -0.23 -69.73 -6.88
C TYR A 621 -1.37 -70.77 -7.02
N ALA A 622 -1.14 -71.98 -6.48
CA ALA A 622 -2.11 -73.06 -6.49
C ALA A 622 -3.47 -72.72 -5.85
N GLU A 623 -3.48 -71.82 -4.87
CA GLU A 623 -4.73 -71.30 -4.30
C GLU A 623 -5.19 -70.05 -5.08
N TYR A 624 -4.25 -69.15 -5.41
CA TYR A 624 -4.54 -67.91 -6.17
C TYR A 624 -5.37 -68.14 -7.42
N ASN A 625 -5.15 -69.28 -8.06
CA ASN A 625 -5.90 -69.65 -9.26
C ASN A 625 -7.25 -70.35 -8.93
N SER A 626 -7.26 -71.21 -7.90
CA SER A 626 -8.47 -71.99 -7.53
C SER A 626 -9.66 -71.14 -7.05
N THR A 627 -9.39 -70.13 -6.24
CA THR A 627 -10.44 -69.47 -5.44
C THR A 627 -11.33 -68.48 -6.23
N SER A 628 -12.60 -68.47 -5.84
CA SER A 628 -13.56 -67.43 -6.19
C SER A 628 -13.66 -66.37 -5.08
N ASN A 629 -13.07 -66.68 -3.92
CA ASN A 629 -13.02 -65.74 -2.80
C ASN A 629 -12.15 -64.52 -3.14
N SER A 630 -12.71 -63.61 -3.95
CA SER A 630 -11.97 -62.43 -4.45
C SER A 630 -11.67 -61.39 -3.36
N GLY A 631 -11.98 -61.74 -2.10
CA GLY A 631 -11.35 -61.14 -0.95
C GLY A 631 -9.95 -61.67 -0.71
N ASN A 632 -9.81 -62.92 -0.29
CA ASN A 632 -8.48 -63.42 0.12
C ASN A 632 -7.58 -63.82 -1.06
N LYS A 633 -8.10 -63.74 -2.27
CA LYS A 633 -7.25 -63.56 -3.44
C LYS A 633 -6.23 -62.45 -3.13
N LYS A 634 -6.71 -61.27 -2.76
CA LYS A 634 -5.85 -60.13 -2.45
C LYS A 634 -4.79 -60.42 -1.40
N LEU A 635 -5.13 -61.22 -0.37
CA LEU A 635 -4.13 -61.61 0.64
C LEU A 635 -3.04 -62.50 0.07
N LEU A 636 -3.40 -63.35 -0.89
CA LEU A 636 -2.42 -64.19 -1.57
C LEU A 636 -1.55 -63.33 -2.49
N ALA A 637 -2.19 -62.48 -3.27
CA ALA A 637 -1.49 -61.51 -4.12
C ALA A 637 -0.43 -60.75 -3.34
N VAL A 638 -0.75 -60.27 -2.13
CA VAL A 638 0.28 -59.57 -1.33
C VAL A 638 1.36 -60.57 -0.88
N LEU A 639 0.97 -61.79 -0.51
CA LEU A 639 1.94 -62.80 -0.05
C LEU A 639 2.97 -63.15 -1.11
N LEU A 640 2.52 -63.51 -2.31
CA LEU A 640 3.47 -63.85 -3.37
C LEU A 640 4.28 -62.66 -3.90
N SER A 641 3.81 -61.43 -3.62
CA SER A 641 4.54 -60.20 -3.94
C SER A 641 5.61 -59.88 -2.91
N ILE A 642 5.76 -60.68 -1.85
CA ILE A 642 6.82 -60.49 -0.86
C ILE A 642 7.89 -61.57 -1.02
N GLU A 643 9.18 -61.19 -1.12
CA GLU A 643 10.25 -62.20 -1.24
C GLU A 643 10.33 -63.10 -0.01
N LYS A 644 10.62 -64.38 -0.25
CA LYS A 644 10.64 -65.39 0.81
C LYS A 644 11.98 -66.11 0.76
N PRO A 645 12.57 -66.40 1.94
CA PRO A 645 13.74 -67.29 1.95
C PRO A 645 13.42 -68.70 1.47
N VAL A 646 12.24 -69.19 1.83
CA VAL A 646 11.91 -70.61 1.82
C VAL A 646 10.60 -70.86 1.00
N THR A 647 10.19 -72.12 0.81
CA THR A 647 9.22 -72.46 -0.27
C THR A 647 7.73 -72.24 0.00
N PHE A 648 7.33 -72.17 1.28
CA PHE A 648 5.92 -71.90 1.66
C PHE A 648 4.99 -73.00 1.11
N SER A 649 4.94 -74.07 1.92
CA SER A 649 4.17 -75.30 1.66
C SER A 649 2.66 -75.06 1.59
N LYS A 650 1.93 -76.08 1.13
CA LYS A 650 0.46 -76.05 1.06
C LYS A 650 -0.20 -75.95 2.44
N ASP A 651 0.47 -76.48 3.48
CA ASP A 651 -0.02 -76.39 4.87
C ASP A 651 0.16 -74.98 5.50
N ILE A 652 1.17 -74.21 5.06
CA ILE A 652 1.36 -72.81 5.53
C ILE A 652 0.44 -71.81 4.80
N VAL A 653 0.13 -72.08 3.53
CA VAL A 653 -0.91 -71.31 2.84
C VAL A 653 -2.24 -71.44 3.57
N ASN A 654 -2.57 -72.65 4.01
CA ASN A 654 -3.75 -72.88 4.84
C ASN A 654 -3.64 -72.06 6.13
N ARG A 655 -2.50 -72.16 6.82
CA ARG A 655 -2.26 -71.40 8.08
C ARG A 655 -2.25 -69.86 7.91
N PHE A 656 -1.91 -69.35 6.71
CA PHE A 656 -2.07 -67.90 6.39
C PHE A 656 -3.54 -67.48 6.25
N LEU A 657 -4.32 -68.27 5.51
CA LEU A 657 -5.73 -67.96 5.22
C LEU A 657 -6.73 -68.14 6.35
N ARG A 658 -6.36 -68.93 7.35
CA ARG A 658 -7.28 -69.24 8.46
C ARG A 658 -7.68 -67.95 9.19
N PRO A 659 -6.72 -67.28 9.86
CA PRO A 659 -7.12 -66.31 10.85
C PRO A 659 -7.52 -64.93 10.29
N LEU A 660 -7.65 -64.76 8.98
CA LEU A 660 -7.90 -63.40 8.45
C LEU A 660 -9.33 -62.95 8.75
N LYS A 661 -10.30 -63.86 8.61
CA LYS A 661 -11.68 -63.61 9.00
C LYS A 661 -11.81 -63.10 10.44
N ASP A 662 -11.12 -63.75 11.37
CA ASP A 662 -11.22 -63.43 12.81
C ASP A 662 -10.30 -62.28 13.29
N SER A 663 -9.32 -61.87 12.49
CA SER A 663 -8.40 -60.78 12.87
C SER A 663 -9.09 -59.48 12.51
N GLU A 664 -8.94 -58.48 13.36
CA GLU A 664 -9.58 -57.18 13.14
C GLU A 664 -8.65 -56.19 12.45
N THR A 665 -7.37 -56.20 12.84
CA THR A 665 -6.32 -55.35 12.26
C THR A 665 -5.29 -56.16 11.46
N PRO A 666 -4.43 -55.47 10.70
CA PRO A 666 -3.23 -56.14 10.19
C PRO A 666 -2.29 -56.67 11.29
N GLN A 667 -2.06 -55.88 12.35
CA GLN A 667 -1.14 -56.27 13.44
C GLN A 667 -1.62 -57.51 14.20
N ASP A 668 -2.90 -57.51 14.56
CA ASP A 668 -3.56 -58.69 15.15
C ASP A 668 -3.51 -59.92 14.20
N TYR A 669 -3.51 -59.67 12.89
CA TYR A 669 -3.32 -60.75 11.91
C TYR A 669 -1.89 -61.31 11.92
N ALA A 670 -0.90 -60.44 12.04
CA ALA A 670 0.48 -60.90 12.09
C ALA A 670 0.71 -61.68 13.34
N ASP A 671 0.37 -61.05 14.47
CA ASP A 671 0.66 -61.63 15.78
C ASP A 671 0.20 -63.08 15.90
N THR A 672 -1.07 -63.34 15.57
CA THR A 672 -1.61 -64.70 15.70
C THR A 672 -0.96 -65.68 14.70
N LEU A 673 -0.39 -65.18 13.59
CA LEU A 673 0.41 -66.03 12.68
C LEU A 673 1.77 -66.35 13.26
N PHE A 674 2.53 -65.32 13.60
CA PHE A 674 3.95 -65.50 13.95
C PHE A 674 4.26 -65.44 15.46
N GLY A 675 3.66 -64.48 16.15
CA GLY A 675 3.90 -64.29 17.58
C GLY A 675 4.02 -62.82 17.94
N GLU A 676 4.05 -62.55 19.24
CA GLU A 676 4.22 -61.20 19.74
C GLU A 676 5.57 -60.67 19.26
N ASN A 677 6.61 -61.45 19.54
CA ASN A 677 7.99 -61.12 19.15
C ASN A 677 8.69 -62.36 18.57
N PRO A 678 8.20 -62.87 17.41
CA PRO A 678 8.56 -64.24 16.97
C PRO A 678 10.08 -64.52 17.03
N THR A 679 10.44 -65.62 17.71
CA THR A 679 11.84 -65.97 18.04
C THR A 679 12.77 -66.23 16.83
N ASN A 680 12.20 -66.73 15.73
CA ASN A 680 12.96 -67.24 14.58
C ASN A 680 13.26 -66.15 13.53
N PRO A 681 14.55 -65.76 13.35
CA PRO A 681 14.90 -64.69 12.39
C PRO A 681 14.21 -64.70 11.02
N ALA A 682 14.14 -65.87 10.38
CA ALA A 682 13.48 -66.00 9.06
C ALA A 682 11.99 -65.66 9.08
N ASN A 683 11.36 -65.85 10.25
CA ASN A 683 9.98 -65.44 10.49
C ASN A 683 9.91 -63.96 10.79
N LYS A 684 10.67 -63.52 11.79
CA LYS A 684 10.68 -62.12 12.21
C LYS A 684 10.77 -61.21 11.02
N LYS A 685 11.62 -61.59 10.05
CA LYS A 685 11.77 -60.83 8.82
C LYS A 685 10.52 -60.89 7.96
N PHE A 686 9.90 -62.06 7.84
CA PHE A 686 8.68 -62.13 7.04
C PHE A 686 7.47 -61.44 7.69
N LYS A 687 7.44 -61.36 9.02
CA LYS A 687 6.40 -60.59 9.74
C LYS A 687 6.56 -59.11 9.41
N ASP A 688 7.76 -58.59 9.64
CA ASP A 688 8.17 -57.24 9.21
C ASP A 688 7.80 -56.97 7.74
N ASP A 689 8.14 -57.92 6.87
CA ASP A 689 7.85 -57.78 5.44
C ASP A 689 6.37 -57.87 5.14
N LEU A 690 5.61 -58.60 5.95
CA LEU A 690 4.16 -58.75 5.73
C LEU A 690 3.42 -57.48 6.12
N LEU A 691 3.75 -56.93 7.29
CA LEU A 691 3.20 -55.66 7.78
C LEU A 691 3.54 -54.42 6.93
N ARG A 692 4.63 -54.51 6.17
CA ARG A 692 4.97 -53.51 5.15
C ARG A 692 3.91 -53.42 4.06
N GLU A 693 3.45 -54.57 3.59
CA GLU A 693 2.49 -54.68 2.48
C GLU A 693 1.04 -54.69 2.96
N LEU A 694 0.77 -55.15 4.18
CA LEU A 694 -0.58 -55.06 4.79
C LEU A 694 -0.73 -53.76 5.57
N THR A 695 -1.01 -52.70 4.81
CA THR A 695 -1.37 -51.41 5.34
C THR A 695 -2.78 -51.52 5.94
N PRO A 696 -3.04 -50.76 7.02
CA PRO A 696 -4.42 -50.53 7.46
C PRO A 696 -5.39 -50.29 6.31
N THR A 697 -4.97 -49.52 5.32
CA THR A 697 -5.83 -49.27 4.19
C THR A 697 -6.12 -50.52 3.35
N VAL A 698 -5.10 -51.28 2.94
CA VAL A 698 -5.36 -52.44 2.04
C VAL A 698 -6.03 -53.61 2.78
N PHE A 699 -5.71 -53.75 4.07
CA PHE A 699 -6.27 -54.78 4.93
C PHE A 699 -7.78 -54.64 5.04
N ASN A 700 -8.27 -53.40 5.19
CA ASN A 700 -9.71 -53.10 5.14
C ASN A 700 -10.29 -53.47 3.79
N GLU A 701 -9.59 -53.14 2.72
CA GLU A 701 -10.06 -53.54 1.39
C GLU A 701 -10.24 -55.04 1.27
N ILE A 702 -9.28 -55.81 1.76
CA ILE A 702 -9.41 -57.25 1.78
C ILE A 702 -10.68 -57.60 2.53
N LYS A 703 -10.75 -57.12 3.77
CA LYS A 703 -11.85 -57.43 4.70
C LYS A 703 -13.25 -57.17 4.14
N ASN A 704 -13.55 -55.94 3.76
CA ASN A 704 -14.89 -55.64 3.25
C ASN A 704 -15.08 -56.12 1.80
N ASP A 705 -14.03 -56.64 1.17
CA ASP A 705 -14.21 -57.52 -0.02
C ASP A 705 -14.72 -58.89 0.41
N LEU A 706 -14.11 -59.51 1.42
CA LEU A 706 -14.58 -60.82 1.89
C LEU A 706 -15.86 -60.73 2.73
N ARG A 707 -16.28 -59.52 3.10
CA ARG A 707 -17.59 -59.32 3.72
C ARG A 707 -18.65 -59.07 2.64
N LYS A 708 -18.22 -58.80 1.40
CA LYS A 708 -19.09 -58.99 0.25
C LYS A 708 -19.37 -60.49 0.08
N GLN A 709 -18.41 -61.34 0.43
CA GLN A 709 -18.51 -62.79 0.15
C GLN A 709 -19.65 -63.41 0.95
N GLU A 710 -19.58 -63.30 2.27
CA GLU A 710 -20.67 -63.78 3.12
C GLU A 710 -22.03 -63.16 2.74
N LEU A 711 -22.04 -61.92 2.23
CA LEU A 711 -23.29 -61.32 1.71
C LEU A 711 -23.70 -61.81 0.32
N LEU A 712 -22.80 -62.50 -0.39
CA LEU A 712 -23.14 -63.13 -1.69
C LEU A 712 -23.59 -64.60 -1.56
N ASP A 713 -23.49 -65.16 -0.34
CA ASP A 713 -23.82 -66.58 -0.05
C ASP A 713 -25.25 -66.96 -0.45
N THR A 714 -25.45 -68.27 -0.70
CA THR A 714 -26.76 -68.82 -1.11
C THR A 714 -27.71 -69.08 0.09
N ASN A 715 -27.17 -69.24 1.30
CA ASN A 715 -27.97 -69.20 2.53
C ASN A 715 -28.46 -67.79 2.80
N PRO A 716 -29.75 -67.61 3.06
CA PRO A 716 -30.12 -66.41 3.80
C PRO A 716 -29.66 -66.46 5.28
N ALA A 717 -29.31 -67.65 5.78
CA ALA A 717 -28.67 -67.78 7.11
C ALA A 717 -27.46 -66.88 7.24
N HIS A 718 -26.60 -66.91 6.22
CA HIS A 718 -25.30 -66.23 6.25
C HIS A 718 -25.43 -64.79 5.79
N VAL A 719 -26.20 -64.58 4.74
CA VAL A 719 -26.55 -63.22 4.29
C VAL A 719 -27.02 -62.42 5.50
N MET A 720 -28.05 -62.91 6.18
CA MET A 720 -28.60 -62.21 7.31
C MET A 720 -27.67 -62.18 8.56
N THR A 721 -26.86 -63.22 8.80
CA THR A 721 -25.90 -63.16 9.92
C THR A 721 -24.84 -62.06 9.69
N ALA A 722 -24.59 -61.70 8.42
CA ALA A 722 -23.69 -60.59 8.07
C ALA A 722 -24.37 -59.26 7.72
N ILE A 723 -25.65 -59.28 7.33
CA ILE A 723 -26.46 -58.05 7.22
C ILE A 723 -26.72 -57.45 8.59
N LYS A 724 -26.82 -58.30 9.62
CA LYS A 724 -27.05 -57.82 10.99
C LYS A 724 -25.74 -57.29 11.57
N ALA A 725 -24.66 -58.06 11.47
CA ALA A 725 -23.33 -57.60 11.88
C ALA A 725 -23.11 -56.18 11.38
N LEU A 726 -23.19 -56.04 10.06
CA LEU A 726 -23.04 -54.75 9.39
C LEU A 726 -23.92 -53.65 10.01
N SER A 727 -25.16 -53.97 10.30
CA SER A 727 -26.05 -53.02 10.94
C SER A 727 -25.67 -52.69 12.38
N THR A 728 -24.92 -53.58 13.04
CA THR A 728 -24.41 -53.31 14.39
C THR A 728 -23.25 -52.33 14.32
N GLU A 729 -22.35 -52.56 13.38
CA GLU A 729 -21.25 -51.64 13.12
C GLU A 729 -21.75 -50.27 12.68
N LEU A 730 -22.89 -50.22 12.01
CA LEU A 730 -23.52 -48.95 11.66
C LEU A 730 -23.98 -48.20 12.89
N GLU A 731 -24.53 -48.90 13.87
CA GLU A 731 -24.95 -48.23 15.11
C GLU A 731 -23.77 -47.73 15.94
N SER A 732 -22.65 -48.45 15.89
CA SER A 732 -21.40 -47.95 16.47
C SER A 732 -21.06 -46.61 15.85
N ILE A 733 -20.99 -46.61 14.52
CA ILE A 733 -20.67 -45.43 13.72
C ILE A 733 -21.67 -44.29 14.02
N LYS A 734 -22.93 -44.62 14.26
CA LYS A 734 -23.93 -43.59 14.50
C LYS A 734 -23.74 -42.97 15.88
N GLY A 735 -23.22 -43.73 16.84
CA GLY A 735 -22.95 -43.21 18.19
C GLY A 735 -21.70 -42.34 18.37
N ILE A 736 -20.79 -42.41 17.40
CA ILE A 736 -19.67 -41.49 17.27
C ILE A 736 -20.13 -40.23 16.56
N THR A 737 -20.98 -40.40 15.54
CA THR A 737 -21.59 -39.29 14.80
C THR A 737 -22.67 -38.54 15.58
N GLY A 738 -23.38 -39.27 16.44
CA GLY A 738 -24.49 -38.71 17.20
C GLY A 738 -24.10 -37.45 17.93
N PRO A 739 -23.23 -37.55 18.95
CA PRO A 739 -22.84 -36.36 19.73
C PRO A 739 -22.23 -35.22 18.87
N ILE A 740 -21.45 -35.59 17.85
CA ILE A 740 -20.86 -34.62 16.93
C ILE A 740 -21.96 -33.83 16.21
N ARG A 741 -23.11 -34.45 15.98
CA ARG A 741 -24.27 -33.78 15.40
C ARG A 741 -24.94 -32.79 16.37
N THR A 742 -25.24 -33.25 17.59
CA THR A 742 -26.01 -32.48 18.57
C THR A 742 -25.28 -31.22 19.02
N ASN A 743 -23.95 -31.32 19.12
CA ASN A 743 -23.09 -30.16 19.45
C ASN A 743 -22.84 -29.17 18.29
N ALA A 744 -23.15 -29.55 17.06
CA ALA A 744 -22.73 -28.79 15.88
C ALA A 744 -23.47 -27.48 15.75
N ASP A 745 -24.80 -27.57 15.66
CA ASP A 745 -25.67 -26.37 15.58
C ASP A 745 -25.40 -25.34 16.70
N LYS A 746 -25.06 -25.84 17.87
CA LYS A 746 -24.65 -25.00 18.99
C LYS A 746 -23.36 -24.23 18.71
N LEU A 747 -22.27 -24.95 18.47
CA LEU A 747 -20.95 -24.33 18.32
C LEU A 747 -20.80 -23.33 17.14
N LYS A 748 -21.69 -23.38 16.16
CA LYS A 748 -21.71 -22.39 15.04
C LYS A 748 -22.43 -21.11 15.38
N PHE A 749 -23.70 -21.25 15.77
CA PHE A 749 -24.58 -20.10 15.95
C PHE A 749 -23.90 -19.04 16.82
N ILE A 750 -23.01 -19.47 17.73
CA ILE A 750 -22.21 -18.56 18.55
C ILE A 750 -21.07 -17.89 17.75
N ASN A 751 -20.25 -18.67 17.05
CA ASN A 751 -18.98 -18.14 16.48
C ASN A 751 -19.02 -17.87 14.96
N ASP A 752 -20.20 -17.89 14.37
CA ASP A 752 -20.29 -17.72 12.92
C ASP A 752 -20.67 -16.27 12.57
N ILE A 753 -21.75 -15.81 13.19
CA ILE A 753 -22.16 -14.39 13.15
C ILE A 753 -21.10 -13.46 13.76
N ASP A 754 -20.30 -14.01 14.67
CA ASP A 754 -19.11 -13.36 15.25
C ASP A 754 -18.22 -12.50 14.32
N PRO A 755 -18.13 -11.16 14.58
CA PRO A 755 -17.12 -10.26 13.95
C PRO A 755 -15.67 -10.44 14.43
N VAL A 756 -14.72 -9.77 13.78
CA VAL A 756 -13.27 -10.03 13.98
C VAL A 756 -12.36 -8.79 14.25
N HIS A 757 -12.92 -7.58 14.22
CA HIS A 757 -12.25 -6.42 14.83
C HIS A 757 -12.35 -6.49 16.38
N LEU A 758 -13.43 -7.13 16.86
CA LEU A 758 -13.83 -7.11 18.28
C LEU A 758 -12.97 -8.00 19.23
N TYR A 759 -13.54 -8.37 20.38
CA TYR A 759 -12.80 -8.87 21.53
C TYR A 759 -13.81 -9.35 22.56
N ASN A 760 -13.35 -10.03 23.61
CA ASN A 760 -14.19 -10.32 24.79
C ASN A 760 -13.31 -10.30 26.06
N PRO A 761 -13.34 -9.18 26.83
CA PRO A 761 -12.53 -9.11 28.04
C PRO A 761 -13.32 -9.53 29.30
N THR A 762 -12.85 -10.55 30.00
CA THR A 762 -13.57 -11.10 31.17
C THR A 762 -12.66 -11.52 32.37
N PHE A 763 -11.48 -10.91 32.48
CA PHE A 763 -10.49 -11.30 33.51
C PHE A 763 -9.38 -10.25 33.65
N GLN A 764 -8.44 -10.48 34.56
CA GLN A 764 -7.37 -9.51 34.87
C GLN A 764 -6.02 -9.92 34.25
N GLY A 765 -5.06 -8.99 34.30
CA GLY A 765 -3.74 -9.14 33.66
C GLY A 765 -3.39 -7.92 32.79
N THR A 766 -2.33 -8.04 32.00
CA THR A 766 -1.83 -6.92 31.18
C THR A 766 -2.68 -6.70 29.91
N ALA A 767 -2.76 -5.44 29.45
CA ALA A 767 -3.52 -5.05 28.23
C ALA A 767 -3.29 -5.94 27.00
N ARG A 768 -2.04 -6.38 26.85
CA ARG A 768 -1.63 -7.30 25.77
C ARG A 768 -1.85 -8.77 26.08
N SER A 769 -1.72 -9.15 27.36
CA SER A 769 -2.02 -10.52 27.82
C SER A 769 -3.51 -10.82 28.05
N LYS A 770 -4.39 -9.81 27.95
CA LYS A 770 -5.84 -10.05 27.94
C LYS A 770 -6.17 -10.73 26.61
N ALA A 771 -5.93 -10.01 25.52
CA ALA A 771 -6.14 -10.51 24.17
C ALA A 771 -5.31 -11.76 23.85
N ALA A 772 -4.13 -11.88 24.46
CA ALA A 772 -3.25 -13.03 24.23
C ALA A 772 -3.83 -14.34 24.76
N GLN A 773 -4.54 -14.30 25.88
CA GLN A 773 -5.15 -15.51 26.44
C GLN A 773 -6.62 -15.70 26.05
N MET A 774 -7.26 -14.66 25.53
CA MET A 774 -8.47 -14.83 24.72
C MET A 774 -8.11 -15.44 23.35
N LYS A 775 -6.84 -15.34 22.95
CA LYS A 775 -6.30 -16.14 21.84
C LYS A 775 -6.24 -17.63 22.19
N GLU A 776 -5.66 -17.95 23.35
CA GLU A 776 -5.56 -19.33 23.84
C GLU A 776 -6.93 -20.02 23.91
N ARG A 777 -7.97 -19.26 24.20
CA ARG A 777 -9.33 -19.80 24.28
C ARG A 777 -9.90 -20.10 22.91
N TYR A 778 -9.68 -19.25 21.91
CA TYR A 778 -10.20 -19.54 20.56
C TYR A 778 -9.42 -20.66 19.90
N GLU A 779 -8.10 -20.64 19.98
CA GLU A 779 -7.32 -21.73 19.41
C GLU A 779 -7.53 -23.08 20.18
N GLY A 780 -8.04 -23.01 21.40
CA GLY A 780 -8.61 -24.20 22.06
C GLY A 780 -9.81 -24.78 21.30
N LEU A 781 -10.75 -23.93 20.91
CA LEU A 781 -11.88 -24.36 20.06
C LEU A 781 -11.43 -24.81 18.68
N SER A 782 -10.43 -24.15 18.11
CA SER A 782 -9.94 -24.56 16.80
C SER A 782 -9.37 -26.00 16.84
N ARG A 783 -8.85 -26.39 17.99
CA ARG A 783 -8.26 -27.71 18.16
C ARG A 783 -9.29 -28.78 18.52
N ASP A 784 -10.50 -28.37 18.94
CA ASP A 784 -11.64 -29.28 19.14
C ASP A 784 -12.25 -29.64 17.79
N CYS A 785 -12.46 -28.62 16.95
CA CYS A 785 -13.04 -28.81 15.61
C CYS A 785 -12.18 -29.64 14.71
N GLY A 786 -10.88 -29.41 14.75
CA GLY A 786 -9.94 -30.20 14.00
C GLY A 786 -10.09 -31.66 14.33
N LEU A 787 -10.25 -31.95 15.62
CA LEU A 787 -10.36 -33.32 16.08
C LEU A 787 -11.60 -33.97 15.50
N VAL A 788 -12.72 -33.25 15.63
CA VAL A 788 -14.00 -33.67 15.05
C VAL A 788 -13.79 -33.92 13.56
N VAL A 789 -13.19 -32.95 12.88
CA VAL A 789 -12.98 -33.03 11.44
C VAL A 789 -12.29 -34.36 11.11
N ASP A 790 -11.16 -34.64 11.77
CA ASP A 790 -10.43 -35.93 11.60
C ASP A 790 -11.35 -37.13 11.79
N GLN A 791 -12.22 -37.06 12.80
CA GLN A 791 -13.13 -38.15 13.14
C GLN A 791 -14.16 -38.39 12.04
N LEU A 792 -14.77 -37.32 11.55
CA LEU A 792 -15.73 -37.43 10.45
C LEU A 792 -15.02 -37.89 9.16
N ARG A 793 -13.78 -37.48 8.94
CA ARG A 793 -13.00 -37.97 7.80
C ARG A 793 -13.00 -39.50 7.80
N ARG A 794 -12.71 -40.08 8.97
CA ARG A 794 -12.65 -41.53 9.08
C ARG A 794 -14.00 -42.17 8.84
N GLN A 795 -15.08 -41.59 9.36
CA GLN A 795 -16.40 -42.19 9.18
C GLN A 795 -16.85 -42.24 7.71
N VAL A 796 -16.66 -41.15 6.95
CA VAL A 796 -16.97 -41.20 5.50
C VAL A 796 -16.16 -42.27 4.76
N VAL A 797 -14.93 -42.48 5.20
CA VAL A 797 -14.11 -43.55 4.62
C VAL A 797 -14.74 -44.90 5.00
N ALA A 798 -15.17 -45.03 6.24
CA ALA A 798 -15.77 -46.25 6.74
C ALA A 798 -17.08 -46.56 6.05
N LEU A 799 -17.97 -45.57 6.05
CA LEU A 799 -19.31 -45.73 5.50
C LEU A 799 -19.26 -46.15 4.04
N GLU A 800 -18.51 -45.41 3.24
CA GLU A 800 -18.23 -45.81 1.86
C GLU A 800 -17.78 -47.26 1.82
N GLY A 801 -16.76 -47.56 2.62
CA GLY A 801 -16.24 -48.92 2.81
C GLY A 801 -17.33 -49.97 2.95
N HIS A 802 -18.34 -49.65 3.78
CA HIS A 802 -19.45 -50.57 4.06
C HIS A 802 -20.41 -50.78 2.91
N LEU A 803 -20.92 -49.70 2.32
CA LEU A 803 -21.88 -49.86 1.24
C LEU A 803 -21.24 -50.09 -0.15
N LYS A 804 -19.91 -50.20 -0.19
CA LYS A 804 -19.23 -50.89 -1.29
C LYS A 804 -19.51 -52.37 -1.09
N SER A 805 -19.24 -52.81 0.14
CA SER A 805 -19.42 -54.19 0.60
C SER A 805 -20.84 -54.74 0.45
N LEU A 806 -21.84 -53.86 0.45
CA LEU A 806 -23.25 -54.23 0.27
C LEU A 806 -23.62 -54.33 -1.23
N PRO A 807 -24.06 -55.52 -1.71
CA PRO A 807 -24.63 -55.54 -3.08
C PRO A 807 -26.01 -54.85 -3.14
N LYS A 808 -26.51 -54.51 -4.34
CA LYS A 808 -27.52 -53.40 -4.49
C LYS A 808 -28.93 -53.76 -5.03
N GLU A 809 -29.77 -54.30 -4.14
CA GLU A 809 -31.08 -54.88 -4.48
C GLU A 809 -31.04 -56.04 -5.50
N GLY A 810 -29.90 -56.25 -6.14
CA GLY A 810 -29.81 -57.03 -7.35
C GLY A 810 -28.52 -57.80 -7.35
N GLU A 811 -28.55 -58.96 -8.02
CA GLU A 811 -27.42 -59.90 -8.05
C GLU A 811 -26.99 -60.29 -6.62
N PHE A 812 -27.97 -60.69 -5.80
CA PHE A 812 -27.73 -61.17 -4.42
C PHE A 812 -27.32 -62.63 -4.33
N LYS A 813 -27.71 -63.40 -5.34
CA LYS A 813 -27.28 -64.79 -5.52
C LYS A 813 -27.50 -65.57 -4.23
N ALA A 814 -28.78 -65.63 -3.84
CA ALA A 814 -29.23 -66.29 -2.62
C ALA A 814 -30.64 -66.84 -2.78
N ALA A 815 -30.90 -67.96 -2.11
CA ALA A 815 -32.24 -68.56 -2.01
C ALA A 815 -33.25 -67.56 -1.44
N GLY A 816 -34.54 -67.89 -1.53
CA GLY A 816 -35.65 -66.97 -1.24
C GLY A 816 -35.46 -66.00 -0.07
N LEU A 817 -35.74 -64.73 -0.32
CA LEU A 817 -35.70 -63.71 0.73
C LEU A 817 -37.13 -63.29 0.99
N THR A 818 -37.51 -63.33 2.26
CA THR A 818 -38.87 -62.98 2.69
C THR A 818 -39.12 -61.48 2.49
N LEU A 819 -40.38 -61.05 2.56
CA LEU A 819 -40.68 -59.60 2.45
C LEU A 819 -40.18 -58.77 3.66
N GLU A 820 -39.93 -59.40 4.81
CA GLU A 820 -39.29 -58.71 5.95
C GLU A 820 -37.76 -58.67 5.76
N GLN A 821 -37.17 -59.77 5.27
CA GLN A 821 -35.72 -59.81 4.98
C GLN A 821 -35.32 -58.79 3.89
N LYS A 822 -35.92 -58.88 2.70
CA LYS A 822 -35.64 -57.92 1.62
C LYS A 822 -36.01 -56.45 1.90
N ALA A 823 -36.94 -56.20 2.83
CA ALA A 823 -37.24 -54.81 3.30
C ALA A 823 -36.31 -54.34 4.42
N GLU A 824 -35.55 -55.26 5.00
CA GLU A 824 -34.53 -54.95 6.01
C GLU A 824 -33.20 -54.61 5.34
N ILE A 825 -32.80 -55.38 4.33
CA ILE A 825 -31.53 -55.08 3.62
C ILE A 825 -31.64 -53.76 2.87
N LYS A 826 -32.82 -53.46 2.34
CA LYS A 826 -33.06 -52.16 1.71
C LYS A 826 -33.10 -51.02 2.74
N LYS A 827 -33.61 -51.33 3.94
CA LYS A 827 -33.53 -50.40 5.11
C LYS A 827 -32.07 -49.99 5.36
N LEU A 828 -31.19 -50.97 5.29
CA LEU A 828 -29.78 -50.75 5.58
C LEU A 828 -29.18 -49.77 4.58
N ARG A 829 -29.17 -50.12 3.28
CA ARG A 829 -28.65 -49.23 2.24
C ARG A 829 -29.07 -47.79 2.49
N THR A 830 -30.38 -47.57 2.61
CA THR A 830 -30.89 -46.20 2.65
C THR A 830 -30.40 -45.47 3.90
N ASP A 831 -30.42 -46.18 5.04
CA ASP A 831 -29.84 -45.69 6.32
C ASP A 831 -28.34 -45.39 6.22
N LEU A 832 -27.60 -46.25 5.52
CA LEU A 832 -26.18 -46.03 5.29
C LEU A 832 -25.94 -44.77 4.45
N GLU A 833 -26.54 -44.71 3.28
CA GLU A 833 -26.47 -43.50 2.46
C GLU A 833 -27.04 -42.26 3.21
N ALA A 834 -28.07 -42.46 4.03
CA ALA A 834 -28.68 -41.35 4.77
C ALA A 834 -27.82 -40.84 5.90
N GLU A 835 -26.86 -41.67 6.36
CA GLU A 835 -25.87 -41.25 7.34
C GLU A 835 -24.72 -40.59 6.60
N LEU A 836 -24.12 -41.31 5.65
CA LEU A 836 -23.02 -40.77 4.84
C LEU A 836 -23.36 -39.36 4.37
N SER A 837 -24.50 -39.22 3.72
CA SER A 837 -25.01 -37.91 3.32
C SER A 837 -25.03 -36.98 4.52
N ALA A 838 -25.62 -37.42 5.61
CA ALA A 838 -25.75 -36.58 6.79
C ALA A 838 -24.40 -36.12 7.34
N VAL A 839 -23.43 -37.05 7.43
CA VAL A 839 -22.16 -36.74 8.11
C VAL A 839 -21.44 -35.66 7.34
N ARG A 840 -21.51 -35.73 6.02
CA ARG A 840 -20.98 -34.70 5.15
C ARG A 840 -21.48 -33.30 5.55
N GLU A 841 -22.77 -33.13 5.86
CA GLU A 841 -23.27 -31.83 6.38
C GLU A 841 -22.21 -31.33 7.34
N ASP A 842 -21.95 -32.16 8.34
CA ASP A 842 -21.18 -31.78 9.50
C ASP A 842 -19.71 -31.58 9.15
N LEU A 843 -19.18 -32.44 8.28
CA LEU A 843 -17.78 -32.34 7.87
C LEU A 843 -17.55 -30.99 7.23
N ASP A 844 -18.36 -30.67 6.22
CA ASP A 844 -18.38 -29.34 5.59
C ASP A 844 -18.42 -28.27 6.65
N PHE A 845 -19.47 -28.33 7.43
CA PHE A 845 -19.76 -27.35 8.45
C PHE A 845 -18.63 -27.16 9.46
N TYR A 846 -18.06 -28.26 9.94
CA TYR A 846 -17.03 -28.19 10.97
C TYR A 846 -15.77 -27.55 10.38
N LYS A 847 -15.47 -27.84 9.12
CA LYS A 847 -14.37 -27.18 8.40
C LYS A 847 -14.58 -25.68 8.24
N LYS A 848 -15.82 -25.27 7.99
CA LYS A 848 -16.14 -23.86 7.90
C LYS A 848 -15.78 -23.20 9.22
N ILE A 849 -16.18 -23.86 10.32
CA ILE A 849 -15.85 -23.38 11.65
C ILE A 849 -14.36 -23.45 11.97
N GLN A 850 -13.71 -24.52 11.52
CA GLN A 850 -12.26 -24.64 11.55
C GLN A 850 -11.67 -23.37 10.96
N GLY A 851 -11.92 -23.15 9.68
CA GLY A 851 -11.39 -21.99 8.97
C GLY A 851 -11.76 -20.71 9.68
N LYS A 852 -13.04 -20.54 9.99
CA LYS A 852 -13.56 -19.34 10.63
C LYS A 852 -12.67 -18.96 11.84
N LEU A 853 -12.25 -19.95 12.62
CA LEU A 853 -11.35 -19.69 13.76
C LEU A 853 -9.92 -19.28 13.36
N GLU A 854 -9.30 -20.03 12.44
CA GLU A 854 -7.97 -19.66 11.89
C GLU A 854 -7.89 -18.19 11.47
N THR A 855 -8.95 -17.66 10.88
CA THR A 855 -8.97 -16.26 10.49
C THR A 855 -9.22 -15.34 11.70
N ILE A 856 -9.94 -15.81 12.73
CA ILE A 856 -10.07 -15.04 14.00
C ILE A 856 -8.79 -15.08 14.86
N VAL A 857 -8.13 -16.24 14.92
CA VAL A 857 -6.92 -16.39 15.71
C VAL A 857 -5.73 -15.58 15.15
N LYS A 858 -5.60 -15.49 13.83
CA LYS A 858 -4.52 -14.71 13.18
C LYS A 858 -4.90 -13.24 12.90
N GLU A 859 -6.08 -12.82 13.34
CA GLU A 859 -6.42 -11.39 13.50
C GLU A 859 -6.14 -10.87 14.92
N VAL A 860 -6.19 -11.77 15.92
CA VAL A 860 -5.73 -11.44 17.27
C VAL A 860 -4.20 -11.31 17.31
N ASP A 861 -3.51 -11.95 16.37
CA ASP A 861 -2.04 -11.84 16.20
C ASP A 861 -1.65 -10.44 15.72
N VAL A 862 -2.19 -10.05 14.56
CA VAL A 862 -1.94 -8.74 13.98
C VAL A 862 -2.50 -7.62 14.92
N ALA A 863 -3.62 -7.88 15.59
CA ALA A 863 -4.16 -6.95 16.60
C ALA A 863 -3.30 -6.87 17.88
N ALA A 864 -3.28 -7.95 18.67
CA ALA A 864 -2.52 -8.00 19.94
C ALA A 864 -1.18 -8.70 19.73
N MET B 2 -99.71 -14.75 94.37
CA MET B 2 -99.55 -15.98 93.52
C MET B 2 -98.08 -16.21 93.13
N ILE B 3 -97.83 -17.10 92.15
CA ILE B 3 -96.48 -17.35 91.63
C ILE B 3 -96.56 -17.46 90.10
N LEU B 4 -95.57 -16.88 89.41
CA LEU B 4 -95.37 -17.02 87.96
C LEU B 4 -93.97 -17.61 87.74
N GLU B 5 -93.89 -18.82 87.15
CA GLU B 5 -92.60 -19.47 86.85
C GLU B 5 -92.45 -19.66 85.31
N GLU B 6 -91.26 -20.03 84.86
CA GLU B 6 -91.01 -20.27 83.43
C GLU B 6 -91.73 -21.54 83.01
N TYR B 7 -92.12 -21.61 81.74
CA TYR B 7 -92.76 -22.80 81.16
C TYR B 7 -91.83 -24.03 81.24
N ILE B 8 -92.28 -25.06 81.98
CA ILE B 8 -91.56 -26.33 82.03
C ILE B 8 -92.42 -27.42 81.39
N ARG B 9 -91.77 -28.20 80.52
CA ARG B 9 -92.44 -29.18 79.66
C ARG B 9 -92.33 -30.59 80.25
N MET B 10 -93.48 -31.26 80.38
CA MET B 10 -93.54 -32.65 80.79
C MET B 10 -93.80 -33.56 79.59
N ALA B 11 -94.61 -33.09 78.64
CA ALA B 11 -94.98 -33.89 77.47
C ALA B 11 -93.80 -34.23 76.54
N LYS B 12 -93.98 -35.29 75.76
CA LYS B 12 -92.90 -35.90 74.98
C LYS B 12 -92.77 -35.37 73.54
N ASN B 13 -93.36 -34.20 73.25
CA ASN B 13 -93.26 -33.56 71.92
C ASN B 13 -91.83 -33.31 71.46
N LYS B 14 -90.92 -33.02 72.40
CA LYS B 14 -89.49 -32.87 72.10
C LYS B 14 -88.89 -34.25 71.90
N GLU B 15 -88.92 -35.07 72.94
CA GLU B 15 -88.25 -36.38 72.90
C GLU B 15 -88.54 -37.15 71.59
N PHE B 16 -89.70 -36.91 70.96
CA PHE B 16 -89.96 -37.43 69.62
C PHE B 16 -89.14 -36.72 68.56
N PHE B 17 -89.36 -35.43 68.39
CA PHE B 17 -88.59 -34.62 67.45
C PHE B 17 -87.10 -34.97 67.51
N ASP B 18 -86.53 -35.00 68.72
CA ASP B 18 -85.14 -35.42 68.95
C ASP B 18 -84.86 -36.87 68.52
N ALA B 19 -85.72 -37.80 68.90
CA ALA B 19 -85.54 -39.22 68.53
C ALA B 19 -85.74 -39.49 67.04
N LEU B 20 -86.64 -38.76 66.39
CA LEU B 20 -86.76 -38.86 64.94
C LEU B 20 -85.46 -38.44 64.25
N GLU B 21 -84.75 -37.47 64.82
CA GLU B 21 -83.51 -36.97 64.24
C GLU B 21 -82.35 -37.93 64.48
N GLU B 22 -82.30 -38.56 65.65
CA GLU B 22 -81.29 -39.59 65.91
C GLU B 22 -81.47 -40.78 64.99
N ILE B 23 -82.71 -41.21 64.84
CA ILE B 23 -83.00 -42.43 64.11
C ILE B 23 -82.70 -42.28 62.62
N ALA B 24 -82.89 -41.09 62.08
CA ALA B 24 -82.48 -40.82 60.69
C ALA B 24 -81.00 -41.02 60.54
N GLU B 25 -80.21 -40.50 61.50
CA GLU B 25 -78.73 -40.58 61.43
C GLU B 25 -78.27 -42.04 61.46
N SER B 26 -78.90 -42.86 62.27
CA SER B 26 -78.59 -44.29 62.27
C SER B 26 -78.85 -44.89 60.89
N ALA B 27 -80.00 -44.54 60.30
CA ALA B 27 -80.43 -45.14 59.04
C ALA B 27 -79.84 -44.53 57.79
N LYS B 28 -78.71 -43.84 57.91
CA LYS B 28 -77.86 -43.60 56.76
C LYS B 28 -77.12 -44.90 56.41
N ASN B 29 -76.95 -45.80 57.39
CA ASN B 29 -76.29 -47.10 57.20
C ASN B 29 -77.05 -48.29 57.78
N ASP B 30 -78.34 -48.41 57.45
CA ASP B 30 -79.13 -49.59 57.86
C ASP B 30 -80.39 -49.69 56.99
N GLU B 31 -80.25 -50.37 55.86
CA GLU B 31 -81.27 -50.33 54.82
C GLU B 31 -82.67 -50.77 55.30
N THR B 32 -82.73 -51.72 56.22
CA THR B 32 -84.02 -52.12 56.79
C THR B 32 -84.57 -50.98 57.66
N LEU B 33 -83.74 -50.42 58.54
CA LEU B 33 -84.22 -49.33 59.42
C LEU B 33 -84.48 -48.03 58.66
N ARG B 34 -83.87 -47.84 57.50
CA ARG B 34 -84.24 -46.76 56.59
C ARG B 34 -85.67 -46.95 56.11
N ASN B 35 -86.06 -48.22 55.88
CA ASN B 35 -87.42 -48.55 55.49
C ASN B 35 -88.42 -48.53 56.67
N GLU B 36 -87.97 -48.88 57.88
CA GLU B 36 -88.82 -48.74 59.07
C GLU B 36 -89.21 -47.28 59.22
N LEU B 37 -88.21 -46.42 59.29
CA LEU B 37 -88.41 -44.97 59.47
C LEU B 37 -89.25 -44.38 58.36
N ALA B 38 -89.07 -44.89 57.14
CA ALA B 38 -89.82 -44.40 55.98
C ALA B 38 -91.32 -44.52 56.18
N LYS B 39 -91.74 -45.70 56.62
CA LYS B 39 -93.15 -45.99 56.90
C LYS B 39 -93.67 -45.10 58.02
N VAL B 40 -92.97 -45.12 59.15
CA VAL B 40 -93.27 -44.29 60.33
C VAL B 40 -93.44 -42.80 60.00
N LEU B 41 -92.57 -42.28 59.15
CA LEU B 41 -92.67 -40.90 58.68
C LEU B 41 -93.86 -40.75 57.77
N ASP B 42 -93.98 -41.68 56.82
CA ASP B 42 -95.05 -41.64 55.84
C ASP B 42 -96.42 -41.62 56.49
N ASP B 43 -96.58 -42.43 57.55
CA ASP B 43 -97.81 -42.53 58.37
C ASP B 43 -98.17 -41.20 59.01
N ILE B 44 -97.19 -40.62 59.70
CA ILE B 44 -97.33 -39.29 60.31
C ILE B 44 -97.80 -38.30 59.24
N LEU B 45 -97.19 -38.36 58.08
CA LEU B 45 -97.51 -37.40 57.02
C LEU B 45 -98.95 -37.54 56.48
N LYS B 46 -99.52 -38.75 56.44
CA LYS B 46 -100.91 -38.99 56.00
C LYS B 46 -101.87 -38.24 56.91
N THR B 47 -101.58 -38.32 58.20
CA THR B 47 -102.43 -37.79 59.24
C THR B 47 -102.54 -36.27 59.16
N ASP B 48 -103.71 -35.77 59.49
CA ASP B 48 -103.96 -34.36 59.66
C ASP B 48 -103.32 -33.95 60.98
N PRO B 49 -102.41 -32.97 60.96
CA PRO B 49 -101.83 -32.50 62.22
C PRO B 49 -102.81 -31.80 63.15
N SER B 50 -103.80 -31.10 62.60
CA SER B 50 -104.78 -30.39 63.43
C SER B 50 -105.74 -31.30 64.18
N ASP B 51 -106.17 -32.42 63.58
CA ASP B 51 -106.99 -33.45 64.25
C ASP B 51 -106.19 -34.14 65.37
N PRO B 52 -106.21 -33.56 66.59
CA PRO B 52 -105.19 -33.96 67.54
C PRO B 52 -105.34 -35.40 68.03
N GLU B 53 -106.55 -35.98 67.93
CA GLU B 53 -106.77 -37.38 68.27
C GLU B 53 -106.03 -38.32 67.33
N ALA B 54 -106.19 -38.10 66.02
CA ALA B 54 -105.59 -38.97 65.00
C ALA B 54 -104.08 -38.86 65.06
N PHE B 55 -103.59 -37.63 65.14
CA PHE B 55 -102.16 -37.37 65.26
C PHE B 55 -101.54 -38.14 66.45
N ARG B 56 -102.06 -37.93 67.66
CA ARG B 56 -101.65 -38.74 68.83
C ARG B 56 -101.75 -40.22 68.56
N LYS B 57 -102.87 -40.62 67.95
CA LYS B 57 -103.18 -42.02 67.70
C LYS B 57 -102.12 -42.66 66.84
N ILE B 58 -101.80 -42.02 65.70
CA ILE B 58 -100.89 -42.57 64.70
C ILE B 58 -99.47 -42.69 65.22
N VAL B 59 -99.08 -41.78 66.11
CA VAL B 59 -97.80 -41.86 66.80
C VAL B 59 -97.82 -42.99 67.82
N ALA B 60 -98.93 -43.11 68.55
CA ALA B 60 -99.06 -44.17 69.55
C ALA B 60 -99.13 -45.57 68.92
N GLU B 61 -99.60 -45.65 67.68
CA GLU B 61 -99.70 -46.91 66.94
C GLU B 61 -98.35 -47.50 66.52
N HIS B 62 -97.23 -46.75 66.66
CA HIS B 62 -95.89 -47.25 66.33
C HIS B 62 -95.02 -47.49 67.59
N GLN B 63 -95.64 -47.98 68.67
CA GLN B 63 -94.92 -48.11 69.96
C GLN B 63 -93.79 -49.15 69.88
N GLU B 64 -94.01 -50.23 69.13
CA GLU B 64 -92.92 -51.17 68.79
C GLU B 64 -91.73 -50.41 68.19
N PHE B 65 -91.98 -49.57 67.19
CA PHE B 65 -90.89 -48.81 66.55
C PHE B 65 -90.15 -47.93 67.55
N TRP B 66 -90.89 -47.02 68.21
CA TRP B 66 -90.26 -46.10 69.17
C TRP B 66 -89.50 -46.88 70.24
N ASP B 67 -90.07 -48.01 70.67
CA ASP B 67 -89.48 -48.79 71.76
C ASP B 67 -88.23 -49.57 71.35
N GLU B 68 -87.96 -49.72 70.05
CA GLU B 68 -86.64 -50.23 69.64
C GLU B 68 -85.49 -49.17 69.83
N HIS B 69 -85.74 -47.87 69.61
CA HIS B 69 -84.71 -46.83 69.82
C HIS B 69 -84.56 -46.33 71.28
N ASP B 70 -85.69 -46.07 71.94
CA ASP B 70 -85.69 -45.65 73.34
C ASP B 70 -87.08 -45.86 73.92
N PRO B 71 -87.25 -46.82 74.87
CA PRO B 71 -88.62 -47.08 75.36
C PRO B 71 -89.18 -45.96 76.25
N SER B 72 -88.32 -45.04 76.70
CA SER B 72 -88.73 -43.81 77.39
C SER B 72 -89.90 -43.08 76.75
N LEU B 73 -89.92 -43.02 75.41
CA LEU B 73 -90.97 -42.30 74.67
C LEU B 73 -92.40 -42.77 74.97
N MET B 74 -92.61 -44.09 75.06
CA MET B 74 -93.91 -44.69 75.43
C MET B 74 -93.95 -45.19 76.88
N GLU B 75 -93.06 -44.69 77.73
CA GLU B 75 -93.06 -45.05 79.13
C GLU B 75 -94.20 -44.30 79.80
N PHE B 76 -94.85 -44.97 80.74
CA PHE B 76 -95.82 -44.34 81.62
C PHE B 76 -96.06 -45.27 82.81
N ASN B 77 -95.56 -44.84 83.96
CA ASN B 77 -95.92 -45.41 85.26
C ASN B 77 -96.87 -44.42 85.94
N GLU B 78 -97.93 -44.92 86.58
CA GLU B 78 -98.67 -44.09 87.55
C GLU B 78 -97.84 -43.93 88.82
N GLY B 79 -97.22 -45.03 89.27
CA GLY B 79 -96.35 -45.04 90.45
C GLY B 79 -96.92 -44.46 91.74
N ARG B 80 -98.25 -44.23 91.78
CA ARG B 80 -98.91 -43.40 92.80
C ARG B 80 -100.41 -43.71 92.92
N PHE B 81 -101.02 -43.12 93.95
CA PHE B 81 -102.39 -43.44 94.40
C PHE B 81 -103.44 -42.59 93.68
N PHE B 82 -103.04 -41.41 93.22
CA PHE B 82 -103.79 -40.61 92.23
C PHE B 82 -103.15 -40.77 90.85
N GLY B 83 -103.91 -40.55 89.78
CA GLY B 83 -103.32 -40.54 88.42
C GLY B 83 -104.22 -40.79 87.22
N LYS B 84 -103.64 -40.59 86.04
CA LYS B 84 -104.24 -41.01 84.75
C LYS B 84 -103.99 -42.50 84.52
N SER B 85 -104.79 -43.12 83.66
CA SER B 85 -104.50 -44.47 83.16
C SER B 85 -103.73 -44.43 81.85
N ARG B 86 -103.10 -45.55 81.52
CA ARG B 86 -102.31 -45.66 80.29
C ARG B 86 -103.18 -45.63 79.04
N LYS B 87 -104.46 -45.95 79.20
CA LYS B 87 -105.46 -45.74 78.15
C LYS B 87 -105.66 -44.24 77.94
N GLN B 88 -105.87 -43.51 79.04
CA GLN B 88 -106.10 -42.05 79.01
C GLN B 88 -104.85 -41.25 78.64
N TYR B 89 -103.67 -41.71 79.09
CA TYR B 89 -102.42 -41.00 78.82
C TYR B 89 -102.16 -40.79 77.32
N LEU B 90 -102.26 -41.86 76.55
CA LEU B 90 -102.01 -41.81 75.09
C LEU B 90 -103.04 -40.98 74.30
N LYS B 91 -104.23 -40.81 74.90
CA LYS B 91 -105.24 -39.85 74.43
C LYS B 91 -104.98 -38.43 74.97
N SER B 92 -104.31 -38.33 76.12
CA SER B 92 -104.17 -37.06 76.85
C SER B 92 -103.20 -36.05 76.23
N ASP B 93 -103.29 -34.83 76.76
CA ASP B 93 -102.38 -33.73 76.41
C ASP B 93 -101.07 -33.77 77.21
N ASP B 94 -101.00 -34.67 78.20
CA ASP B 94 -99.81 -34.81 79.05
C ASP B 94 -98.74 -35.66 78.35
N PHE B 95 -99.14 -36.39 77.30
CA PHE B 95 -98.27 -37.30 76.52
C PHE B 95 -97.75 -36.66 75.26
N LEU B 96 -98.67 -36.14 74.45
CA LEU B 96 -98.33 -35.33 73.30
C LEU B 96 -99.10 -34.02 73.37
N ASN B 97 -98.44 -33.00 73.92
CA ASN B 97 -99.07 -31.71 74.20
C ASN B 97 -99.34 -31.02 72.86
N SER B 98 -100.61 -30.87 72.52
CA SER B 98 -100.99 -30.27 71.24
C SER B 98 -100.85 -28.74 71.23
N THR B 99 -100.68 -28.11 72.38
CA THR B 99 -100.53 -26.65 72.43
C THR B 99 -99.07 -26.20 72.45
N ASP B 100 -98.13 -27.14 72.25
CA ASP B 100 -96.71 -26.94 72.59
C ASP B 100 -96.15 -25.66 71.96
N PRO B 101 -95.45 -24.85 72.77
CA PRO B 101 -95.05 -23.56 72.24
C PRO B 101 -93.97 -23.61 71.14
N THR B 102 -93.26 -24.73 71.02
CA THR B 102 -92.20 -24.87 70.02
C THR B 102 -92.18 -26.17 69.21
N TYR B 103 -92.80 -27.25 69.69
CA TYR B 103 -92.84 -28.54 68.96
C TYR B 103 -94.26 -29.10 68.84
N ASN B 104 -95.18 -28.24 68.42
CA ASN B 104 -96.60 -28.63 68.37
C ASN B 104 -96.88 -29.52 67.18
N PHE B 105 -98.09 -30.02 67.10
CA PHE B 105 -98.47 -30.99 66.06
C PHE B 105 -98.28 -30.59 64.59
N GLN B 106 -98.52 -29.34 64.23
CA GLN B 106 -98.25 -28.88 62.85
C GLN B 106 -96.75 -28.83 62.67
N LYS B 107 -96.06 -28.43 63.74
CA LYS B 107 -94.62 -28.20 63.72
C LYS B 107 -93.80 -29.49 63.63
N LEU B 108 -94.36 -30.65 63.97
CA LEU B 108 -93.59 -31.88 63.74
C LEU B 108 -94.12 -32.77 62.62
N HIS B 109 -95.28 -32.39 62.06
CA HIS B 109 -95.74 -32.86 60.73
C HIS B 109 -94.81 -32.34 59.66
N GLN B 110 -94.45 -31.06 59.77
CA GLN B 110 -93.48 -30.43 58.88
C GLN B 110 -92.08 -30.98 59.09
N PHE B 111 -91.73 -31.21 60.36
CA PHE B 111 -90.45 -31.78 60.67
C PHE B 111 -90.36 -33.13 60.01
N ALA B 112 -91.42 -33.91 60.10
CA ALA B 112 -91.41 -35.21 59.48
C ALA B 112 -91.30 -35.10 57.97
N ALA B 113 -91.94 -34.11 57.36
CA ALA B 113 -91.81 -33.92 55.92
C ALA B 113 -90.36 -33.71 55.55
N GLU B 114 -89.73 -32.75 56.21
CA GLU B 114 -88.31 -32.44 55.98
C GLU B 114 -87.51 -33.74 56.11
N GLN B 115 -87.63 -34.41 57.25
CA GLN B 115 -86.92 -35.68 57.47
C GLN B 115 -87.15 -36.73 56.40
N ARG B 116 -88.33 -36.72 55.81
CA ARG B 116 -88.71 -37.69 54.81
C ARG B 116 -87.89 -37.52 53.54
N VAL B 117 -87.94 -36.35 52.92
CA VAL B 117 -87.09 -36.04 51.75
C VAL B 117 -85.63 -36.27 52.08
N LYS B 118 -85.19 -35.84 53.25
CA LYS B 118 -83.79 -36.03 53.65
C LYS B 118 -83.40 -37.50 53.68
N LEU B 119 -84.27 -38.35 54.23
CA LEU B 119 -84.06 -39.81 54.26
C LEU B 119 -83.76 -40.39 52.88
N GLY B 120 -84.46 -39.87 51.87
CA GLY B 120 -84.35 -40.34 50.49
C GLY B 120 -83.33 -39.70 49.57
N LEU B 121 -82.70 -38.61 50.01
CA LEU B 121 -81.52 -38.07 49.31
C LEU B 121 -80.30 -38.88 49.63
N GLU B 122 -80.32 -39.54 50.79
CA GLU B 122 -79.14 -40.19 51.31
C GLU B 122 -78.56 -41.28 50.43
N LYS B 123 -79.41 -41.91 49.60
CA LYS B 123 -78.97 -42.89 48.62
C LYS B 123 -79.46 -42.51 47.20
N SER B 124 -79.74 -41.23 46.98
CA SER B 124 -80.22 -40.75 45.67
C SER B 124 -79.06 -40.65 44.66
N ASP B 125 -79.36 -40.96 43.41
CA ASP B 125 -78.37 -40.84 42.35
C ASP B 125 -77.99 -39.37 42.13
N THR B 126 -76.95 -39.16 41.33
CA THR B 126 -76.35 -37.84 41.12
C THR B 126 -77.30 -36.84 40.47
N ASP B 127 -78.18 -37.35 39.61
CA ASP B 127 -79.09 -36.52 38.84
C ASP B 127 -80.13 -35.80 39.70
N THR B 128 -80.73 -36.50 40.65
CA THR B 128 -81.78 -35.89 41.49
C THR B 128 -81.16 -34.81 42.38
N LEU B 129 -79.99 -35.10 42.94
CA LEU B 129 -79.17 -34.10 43.65
C LEU B 129 -79.02 -32.79 42.85
N VAL B 130 -78.66 -32.91 41.58
CA VAL B 130 -78.51 -31.73 40.73
C VAL B 130 -79.85 -31.03 40.46
N ALA B 131 -80.89 -31.81 40.20
CA ALA B 131 -82.22 -31.27 39.98
C ALA B 131 -82.80 -30.59 41.23
N ILE B 132 -82.38 -31.03 42.40
CA ILE B 132 -82.83 -30.40 43.64
C ILE B 132 -82.16 -29.06 43.84
N LEU B 133 -80.87 -28.96 43.53
CA LEU B 133 -80.20 -27.64 43.64
C LEU B 133 -80.34 -26.81 42.37
N LYS B 134 -80.73 -27.43 41.25
CA LYS B 134 -81.10 -26.66 40.05
C LYS B 134 -82.43 -25.92 40.22
N ASN B 135 -83.39 -26.50 40.96
CA ASN B 135 -84.77 -25.98 41.00
C ASN B 135 -85.03 -25.02 42.17
N ASN B 136 -85.75 -23.94 41.88
CA ASN B 136 -86.13 -22.96 42.90
C ASN B 136 -87.19 -23.56 43.85
N PRO B 137 -87.36 -23.01 45.06
CA PRO B 137 -88.16 -23.69 46.07
C PRO B 137 -89.46 -24.32 45.55
N GLU B 138 -90.31 -23.53 44.89
CA GLU B 138 -91.61 -24.04 44.38
C GLU B 138 -91.40 -25.23 43.46
N GLU B 139 -90.74 -24.98 42.34
CA GLU B 139 -90.46 -26.01 41.35
C GLU B 139 -89.63 -27.19 41.87
N CYS B 140 -88.91 -26.98 42.97
CA CYS B 140 -88.30 -28.08 43.73
C CYS B 140 -89.37 -28.96 44.41
N ARG B 141 -90.42 -28.35 44.97
CA ARG B 141 -91.51 -29.13 45.58
C ARG B 141 -92.09 -30.05 44.53
N ALA B 142 -92.50 -29.46 43.41
CA ALA B 142 -93.01 -30.22 42.26
C ALA B 142 -92.09 -31.39 41.88
N TYR B 143 -90.77 -31.17 41.95
CA TYR B 143 -89.80 -32.21 41.64
C TYR B 143 -89.92 -33.36 42.59
N ILE B 144 -90.14 -33.05 43.86
CA ILE B 144 -90.23 -34.07 44.88
C ILE B 144 -91.44 -34.99 44.61
N GLU B 145 -92.59 -34.40 44.26
CA GLU B 145 -93.80 -35.17 43.87
C GLU B 145 -93.55 -36.00 42.63
N SER B 146 -92.96 -35.37 41.63
CA SER B 146 -92.45 -36.03 40.43
C SER B 146 -91.64 -37.31 40.72
N LYS B 147 -90.82 -37.31 41.77
CA LYS B 147 -90.03 -38.48 42.16
C LYS B 147 -90.74 -39.50 43.07
N LYS B 148 -92.05 -39.32 43.27
CA LYS B 148 -92.89 -40.21 44.11
C LYS B 148 -92.59 -41.68 43.81
N PRO B 149 -92.30 -42.50 44.85
CA PRO B 149 -92.22 -42.31 46.28
C PRO B 149 -90.79 -42.18 46.82
N GLY B 150 -89.80 -42.02 45.95
CA GLY B 150 -88.39 -42.10 46.38
C GLY B 150 -87.94 -41.10 47.42
N LEU B 151 -88.52 -39.91 47.36
CA LEU B 151 -88.31 -38.87 48.33
C LEU B 151 -89.59 -38.72 49.13
N GLY B 152 -90.25 -39.84 49.44
CA GLY B 152 -91.54 -39.81 50.13
C GLY B 152 -92.72 -39.63 49.19
N ASN B 153 -93.89 -39.54 49.79
CA ASN B 153 -95.14 -39.83 49.11
C ASN B 153 -95.94 -38.57 48.68
N PHE B 154 -95.25 -37.50 48.35
CA PHE B 154 -95.86 -36.18 48.41
C PHE B 154 -96.81 -35.86 47.25
N SER B 155 -98.04 -36.33 47.32
CA SER B 155 -99.09 -36.00 46.33
C SER B 155 -100.38 -35.59 47.04
N GLU B 156 -101.38 -35.14 46.28
CA GLU B 156 -102.68 -34.77 46.85
C GLU B 156 -103.26 -36.03 47.48
N GLY B 157 -103.54 -35.96 48.79
CA GLY B 157 -104.22 -37.02 49.50
C GLY B 157 -103.34 -37.97 50.26
N ASN B 158 -102.09 -38.12 49.81
CA ASN B 158 -101.14 -38.95 50.54
C ASN B 158 -100.35 -38.18 51.62
N VAL B 159 -100.37 -36.85 51.57
CA VAL B 159 -99.70 -36.04 52.59
C VAL B 159 -100.66 -34.89 52.89
N HIS B 160 -101.02 -34.71 54.15
CA HIS B 160 -102.19 -33.89 54.49
C HIS B 160 -102.26 -32.59 53.71
N GLY B 161 -101.31 -31.68 53.95
CA GLY B 161 -101.36 -30.36 53.33
C GLY B 161 -101.18 -30.24 51.82
N TRP B 162 -100.78 -31.32 51.13
CA TRP B 162 -100.21 -31.19 49.78
C TRP B 162 -101.21 -30.66 48.79
N LEU B 163 -100.82 -29.66 48.02
CA LEU B 163 -101.75 -28.97 47.13
C LEU B 163 -101.73 -29.50 45.69
N LYS B 164 -102.69 -29.04 44.89
CA LYS B 164 -102.74 -29.32 43.44
C LYS B 164 -101.57 -28.60 42.76
N GLU B 165 -100.88 -29.36 41.91
CA GLU B 165 -99.76 -28.84 41.13
C GLU B 165 -100.25 -27.76 40.18
N GLU B 166 -99.75 -26.55 40.36
CA GLU B 166 -100.05 -25.42 39.49
C GLU B 166 -98.90 -25.31 38.47
N TYR B 167 -98.96 -24.30 37.58
CA TYR B 167 -97.98 -24.17 36.49
C TYR B 167 -97.67 -22.73 36.14
N THR B 168 -96.45 -22.50 35.63
CA THR B 168 -95.94 -21.15 35.36
C THR B 168 -96.39 -20.62 33.99
N PRO B 169 -96.56 -19.29 33.88
CA PRO B 169 -96.96 -18.64 32.61
C PRO B 169 -95.89 -18.63 31.51
N THR B 170 -94.62 -18.83 31.89
CA THR B 170 -93.51 -19.11 30.96
C THR B 170 -93.85 -20.03 29.80
N ILE B 171 -93.06 -19.91 28.74
CA ILE B 171 -93.41 -20.42 27.41
C ILE B 171 -93.40 -21.95 27.29
N PRO B 172 -92.33 -22.64 27.75
CA PRO B 172 -92.39 -24.11 27.92
C PRO B 172 -92.60 -24.54 29.39
N PRO B 173 -93.87 -24.44 29.92
CA PRO B 173 -94.12 -24.28 31.37
C PRO B 173 -93.48 -25.32 32.28
N LYS B 174 -92.95 -24.86 33.42
CA LYS B 174 -92.41 -25.69 34.51
C LYS B 174 -93.54 -25.96 35.50
N ALA B 175 -93.55 -27.16 36.07
CA ALA B 175 -94.48 -27.46 37.16
C ALA B 175 -93.96 -26.76 38.40
N ILE B 176 -94.87 -26.17 39.17
CA ILE B 176 -94.54 -25.60 40.47
C ILE B 176 -95.57 -26.07 41.47
N ASN B 177 -95.17 -26.12 42.73
CA ASN B 177 -96.00 -26.67 43.79
C ASN B 177 -95.90 -25.80 45.03
N LYS B 178 -96.95 -25.02 45.30
CA LYS B 178 -96.92 -23.96 46.30
C LYS B 178 -97.42 -24.48 47.65
N SER B 179 -96.86 -25.60 48.06
CA SER B 179 -97.38 -26.38 49.16
C SER B 179 -96.64 -26.07 50.45
N THR B 180 -96.52 -24.78 50.76
CA THR B 180 -95.61 -24.29 51.80
C THR B 180 -95.99 -24.68 53.24
N GLY B 181 -97.22 -25.15 53.43
CA GLY B 181 -97.65 -25.69 54.71
C GLY B 181 -96.97 -26.98 55.13
N VAL B 182 -96.40 -27.72 54.17
CA VAL B 182 -95.81 -29.03 54.46
C VAL B 182 -94.31 -29.01 54.29
N LEU B 183 -93.81 -28.40 53.22
CA LEU B 183 -92.39 -28.12 53.11
C LEU B 183 -92.19 -26.62 53.01
N SER B 184 -91.86 -26.01 54.15
CA SER B 184 -91.51 -24.60 54.19
C SER B 184 -90.34 -24.29 53.28
N ASP B 185 -90.26 -23.05 52.80
CA ASP B 185 -89.04 -22.61 52.10
C ASP B 185 -87.79 -22.93 52.93
N GLU B 186 -87.81 -22.58 54.21
CA GLU B 186 -86.71 -22.95 55.11
C GLU B 186 -86.43 -24.47 55.06
N ALA B 187 -87.43 -25.31 54.78
CA ALA B 187 -87.17 -26.76 54.63
C ALA B 187 -86.42 -27.13 53.33
N ILE B 188 -86.80 -26.55 52.19
CA ILE B 188 -86.04 -26.78 50.95
C ILE B 188 -84.72 -26.02 50.95
N LYS B 189 -84.51 -25.08 51.88
CA LYS B 189 -83.18 -24.55 52.19
C LYS B 189 -82.31 -25.67 52.78
N ARG B 190 -82.79 -26.29 53.85
CA ARG B 190 -82.00 -27.33 54.52
C ARG B 190 -81.81 -28.61 53.66
N ILE B 191 -82.70 -28.87 52.72
CA ILE B 191 -82.53 -30.03 51.86
C ILE B 191 -81.91 -29.72 50.52
N LYS B 192 -81.65 -28.44 50.23
CA LYS B 192 -80.63 -28.05 49.23
C LYS B 192 -79.24 -28.12 49.86
N GLU B 193 -79.18 -27.84 51.16
CA GLU B 193 -77.96 -27.97 51.91
C GLU B 193 -77.58 -29.44 52.06
N GLN B 194 -78.53 -30.31 52.38
CA GLN B 194 -78.25 -31.76 52.41
C GLN B 194 -77.74 -32.24 51.05
N ALA B 195 -78.43 -31.84 49.99
CA ALA B 195 -78.14 -32.31 48.62
C ALA B 195 -76.84 -31.80 48.06
N ARG B 196 -76.48 -30.57 48.41
CA ARG B 196 -75.14 -30.05 48.13
C ARG B 196 -74.06 -30.92 48.74
N ASP B 197 -74.06 -31.02 50.06
CA ASP B 197 -73.00 -31.76 50.76
C ASP B 197 -72.91 -33.22 50.25
N LEU B 198 -74.06 -33.81 49.92
CA LEU B 198 -74.12 -35.16 49.34
C LEU B 198 -73.42 -35.24 47.99
N LEU B 199 -73.75 -34.27 47.11
CA LEU B 199 -73.19 -34.17 45.75
C LEU B 199 -71.71 -33.82 45.78
N LEU B 200 -71.31 -32.86 46.63
CA LEU B 200 -69.91 -32.46 46.66
C LEU B 200 -69.04 -33.67 47.00
N LEU B 201 -69.30 -34.34 48.11
CA LEU B 201 -68.42 -35.46 48.47
C LEU B 201 -68.60 -36.74 47.64
N LYS B 202 -69.45 -36.67 46.62
CA LYS B 202 -69.41 -37.62 45.51
C LYS B 202 -68.51 -37.12 44.39
N LEU B 203 -68.52 -35.82 44.16
CA LEU B 203 -67.60 -35.20 43.20
C LEU B 203 -66.15 -35.14 43.72
N ILE B 204 -65.92 -34.93 45.03
CA ILE B 204 -64.55 -34.91 45.53
C ILE B 204 -64.03 -36.32 45.43
N ASN B 205 -64.81 -37.28 45.91
CA ASN B 205 -64.38 -38.67 45.94
C ASN B 205 -64.26 -39.32 44.55
N SER B 206 -64.92 -38.75 43.54
CA SER B 206 -64.81 -39.20 42.14
C SER B 206 -63.64 -38.54 41.40
N SER B 207 -63.27 -37.31 41.79
CA SER B 207 -62.24 -36.54 41.06
C SER B 207 -60.85 -37.08 41.35
N GLY B 208 -60.09 -37.22 40.27
CA GLY B 208 -58.68 -37.58 40.32
C GLY B 208 -57.82 -36.34 40.40
N ASN B 209 -58.09 -35.32 39.58
CA ASN B 209 -57.16 -34.20 39.41
C ASN B 209 -56.94 -33.42 40.73
N THR B 210 -55.89 -33.86 41.42
CA THR B 210 -55.43 -33.26 42.68
C THR B 210 -55.39 -31.72 42.71
N GLN B 211 -55.20 -31.07 41.57
CA GLN B 211 -55.14 -29.59 41.54
C GLN B 211 -56.47 -28.94 41.93
N LEU B 212 -57.52 -29.27 41.18
CA LEU B 212 -58.84 -28.68 41.40
C LEU B 212 -59.26 -28.87 42.84
N LEU B 213 -59.00 -30.05 43.37
CA LEU B 213 -59.32 -30.34 44.73
C LEU B 213 -58.53 -29.42 45.67
N LYS B 214 -57.25 -29.22 45.35
CA LYS B 214 -56.40 -28.26 46.08
C LYS B 214 -56.96 -26.84 46.01
N ASP B 215 -57.41 -26.45 44.82
CA ASP B 215 -57.91 -25.08 44.60
C ASP B 215 -59.13 -24.76 45.48
N LEU B 216 -60.08 -25.69 45.48
CA LEU B 216 -61.30 -25.60 46.28
C LEU B 216 -60.98 -25.61 47.79
N ARG B 217 -60.11 -26.52 48.22
CA ARG B 217 -59.62 -26.51 49.60
C ARG B 217 -58.86 -25.20 49.95
N ASP B 218 -58.03 -24.71 49.04
CA ASP B 218 -57.21 -23.53 49.32
C ASP B 218 -57.83 -22.24 48.82
N ALA B 219 -59.14 -22.22 48.63
CA ALA B 219 -59.83 -21.00 48.19
C ALA B 219 -59.86 -19.98 49.32
N MET B 220 -60.14 -18.72 48.97
CA MET B 220 -60.39 -17.67 49.97
C MET B 220 -61.45 -16.64 49.58
N SER B 221 -62.34 -17.01 48.68
CA SER B 221 -63.33 -16.09 48.16
C SER B 221 -64.40 -16.92 47.48
N LYS B 222 -65.67 -16.50 47.61
CA LYS B 222 -66.75 -17.22 46.92
C LYS B 222 -66.50 -17.35 45.40
N PRO B 223 -66.18 -16.25 44.69
CA PRO B 223 -65.93 -16.35 43.23
C PRO B 223 -64.76 -17.28 42.83
N GLU B 224 -63.84 -17.54 43.77
CA GLU B 224 -62.82 -18.59 43.63
C GLU B 224 -63.38 -19.98 43.97
N ALA B 225 -64.13 -20.11 45.07
CA ALA B 225 -64.71 -21.42 45.46
C ALA B 225 -65.79 -21.92 44.50
N GLU B 226 -66.60 -21.00 43.98
CA GLU B 226 -67.46 -21.25 42.81
C GLU B 226 -66.64 -21.89 41.68
N ARG B 227 -65.64 -21.17 41.19
CA ARG B 227 -64.83 -21.59 40.02
C ARG B 227 -64.30 -23.03 40.09
N ALA B 228 -63.87 -23.46 41.27
CA ALA B 228 -63.35 -24.82 41.47
C ALA B 228 -64.48 -25.84 41.47
N ALA B 229 -65.45 -25.64 42.38
CA ALA B 229 -66.61 -26.53 42.51
C ALA B 229 -67.29 -26.75 41.16
N ASN B 230 -67.62 -25.66 40.47
CA ASN B 230 -68.14 -25.71 39.09
C ASN B 230 -67.28 -26.60 38.18
N ALA B 231 -65.96 -26.41 38.24
CA ALA B 231 -65.05 -27.21 37.46
C ALA B 231 -65.05 -28.68 37.89
N LEU B 232 -65.38 -28.93 39.16
CA LEU B 232 -65.53 -30.31 39.69
C LEU B 232 -66.81 -31.09 39.32
N GLY B 233 -67.75 -30.47 38.60
CA GLY B 233 -69.03 -31.07 38.24
C GLY B 233 -70.23 -30.38 38.88
N PHE B 234 -69.99 -29.51 39.85
CA PHE B 234 -71.07 -28.84 40.60
C PHE B 234 -71.79 -27.87 39.68
N PRO B 235 -73.12 -27.89 39.67
CA PRO B 235 -73.83 -27.04 38.72
C PRO B 235 -73.75 -25.55 39.04
N THR B 236 -73.55 -24.74 38.01
CA THR B 236 -73.61 -23.29 38.12
C THR B 236 -74.85 -22.79 38.85
N GLU B 237 -75.98 -23.45 38.62
CA GLU B 237 -77.24 -23.10 39.27
C GLU B 237 -77.17 -23.38 40.76
N GLY B 238 -76.33 -24.32 41.16
CA GLY B 238 -76.07 -24.56 42.56
C GLY B 238 -75.34 -23.47 43.32
N ASN B 239 -74.57 -22.63 42.63
CA ASN B 239 -73.58 -21.71 43.26
C ASN B 239 -74.17 -20.85 44.38
N GLY B 240 -75.36 -20.31 44.15
CA GLY B 240 -76.03 -19.47 45.14
C GLY B 240 -76.15 -20.03 46.54
N VAL B 241 -76.15 -21.35 46.67
CA VAL B 241 -76.26 -22.04 47.95
C VAL B 241 -74.89 -22.54 48.45
N LEU B 242 -73.83 -22.27 47.67
CA LEU B 242 -72.55 -22.98 47.85
C LEU B 242 -71.76 -22.49 49.07
N PHE B 243 -71.59 -23.40 50.02
CA PHE B 243 -70.96 -23.17 51.30
C PHE B 243 -70.23 -24.48 51.59
N LEU B 244 -69.14 -24.43 52.34
CA LEU B 244 -68.37 -25.63 52.61
C LEU B 244 -68.65 -26.03 54.05
N SER B 245 -69.24 -27.21 54.21
CA SER B 245 -69.45 -27.84 55.52
C SER B 245 -68.13 -28.35 56.10
N ARG B 246 -68.15 -28.62 57.40
CA ARG B 246 -67.03 -29.24 58.10
C ARG B 246 -66.77 -30.68 57.65
N GLU B 247 -67.81 -31.37 57.19
CA GLU B 247 -67.68 -32.75 56.71
C GLU B 247 -67.15 -32.78 55.28
N VAL B 248 -67.48 -31.76 54.50
CA VAL B 248 -66.89 -31.57 53.16
C VAL B 248 -65.40 -31.20 53.25
N VAL B 249 -65.02 -30.17 54.03
CA VAL B 249 -63.59 -29.79 54.07
C VAL B 249 -62.77 -30.97 54.60
N ASP B 250 -63.22 -31.63 55.66
CA ASP B 250 -62.58 -32.86 56.14
C ASP B 250 -62.50 -33.86 54.99
N ALA B 251 -63.59 -33.97 54.23
CA ALA B 251 -63.65 -34.93 53.14
C ALA B 251 -62.62 -34.65 52.06
N LEU B 252 -62.39 -33.38 51.74
CA LEU B 252 -61.52 -33.07 50.62
C LEU B 252 -60.05 -32.89 51.04
N GLU B 253 -59.81 -32.45 52.27
CA GLU B 253 -58.48 -32.57 52.89
C GLU B 253 -58.00 -34.04 52.86
N GLU B 254 -58.87 -34.96 53.25
CA GLU B 254 -58.53 -36.39 53.26
C GLU B 254 -58.20 -36.93 51.85
N ARG B 255 -58.71 -36.28 50.81
CA ARG B 255 -58.44 -36.72 49.45
C ARG B 255 -57.14 -36.18 48.86
N VAL B 256 -56.90 -34.87 48.93
CA VAL B 256 -55.63 -34.33 48.45
C VAL B 256 -54.46 -35.00 49.15
N GLU B 257 -54.62 -35.37 50.42
CA GLU B 257 -53.61 -36.22 51.09
C GLU B 257 -53.50 -37.57 50.40
N LYS B 258 -54.63 -38.16 50.07
CA LYS B 258 -54.60 -39.46 49.47
C LYS B 258 -54.11 -39.44 48.01
N LEU B 259 -54.34 -38.35 47.26
CA LEU B 259 -53.83 -38.28 45.86
C LEU B 259 -52.35 -37.96 45.82
N GLU B 260 -51.91 -37.13 46.77
CA GLU B 260 -50.52 -36.76 46.88
C GLU B 260 -49.69 -37.83 47.59
N GLN B 261 -50.34 -38.72 48.35
CA GLN B 261 -49.70 -39.98 48.76
C GLN B 261 -49.54 -40.95 47.58
N GLU B 262 -50.59 -41.15 46.81
CA GLU B 262 -50.51 -41.94 45.60
C GLU B 262 -49.43 -41.37 44.66
N ALA B 263 -49.38 -40.03 44.55
CA ALA B 263 -48.46 -39.33 43.64
C ALA B 263 -46.99 -39.61 43.93
N ALA B 264 -46.59 -39.42 45.18
CA ALA B 264 -45.25 -39.78 45.66
C ALA B 264 -44.90 -41.26 45.44
N LYS B 265 -45.83 -42.13 45.81
CA LYS B 265 -45.70 -43.55 45.54
C LYS B 265 -45.35 -43.80 44.06
N ARG B 266 -46.07 -43.13 43.17
CA ARG B 266 -45.96 -43.38 41.72
C ARG B 266 -44.54 -43.27 41.21
N GLY B 267 -43.94 -42.10 41.40
CA GLY B 267 -42.63 -41.76 40.82
C GLY B 267 -41.58 -41.58 41.90
N PHE B 268 -41.37 -42.63 42.69
CA PHE B 268 -40.21 -42.69 43.56
C PHE B 268 -39.07 -43.17 42.68
N ASP B 269 -39.25 -44.33 42.03
CA ASP B 269 -38.25 -44.87 41.10
C ASP B 269 -37.71 -43.77 40.20
N SER B 270 -38.62 -42.93 39.71
CA SER B 270 -38.28 -41.81 38.85
C SER B 270 -37.27 -40.87 39.49
N TYR B 271 -37.54 -40.53 40.74
CA TYR B 271 -36.69 -39.64 41.54
C TYR B 271 -35.37 -40.29 41.92
N VAL B 272 -35.44 -41.56 42.32
CA VAL B 272 -34.26 -42.30 42.74
C VAL B 272 -33.29 -42.51 41.58
N GLN B 273 -33.81 -42.86 40.41
CA GLN B 273 -32.99 -43.05 39.19
C GLN B 273 -32.46 -41.73 38.61
N SER B 274 -32.73 -40.58 39.26
CA SER B 274 -32.01 -39.35 38.95
C SER B 274 -31.63 -38.62 40.22
N LEU B 275 -30.55 -39.09 40.84
CA LEU B 275 -29.85 -38.36 41.90
C LEU B 275 -28.40 -38.13 41.49
N SER B 276 -27.82 -37.07 42.02
CA SER B 276 -26.40 -36.86 41.88
C SER B 276 -25.71 -37.83 42.81
N HIS B 277 -24.51 -38.26 42.44
CA HIS B 277 -23.67 -39.14 43.26
C HIS B 277 -23.50 -38.68 44.72
N ASN B 278 -23.36 -37.38 44.92
CA ASN B 278 -23.14 -36.85 46.27
C ASN B 278 -24.44 -36.77 47.08
N ALA B 279 -25.54 -36.36 46.43
CA ALA B 279 -26.89 -36.34 47.06
C ALA B 279 -27.31 -37.74 47.46
N LEU B 280 -26.97 -38.67 46.60
CA LEU B 280 -27.28 -40.07 46.80
C LEU B 280 -26.50 -40.63 47.97
N LEU B 281 -25.26 -40.21 48.17
CA LEU B 281 -24.51 -40.57 49.37
C LEU B 281 -25.04 -39.95 50.67
N ALA B 282 -25.77 -38.83 50.56
CA ALA B 282 -26.39 -38.15 51.73
C ALA B 282 -27.47 -38.98 52.39
N LYS B 283 -28.11 -39.83 51.60
CA LYS B 283 -29.21 -40.67 52.07
C LYS B 283 -28.80 -41.77 53.06
N LYS B 284 -27.50 -42.07 53.19
CA LYS B 284 -26.96 -42.99 54.19
C LYS B 284 -27.82 -43.02 55.43
N ASN B 285 -27.87 -41.90 56.16
CA ASN B 285 -28.64 -41.79 57.41
C ASN B 285 -30.07 -42.32 57.27
N GLY B 286 -30.73 -41.96 56.17
CA GLY B 286 -32.09 -42.40 55.85
C GLY B 286 -32.33 -43.89 55.71
N LEU B 287 -31.42 -44.58 55.01
CA LEU B 287 -31.56 -46.03 54.81
C LEU B 287 -31.25 -46.80 56.06
N GLU B 288 -30.28 -46.31 56.83
CA GLU B 288 -29.87 -46.92 58.08
C GLU B 288 -31.01 -46.73 59.10
N SER B 289 -31.72 -45.59 59.02
CA SER B 289 -32.79 -45.26 59.97
C SER B 289 -33.79 -46.40 60.13
N THR B 290 -33.95 -46.83 61.38
CA THR B 290 -34.80 -47.96 61.72
C THR B 290 -36.30 -47.63 61.66
N THR B 291 -36.66 -46.35 61.81
CA THR B 291 -38.05 -45.90 61.68
C THR B 291 -38.28 -45.41 60.25
N ALA B 292 -39.41 -45.84 59.68
CA ALA B 292 -39.82 -45.40 58.35
C ALA B 292 -40.06 -43.90 58.17
N ALA B 293 -40.28 -43.16 59.26
CA ALA B 293 -40.31 -41.68 59.21
C ALA B 293 -38.88 -41.16 59.09
N GLY B 294 -37.96 -41.77 59.84
CA GLY B 294 -36.55 -41.42 59.73
C GLY B 294 -36.11 -41.49 58.29
N PHE B 295 -36.54 -42.56 57.61
CA PHE B 295 -36.30 -42.76 56.17
C PHE B 295 -36.89 -41.63 55.31
N LYS B 296 -38.20 -41.42 55.41
CA LYS B 296 -38.90 -40.29 54.78
C LYS B 296 -38.18 -38.97 55.03
N ASN B 297 -37.68 -38.81 56.25
CA ASN B 297 -37.01 -37.59 56.69
C ASN B 297 -35.82 -37.22 55.79
N SER B 298 -35.07 -38.23 55.34
CA SER B 298 -33.94 -38.02 54.42
C SER B 298 -34.33 -37.67 52.98
N LEU B 299 -35.58 -37.91 52.60
CA LEU B 299 -36.05 -37.64 51.23
C LEU B 299 -36.23 -36.15 50.97
N ASP B 300 -36.29 -35.80 49.67
CA ASP B 300 -36.53 -34.42 49.25
C ASP B 300 -38.03 -34.12 49.14
N GLU B 301 -38.36 -32.83 49.09
CA GLU B 301 -39.66 -32.27 49.56
C GLU B 301 -40.95 -32.99 49.15
N PRO B 302 -41.09 -33.44 47.87
CA PRO B 302 -42.39 -34.08 47.52
C PRO B 302 -42.61 -35.48 48.08
N TYR B 303 -41.61 -36.07 48.74
CA TYR B 303 -41.67 -37.40 49.37
C TYR B 303 -41.34 -37.39 50.85
N LYS B 304 -40.66 -36.35 51.31
CA LYS B 304 -40.35 -36.16 52.71
C LYS B 304 -41.65 -36.25 53.47
N THR B 305 -42.62 -35.47 53.00
CA THR B 305 -43.96 -35.45 53.56
C THR B 305 -44.71 -36.67 53.05
N TYR B 306 -44.87 -36.75 51.72
CA TYR B 306 -46.00 -37.46 51.14
C TYR B 306 -45.78 -38.89 50.68
N LEU B 307 -44.63 -39.50 50.94
CA LEU B 307 -44.46 -40.92 50.57
C LEU B 307 -45.23 -41.84 51.54
N PRO B 308 -46.18 -42.65 51.03
CA PRO B 308 -46.82 -43.58 51.95
C PRO B 308 -45.87 -44.53 52.67
N GLU B 309 -46.02 -44.58 54.00
CA GLU B 309 -45.18 -45.39 54.90
C GLU B 309 -45.24 -46.89 54.66
N SER B 310 -46.18 -47.37 53.84
CA SER B 310 -46.19 -48.76 53.41
C SER B 310 -44.98 -49.10 52.56
N GLU B 311 -44.33 -48.08 52.00
CA GLU B 311 -43.24 -48.30 51.08
C GLU B 311 -41.83 -48.40 51.68
N TRP B 312 -41.70 -48.36 53.01
CA TRP B 312 -40.37 -48.50 53.65
C TRP B 312 -39.50 -49.58 52.94
N GLU B 313 -39.96 -50.82 52.89
CA GLU B 313 -39.10 -51.93 52.42
C GLU B 313 -38.81 -51.91 50.91
N ARG B 314 -39.65 -51.24 50.11
CA ARG B 314 -39.46 -51.16 48.65
C ARG B 314 -38.58 -49.95 48.25
N ALA B 315 -38.76 -48.84 48.95
CA ALA B 315 -37.93 -47.66 48.76
C ALA B 315 -36.49 -47.96 49.14
N GLN B 316 -36.28 -48.86 50.10
CA GLN B 316 -34.92 -49.37 50.40
C GLN B 316 -34.40 -50.24 49.25
N GLY B 317 -35.32 -51.00 48.63
CA GLY B 317 -35.05 -51.71 47.39
C GLY B 317 -34.28 -50.87 46.42
N VAL B 318 -34.97 -49.86 45.91
CA VAL B 318 -34.50 -49.13 44.75
C VAL B 318 -33.40 -48.14 45.10
N LEU B 319 -33.55 -47.40 46.21
CA LEU B 319 -32.55 -46.40 46.65
C LEU B 319 -31.27 -47.05 47.20
N GLY B 320 -31.40 -47.87 48.24
CA GLY B 320 -30.25 -48.58 48.80
C GLY B 320 -29.43 -49.41 47.84
N ALA B 321 -30.00 -49.80 46.71
CA ALA B 321 -29.24 -50.51 45.69
C ALA B 321 -28.47 -49.53 44.80
N ARG B 322 -28.82 -48.26 44.79
CA ARG B 322 -28.00 -47.24 44.10
C ARG B 322 -26.97 -46.63 45.05
N TYR B 323 -27.33 -46.51 46.33
CA TYR B 323 -26.37 -46.17 47.39
C TYR B 323 -25.15 -47.08 47.31
N LEU B 324 -25.39 -48.38 47.20
CA LEU B 324 -24.33 -49.34 46.99
C LEU B 324 -23.51 -48.99 45.77
N GLN B 325 -24.15 -48.86 44.62
CA GLN B 325 -23.42 -48.52 43.38
C GLN B 325 -22.47 -47.33 43.58
N ALA B 326 -22.90 -46.35 44.38
CA ALA B 326 -22.08 -45.19 44.71
C ALA B 326 -20.95 -45.50 45.70
N VAL B 327 -21.31 -45.78 46.95
CA VAL B 327 -20.33 -45.90 48.02
C VAL B 327 -19.32 -47.00 47.78
N LEU B 328 -19.74 -48.09 47.13
CA LEU B 328 -18.83 -49.19 46.83
C LEU B 328 -17.82 -48.81 45.78
N SER B 329 -18.20 -47.95 44.84
CA SER B 329 -17.26 -47.52 43.79
C SER B 329 -16.21 -46.46 44.24
N SER B 330 -16.50 -45.70 45.30
CA SER B 330 -15.58 -44.70 45.82
C SER B 330 -14.92 -45.16 47.13
N GLY B 331 -14.61 -46.45 47.23
CA GLY B 331 -14.22 -47.04 48.51
C GLY B 331 -12.80 -46.74 48.97
N THR B 332 -12.61 -46.71 50.28
CA THR B 332 -11.29 -46.79 50.91
C THR B 332 -10.97 -48.26 51.30
N GLN B 333 -11.96 -48.94 51.89
CA GLN B 333 -11.79 -50.22 52.59
C GLN B 333 -11.58 -51.45 51.71
N ASN B 334 -11.19 -52.55 52.34
CA ASN B 334 -10.83 -53.81 51.67
C ASN B 334 -12.10 -54.54 51.19
N LEU B 335 -12.21 -54.78 49.88
CA LEU B 335 -13.38 -55.46 49.28
C LEU B 335 -13.19 -56.92 48.89
N LYS B 336 -11.94 -57.38 48.76
CA LYS B 336 -11.59 -58.71 48.19
C LYS B 336 -12.61 -59.81 48.45
N ASP B 337 -12.94 -60.01 49.74
CA ASP B 337 -13.90 -61.05 50.12
C ASP B 337 -15.24 -60.95 49.36
N ALA B 338 -15.79 -59.73 49.31
CA ALA B 338 -17.11 -59.48 48.71
C ALA B 338 -17.13 -59.57 47.17
N LEU B 339 -16.00 -59.24 46.54
CA LEU B 339 -15.81 -59.53 45.11
C LEU B 339 -15.90 -61.04 44.80
N ASN B 340 -15.61 -61.91 45.77
CA ASN B 340 -15.64 -63.36 45.53
C ASN B 340 -16.90 -64.08 46.02
N ALA B 341 -17.74 -63.39 46.81
CA ALA B 341 -19.08 -63.89 47.21
C ALA B 341 -19.95 -64.22 46.01
N LYS B 342 -20.45 -65.45 45.93
CA LYS B 342 -21.09 -65.97 44.70
C LYS B 342 -22.62 -65.93 44.71
N ASP B 343 -23.21 -65.36 45.75
CA ASP B 343 -24.62 -65.01 45.71
C ASP B 343 -24.92 -63.80 46.59
N ALA B 344 -26.12 -63.27 46.42
CA ALA B 344 -26.61 -62.16 47.24
C ALA B 344 -26.57 -62.45 48.74
N ASN B 345 -26.59 -63.72 49.15
CA ASN B 345 -26.49 -64.05 50.57
C ASN B 345 -25.06 -63.84 51.05
N ALA B 346 -24.12 -64.54 50.44
CA ALA B 346 -22.71 -64.40 50.79
C ALA B 346 -22.27 -62.94 50.72
N LEU B 347 -22.65 -62.25 49.65
CA LEU B 347 -22.31 -60.84 49.49
C LEU B 347 -23.00 -59.96 50.53
N ILE B 348 -24.24 -60.26 50.89
CA ILE B 348 -24.94 -59.47 51.92
C ILE B 348 -24.33 -59.71 53.30
N THR B 349 -23.84 -60.92 53.57
CA THR B 349 -23.16 -61.16 54.84
C THR B 349 -21.88 -60.30 54.89
N GLU B 350 -21.04 -60.41 53.86
CA GLU B 350 -19.75 -59.67 53.80
C GLU B 350 -19.84 -58.13 53.69
N LEU B 351 -20.99 -57.61 53.28
CA LEU B 351 -21.27 -56.16 53.29
C LEU B 351 -21.85 -55.68 54.62
N LYS B 352 -22.45 -56.62 55.34
CA LYS B 352 -23.01 -56.34 56.65
C LYS B 352 -21.96 -56.31 57.76
N LYS B 353 -20.72 -56.70 57.46
CA LYS B 353 -19.67 -56.67 58.46
C LYS B 353 -19.41 -55.19 58.84
N PRO B 354 -18.97 -54.93 60.11
CA PRO B 354 -18.74 -53.52 60.53
C PRO B 354 -17.48 -52.89 59.94
N ALA B 355 -16.58 -53.74 59.45
CA ALA B 355 -15.45 -53.34 58.60
C ALA B 355 -15.86 -52.68 57.30
N LEU B 356 -17.06 -52.97 56.79
CA LEU B 356 -17.60 -52.31 55.58
C LEU B 356 -18.85 -51.42 55.86
N LEU B 357 -20.07 -51.92 55.65
CA LEU B 357 -21.24 -51.04 55.62
C LEU B 357 -22.13 -51.10 56.86
N GLY B 358 -21.90 -52.11 57.70
CA GLY B 358 -22.49 -52.19 59.04
C GLY B 358 -23.68 -53.13 59.09
N PRO B 359 -24.12 -53.51 60.30
CA PRO B 359 -25.22 -54.43 60.47
C PRO B 359 -26.54 -53.70 60.30
N HIS B 360 -27.20 -53.88 59.14
CA HIS B 360 -28.39 -53.10 58.81
C HIS B 360 -29.45 -53.91 58.07
N ASP B 361 -30.63 -53.30 57.86
CA ASP B 361 -31.70 -53.92 57.07
C ASP B 361 -31.51 -53.53 55.61
N TYR B 362 -31.37 -52.23 55.33
CA TYR B 362 -31.34 -51.67 53.96
C TYR B 362 -30.50 -52.48 52.95
N ILE B 363 -29.37 -53.01 53.41
CA ILE B 363 -28.49 -53.84 52.57
C ILE B 363 -29.14 -55.15 52.11
N ASP B 364 -30.29 -55.52 52.70
CA ASP B 364 -31.04 -56.71 52.27
C ASP B 364 -31.62 -56.59 50.84
N LYS B 365 -31.34 -55.49 50.13
CA LYS B 365 -31.64 -55.36 48.68
C LYS B 365 -30.33 -55.18 47.88
N ALA B 366 -29.60 -56.31 47.83
CA ALA B 366 -28.43 -56.53 46.97
C ALA B 366 -28.70 -57.79 46.13
N VAL B 367 -29.87 -57.79 45.49
CA VAL B 367 -30.48 -58.97 44.84
C VAL B 367 -29.71 -59.65 43.68
N THR B 368 -29.83 -60.98 43.63
CA THR B 368 -29.11 -61.84 42.65
C THR B 368 -29.37 -61.43 41.22
N GLU B 369 -30.64 -61.36 40.85
CA GLU B 369 -31.01 -61.19 39.44
C GLU B 369 -30.15 -60.17 38.70
N GLU B 370 -30.06 -58.96 39.24
CA GLU B 370 -29.39 -57.86 38.56
C GLU B 370 -28.21 -57.35 39.39
N ASN B 371 -28.52 -56.81 40.57
CA ASN B 371 -27.57 -56.08 41.39
C ASN B 371 -26.19 -56.72 41.36
N LEU B 372 -26.11 -58.00 41.72
CA LEU B 372 -24.83 -58.68 41.91
C LEU B 372 -23.82 -58.44 40.78
N GLY B 373 -24.20 -58.68 39.53
CA GLY B 373 -23.32 -58.44 38.38
C GLY B 373 -22.73 -57.03 38.30
N SER B 374 -23.60 -56.04 38.44
CA SER B 374 -23.19 -54.65 38.37
C SER B 374 -22.45 -54.22 39.61
N LEU B 375 -22.94 -54.60 40.80
CA LEU B 375 -22.24 -54.24 42.07
C LEU B 375 -20.84 -54.80 42.09
N LYS B 376 -20.66 -56.00 41.55
CA LYS B 376 -19.33 -56.55 41.45
C LYS B 376 -18.42 -55.71 40.55
N LYS B 377 -18.96 -55.17 39.46
CA LYS B 377 -18.24 -54.19 38.61
C LYS B 377 -17.93 -52.88 39.39
N ASN B 378 -18.94 -52.22 39.95
CA ASN B 378 -18.70 -51.02 40.78
C ASN B 378 -17.75 -51.25 41.96
N MET B 379 -17.62 -52.48 42.43
CA MET B 379 -16.59 -52.83 43.42
C MET B 379 -15.19 -52.98 42.84
N MET B 380 -15.09 -53.49 41.62
CA MET B 380 -13.81 -53.66 40.92
C MET B 380 -13.10 -52.34 40.62
N LYS B 381 -13.88 -51.30 40.29
CA LYS B 381 -13.37 -49.93 40.17
C LYS B 381 -12.61 -49.55 41.44
N SER B 382 -13.30 -49.62 42.58
CA SER B 382 -12.71 -49.29 43.88
C SER B 382 -11.48 -50.16 44.20
N PHE B 383 -11.55 -51.42 43.81
CA PHE B 383 -10.48 -52.37 44.05
C PHE B 383 -9.28 -52.08 43.20
N ILE B 384 -9.50 -51.72 41.93
CA ILE B 384 -8.40 -51.31 41.05
C ILE B 384 -7.70 -50.03 41.57
N ASN B 385 -8.46 -49.00 41.96
CA ASN B 385 -7.85 -47.73 42.44
C ASN B 385 -7.19 -47.82 43.82
N ASN B 386 -7.43 -48.92 44.55
CA ASN B 386 -6.76 -49.19 45.81
C ASN B 386 -5.73 -50.33 45.75
N ILE B 387 -5.07 -50.51 44.60
CA ILE B 387 -3.95 -51.44 44.53
C ILE B 387 -2.66 -50.73 45.00
N LYS B 388 -1.95 -51.38 45.94
CA LYS B 388 -0.66 -50.95 46.49
C LYS B 388 0.43 -51.92 45.99
N ASP B 389 1.67 -51.44 45.95
CA ASP B 389 2.82 -52.34 45.80
C ASP B 389 2.78 -53.27 47.01
N GLU B 390 2.91 -54.57 46.77
CA GLU B 390 2.94 -55.57 47.87
C GLU B 390 4.06 -56.58 47.67
N THR B 391 4.63 -57.05 48.79
CA THR B 391 5.79 -57.95 48.80
C THR B 391 5.64 -59.08 47.76
N ASN B 392 6.44 -58.97 46.69
CA ASN B 392 6.43 -59.85 45.47
C ASN B 392 5.66 -59.30 44.23
N LEU B 393 4.59 -58.52 44.43
CA LEU B 393 3.85 -57.86 43.31
C LEU B 393 3.69 -56.34 43.40
N LYS B 394 4.42 -55.62 42.54
CA LYS B 394 4.38 -54.16 42.52
C LYS B 394 3.10 -53.73 41.80
N ALA B 395 2.47 -52.66 42.27
CA ALA B 395 1.17 -52.23 41.75
C ALA B 395 1.25 -51.77 40.32
N LEU B 396 2.35 -51.13 39.92
CA LEU B 396 2.55 -50.84 38.51
C LEU B 396 2.48 -52.14 37.72
N ASP B 397 3.17 -53.19 38.17
CA ASP B 397 3.17 -54.47 37.45
C ASP B 397 1.77 -55.11 37.32
N ALA B 398 0.93 -54.98 38.34
CA ALA B 398 -0.42 -55.57 38.31
C ALA B 398 -1.32 -54.83 37.35
N LEU B 399 -1.28 -53.50 37.40
CA LEU B 399 -2.07 -52.67 36.50
C LEU B 399 -1.57 -52.81 35.07
N LYS B 400 -0.27 -53.01 34.92
CA LYS B 400 0.30 -53.33 33.62
C LYS B 400 -0.28 -54.65 33.08
N ALA B 401 -0.48 -55.62 33.98
CA ALA B 401 -0.96 -56.95 33.61
C ALA B 401 -2.45 -57.03 33.31
N LEU B 402 -3.27 -56.35 34.10
CA LEU B 402 -4.70 -56.22 33.82
C LEU B 402 -4.92 -55.61 32.42
N ASP B 403 -4.44 -54.38 32.21
CA ASP B 403 -4.50 -53.76 30.88
C ASP B 403 -3.85 -54.64 29.79
N GLY B 404 -2.77 -55.34 30.16
CA GLY B 404 -2.01 -56.16 29.23
C GLY B 404 -2.74 -57.33 28.59
N ALA B 405 -3.57 -58.02 29.37
CA ALA B 405 -4.17 -59.28 28.93
C ALA B 405 -5.08 -59.08 27.72
N LYS B 406 -5.04 -60.05 26.80
CA LYS B 406 -5.73 -59.99 25.51
C LYS B 406 -7.15 -60.51 25.61
N ASN B 407 -7.29 -61.67 26.27
CA ASN B 407 -8.52 -62.46 26.30
C ASN B 407 -9.13 -62.36 27.67
N LEU B 408 -10.45 -62.58 27.75
CA LEU B 408 -11.15 -62.54 29.02
C LEU B 408 -10.58 -63.57 30.02
N ASP B 409 -10.19 -64.75 29.57
CA ASP B 409 -9.56 -65.71 30.51
C ASP B 409 -8.11 -65.32 30.87
N LYS B 410 -7.35 -64.74 29.93
CA LYS B 410 -6.04 -64.15 30.27
C LYS B 410 -6.15 -63.01 31.31
N PHE B 411 -7.26 -62.27 31.23
CA PHE B 411 -7.60 -61.24 32.22
C PHE B 411 -8.13 -61.84 33.54
N LYS B 412 -8.86 -62.95 33.45
CA LYS B 412 -9.23 -63.74 34.63
C LYS B 412 -7.96 -64.26 35.30
N GLU B 413 -6.98 -64.69 34.47
CA GLU B 413 -5.66 -65.15 34.95
C GLU B 413 -5.09 -64.13 35.92
N VAL B 414 -4.83 -62.92 35.39
CA VAL B 414 -4.16 -61.83 36.15
C VAL B 414 -5.02 -61.38 37.34
N LEU B 415 -6.34 -61.39 37.18
CA LEU B 415 -7.24 -61.19 38.32
C LEU B 415 -7.01 -62.25 39.40
N GLY B 416 -6.75 -63.49 38.98
CA GLY B 416 -6.29 -64.55 39.87
C GLY B 416 -5.20 -64.06 40.80
N LYS B 417 -4.13 -63.47 40.22
CA LYS B 417 -2.90 -63.09 40.95
C LYS B 417 -3.17 -62.01 41.98
N LEU B 418 -4.19 -61.19 41.71
CA LEU B 418 -4.63 -60.13 42.61
C LEU B 418 -5.54 -60.61 43.75
N GLY B 419 -5.94 -61.87 43.75
CA GLY B 419 -6.85 -62.41 44.76
C GLY B 419 -8.32 -62.28 44.38
N ILE B 420 -8.62 -62.15 43.09
CA ILE B 420 -9.99 -62.23 42.59
C ILE B 420 -10.02 -63.60 41.94
N THR B 421 -10.35 -64.61 42.74
CA THR B 421 -9.87 -65.99 42.50
C THR B 421 -10.77 -66.91 41.66
N PRO B 422 -12.10 -66.78 41.79
CA PRO B 422 -13.01 -67.18 40.72
C PRO B 422 -13.54 -65.90 40.10
N ALA B 423 -13.16 -65.66 38.85
CA ALA B 423 -13.55 -64.42 38.21
C ALA B 423 -14.61 -64.67 37.15
N ASP B 424 -15.41 -65.71 37.37
CA ASP B 424 -16.37 -66.22 36.37
C ASP B 424 -17.39 -65.15 36.00
N TRP B 425 -17.89 -64.48 37.02
CA TRP B 425 -18.79 -63.31 36.93
C TRP B 425 -18.43 -62.09 36.04
N VAL B 426 -17.23 -62.02 35.45
CA VAL B 426 -16.80 -60.83 34.67
C VAL B 426 -17.05 -60.97 33.16
N LYS B 427 -17.46 -59.86 32.54
CA LYS B 427 -18.07 -59.87 31.20
C LYS B 427 -17.16 -59.21 30.15
N ASP B 428 -17.01 -59.88 29.01
CA ASP B 428 -16.23 -59.39 27.87
C ASP B 428 -16.36 -57.88 27.69
N THR B 429 -17.59 -57.41 27.59
CA THR B 429 -17.90 -55.97 27.45
C THR B 429 -17.10 -55.10 28.41
N ASP B 430 -17.10 -55.48 29.69
CA ASP B 430 -16.53 -54.63 30.75
C ASP B 430 -15.00 -54.45 30.74
N LEU B 431 -14.28 -55.25 29.96
CA LEU B 431 -12.84 -55.08 29.81
C LEU B 431 -12.44 -53.68 29.34
N LYS B 432 -13.02 -53.16 28.27
CA LYS B 432 -12.71 -51.77 27.87
C LYS B 432 -12.89 -50.79 29.04
N ASP B 433 -13.93 -51.01 29.85
CA ASP B 433 -14.22 -50.19 31.07
C ASP B 433 -13.22 -50.46 32.22
N MET B 434 -12.92 -51.73 32.47
CA MET B 434 -12.06 -52.12 33.60
C MET B 434 -10.57 -51.88 33.31
N LYS B 435 -10.17 -52.02 32.06
CA LYS B 435 -8.79 -51.79 31.66
C LYS B 435 -8.46 -50.31 31.65
N GLN B 436 -9.47 -49.45 31.52
CA GLN B 436 -9.28 -47.99 31.63
C GLN B 436 -9.02 -47.58 33.06
N TRP B 437 -9.75 -48.15 34.00
CA TRP B 437 -9.49 -47.85 35.40
C TRP B 437 -8.05 -48.16 35.75
N ALA B 438 -7.50 -49.19 35.10
CA ALA B 438 -6.12 -49.60 35.31
C ALA B 438 -5.17 -48.53 34.83
N ARG B 439 -5.36 -48.08 33.59
CA ARG B 439 -4.48 -47.10 32.97
C ARG B 439 -4.48 -45.75 33.71
N ALA B 440 -5.66 -45.29 34.13
CA ALA B 440 -5.78 -44.04 34.88
C ALA B 440 -5.14 -44.11 36.24
N ARG B 441 -5.07 -45.29 36.81
CA ARG B 441 -4.41 -45.49 38.08
C ARG B 441 -2.89 -45.50 37.87
N GLN B 442 -2.39 -46.17 36.83
CA GLN B 442 -0.97 -46.03 36.47
C GLN B 442 -0.63 -44.55 36.36
N PHE B 443 -1.40 -43.81 35.57
CA PHE B 443 -1.13 -42.39 35.38
C PHE B 443 -1.08 -41.64 36.70
N GLU B 444 -1.97 -41.99 37.62
CA GLU B 444 -1.98 -41.39 38.95
C GLU B 444 -0.73 -41.76 39.71
N LEU B 445 -0.33 -43.04 39.65
CA LEU B 445 0.89 -43.53 40.33
C LEU B 445 2.18 -43.05 39.70
N GLU B 446 2.17 -42.86 38.38
CA GLU B 446 3.33 -42.36 37.65
C GLU B 446 3.49 -40.85 37.81
N ILE B 447 2.38 -40.11 37.72
CA ILE B 447 2.43 -38.65 37.96
C ILE B 447 2.91 -38.36 39.39
N ASN B 448 2.69 -39.28 40.33
CA ASN B 448 3.26 -39.20 41.69
C ASN B 448 4.73 -39.53 41.81
N ARG B 449 5.20 -40.49 41.03
CA ARG B 449 6.62 -40.80 40.97
C ARG B 449 7.36 -39.64 40.38
N VAL B 450 6.85 -39.19 39.23
CA VAL B 450 7.51 -38.16 38.41
C VAL B 450 7.48 -36.74 38.98
N SER B 451 6.45 -36.39 39.75
CA SER B 451 6.36 -35.06 40.32
C SER B 451 6.53 -35.03 41.83
N SER B 452 7.51 -34.23 42.29
CA SER B 452 7.70 -33.91 43.72
C SER B 452 6.54 -33.10 44.32
N LEU B 453 5.72 -32.48 43.47
CA LEU B 453 4.44 -31.87 43.86
C LEU B 453 3.42 -32.96 44.07
N GLY B 454 2.20 -32.57 44.39
CA GLY B 454 1.12 -33.54 44.40
C GLY B 454 1.00 -34.31 43.11
N SER B 455 0.14 -35.31 43.10
CA SER B 455 -0.45 -35.86 41.88
C SER B 455 -1.72 -35.05 41.61
N GLY B 456 -2.45 -34.74 42.67
CA GLY B 456 -3.62 -33.89 42.61
C GLY B 456 -3.31 -32.49 42.17
N ALA B 457 -2.03 -32.11 42.22
CA ALA B 457 -1.57 -30.84 41.65
C ALA B 457 -1.65 -30.77 40.13
N HIS B 458 -1.50 -31.93 39.47
CA HIS B 458 -1.57 -32.11 38.00
C HIS B 458 -2.88 -32.71 37.51
N SER B 459 -4.01 -32.21 37.97
CA SER B 459 -5.33 -32.78 37.62
C SER B 459 -5.71 -32.58 36.15
N LYS B 460 -5.39 -31.42 35.59
CA LYS B 460 -5.63 -31.14 34.18
C LYS B 460 -4.80 -32.00 33.22
N LEU B 461 -3.58 -32.38 33.62
CA LEU B 461 -2.79 -33.40 32.89
C LEU B 461 -3.47 -34.77 32.97
N MET B 462 -4.01 -35.07 34.15
CA MET B 462 -4.73 -36.33 34.38
C MET B 462 -5.96 -36.47 33.48
N SER B 463 -6.71 -35.37 33.35
CA SER B 463 -7.84 -35.28 32.43
C SER B 463 -7.42 -35.49 30.99
N THR B 464 -6.33 -34.83 30.59
CA THR B 464 -5.89 -34.91 29.20
C THR B 464 -5.43 -36.33 28.82
N LEU B 465 -4.81 -37.04 29.77
CA LEU B 465 -4.25 -38.36 29.49
C LEU B 465 -5.33 -39.43 29.36
N THR B 466 -6.31 -39.39 30.25
CA THR B 466 -7.35 -40.43 30.30
C THR B 466 -8.41 -40.28 29.23
N LYS B 467 -8.54 -39.08 28.64
CA LYS B 467 -9.39 -38.85 27.47
C LYS B 467 -8.85 -39.42 26.17
N LEU B 468 -7.58 -39.81 26.14
CA LEU B 468 -6.91 -40.19 24.90
C LEU B 468 -7.33 -41.59 24.43
N PRO B 469 -7.28 -41.85 23.10
CA PRO B 469 -7.43 -43.19 22.53
C PRO B 469 -6.68 -44.27 23.32
N VAL B 470 -7.17 -45.49 23.29
CA VAL B 470 -6.57 -46.55 24.10
C VAL B 470 -5.07 -46.77 23.82
N GLU B 471 -4.66 -46.85 22.55
CA GLU B 471 -3.26 -47.21 22.26
C GLU B 471 -2.32 -46.06 22.62
N LYS B 472 -2.77 -44.82 22.42
CA LYS B 472 -1.99 -43.63 22.75
C LYS B 472 -1.68 -43.52 24.24
N GLN B 473 -2.57 -44.06 25.07
CA GLN B 473 -2.36 -44.08 26.51
C GLN B 473 -1.27 -45.08 26.83
N ARG B 474 -1.33 -46.26 26.25
CA ARG B 474 -0.35 -47.33 26.53
C ARG B 474 1.06 -46.95 26.05
N GLU B 475 1.09 -46.23 24.95
CA GLU B 475 2.28 -45.65 24.37
C GLU B 475 2.97 -44.68 25.34
N ILE B 476 2.17 -43.90 26.07
CA ILE B 476 2.69 -42.96 27.06
C ILE B 476 3.10 -43.69 28.33
N LEU B 477 2.29 -44.67 28.76
CA LEU B 477 2.62 -45.48 29.93
C LEU B 477 3.81 -46.42 29.68
N ALA B 478 4.06 -46.74 28.42
CA ALA B 478 5.27 -47.47 28.01
C ALA B 478 6.51 -46.63 28.11
N LYS B 479 6.41 -45.34 27.75
CA LYS B 479 7.50 -44.34 27.87
C LYS B 479 7.20 -43.19 28.84
N PRO B 480 7.15 -43.45 30.15
CA PRO B 480 6.70 -42.40 31.08
C PRO B 480 7.58 -41.16 31.18
N GLN B 481 8.77 -41.20 30.58
CA GLN B 481 9.51 -39.99 30.24
C GLN B 481 8.59 -38.91 29.66
N GLN B 482 7.58 -39.30 28.90
CA GLN B 482 6.70 -38.34 28.27
C GLN B 482 5.87 -37.53 29.31
N LEU B 483 5.59 -38.11 30.46
CA LEU B 483 4.94 -37.36 31.52
C LEU B 483 5.83 -36.22 32.03
N ARG B 484 7.13 -36.51 32.12
CA ARG B 484 8.15 -35.49 32.40
C ARG B 484 8.08 -34.34 31.42
N HIS B 485 8.11 -34.67 30.14
CA HIS B 485 8.07 -33.68 29.09
C HIS B 485 6.78 -32.88 29.08
N LEU B 486 5.66 -33.57 29.39
CA LEU B 486 4.35 -32.91 29.40
C LEU B 486 4.22 -31.89 30.54
N MET B 487 4.81 -32.20 31.69
CA MET B 487 4.86 -31.24 32.81
C MET B 487 5.78 -30.07 32.56
N ASN B 488 6.62 -30.17 31.51
CA ASN B 488 7.36 -29.04 30.97
C ASN B 488 6.79 -28.53 29.64
N ALA B 489 5.53 -28.81 29.35
CA ALA B 489 4.90 -28.36 28.12
C ALA B 489 4.33 -27.02 28.40
N TYR B 490 4.83 -25.99 27.72
CA TYR B 490 4.32 -24.63 27.90
C TYR B 490 3.74 -23.98 26.64
N GLU B 491 3.81 -24.69 25.52
CA GLU B 491 3.22 -24.25 24.27
C GLU B 491 2.32 -25.37 23.74
N SER B 492 1.26 -25.01 23.03
CA SER B 492 0.38 -26.03 22.43
C SER B 492 1.16 -27.05 21.63
N HIS B 493 2.07 -26.59 20.76
CA HIS B 493 2.71 -27.48 19.78
C HIS B 493 3.51 -28.62 20.40
N VAL B 494 4.32 -28.30 21.42
CA VAL B 494 5.09 -29.32 22.16
C VAL B 494 4.20 -30.17 23.02
N ALA B 495 3.10 -29.61 23.52
CA ALA B 495 2.13 -30.39 24.28
C ALA B 495 1.53 -31.46 23.39
N GLU B 496 1.06 -31.07 22.20
CA GLU B 496 0.40 -32.01 21.30
C GLU B 496 1.35 -32.96 20.56
N HIS B 497 2.65 -32.68 20.61
CA HIS B 497 3.67 -33.61 20.06
C HIS B 497 3.69 -34.94 20.82
N TYR B 498 3.41 -34.88 22.11
CA TYR B 498 3.37 -36.09 22.94
C TYR B 498 1.98 -36.77 22.99
N LEU B 499 0.91 -35.98 22.75
CA LEU B 499 -0.49 -36.42 22.88
C LEU B 499 -1.27 -36.69 21.56
N GLY B 500 -0.92 -35.98 20.49
CA GLY B 500 -1.59 -36.17 19.19
C GLY B 500 -2.20 -34.90 18.65
N LYS B 501 -2.21 -34.77 17.31
CA LYS B 501 -2.38 -33.47 16.62
C LYS B 501 -3.55 -32.57 17.01
N ASN B 502 -4.50 -33.05 17.81
CA ASN B 502 -5.54 -32.18 18.32
C ASN B 502 -6.10 -32.53 19.69
N ALA B 503 -5.32 -33.24 20.49
CA ALA B 503 -5.83 -33.88 21.69
C ALA B 503 -6.48 -32.89 22.64
N SER B 504 -7.45 -33.40 23.37
CA SER B 504 -8.31 -32.53 24.15
C SER B 504 -7.61 -32.05 25.38
N GLY B 505 -8.14 -30.98 25.96
CA GLY B 505 -7.72 -30.49 27.28
C GLY B 505 -6.31 -29.91 27.40
N ILE B 506 -5.73 -29.55 26.27
CA ILE B 506 -4.38 -29.04 26.22
C ILE B 506 -4.33 -27.69 26.88
N ALA B 507 -5.16 -26.77 26.40
CA ALA B 507 -5.06 -25.37 26.86
C ALA B 507 -5.11 -25.23 28.40
N GLU B 508 -5.84 -26.12 29.06
CA GLU B 508 -5.89 -26.18 30.53
C GLU B 508 -4.58 -26.70 31.09
N LEU B 509 -4.05 -27.77 30.48
CA LEU B 509 -2.75 -28.33 30.88
C LEU B 509 -1.66 -27.29 30.84
N LEU B 510 -1.63 -26.52 29.76
CA LEU B 510 -0.63 -25.45 29.60
C LEU B 510 -0.77 -24.30 30.64
N THR B 511 -1.97 -24.09 31.17
CA THR B 511 -2.19 -23.12 32.26
C THR B 511 -1.80 -23.71 33.63
N GLU B 512 -2.12 -24.99 33.78
CA GLU B 512 -1.73 -25.74 34.95
C GLU B 512 -0.23 -25.66 35.12
N ASN B 513 0.48 -26.00 34.05
CA ASN B 513 1.92 -26.09 34.07
C ASN B 513 2.55 -24.72 34.34
N LYS B 514 1.93 -23.63 33.87
CA LYS B 514 2.40 -22.23 34.12
C LYS B 514 2.44 -21.84 35.60
N ARG B 515 1.33 -22.09 36.29
CA ARG B 515 1.25 -21.85 37.73
C ARG B 515 2.30 -22.64 38.53
N LEU B 516 2.56 -23.88 38.10
CA LEU B 516 3.43 -24.83 38.83
C LEU B 516 4.94 -24.54 38.71
N GLU B 517 5.33 -23.69 37.76
CA GLU B 517 6.75 -23.43 37.48
C GLU B 517 7.47 -22.76 38.65
N GLY B 518 6.80 -21.80 39.28
CA GLY B 518 7.36 -21.10 40.44
C GLY B 518 7.62 -22.02 41.62
N PHE B 519 6.64 -22.88 41.87
CA PHE B 519 6.72 -23.86 42.95
C PHE B 519 7.80 -24.92 42.73
N ARG B 520 8.10 -25.23 41.48
CA ARG B 520 9.17 -26.18 41.14
C ARG B 520 10.62 -25.59 41.19
N ALA B 521 10.73 -24.28 41.43
CA ALA B 521 12.01 -23.62 41.63
C ALA B 521 12.18 -23.08 43.05
N ILE B 522 11.21 -23.32 43.95
CA ILE B 522 11.38 -23.00 45.38
C ILE B 522 12.43 -23.94 46.02
N HIS B 523 13.33 -23.37 46.80
CA HIS B 523 14.57 -24.05 47.19
C HIS B 523 14.44 -25.18 48.21
N ASN B 524 13.21 -25.52 48.61
CA ASN B 524 12.98 -26.78 49.33
C ASN B 524 11.66 -27.44 48.93
N ALA B 525 11.71 -28.77 48.84
CA ALA B 525 10.66 -29.55 48.19
C ALA B 525 9.31 -29.53 48.90
N GLU B 526 9.30 -29.35 50.22
CA GLU B 526 8.04 -29.34 51.02
C GLU B 526 7.27 -28.03 50.97
N VAL B 527 7.98 -26.94 51.21
CA VAL B 527 7.36 -25.62 51.09
C VAL B 527 6.73 -25.54 49.70
N ALA B 528 7.46 -26.01 48.69
CA ALA B 528 6.96 -26.14 47.31
C ALA B 528 5.60 -26.84 47.17
N ARG B 529 5.50 -28.00 47.82
CA ARG B 529 4.35 -28.88 47.67
C ARG B 529 3.15 -28.33 48.36
N VAL B 530 3.31 -27.96 49.63
CA VAL B 530 2.15 -27.55 50.42
C VAL B 530 1.62 -26.19 49.98
N LEU B 531 2.48 -25.34 49.40
CA LEU B 531 2.02 -24.10 48.75
C LEU B 531 1.31 -24.41 47.41
N ALA B 532 1.68 -25.50 46.75
CA ALA B 532 1.23 -25.76 45.37
C ALA B 532 -0.16 -26.36 45.35
N ASN B 533 -0.45 -27.27 46.25
CA ASN B 533 -1.82 -27.64 46.53
C ASN B 533 -2.12 -26.73 47.73
N PHE B 534 -3.13 -25.88 47.61
CA PHE B 534 -3.59 -25.04 48.72
C PHE B 534 -5.01 -24.67 48.37
N LYS B 535 -5.83 -24.41 49.39
CA LYS B 535 -7.27 -24.47 49.19
C LYS B 535 -7.63 -23.51 48.07
N PRO B 536 -7.27 -22.21 48.21
CA PRO B 536 -7.41 -21.33 47.06
C PRO B 536 -6.05 -21.14 46.35
N GLU B 537 -6.00 -21.50 45.08
CA GLU B 537 -4.74 -21.56 44.33
C GLU B 537 -3.88 -20.29 44.43
N ILE B 538 -2.72 -20.44 45.07
CA ILE B 538 -1.63 -19.44 45.05
C ILE B 538 -0.88 -19.52 43.70
N THR B 539 -0.52 -18.36 43.18
CA THR B 539 0.25 -18.21 41.95
C THR B 539 1.35 -17.24 42.27
N LEU B 540 2.60 -17.55 41.89
CA LEU B 540 3.71 -16.67 42.30
C LEU B 540 4.65 -16.26 41.15
N ASN B 541 4.86 -14.94 41.04
CA ASN B 541 5.78 -14.35 40.06
C ASN B 541 7.24 -14.60 40.45
N ASP B 542 8.13 -14.36 39.50
CA ASP B 542 9.55 -14.66 39.65
C ASP B 542 10.27 -13.75 40.67
N LYS B 543 9.67 -12.60 41.00
CA LYS B 543 10.12 -11.78 42.12
C LYS B 543 9.82 -12.52 43.43
N GLN B 544 8.61 -13.08 43.53
CA GLN B 544 8.13 -13.81 44.73
C GLN B 544 8.77 -15.19 44.95
N VAL B 545 9.18 -15.84 43.86
CA VAL B 545 9.96 -17.08 43.97
C VAL B 545 11.38 -16.80 44.49
N ALA B 546 11.96 -15.66 44.11
CA ALA B 546 13.24 -15.21 44.67
C ALA B 546 13.13 -14.76 46.15
N ALA B 547 11.96 -14.25 46.52
CA ALA B 547 11.69 -13.80 47.89
C ALA B 547 11.54 -14.95 48.88
N ILE B 548 10.71 -15.92 48.50
CA ILE B 548 10.55 -17.16 49.24
C ILE B 548 11.91 -17.85 49.41
N ASN B 549 12.67 -17.99 48.33
CA ASN B 549 14.05 -18.52 48.41
C ASN B 549 15.01 -17.75 49.35
N GLN B 550 14.82 -16.43 49.48
CA GLN B 550 15.62 -15.62 50.41
C GLN B 550 15.21 -15.90 51.85
N ALA B 551 13.89 -16.09 52.05
CA ALA B 551 13.37 -16.45 53.37
C ALA B 551 13.97 -17.77 53.85
N LEU B 552 14.23 -18.69 52.92
CA LEU B 552 14.82 -20.01 53.22
C LEU B 552 16.34 -19.98 53.49
N THR B 553 17.03 -18.93 53.03
CA THR B 553 18.48 -18.73 53.28
C THR B 553 18.77 -17.98 54.59
N THR B 554 17.99 -16.94 54.89
CA THR B 554 18.06 -16.24 56.19
C THR B 554 17.63 -17.19 57.33
N ALA B 555 16.61 -17.99 57.05
CA ALA B 555 16.16 -19.05 57.98
C ALA B 555 17.13 -20.23 58.12
N ASN B 556 17.91 -20.56 57.09
CA ASN B 556 18.95 -21.60 57.21
C ASN B 556 20.10 -21.19 58.16
N SER B 557 20.29 -19.88 58.32
CA SER B 557 21.31 -19.31 59.22
C SER B 557 20.79 -19.11 60.65
N ASN B 558 19.49 -19.37 60.87
CA ASN B 558 18.86 -19.31 62.20
C ASN B 558 18.75 -20.74 62.75
N PRO B 559 19.59 -21.12 63.75
CA PRO B 559 19.64 -22.52 64.15
C PRO B 559 18.39 -23.05 64.86
N ASN B 560 17.40 -22.18 65.14
CA ASN B 560 16.15 -22.59 65.80
C ASN B 560 14.84 -22.51 64.95
N THR B 561 14.93 -22.54 63.62
CA THR B 561 13.70 -22.33 62.80
C THR B 561 12.68 -23.47 62.94
N TYR B 562 13.14 -24.73 62.98
CA TYR B 562 12.22 -25.90 63.10
C TYR B 562 12.04 -26.41 64.52
N THR B 563 13.06 -26.25 65.35
CA THR B 563 13.03 -26.71 66.76
C THR B 563 12.08 -25.85 67.63
N GLN B 564 11.98 -24.54 67.39
CA GLN B 564 11.18 -23.64 68.23
C GLN B 564 10.10 -22.94 67.43
N ALA B 565 8.85 -23.07 67.89
CA ALA B 565 7.70 -22.37 67.28
C ALA B 565 7.89 -20.87 67.23
N THR B 566 8.70 -20.35 68.17
CA THR B 566 9.10 -18.94 68.18
C THR B 566 9.67 -18.48 66.80
N ASP B 567 10.75 -19.14 66.39
CA ASP B 567 11.52 -18.75 65.21
C ASP B 567 11.00 -19.32 63.87
N TYR B 568 10.04 -20.24 63.91
CA TYR B 568 9.51 -20.89 62.71
C TYR B 568 8.56 -19.96 61.96
N LYS B 569 7.66 -19.30 62.69
CA LYS B 569 6.75 -18.31 62.09
C LYS B 569 7.49 -17.17 61.37
N ILE B 570 8.73 -16.86 61.78
CA ILE B 570 9.66 -15.96 61.03
C ILE B 570 9.73 -16.34 59.52
N LEU B 571 9.86 -17.64 59.27
CA LEU B 571 9.94 -18.19 57.93
C LEU B 571 8.54 -18.29 57.29
N ILE B 572 7.57 -18.88 57.99
CA ILE B 572 6.23 -19.11 57.43
C ILE B 572 5.52 -17.78 57.14
N ASP B 573 5.77 -16.73 57.94
CA ASP B 573 5.25 -15.37 57.66
C ASP B 573 5.86 -14.79 56.38
N ALA B 574 7.17 -14.98 56.23
CA ALA B 574 7.91 -14.58 55.01
C ALA B 574 7.43 -15.24 53.70
N ILE B 575 6.64 -16.30 53.83
CA ILE B 575 6.04 -17.01 52.70
C ILE B 575 4.56 -16.59 52.55
N LYS B 576 3.84 -16.36 53.64
CA LYS B 576 2.45 -15.85 53.54
C LYS B 576 2.44 -14.39 53.03
N THR B 577 3.59 -13.70 53.07
CA THR B 577 3.79 -12.39 52.41
C THR B 577 3.63 -12.47 50.87
N GLN B 578 4.38 -13.40 50.26
CA GLN B 578 4.40 -13.58 48.81
C GLN B 578 3.13 -14.27 48.29
N SER B 579 2.51 -15.10 49.11
CA SER B 579 1.31 -15.85 48.72
C SER B 579 0.06 -14.96 48.54
N GLY B 580 -0.10 -13.98 49.43
CA GLY B 580 -1.05 -12.87 49.26
C GLY B 580 -2.53 -13.03 49.65
N SER B 581 -3.22 -13.97 49.00
CA SER B 581 -4.68 -13.95 48.89
C SER B 581 -5.43 -14.86 49.90
N VAL B 582 -4.82 -15.18 51.05
CA VAL B 582 -5.19 -16.38 51.83
C VAL B 582 -5.37 -16.24 53.36
N ASN B 583 -6.17 -17.15 53.90
CA ASN B 583 -6.58 -17.18 55.32
C ASN B 583 -5.40 -17.36 56.26
N GLN B 584 -5.36 -16.62 57.35
CA GLN B 584 -4.26 -16.70 58.33
C GLN B 584 -4.23 -18.05 59.07
N LYS B 585 -5.42 -18.58 59.37
CA LYS B 585 -5.58 -19.89 60.00
C LYS B 585 -5.08 -20.99 59.07
N ASP B 586 -5.67 -21.09 57.88
CA ASP B 586 -5.40 -22.19 56.94
C ASP B 586 -3.92 -22.32 56.71
N PHE B 587 -3.30 -21.22 56.27
CA PHE B 587 -1.85 -21.16 55.99
C PHE B 587 -1.03 -21.66 57.17
N TYR B 588 -1.35 -21.19 58.38
CA TYR B 588 -0.58 -21.57 59.57
C TYR B 588 -0.69 -23.07 59.91
N ASN B 589 -1.90 -23.63 59.97
CA ASN B 589 -2.03 -25.11 60.16
C ASN B 589 -1.76 -25.95 58.89
N ALA B 590 -1.67 -25.31 57.73
CA ALA B 590 -1.12 -25.95 56.53
C ALA B 590 0.35 -26.29 56.68
N PHE B 591 1.08 -25.54 57.52
CA PHE B 591 2.50 -25.78 57.84
C PHE B 591 2.77 -26.29 59.29
N ASN B 592 1.72 -26.77 59.94
CA ASN B 592 1.73 -27.28 61.34
C ASN B 592 1.95 -26.23 62.43
N LEU B 593 1.39 -25.04 62.26
CA LEU B 593 1.30 -24.05 63.35
C LEU B 593 -0.14 -23.98 63.86
N ASN B 594 -0.30 -23.62 65.14
CA ASN B 594 -1.63 -23.39 65.70
C ASN B 594 -2.21 -22.09 65.14
N ASP B 595 -3.55 -22.07 65.01
CA ASP B 595 -4.31 -20.97 64.37
C ASP B 595 -3.70 -19.58 64.54
N ASP B 596 -3.22 -19.30 65.75
CA ASP B 596 -2.72 -18.00 66.14
C ASP B 596 -1.28 -18.11 66.59
N GLY B 597 -0.38 -17.60 65.75
CA GLY B 597 0.96 -17.28 66.18
C GLY B 597 1.85 -18.49 66.38
N ARG B 598 2.39 -18.64 67.59
CA ARG B 598 3.59 -19.46 67.84
C ARG B 598 3.37 -20.62 68.80
N ALA B 599 2.74 -21.66 68.26
CA ALA B 599 2.71 -22.97 68.88
C ALA B 599 2.59 -23.98 67.75
N PHE B 600 3.45 -24.98 67.75
CA PHE B 600 3.29 -26.06 66.78
C PHE B 600 1.98 -26.78 67.03
N THR B 601 1.33 -27.24 65.96
CA THR B 601 0.14 -28.06 66.12
C THR B 601 0.51 -29.46 66.67
N SER B 602 -0.50 -30.23 67.07
CA SER B 602 -0.35 -31.55 67.69
C SER B 602 0.76 -32.43 67.10
N SER B 603 0.61 -32.85 65.84
CA SER B 603 1.69 -33.51 65.06
C SER B 603 2.29 -32.53 64.01
N THR B 604 3.56 -32.72 63.65
CA THR B 604 4.28 -31.78 62.79
C THR B 604 5.01 -32.46 61.61
N PRO B 605 4.28 -33.23 60.79
CA PRO B 605 4.90 -33.99 59.71
C PRO B 605 5.39 -33.16 58.50
N ARG B 606 4.67 -32.10 58.11
CA ARG B 606 5.15 -31.11 57.11
C ARG B 606 6.51 -30.48 57.49
N LYS B 607 6.55 -29.97 58.72
CA LYS B 607 7.70 -29.28 59.31
C LYS B 607 8.87 -30.21 59.48
N ASP B 608 8.58 -31.47 59.79
CA ASP B 608 9.60 -32.54 59.85
C ASP B 608 10.31 -32.71 58.50
N GLU B 609 9.52 -32.62 57.43
CA GLU B 609 10.01 -32.77 56.07
C GLU B 609 10.59 -31.45 55.54
N MET B 610 10.10 -30.31 56.00
CA MET B 610 10.80 -29.04 55.75
C MET B 610 12.20 -29.14 56.31
N SER B 611 12.34 -29.56 57.56
CA SER B 611 13.67 -29.76 58.14
C SER B 611 14.50 -30.81 57.40
N LYS B 612 13.91 -31.95 57.08
CA LYS B 612 14.63 -33.03 56.36
C LYS B 612 15.41 -32.47 55.16
N GLN B 613 14.76 -31.59 54.38
CA GLN B 613 15.31 -31.11 53.11
C GLN B 613 16.22 -29.90 53.25
N GLN B 614 15.95 -29.04 54.23
CA GLN B 614 16.94 -28.06 54.66
C GLN B 614 18.24 -28.78 54.96
N GLN B 615 18.19 -29.73 55.88
CA GLN B 615 19.36 -30.51 56.26
C GLN B 615 20.18 -31.04 55.08
N HIS B 616 19.54 -31.58 54.06
CA HIS B 616 20.28 -32.08 52.90
C HIS B 616 20.88 -30.95 52.04
N ASN B 617 20.15 -29.84 51.92
CA ASN B 617 20.64 -28.67 51.18
C ASN B 617 21.91 -28.00 51.73
N GLN B 618 22.27 -28.28 52.99
CA GLN B 618 23.24 -27.48 53.71
C GLN B 618 24.53 -27.24 52.92
N HIS B 619 25.14 -28.31 52.39
CA HIS B 619 26.38 -28.21 51.60
C HIS B 619 26.18 -27.69 50.17
N ILE B 620 24.94 -27.76 49.70
CA ILE B 620 24.57 -27.13 48.44
C ILE B 620 24.49 -25.63 48.72
N TYR B 621 23.83 -25.23 49.82
CA TYR B 621 23.78 -23.79 50.25
C TYR B 621 25.14 -23.12 50.50
N ALA B 622 26.14 -23.91 50.87
CA ALA B 622 27.49 -23.41 51.06
C ALA B 622 27.98 -22.89 49.73
N GLU B 623 28.13 -23.79 48.76
CA GLU B 623 28.65 -23.41 47.42
C GLU B 623 27.76 -22.44 46.62
N TYR B 624 26.46 -22.37 46.91
CA TYR B 624 25.55 -21.44 46.20
C TYR B 624 25.63 -20.06 46.81
N ASN B 625 25.61 -19.97 48.14
CA ASN B 625 25.85 -18.68 48.79
C ASN B 625 27.27 -18.19 48.57
N SER B 626 28.22 -19.13 48.41
CA SER B 626 29.65 -18.84 48.20
C SER B 626 29.99 -18.30 46.81
N THR B 627 29.47 -18.92 45.77
CA THR B 627 29.99 -18.68 44.41
C THR B 627 29.61 -17.30 43.86
N SER B 628 30.44 -16.86 42.92
CA SER B 628 30.23 -15.65 42.11
C SER B 628 29.89 -15.97 40.63
N ASN B 629 30.51 -17.05 40.12
CA ASN B 629 30.09 -17.79 38.92
C ASN B 629 28.56 -17.96 38.86
N SER B 630 27.88 -16.98 38.28
CA SER B 630 26.41 -16.98 38.23
C SER B 630 25.77 -18.17 37.47
N GLY B 631 26.58 -18.90 36.70
CA GLY B 631 26.14 -20.10 36.01
C GLY B 631 26.07 -21.33 36.88
N ASN B 632 27.18 -21.67 37.52
CA ASN B 632 27.22 -22.76 38.52
C ASN B 632 26.15 -22.53 39.62
N LYS B 633 25.82 -21.27 39.88
CA LYS B 633 24.72 -20.93 40.77
C LYS B 633 23.37 -21.49 40.35
N LYS B 634 23.05 -21.40 39.05
CA LYS B 634 21.75 -21.85 38.53
C LYS B 634 21.53 -23.35 38.63
N LEU B 635 22.57 -24.14 38.39
CA LEU B 635 22.52 -25.58 38.64
C LEU B 635 22.25 -25.85 40.09
N LEU B 636 23.11 -25.34 40.97
CA LEU B 636 22.97 -25.58 42.41
C LEU B 636 21.58 -25.20 42.93
N ALA B 637 21.04 -24.08 42.44
CA ALA B 637 19.66 -23.72 42.74
C ALA B 637 18.60 -24.79 42.35
N VAL B 638 18.80 -25.49 41.22
CA VAL B 638 17.94 -26.61 40.80
C VAL B 638 18.11 -27.79 41.79
N LEU B 639 19.36 -28.10 42.13
CA LEU B 639 19.68 -29.10 43.16
C LEU B 639 19.07 -28.81 44.54
N LEU B 640 18.80 -27.55 44.83
CA LEU B 640 18.06 -27.20 46.04
C LEU B 640 16.64 -27.68 45.86
N SER B 641 16.04 -27.29 44.73
CA SER B 641 14.60 -27.44 44.52
C SER B 641 14.14 -28.87 44.37
N ILE B 642 15.06 -29.75 43.99
CA ILE B 642 14.80 -31.18 44.01
C ILE B 642 14.87 -31.74 45.45
N GLU B 643 13.92 -32.62 45.79
CA GLU B 643 13.94 -33.40 47.04
C GLU B 643 14.98 -34.51 46.99
N LYS B 644 15.54 -34.80 48.18
CA LYS B 644 16.70 -35.67 48.37
C LYS B 644 16.39 -36.68 49.50
N PRO B 645 16.94 -37.91 49.38
CA PRO B 645 16.88 -38.88 50.49
C PRO B 645 17.84 -38.51 51.62
N VAL B 646 19.01 -38.01 51.21
CA VAL B 646 20.20 -37.95 52.03
C VAL B 646 20.91 -36.60 51.91
N THR B 647 21.65 -36.19 52.92
CA THR B 647 22.41 -34.95 52.83
C THR B 647 23.65 -35.08 51.88
N PHE B 648 23.79 -34.13 50.96
CA PHE B 648 24.84 -34.16 49.93
C PHE B 648 26.06 -33.47 50.51
N SER B 649 27.20 -34.17 50.49
CA SER B 649 28.49 -33.61 50.89
C SER B 649 29.10 -32.80 49.76
N LYS B 650 30.18 -32.08 50.07
CA LYS B 650 30.89 -31.27 49.06
C LYS B 650 31.47 -32.13 47.98
N ASP B 651 31.95 -33.32 48.33
CA ASP B 651 32.44 -34.26 47.32
C ASP B 651 31.33 -34.64 46.31
N ILE B 652 30.06 -34.64 46.77
CA ILE B 652 28.90 -34.79 45.88
C ILE B 652 28.69 -33.50 45.08
N VAL B 653 28.59 -32.35 45.77
CA VAL B 653 28.31 -31.07 45.10
C VAL B 653 29.35 -30.73 44.02
N ASN B 654 30.62 -30.98 44.31
CA ASN B 654 31.66 -30.86 43.30
C ASN B 654 31.39 -31.82 42.15
N ARG B 655 31.11 -33.09 42.47
CA ARG B 655 30.84 -34.11 41.43
C ARG B 655 29.73 -33.73 40.47
N PHE B 656 28.75 -32.95 40.97
CA PHE B 656 27.67 -32.38 40.13
C PHE B 656 28.13 -31.31 39.16
N LEU B 657 29.03 -30.44 39.61
CA LEU B 657 29.51 -29.30 38.81
C LEU B 657 30.52 -29.68 37.74
N ARG B 658 31.47 -30.55 38.11
CA ARG B 658 32.57 -30.97 37.25
C ARG B 658 32.15 -31.26 35.79
N PRO B 659 31.07 -32.05 35.54
CA PRO B 659 30.69 -32.35 34.15
C PRO B 659 30.03 -31.24 33.29
N LEU B 660 29.54 -30.15 33.92
CA LEU B 660 28.89 -29.02 33.18
C LEU B 660 29.67 -28.51 31.97
N LYS B 661 30.94 -28.20 32.21
CA LYS B 661 31.83 -27.67 31.19
C LYS B 661 31.91 -28.61 30.00
N ASP B 662 32.07 -29.90 30.27
CA ASP B 662 32.18 -30.91 29.23
C ASP B 662 30.84 -31.16 28.54
N SER B 663 29.81 -31.42 29.34
CA SER B 663 28.55 -31.98 28.82
C SER B 663 27.64 -30.92 28.18
N GLU B 664 27.25 -31.16 26.92
CA GLU B 664 26.61 -30.15 26.05
C GLU B 664 25.09 -30.19 26.04
N THR B 665 24.51 -31.34 26.42
CA THR B 665 23.04 -31.51 26.60
C THR B 665 22.76 -31.92 28.05
N PRO B 666 21.57 -31.58 28.59
CA PRO B 666 21.19 -32.05 29.93
C PRO B 666 21.01 -33.56 30.04
N GLN B 667 20.70 -34.25 28.93
CA GLN B 667 20.67 -35.70 28.90
C GLN B 667 22.06 -36.36 28.95
N ASP B 668 23.07 -35.78 28.29
CA ASP B 668 24.49 -36.20 28.48
C ASP B 668 25.01 -35.89 29.86
N TYR B 669 24.52 -34.80 30.43
CA TYR B 669 24.95 -34.36 31.74
C TYR B 669 24.47 -35.35 32.78
N ALA B 670 23.25 -35.85 32.59
CA ALA B 670 22.72 -36.89 33.45
C ALA B 670 23.50 -38.19 33.30
N ASP B 671 23.62 -38.65 32.05
CA ASP B 671 24.31 -39.91 31.69
C ASP B 671 25.71 -40.09 32.29
N THR B 672 26.56 -39.07 32.16
CA THR B 672 27.88 -39.13 32.78
C THR B 672 27.71 -39.19 34.30
N LEU B 673 26.82 -38.38 34.88
CA LEU B 673 26.64 -38.30 36.35
C LEU B 673 26.15 -39.57 37.05
N PHE B 674 25.14 -40.20 36.48
CA PHE B 674 24.43 -41.31 37.13
C PHE B 674 24.44 -42.61 36.35
N GLY B 675 24.72 -42.55 35.04
CA GLY B 675 24.75 -43.74 34.18
C GLY B 675 23.69 -43.66 33.10
N GLU B 676 23.87 -44.44 32.04
CA GLU B 676 22.84 -44.61 31.02
C GLU B 676 21.59 -45.17 31.72
N ASN B 677 21.74 -46.37 32.29
CA ASN B 677 20.65 -47.15 32.91
C ASN B 677 21.03 -47.37 34.37
N PRO B 678 20.78 -46.39 35.25
CA PRO B 678 21.14 -46.59 36.66
C PRO B 678 20.40 -47.74 37.35
N THR B 679 21.15 -48.49 38.15
CA THR B 679 20.67 -49.72 38.78
C THR B 679 20.19 -49.46 40.23
N ASN B 680 20.91 -48.62 40.98
CA ASN B 680 20.48 -48.15 42.31
C ASN B 680 19.11 -47.46 42.15
N PRO B 681 18.12 -47.79 43.00
CA PRO B 681 16.81 -47.12 42.91
C PRO B 681 16.82 -45.62 43.28
N ALA B 682 17.61 -45.22 44.28
CA ALA B 682 17.66 -43.81 44.70
C ALA B 682 18.41 -42.90 43.71
N ASN B 683 19.16 -43.49 42.79
CA ASN B 683 19.88 -42.74 41.78
C ASN B 683 19.06 -42.52 40.55
N LYS B 684 18.31 -43.52 40.07
CA LYS B 684 17.40 -43.31 38.92
C LYS B 684 16.36 -42.25 39.23
N LYS B 685 15.87 -42.27 40.47
CA LYS B 685 14.97 -41.27 41.02
C LYS B 685 15.51 -39.85 40.85
N PHE B 686 16.76 -39.62 41.23
CA PHE B 686 17.33 -38.27 41.14
C PHE B 686 17.63 -37.88 39.69
N LYS B 687 18.27 -38.79 38.94
CA LYS B 687 18.48 -38.60 37.50
C LYS B 687 17.17 -38.11 36.89
N ASP B 688 16.06 -38.77 37.24
CA ASP B 688 14.75 -38.37 36.75
C ASP B 688 14.37 -36.95 37.16
N ASP B 689 14.42 -36.70 38.47
CA ASP B 689 14.03 -35.40 39.01
C ASP B 689 14.95 -34.28 38.51
N LEU B 690 16.22 -34.62 38.30
CA LEU B 690 17.18 -33.70 37.71
C LEU B 690 16.81 -33.41 36.29
N LEU B 691 16.71 -34.45 35.46
CA LEU B 691 16.26 -34.26 34.09
C LEU B 691 14.89 -33.59 34.00
N ARG B 692 14.02 -33.81 34.99
CA ARG B 692 12.73 -33.13 35.03
C ARG B 692 12.86 -31.62 35.05
N GLU B 693 13.89 -31.10 35.72
CA GLU B 693 14.09 -29.66 35.91
C GLU B 693 15.07 -29.05 34.91
N LEU B 694 16.11 -29.78 34.56
CA LEU B 694 17.02 -29.34 33.51
C LEU B 694 16.40 -29.56 32.14
N THR B 695 15.49 -28.65 31.79
CA THR B 695 14.97 -28.61 30.46
C THR B 695 16.14 -28.34 29.54
N PRO B 696 15.96 -28.52 28.22
CA PRO B 696 16.96 -28.01 27.29
C PRO B 696 17.19 -26.51 27.41
N THR B 697 16.10 -25.76 27.60
CA THR B 697 16.19 -24.28 27.54
C THR B 697 16.92 -23.75 28.78
N VAL B 698 16.64 -24.32 29.96
CA VAL B 698 17.37 -23.91 31.17
C VAL B 698 18.80 -24.41 31.16
N PHE B 699 19.07 -25.56 30.55
CA PHE B 699 20.45 -26.07 30.50
C PHE B 699 21.29 -25.18 29.61
N ASN B 700 20.70 -24.69 28.51
CA ASN B 700 21.38 -23.71 27.61
C ASN B 700 21.57 -22.34 28.25
N GLU B 701 20.62 -21.92 29.07
CA GLU B 701 20.77 -20.71 29.87
C GLU B 701 21.95 -20.80 30.88
N ILE B 702 22.13 -21.97 31.51
CA ILE B 702 23.30 -22.21 32.38
C ILE B 702 24.53 -22.04 31.52
N LYS B 703 24.64 -22.84 30.47
CA LYS B 703 25.85 -22.89 29.62
C LYS B 703 26.22 -21.54 28.93
N ASN B 704 25.26 -20.60 28.85
CA ASN B 704 25.55 -19.21 28.45
C ASN B 704 26.17 -18.37 29.57
N ASP B 705 25.76 -18.60 30.83
CA ASP B 705 26.43 -18.00 31.99
C ASP B 705 27.82 -18.57 32.33
N LEU B 706 28.07 -19.81 31.90
CA LEU B 706 29.41 -20.41 31.91
C LEU B 706 30.37 -19.95 30.80
N ARG B 707 29.83 -19.57 29.64
CA ARG B 707 30.64 -18.92 28.59
C ARG B 707 31.06 -17.52 29.04
N LYS B 708 30.13 -16.73 29.59
CA LYS B 708 30.50 -15.46 30.21
C LYS B 708 31.63 -15.65 31.23
N GLN B 709 31.55 -16.69 32.04
CA GLN B 709 32.53 -16.93 33.11
C GLN B 709 33.92 -17.37 32.63
N GLU B 710 34.03 -17.75 31.36
CA GLU B 710 35.32 -18.00 30.74
C GLU B 710 35.85 -16.72 30.03
N LEU B 711 34.96 -15.85 29.54
CA LEU B 711 35.32 -14.57 28.88
C LEU B 711 35.74 -13.48 29.87
N LEU B 712 35.08 -13.45 31.02
CA LEU B 712 35.53 -12.63 32.12
C LEU B 712 36.78 -13.14 32.82
N ASP B 713 37.20 -14.38 32.55
CA ASP B 713 38.39 -14.95 33.18
C ASP B 713 39.59 -14.02 33.05
N THR B 714 40.42 -13.94 34.10
CA THR B 714 41.57 -13.00 34.15
C THR B 714 42.70 -13.38 33.20
N ASN B 715 42.84 -14.68 32.93
CA ASN B 715 43.91 -15.23 32.08
C ASN B 715 43.67 -14.92 30.59
N PRO B 716 44.62 -14.26 29.90
CA PRO B 716 44.45 -13.91 28.47
C PRO B 716 44.18 -15.10 27.52
N ALA B 717 44.87 -16.22 27.73
CA ALA B 717 44.67 -17.43 26.91
C ALA B 717 43.25 -18.01 27.03
N HIS B 718 42.75 -18.12 28.25
CA HIS B 718 41.40 -18.65 28.50
C HIS B 718 40.27 -17.80 27.88
N VAL B 719 40.39 -16.47 27.97
CA VAL B 719 39.44 -15.53 27.33
C VAL B 719 39.42 -15.78 25.84
N MET B 720 40.59 -15.93 25.24
CA MET B 720 40.70 -16.12 23.79
C MET B 720 40.36 -17.56 23.31
N THR B 721 40.63 -18.59 24.12
CA THR B 721 40.16 -19.94 23.79
C THR B 721 38.64 -20.08 23.93
N ALA B 722 38.04 -19.29 24.82
CA ALA B 722 36.60 -19.12 24.86
C ALA B 722 36.05 -18.42 23.62
N ILE B 723 36.72 -17.37 23.15
CA ILE B 723 36.25 -16.63 21.96
C ILE B 723 36.54 -17.39 20.67
N LYS B 724 37.64 -18.16 20.63
CA LYS B 724 37.87 -19.15 19.57
C LYS B 724 36.62 -20.04 19.42
N ALA B 725 36.12 -20.55 20.55
CA ALA B 725 34.95 -21.43 20.58
C ALA B 725 33.65 -20.72 20.24
N LEU B 726 33.47 -19.47 20.70
CA LEU B 726 32.31 -18.62 20.33
C LEU B 726 32.32 -18.27 18.82
N SER B 727 33.50 -18.21 18.21
CA SER B 727 33.63 -18.01 16.76
C SER B 727 33.21 -19.26 15.97
N THR B 728 33.74 -20.43 16.36
CA THR B 728 33.31 -21.73 15.81
C THR B 728 31.77 -21.89 15.82
N GLU B 729 31.18 -21.54 16.96
CA GLU B 729 29.73 -21.62 17.17
C GLU B 729 28.94 -20.59 16.36
N LEU B 730 29.53 -19.43 16.07
CA LEU B 730 28.93 -18.45 15.14
C LEU B 730 29.14 -18.83 13.67
N GLU B 731 30.27 -19.48 13.36
CA GLU B 731 30.57 -19.88 11.98
C GLU B 731 29.61 -20.96 11.52
N SER B 732 29.25 -21.87 12.44
CA SER B 732 28.26 -22.92 12.16
C SER B 732 26.90 -22.32 11.83
N ILE B 733 26.41 -21.49 12.73
CA ILE B 733 25.12 -20.79 12.57
C ILE B 733 25.07 -20.03 11.24
N LYS B 734 26.19 -19.43 10.86
CA LYS B 734 26.31 -18.70 9.58
C LYS B 734 26.05 -19.64 8.37
N GLY B 735 26.57 -20.86 8.45
CA GLY B 735 26.32 -21.87 7.42
C GLY B 735 24.88 -22.37 7.28
N ILE B 736 23.97 -22.00 8.20
CA ILE B 736 22.53 -22.29 8.04
C ILE B 736 21.71 -21.05 7.69
N THR B 737 22.09 -19.88 8.20
CA THR B 737 21.45 -18.62 7.81
C THR B 737 22.02 -18.06 6.49
N GLY B 738 23.07 -18.69 5.97
CA GLY B 738 23.64 -18.35 4.66
C GLY B 738 22.88 -18.92 3.47
N PRO B 739 22.58 -20.24 3.47
CA PRO B 739 21.69 -20.85 2.46
C PRO B 739 20.22 -20.39 2.52
N ILE B 740 19.69 -20.07 3.71
CA ILE B 740 18.37 -19.40 3.83
C ILE B 740 18.38 -18.05 3.08
N ARG B 741 19.52 -17.35 3.14
CA ARG B 741 19.72 -16.10 2.39
C ARG B 741 19.82 -16.41 0.88
N THR B 742 20.74 -17.29 0.47
CA THR B 742 20.91 -17.69 -0.96
C THR B 742 19.57 -17.96 -1.69
N ASN B 743 18.64 -18.66 -1.03
CA ASN B 743 17.32 -19.00 -1.59
C ASN B 743 16.23 -17.96 -1.30
N ALA B 744 16.52 -16.91 -0.52
CA ALA B 744 15.49 -15.91 -0.13
C ALA B 744 15.12 -14.93 -1.25
N ASP B 745 16.08 -14.55 -2.11
CA ASP B 745 15.76 -13.78 -3.34
C ASP B 745 14.88 -14.55 -4.37
N LYS B 746 14.97 -15.89 -4.34
CA LYS B 746 14.28 -16.79 -5.29
C LYS B 746 12.84 -17.13 -4.88
N LEU B 747 12.55 -17.09 -3.57
CA LEU B 747 11.16 -17.11 -3.07
C LEU B 747 10.55 -15.69 -3.00
N LYS B 748 11.39 -14.66 -3.15
CA LYS B 748 10.94 -13.26 -3.23
C LYS B 748 10.40 -12.97 -4.64
N PHE B 749 11.27 -13.16 -5.64
CA PHE B 749 10.93 -12.87 -7.05
C PHE B 749 9.66 -13.64 -7.53
N ILE B 750 9.49 -14.91 -7.13
CA ILE B 750 8.33 -15.73 -7.59
C ILE B 750 7.02 -15.38 -6.86
N ASN B 751 7.00 -15.38 -5.52
CA ASN B 751 5.76 -15.21 -4.74
C ASN B 751 5.48 -13.75 -4.26
N ASP B 752 6.12 -12.74 -4.86
CA ASP B 752 5.93 -11.32 -4.46
C ASP B 752 4.46 -10.87 -4.49
N LYS B 770 -6.38 -26.63 -15.18
CA LYS B 770 -5.03 -26.12 -15.39
C LYS B 770 -4.41 -25.82 -14.03
N ALA B 771 -5.10 -24.97 -13.27
CA ALA B 771 -4.65 -24.52 -11.95
C ALA B 771 -5.03 -25.45 -10.78
N ALA B 772 -5.50 -26.68 -11.08
CA ALA B 772 -5.65 -27.73 -10.05
C ALA B 772 -4.30 -28.33 -9.61
N GLN B 773 -3.26 -28.14 -10.42
CA GLN B 773 -1.88 -28.54 -10.13
C GLN B 773 -0.95 -27.37 -9.74
N MET B 774 -1.55 -26.19 -9.50
CA MET B 774 -0.88 -25.10 -8.76
C MET B 774 -0.87 -25.41 -7.26
N LYS B 775 -1.84 -26.22 -6.80
CA LYS B 775 -1.97 -26.57 -5.38
C LYS B 775 -0.80 -27.41 -4.81
N GLU B 776 -0.03 -28.08 -5.66
CA GLU B 776 1.08 -28.94 -5.20
C GLU B 776 2.30 -28.16 -4.73
N ARG B 777 2.76 -27.22 -5.55
CA ARG B 777 3.98 -26.43 -5.28
C ARG B 777 3.76 -25.21 -4.37
N TYR B 778 2.49 -24.84 -4.10
CA TYR B 778 2.17 -23.77 -3.14
C TYR B 778 1.82 -24.29 -1.74
N GLU B 779 1.24 -25.50 -1.65
CA GLU B 779 1.16 -26.24 -0.38
C GLU B 779 2.50 -26.97 -0.04
N GLY B 780 3.42 -27.01 -1.01
CA GLY B 780 4.82 -27.35 -0.77
C GLY B 780 5.67 -26.15 -0.31
N LEU B 781 5.49 -25.00 -0.95
CA LEU B 781 6.23 -23.76 -0.59
C LEU B 781 5.75 -23.14 0.73
N SER B 782 4.44 -23.17 0.99
CA SER B 782 3.90 -22.81 2.32
C SER B 782 4.64 -23.60 3.39
N ARG B 783 4.73 -24.92 3.16
CA ARG B 783 5.49 -25.88 3.98
C ARG B 783 7.02 -25.65 4.01
N ASP B 784 7.62 -25.30 2.86
CA ASP B 784 9.07 -24.99 2.79
C ASP B 784 9.42 -23.68 3.51
N CYS B 785 8.70 -22.61 3.15
CA CYS B 785 8.79 -21.30 3.81
C CYS B 785 8.65 -21.38 5.33
N GLY B 786 7.67 -22.17 5.78
CA GLY B 786 7.37 -22.35 7.21
C GLY B 786 8.32 -23.20 8.03
N LEU B 787 9.21 -23.96 7.38
CA LEU B 787 10.32 -24.65 8.07
C LEU B 787 11.50 -23.70 8.29
N VAL B 788 11.60 -22.68 7.42
CA VAL B 788 12.61 -21.62 7.53
C VAL B 788 12.17 -20.54 8.55
N VAL B 789 10.87 -20.32 8.68
CA VAL B 789 10.36 -19.46 9.75
C VAL B 789 10.75 -20.10 11.09
N ASP B 790 10.52 -21.40 11.26
CA ASP B 790 10.92 -22.18 12.47
C ASP B 790 12.43 -22.13 12.75
N GLN B 791 13.23 -22.27 11.68
CA GLN B 791 14.67 -22.49 11.79
C GLN B 791 15.40 -21.24 12.19
N LEU B 792 14.87 -20.08 11.83
CA LEU B 792 15.55 -18.82 12.17
C LEU B 792 14.91 -17.99 13.32
N ARG B 793 13.74 -18.42 13.81
CA ARG B 793 13.26 -18.07 15.16
C ARG B 793 14.27 -18.56 16.17
N ARG B 794 14.62 -19.83 16.03
CA ARG B 794 15.54 -20.52 16.93
C ARG B 794 17.02 -20.07 16.72
N GLN B 795 17.33 -19.38 15.60
CA GLN B 795 18.62 -18.67 15.38
C GLN B 795 18.63 -17.20 15.78
N VAL B 796 17.48 -16.65 16.17
CA VAL B 796 17.41 -15.41 16.94
C VAL B 796 17.87 -15.72 18.37
N VAL B 797 17.11 -16.57 19.07
CA VAL B 797 17.33 -16.89 20.51
C VAL B 797 18.72 -17.42 20.92
N ALA B 798 19.41 -18.10 20.00
CA ALA B 798 20.75 -18.61 20.27
C ALA B 798 21.84 -17.54 20.05
N LEU B 799 21.63 -16.65 19.07
CA LEU B 799 22.49 -15.46 18.91
C LEU B 799 22.32 -14.47 20.06
N GLU B 800 21.07 -14.29 20.53
CA GLU B 800 20.77 -13.44 21.71
C GLU B 800 21.46 -13.89 23.01
N GLY B 801 21.60 -15.20 23.16
CA GLY B 801 22.44 -15.76 24.20
C GLY B 801 23.91 -15.47 23.93
N HIS B 802 24.36 -15.70 22.69
CA HIS B 802 25.78 -15.52 22.34
C HIS B 802 26.30 -14.11 22.60
N LEU B 803 25.53 -13.10 22.21
CA LEU B 803 25.92 -11.70 22.44
C LEU B 803 25.83 -11.29 23.92
N LYS B 804 24.83 -11.79 24.65
CA LYS B 804 24.70 -11.53 26.12
C LYS B 804 25.61 -12.40 26.99
N SER B 805 26.19 -13.46 26.41
CA SER B 805 27.27 -14.24 27.04
C SER B 805 28.59 -13.49 26.97
N LEU B 806 28.80 -12.80 25.84
CA LEU B 806 29.99 -11.99 25.60
C LEU B 806 29.92 -10.72 26.44
N PRO B 807 30.91 -10.49 27.33
CA PRO B 807 30.95 -9.22 28.07
C PRO B 807 31.16 -8.01 27.16
N LYS B 808 30.64 -6.85 27.58
CA LYS B 808 30.76 -5.59 26.83
C LYS B 808 32.20 -5.06 26.96
N GLU B 809 32.55 -4.04 26.17
CA GLU B 809 33.95 -3.58 26.06
C GLU B 809 34.66 -3.32 27.41
N GLY B 810 34.04 -2.54 28.29
CA GLY B 810 34.62 -2.17 29.58
C GLY B 810 34.83 -3.31 30.55
N GLU B 811 33.92 -4.28 30.53
CA GLU B 811 33.78 -5.21 31.65
C GLU B 811 34.56 -6.52 31.52
N PHE B 812 35.50 -6.62 30.57
CA PHE B 812 36.49 -7.71 30.60
C PHE B 812 37.39 -7.52 31.80
N LYS B 813 37.82 -8.63 32.40
CA LYS B 813 38.68 -8.59 33.57
C LYS B 813 39.98 -9.40 33.37
N ALA B 814 40.47 -9.45 32.12
CA ALA B 814 41.83 -9.91 31.83
C ALA B 814 42.68 -8.66 31.63
N ALA B 815 43.88 -8.68 32.20
CA ALA B 815 44.78 -7.53 32.13
C ALA B 815 45.57 -7.54 30.83
N GLY B 816 46.38 -8.58 30.63
CA GLY B 816 47.31 -8.67 29.50
C GLY B 816 46.69 -9.03 28.14
N LEU B 817 45.79 -8.16 27.66
CA LEU B 817 45.10 -8.36 26.39
C LEU B 817 45.70 -7.37 25.39
N THR B 818 46.33 -7.91 24.34
CA THR B 818 46.94 -7.08 23.30
C THR B 818 45.88 -6.31 22.50
N LEU B 819 46.34 -5.33 21.70
CA LEU B 819 45.44 -4.50 20.87
C LEU B 819 44.68 -5.32 19.81
N GLU B 820 45.34 -6.34 19.25
CA GLU B 820 44.76 -7.25 18.24
C GLU B 820 43.88 -8.40 18.84
N GLN B 821 44.15 -8.80 20.08
CA GLN B 821 43.23 -9.70 20.82
C GLN B 821 41.89 -9.01 21.11
N LYS B 822 41.93 -7.74 21.53
CA LYS B 822 40.72 -6.95 21.78
C LYS B 822 40.02 -6.52 20.49
N ALA B 823 40.76 -6.54 19.38
CA ALA B 823 40.20 -6.33 18.03
C ALA B 823 39.30 -7.51 17.61
N GLU B 824 39.80 -8.73 17.78
CA GLU B 824 39.03 -9.97 17.56
C GLU B 824 37.69 -9.94 18.32
N ILE B 825 37.70 -9.37 19.53
CA ILE B 825 36.52 -9.23 20.40
C ILE B 825 35.52 -8.16 19.91
N LYS B 826 36.02 -6.97 19.62
CA LYS B 826 35.17 -5.86 19.18
C LYS B 826 34.58 -6.12 17.79
N LYS B 827 35.27 -6.92 16.95
CA LYS B 827 34.74 -7.41 15.65
C LYS B 827 33.67 -8.50 15.81
N LEU B 828 33.84 -9.36 16.83
CA LEU B 828 32.87 -10.40 17.16
C LEU B 828 31.55 -9.85 17.75
N ARG B 829 31.64 -8.87 18.65
CA ARG B 829 30.43 -8.24 19.24
C ARG B 829 29.61 -7.43 18.21
N THR B 830 30.28 -6.69 17.32
CA THR B 830 29.58 -5.97 16.23
C THR B 830 29.21 -6.88 15.05
N ASP B 831 29.94 -7.99 14.81
CA ASP B 831 29.53 -8.97 13.75
C ASP B 831 28.85 -10.27 14.25
N LEU B 832 28.54 -10.34 15.55
CA LEU B 832 27.42 -11.17 16.08
C LEU B 832 26.12 -10.45 15.73
N GLU B 833 26.00 -9.19 16.18
CA GLU B 833 24.83 -8.32 15.87
C GLU B 833 24.54 -8.13 14.38
N ALA B 834 25.59 -8.23 13.54
CA ALA B 834 25.46 -8.20 12.08
C ALA B 834 24.60 -9.35 11.57
N GLU B 835 24.77 -10.50 12.21
CA GLU B 835 23.94 -11.68 11.95
C GLU B 835 22.50 -11.49 12.46
N LEU B 836 22.36 -10.95 13.69
CA LEU B 836 21.03 -10.81 14.34
C LEU B 836 20.08 -9.79 13.67
N SER B 837 20.64 -8.66 13.22
CA SER B 837 19.88 -7.69 12.42
C SER B 837 19.52 -8.27 11.04
N ALA B 838 20.48 -8.93 10.39
CA ALA B 838 20.23 -9.61 9.09
C ALA B 838 19.24 -10.79 9.20
N VAL B 839 19.23 -11.48 10.35
CA VAL B 839 18.33 -12.64 10.65
C VAL B 839 16.99 -12.26 11.34
N ARG B 840 16.71 -10.95 11.44
CA ARG B 840 15.35 -10.43 11.72
C ARG B 840 14.71 -9.80 10.46
N GLU B 841 15.53 -9.21 9.59
CA GLU B 841 15.11 -8.83 8.23
C GLU B 841 14.60 -10.09 7.49
N ASP B 842 15.35 -11.19 7.59
CA ASP B 842 14.96 -12.49 6.99
C ASP B 842 13.71 -13.17 7.62
N LEU B 843 13.48 -13.01 8.92
CA LEU B 843 12.30 -13.60 9.56
C LEU B 843 11.03 -12.89 9.09
N ASP B 844 11.04 -11.55 9.17
CA ASP B 844 9.89 -10.72 8.76
C ASP B 844 9.53 -10.91 7.29
N PHE B 845 10.56 -11.06 6.46
CA PHE B 845 10.40 -11.41 5.04
C PHE B 845 9.87 -12.83 4.83
N TYR B 846 10.34 -13.80 5.62
CA TYR B 846 9.80 -15.19 5.58
C TYR B 846 8.47 -15.35 6.34
N LYS B 847 8.11 -14.36 7.17
CA LYS B 847 6.77 -14.31 7.80
C LYS B 847 5.67 -13.91 6.81
N LYS B 848 5.87 -12.79 6.08
CA LYS B 848 4.86 -12.25 5.15
C LYS B 848 4.71 -13.08 3.85
N ILE B 849 5.78 -13.76 3.45
CA ILE B 849 5.74 -14.76 2.35
C ILE B 849 4.94 -16.03 2.75
N GLN B 850 4.98 -16.40 4.03
CA GLN B 850 4.15 -17.48 4.56
C GLN B 850 2.66 -17.08 4.57
N GLY B 851 2.37 -15.86 5.02
CA GLY B 851 1.01 -15.31 4.98
C GLY B 851 0.40 -15.10 3.60
N LYS B 852 1.25 -14.97 2.57
CA LYS B 852 0.81 -14.93 1.15
C LYS B 852 0.66 -16.34 0.54
N LEU B 853 1.55 -17.25 0.95
CA LEU B 853 1.44 -18.69 0.59
C LEU B 853 0.33 -19.45 1.36
N GLU B 854 -0.23 -18.86 2.42
CA GLU B 854 -1.44 -19.40 3.11
C GLU B 854 -2.75 -18.88 2.48
N THR B 855 -2.73 -17.61 2.08
CA THR B 855 -3.86 -16.97 1.37
C THR B 855 -3.99 -17.49 -0.07
N ILE B 856 -2.94 -18.10 -0.63
CA ILE B 856 -2.97 -18.69 -1.97
C ILE B 856 -3.63 -20.10 -1.97
N VAL B 857 -3.28 -20.95 -0.99
CA VAL B 857 -3.94 -22.26 -0.85
C VAL B 857 -5.33 -22.15 -0.21
N LYS B 858 -5.62 -21.00 0.42
CA LYS B 858 -6.98 -20.62 0.83
C LYS B 858 -7.92 -20.43 -0.39
N GLU B 859 -7.52 -19.59 -1.35
CA GLU B 859 -8.27 -19.39 -2.61
C GLU B 859 -7.91 -20.52 -3.61
N VAL B 860 -8.70 -21.59 -3.58
CA VAL B 860 -8.49 -22.78 -4.42
C VAL B 860 -9.82 -23.43 -4.81
N MET C 2 65.03 51.66 -118.75
CA MET C 2 63.72 52.34 -118.51
C MET C 2 62.95 51.50 -117.46
N ILE C 3 61.83 50.85 -117.83
CA ILE C 3 61.30 49.71 -117.05
C ILE C 3 60.56 50.07 -115.72
N LEU C 4 60.40 51.36 -115.38
CA LEU C 4 59.50 51.81 -114.27
C LEU C 4 59.45 50.99 -112.96
N GLU C 5 60.61 50.62 -112.42
CA GLU C 5 60.65 49.71 -111.25
C GLU C 5 60.09 50.40 -109.98
N GLU C 6 59.86 49.64 -108.91
CA GLU C 6 59.53 50.19 -107.56
C GLU C 6 60.64 51.13 -107.06
N TYR C 7 60.25 52.19 -106.34
CA TYR C 7 61.16 53.30 -106.04
C TYR C 7 62.30 52.90 -105.13
N ILE C 8 63.51 53.17 -105.60
CA ILE C 8 64.73 52.86 -104.87
C ILE C 8 65.38 54.20 -104.53
N ARG C 9 65.40 54.49 -103.24
CA ARG C 9 66.06 55.65 -102.74
C ARG C 9 67.57 55.43 -102.87
N MET C 10 68.23 56.31 -103.61
CA MET C 10 69.70 56.31 -103.72
C MET C 10 70.30 57.14 -102.59
N ALA C 11 69.62 58.23 -102.21
CA ALA C 11 70.07 59.10 -101.10
C ALA C 11 69.93 58.44 -99.72
N LYS C 12 70.30 59.19 -98.67
CA LYS C 12 70.12 58.77 -97.28
C LYS C 12 68.77 59.19 -96.69
N ASN C 13 68.36 60.46 -96.90
CA ASN C 13 67.18 61.09 -96.25
C ASN C 13 66.49 60.26 -95.14
N LYS C 14 66.00 59.06 -95.48
CA LYS C 14 65.29 58.16 -94.54
C LYS C 14 66.18 57.66 -93.40
N GLU C 15 67.39 57.23 -93.72
CA GLU C 15 68.34 56.76 -92.70
C GLU C 15 68.61 57.84 -91.66
N PHE C 16 68.78 59.10 -92.09
CA PHE C 16 68.88 60.22 -91.14
C PHE C 16 67.59 60.36 -90.36
N PHE C 17 66.45 60.31 -91.03
CA PHE C 17 65.12 60.35 -90.36
C PHE C 17 64.97 59.24 -89.32
N ASP C 18 65.21 57.99 -89.72
CA ASP C 18 65.21 56.83 -88.80
C ASP C 18 66.23 56.91 -87.67
N ALA C 19 67.42 57.43 -87.96
CA ALA C 19 68.44 57.64 -86.94
C ALA C 19 68.03 58.69 -85.92
N LEU C 20 67.38 59.79 -86.32
CA LEU C 20 66.91 60.79 -85.35
C LEU C 20 65.96 60.19 -84.28
N GLU C 21 65.26 59.10 -84.60
CA GLU C 21 64.35 58.47 -83.64
C GLU C 21 65.13 57.57 -82.67
N GLU C 22 65.98 56.67 -83.21
CA GLU C 22 66.83 55.76 -82.40
C GLU C 22 67.80 56.47 -81.47
N ILE C 23 68.31 57.63 -81.92
CA ILE C 23 69.20 58.49 -81.11
C ILE C 23 68.38 59.21 -80.02
N ALA C 24 67.27 59.85 -80.40
CA ALA C 24 66.37 60.49 -79.43
C ALA C 24 65.70 59.50 -78.48
N GLU C 25 65.59 58.23 -78.92
CA GLU C 25 65.05 57.13 -78.09
C GLU C 25 66.04 56.73 -77.01
N SER C 26 67.26 56.44 -77.43
CA SER C 26 68.34 56.15 -76.49
C SER C 26 68.66 57.35 -75.57
N ALA C 27 68.43 58.57 -76.06
CA ALA C 27 68.61 59.82 -75.29
C ALA C 27 67.48 60.14 -74.29
N LYS C 28 66.84 59.11 -73.76
CA LYS C 28 66.00 59.28 -72.59
C LYS C 28 66.92 59.18 -71.38
N ASN C 29 67.59 58.04 -71.26
CA ASN C 29 68.41 57.71 -70.10
C ASN C 29 69.89 57.89 -70.42
N ASP C 30 70.23 59.11 -70.86
CA ASP C 30 71.59 59.53 -71.22
C ASP C 30 71.59 61.07 -71.34
N GLU C 31 71.94 61.76 -70.25
CA GLU C 31 71.88 63.24 -70.16
C GLU C 31 73.05 63.97 -70.84
N THR C 32 74.17 63.26 -71.05
CA THR C 32 75.30 63.79 -71.84
C THR C 32 74.98 63.77 -73.34
N LEU C 33 74.39 62.68 -73.80
CA LEU C 33 73.87 62.55 -75.18
C LEU C 33 72.35 62.84 -75.32
N ARG C 34 71.78 63.64 -74.40
CA ARG C 34 70.46 64.30 -74.57
C ARG C 34 70.65 65.80 -74.88
N ASN C 35 71.75 66.39 -74.41
CA ASN C 35 72.09 67.78 -74.72
C ASN C 35 72.98 67.93 -75.99
N GLU C 36 73.69 66.86 -76.38
CA GLU C 36 74.40 66.84 -77.67
C GLU C 36 73.42 66.72 -78.86
N LEU C 37 72.38 65.91 -78.68
CA LEU C 37 71.30 65.79 -79.68
C LEU C 37 70.35 67.00 -79.62
N ALA C 38 70.23 67.64 -78.47
CA ALA C 38 69.52 68.91 -78.36
C ALA C 38 70.14 69.94 -79.31
N LYS C 39 71.47 69.96 -79.40
CA LYS C 39 72.19 70.93 -80.25
C LYS C 39 72.12 70.51 -81.73
N VAL C 40 72.48 69.26 -82.03
CA VAL C 40 72.43 68.72 -83.41
C VAL C 40 71.06 68.99 -84.07
N LEU C 41 70.00 68.90 -83.27
CA LEU C 41 68.63 69.25 -83.71
C LEU C 41 68.46 70.77 -83.81
N ASP C 42 68.97 71.54 -82.83
CA ASP C 42 68.90 73.02 -82.86
C ASP C 42 69.62 73.70 -84.05
N ASP C 43 70.63 73.00 -84.60
CA ASP C 43 71.27 73.35 -85.90
C ASP C 43 70.37 73.11 -87.14
N ILE C 44 69.69 71.96 -87.16
CA ILE C 44 68.79 71.59 -88.27
C ILE C 44 67.50 72.47 -88.26
N LEU C 45 67.05 72.87 -87.07
CA LEU C 45 65.96 73.83 -86.94
C LEU C 45 66.43 75.24 -87.35
N LYS C 46 67.67 75.58 -86.98
CA LYS C 46 68.31 76.85 -87.37
C LYS C 46 68.41 77.09 -88.89
N THR C 47 68.68 76.03 -89.65
CA THR C 47 68.98 76.12 -91.09
C THR C 47 67.71 76.19 -91.96
N ASP C 48 67.83 76.72 -93.17
CA ASP C 48 66.74 76.73 -94.15
C ASP C 48 66.70 75.32 -94.77
N PRO C 49 65.48 74.72 -94.93
CA PRO C 49 65.32 73.47 -95.71
C PRO C 49 64.98 73.66 -97.22
N SER C 50 64.45 74.84 -97.60
CA SER C 50 64.29 75.24 -99.01
C SER C 50 65.64 75.56 -99.72
N ASP C 51 66.68 75.84 -98.95
CA ASP C 51 68.06 75.97 -99.43
C ASP C 51 68.71 74.57 -99.39
N PRO C 52 68.85 73.86 -100.55
CA PRO C 52 69.45 72.51 -100.55
C PRO C 52 70.95 72.43 -100.19
N GLU C 53 71.70 73.49 -100.48
CA GLU C 53 73.13 73.61 -100.14
C GLU C 53 73.36 73.72 -98.63
N ALA C 54 72.55 74.55 -97.96
CA ALA C 54 72.74 74.94 -96.55
C ALA C 54 72.32 73.86 -95.58
N PHE C 55 71.13 73.31 -95.81
CA PHE C 55 70.57 72.20 -95.06
C PHE C 55 71.46 70.95 -95.14
N ARG C 56 72.06 70.72 -96.30
CA ARG C 56 72.87 69.52 -96.58
C ARG C 56 74.32 69.62 -96.09
N LYS C 57 74.84 70.84 -95.99
CA LYS C 57 76.13 71.09 -95.35
C LYS C 57 75.99 71.13 -93.80
N ILE C 58 74.90 71.72 -93.28
CA ILE C 58 74.67 71.79 -91.80
C ILE C 58 74.67 70.41 -91.13
N VAL C 59 74.23 69.38 -91.84
CA VAL C 59 74.18 68.00 -91.36
C VAL C 59 75.39 67.14 -91.76
N ALA C 60 76.07 67.51 -92.85
CA ALA C 60 77.33 66.87 -93.25
C ALA C 60 78.45 67.21 -92.27
N GLU C 61 78.41 68.45 -91.77
CA GLU C 61 79.35 68.95 -90.77
C GLU C 61 78.80 68.83 -89.34
N HIS C 62 78.09 67.74 -89.08
CA HIS C 62 78.01 67.11 -87.76
C HIS C 62 78.54 65.66 -87.95
N GLN C 63 79.59 65.51 -88.77
CA GLN C 63 80.09 64.21 -89.29
C GLN C 63 80.44 63.24 -88.13
N GLU C 64 81.27 63.75 -87.22
CA GLU C 64 81.57 63.17 -85.90
C GLU C 64 80.41 62.45 -85.18
N PHE C 65 79.28 63.15 -85.07
CA PHE C 65 78.17 62.79 -84.19
C PHE C 65 77.34 61.68 -84.81
N TRP C 66 77.10 61.74 -86.13
CA TRP C 66 76.40 60.67 -86.86
C TRP C 66 77.22 59.39 -86.87
N ASP C 67 78.55 59.53 -86.97
CA ASP C 67 79.48 58.39 -86.92
C ASP C 67 79.70 57.86 -85.51
N GLU C 68 79.58 58.74 -84.50
CA GLU C 68 79.54 58.32 -83.07
C GLU C 68 78.55 57.16 -82.86
N HIS C 69 77.36 57.26 -83.49
CA HIS C 69 76.24 56.31 -83.34
C HIS C 69 75.97 55.36 -84.54
N ASP C 70 76.47 55.68 -85.74
CA ASP C 70 76.35 54.80 -86.95
C ASP C 70 77.31 55.22 -88.10
N PRO C 71 78.32 54.38 -88.44
CA PRO C 71 79.16 54.58 -89.62
C PRO C 71 78.41 54.74 -90.96
N SER C 72 77.32 53.98 -91.12
CA SER C 72 76.57 53.89 -92.37
C SER C 72 75.89 55.19 -92.83
N LEU C 73 75.59 56.09 -91.89
CA LEU C 73 75.04 57.39 -92.26
C LEU C 73 75.95 58.24 -93.18
N MET C 74 77.28 58.05 -93.09
CA MET C 74 78.24 58.86 -93.87
C MET C 74 79.20 58.09 -94.80
N GLU C 75 78.86 56.84 -95.09
CA GLU C 75 79.67 55.97 -95.95
C GLU C 75 79.72 56.48 -97.43
N PHE C 76 80.94 56.54 -97.99
CA PHE C 76 81.19 56.86 -99.42
C PHE C 76 82.64 56.51 -99.76
N ASN C 77 82.88 55.91 -100.93
CA ASN C 77 84.21 55.32 -101.28
C ASN C 77 84.57 55.44 -102.79
N GLU C 78 85.86 55.65 -103.10
CA GLU C 78 86.36 55.72 -104.50
C GLU C 78 87.66 54.90 -104.69
N PHE C 82 83.72 58.04 -112.93
CA PHE C 82 83.83 59.43 -112.51
C PHE C 82 82.79 59.70 -111.42
N GLY C 83 82.89 58.88 -110.36
CA GLY C 83 82.12 59.07 -109.12
C GLY C 83 82.89 59.98 -108.18
N LYS C 84 82.67 61.29 -108.36
CA LYS C 84 83.56 62.37 -107.87
C LYS C 84 83.81 62.38 -106.36
N SER C 85 84.71 63.27 -105.93
CA SER C 85 85.19 63.37 -104.53
C SER C 85 84.10 63.29 -103.48
N ARG C 86 84.46 62.85 -102.27
CA ARG C 86 83.54 62.89 -101.14
C ARG C 86 83.13 64.33 -100.75
N LYS C 87 83.90 65.36 -101.13
CA LYS C 87 83.42 66.75 -101.01
C LYS C 87 82.32 67.06 -102.06
N GLN C 88 82.45 66.48 -103.26
CA GLN C 88 81.43 66.55 -104.35
C GLN C 88 80.18 65.66 -104.15
N TYR C 89 80.27 64.68 -103.24
CA TYR C 89 79.14 63.83 -102.78
C TYR C 89 78.32 64.50 -101.66
N LEU C 90 78.97 65.02 -100.61
CA LEU C 90 78.28 65.79 -99.55
C LEU C 90 77.64 67.10 -100.05
N LYS C 91 78.19 67.63 -101.15
CA LYS C 91 77.55 68.71 -101.89
C LYS C 91 76.27 68.20 -102.58
N SER C 92 76.26 66.92 -102.99
CA SER C 92 75.28 66.34 -103.95
C SER C 92 73.98 65.66 -103.42
N ASP C 93 73.08 65.40 -104.37
CA ASP C 93 71.83 64.63 -104.13
C ASP C 93 72.09 63.16 -103.78
N ASP C 94 73.21 62.59 -104.25
CA ASP C 94 73.58 61.18 -103.94
C ASP C 94 73.74 60.90 -102.45
N PHE C 95 74.14 61.94 -101.70
CA PHE C 95 74.27 61.91 -100.24
C PHE C 95 72.90 62.22 -99.63
N LEU C 96 72.30 63.34 -100.03
CA LEU C 96 71.04 63.82 -99.44
C LEU C 96 70.16 64.49 -100.49
N ASN C 97 68.98 63.89 -100.75
CA ASN C 97 68.06 64.37 -101.79
C ASN C 97 67.14 65.49 -101.29
N SER C 98 67.06 66.57 -102.06
CA SER C 98 66.17 67.70 -101.77
C SER C 98 64.74 67.45 -102.22
N THR C 99 64.56 66.50 -103.14
CA THR C 99 63.29 66.30 -103.83
C THR C 99 62.86 64.83 -103.71
N ASP C 100 62.76 64.41 -102.45
CA ASP C 100 62.43 63.03 -102.04
C ASP C 100 60.90 62.95 -101.78
N PRO C 101 60.23 61.87 -102.26
CA PRO C 101 58.76 61.81 -102.20
C PRO C 101 58.16 61.85 -100.80
N THR C 102 58.74 61.08 -99.87
CA THR C 102 58.29 61.02 -98.45
C THR C 102 59.10 61.95 -97.55
N TYR C 103 60.44 61.89 -97.67
CA TYR C 103 61.37 62.63 -96.78
C TYR C 103 62.15 63.76 -97.48
N ASN C 104 61.43 64.77 -97.96
CA ASN C 104 62.06 65.99 -98.47
C ASN C 104 62.72 66.75 -97.30
N PHE C 105 63.52 67.77 -97.61
CA PHE C 105 64.17 68.57 -96.56
C PHE C 105 63.21 69.30 -95.62
N GLN C 106 62.03 69.70 -96.10
CA GLN C 106 61.01 70.29 -95.22
C GLN C 106 60.37 69.26 -94.28
N LYS C 107 60.37 67.99 -94.69
CA LYS C 107 59.86 66.87 -93.88
C LYS C 107 60.86 66.51 -92.78
N LEU C 108 62.13 66.38 -93.16
CA LEU C 108 63.22 66.18 -92.20
C LEU C 108 63.23 67.28 -91.10
N HIS C 109 63.00 68.51 -91.54
CA HIS C 109 62.89 69.69 -90.67
C HIS C 109 61.70 69.53 -89.68
N GLN C 110 60.52 69.22 -90.20
CA GLN C 110 59.32 68.94 -89.39
C GLN C 110 59.42 67.79 -88.36
N PHE C 111 60.28 66.82 -88.67
CA PHE C 111 60.53 65.70 -87.77
C PHE C 111 61.49 66.10 -86.65
N ALA C 112 62.64 66.68 -87.00
CA ALA C 112 63.61 67.18 -86.00
C ALA C 112 63.05 68.31 -85.12
N ALA C 113 62.08 69.06 -85.64
CA ALA C 113 61.28 69.98 -84.84
C ALA C 113 60.45 69.23 -83.80
N GLU C 114 59.89 68.10 -84.22
CA GLU C 114 59.11 67.22 -83.33
C GLU C 114 59.95 66.49 -82.26
N GLN C 115 61.14 66.02 -82.64
CA GLN C 115 62.05 65.35 -81.71
C GLN C 115 62.68 66.31 -80.69
N ARG C 116 62.68 67.62 -80.96
CA ARG C 116 63.10 68.61 -79.95
C ARG C 116 62.08 68.87 -78.85
N VAL C 117 60.80 68.71 -79.11
CA VAL C 117 59.79 68.91 -78.08
C VAL C 117 59.66 67.63 -77.23
N LYS C 118 59.57 66.49 -77.90
CA LYS C 118 59.49 65.18 -77.24
C LYS C 118 60.70 64.90 -76.32
N LEU C 119 61.87 65.32 -76.76
CA LEU C 119 63.11 65.12 -76.01
C LEU C 119 63.18 66.00 -74.72
N GLY C 120 62.62 67.21 -74.79
CA GLY C 120 62.48 68.09 -73.64
C GLY C 120 61.32 67.82 -72.69
N LEU C 121 60.37 66.97 -73.11
CA LEU C 121 59.23 66.55 -72.23
C LEU C 121 59.56 65.42 -71.24
N GLU C 122 60.47 64.52 -71.64
CA GLU C 122 60.89 63.34 -70.85
C GLU C 122 61.09 63.55 -69.36
N LYS C 123 61.89 64.55 -69.03
CA LYS C 123 62.29 64.85 -67.66
C LYS C 123 61.66 66.15 -67.13
N SER C 124 60.56 66.59 -67.76
CA SER C 124 59.90 67.82 -67.34
C SER C 124 58.98 67.51 -66.17
N ASP C 125 58.23 68.52 -65.71
CA ASP C 125 57.42 68.40 -64.48
C ASP C 125 55.91 68.49 -64.76
N THR C 126 55.12 67.97 -63.81
CA THR C 126 53.66 67.82 -63.92
C THR C 126 52.89 69.00 -64.50
N ASP C 127 53.23 70.22 -64.11
CA ASP C 127 52.51 71.39 -64.65
C ASP C 127 52.71 71.55 -66.16
N THR C 128 53.86 71.11 -66.68
CA THR C 128 54.16 71.23 -68.11
C THR C 128 53.47 70.13 -68.91
N LEU C 129 53.30 68.97 -68.28
CA LEU C 129 52.54 67.86 -68.86
C LEU C 129 51.02 68.12 -68.86
N VAL C 130 50.44 68.54 -67.72
CA VAL C 130 49.00 68.89 -67.69
C VAL C 130 48.65 70.10 -68.57
N ALA C 131 49.65 70.95 -68.86
CA ALA C 131 49.50 72.10 -69.75
C ALA C 131 49.39 71.71 -71.22
N ILE C 132 50.40 70.98 -71.69
CA ILE C 132 50.43 70.40 -73.07
C ILE C 132 49.17 69.59 -73.43
N LEU C 133 48.57 68.92 -72.45
CA LEU C 133 47.29 68.22 -72.63
C LEU C 133 46.05 69.13 -72.54
N LYS C 134 46.18 70.32 -71.94
CA LYS C 134 45.05 71.26 -71.81
C LYS C 134 45.03 72.39 -72.87
N ASN C 135 46.18 72.75 -73.42
CA ASN C 135 46.26 73.77 -74.51
C ASN C 135 45.88 73.16 -75.87
N ASN C 136 44.82 73.67 -76.51
CA ASN C 136 44.47 73.23 -77.88
C ASN C 136 45.69 73.43 -78.81
N PRO C 137 45.82 72.61 -79.89
CA PRO C 137 47.02 72.52 -80.74
C PRO C 137 47.81 73.82 -80.97
N GLU C 138 47.11 74.90 -81.36
CA GLU C 138 47.72 76.22 -81.57
C GLU C 138 48.20 76.78 -80.24
N GLU C 139 47.28 76.87 -79.28
CA GLU C 139 47.57 77.32 -77.92
C GLU C 139 48.84 76.62 -77.36
N CYS C 140 48.92 75.32 -77.65
CA CYS C 140 50.04 74.48 -77.25
C CYS C 140 51.38 74.85 -77.92
N ARG C 141 51.39 75.18 -79.21
CA ARG C 141 52.65 75.59 -79.91
C ARG C 141 53.28 76.85 -79.30
N ALA C 142 52.43 77.75 -78.79
CA ALA C 142 52.86 78.89 -77.96
C ALA C 142 53.64 78.42 -76.76
N TYR C 143 53.03 77.50 -76.00
CA TYR C 143 53.67 76.90 -74.82
C TYR C 143 55.12 76.41 -75.08
N ILE C 144 55.37 75.80 -76.24
CA ILE C 144 56.72 75.34 -76.63
C ILE C 144 57.73 76.53 -76.71
N GLU C 145 57.24 77.67 -77.20
CA GLU C 145 57.98 78.95 -77.22
C GLU C 145 58.21 79.53 -75.80
N SER C 146 57.24 79.40 -74.88
CA SER C 146 57.40 79.85 -73.47
C SER C 146 58.50 79.12 -72.69
N LYS C 147 58.61 77.81 -72.89
CA LYS C 147 59.49 76.96 -72.09
C LYS C 147 60.88 76.71 -72.73
N LYS C 148 61.30 77.57 -73.67
CA LYS C 148 62.64 77.44 -74.29
C LYS C 148 63.72 78.01 -73.34
N PRO C 149 64.97 77.46 -73.37
CA PRO C 149 65.49 76.38 -74.20
C PRO C 149 65.21 74.95 -73.65
N GLY C 150 64.17 74.80 -72.83
CA GLY C 150 63.74 73.50 -72.34
C GLY C 150 63.14 72.64 -73.43
N LEU C 151 61.99 73.09 -73.98
CA LEU C 151 61.26 72.38 -75.03
C LEU C 151 61.67 72.85 -76.44
N GLY C 152 62.98 72.90 -76.72
CA GLY C 152 63.46 73.38 -78.01
C GLY C 152 63.61 74.90 -78.05
N ASN C 153 64.54 75.38 -78.86
CA ASN C 153 64.78 76.83 -78.98
C ASN C 153 63.86 77.44 -80.04
N PHE C 154 62.57 77.48 -79.71
CA PHE C 154 61.49 77.79 -80.67
C PHE C 154 61.01 79.25 -80.55
N SER C 155 61.69 80.12 -81.29
CA SER C 155 61.32 81.53 -81.44
C SER C 155 61.72 82.01 -82.83
N GLU C 156 61.37 83.25 -83.16
CA GLU C 156 61.61 83.82 -84.50
C GLU C 156 63.09 84.03 -84.72
N GLY C 157 63.56 83.74 -85.94
CA GLY C 157 64.99 83.82 -86.25
C GLY C 157 65.90 82.75 -85.63
N ASN C 158 65.34 81.82 -84.86
CA ASN C 158 66.09 80.71 -84.21
C ASN C 158 65.75 79.33 -84.78
N VAL C 159 64.48 79.11 -85.08
CA VAL C 159 64.09 78.03 -85.96
C VAL C 159 63.63 78.71 -87.23
N HIS C 160 64.18 78.28 -88.37
CA HIS C 160 64.00 78.94 -89.69
C HIS C 160 62.56 79.18 -90.14
N GLY C 161 61.63 78.29 -89.75
CA GLY C 161 60.23 78.38 -90.14
C GLY C 161 59.30 79.04 -89.15
N TRP C 162 59.80 79.43 -87.97
CA TRP C 162 58.94 79.77 -86.84
C TRP C 162 58.23 81.10 -87.04
N LEU C 163 56.90 81.04 -87.06
CA LEU C 163 56.03 82.17 -87.33
C LEU C 163 55.95 83.04 -86.08
N LYS C 164 55.68 84.34 -86.28
CA LYS C 164 55.48 85.27 -85.17
C LYS C 164 54.24 84.88 -84.38
N GLU C 165 54.30 85.08 -83.08
CA GLU C 165 53.17 84.78 -82.21
C GLU C 165 52.03 85.79 -82.51
N GLU C 166 50.82 85.24 -82.70
CA GLU C 166 49.56 86.01 -82.82
C GLU C 166 48.74 85.76 -81.54
N TYR C 167 47.55 86.38 -81.43
CA TYR C 167 46.73 86.27 -80.20
C TYR C 167 45.26 86.19 -80.56
N THR C 168 44.44 85.76 -79.60
CA THR C 168 43.01 85.54 -79.83
C THR C 168 42.19 86.68 -79.19
N PRO C 169 41.06 87.08 -79.83
CA PRO C 169 40.16 88.15 -79.30
C PRO C 169 39.21 87.76 -78.15
N THR C 170 39.46 86.63 -77.48
CA THR C 170 38.76 86.28 -76.22
C THR C 170 39.17 87.20 -75.04
N ILE C 171 38.29 87.32 -74.03
CA ILE C 171 38.40 88.30 -72.90
C ILE C 171 39.71 88.20 -72.06
N PRO C 172 40.10 86.98 -71.63
CA PRO C 172 41.54 86.77 -71.38
C PRO C 172 42.23 86.36 -72.71
N PRO C 173 43.09 87.24 -73.30
CA PRO C 173 43.75 86.83 -74.56
C PRO C 173 44.74 85.70 -74.31
N LYS C 174 44.90 84.82 -75.30
CA LYS C 174 45.62 83.55 -75.14
C LYS C 174 46.71 83.44 -76.23
N ALA C 175 47.93 83.11 -75.81
CA ALA C 175 49.06 82.94 -76.73
C ALA C 175 48.79 81.82 -77.76
N ILE C 176 48.50 82.24 -79.00
CA ILE C 176 48.11 81.33 -80.12
C ILE C 176 49.12 81.47 -81.29
N ASN C 177 49.96 80.47 -81.44
CA ASN C 177 50.88 80.38 -82.56
C ASN C 177 50.23 79.45 -83.60
N LYS C 178 50.34 79.80 -84.89
CA LYS C 178 49.77 78.96 -85.98
C LYS C 178 50.88 78.42 -86.87
N SER C 179 52.00 78.05 -86.24
CA SER C 179 53.25 77.68 -86.93
C SER C 179 53.27 76.21 -87.43
N THR C 180 52.24 75.86 -88.21
CA THR C 180 51.97 74.48 -88.60
C THR C 180 53.02 73.88 -89.56
N GLY C 181 53.90 74.73 -90.11
CA GLY C 181 54.97 74.26 -90.98
C GLY C 181 56.13 73.55 -90.30
N VAL C 182 56.18 73.58 -88.97
CA VAL C 182 57.33 73.06 -88.19
C VAL C 182 56.89 72.05 -87.13
N LEU C 183 55.99 72.48 -86.26
CA LEU C 183 55.30 71.59 -85.36
C LEU C 183 53.93 71.45 -85.97
N SER C 184 53.77 70.42 -86.78
CA SER C 184 52.50 70.16 -87.49
C SER C 184 51.30 69.90 -86.59
N ASP C 185 50.09 70.10 -87.11
CA ASP C 185 48.86 69.73 -86.39
C ASP C 185 48.95 68.25 -85.91
N GLU C 186 49.65 67.42 -86.70
CA GLU C 186 49.93 66.01 -86.35
C GLU C 186 51.00 65.85 -85.27
N ALA C 187 52.02 66.71 -85.27
CA ALA C 187 53.14 66.60 -84.33
C ALA C 187 52.79 66.98 -82.90
N ILE C 188 51.98 68.02 -82.70
CA ILE C 188 51.51 68.35 -81.34
C ILE C 188 50.61 67.25 -80.75
N LYS C 189 49.87 66.55 -81.62
CA LYS C 189 49.06 65.41 -81.22
C LYS C 189 49.94 64.29 -80.71
N ARG C 190 50.94 63.92 -81.50
CA ARG C 190 51.92 62.90 -81.06
C ARG C 190 52.88 63.36 -79.96
N ILE C 191 53.01 64.67 -79.77
CA ILE C 191 53.68 65.23 -78.59
C ILE C 191 52.80 65.03 -77.33
N LYS C 192 51.52 65.42 -77.45
CA LYS C 192 50.50 65.13 -76.42
C LYS C 192 50.45 63.64 -76.02
N GLU C 193 50.73 62.77 -76.99
CA GLU C 193 50.77 61.34 -76.76
C GLU C 193 51.91 60.96 -75.88
N GLN C 194 53.11 61.44 -76.20
CA GLN C 194 54.24 61.17 -75.34
C GLN C 194 54.09 61.86 -73.98
N ALA C 195 53.35 62.98 -73.95
CA ALA C 195 53.04 63.68 -72.68
C ALA C 195 52.11 62.92 -71.76
N ARG C 196 50.92 62.59 -72.27
CA ARG C 196 49.92 61.76 -71.56
C ARG C 196 50.51 60.53 -70.85
N ASP C 197 51.28 59.75 -71.57
CA ASP C 197 51.95 58.57 -71.00
C ASP C 197 52.89 58.94 -69.84
N LEU C 198 53.67 59.99 -70.03
CA LEU C 198 54.49 60.51 -68.93
C LEU C 198 53.63 60.97 -67.74
N LEU C 199 52.50 61.63 -68.00
CA LEU C 199 51.63 62.09 -66.91
C LEU C 199 50.98 60.93 -66.17
N LEU C 200 50.36 60.00 -66.91
CA LEU C 200 49.71 58.83 -66.29
C LEU C 200 50.74 58.02 -65.52
N LEU C 201 51.94 57.85 -66.04
CA LEU C 201 52.97 57.12 -65.32
C LEU C 201 53.26 57.76 -63.96
N LYS C 202 53.51 59.07 -63.94
CA LYS C 202 53.70 59.84 -62.68
C LYS C 202 52.50 59.72 -61.76
N LEU C 203 51.32 59.77 -62.38
CA LEU C 203 50.04 59.91 -61.66
C LEU C 203 49.52 58.60 -61.08
N ILE C 204 50.03 57.49 -61.62
CA ILE C 204 49.77 56.12 -61.16
C ILE C 204 50.66 55.86 -59.97
N ASN C 205 51.98 55.96 -60.20
CA ASN C 205 53.01 55.82 -59.17
C ASN C 205 52.77 56.74 -57.96
N SER C 206 52.24 57.95 -58.21
CA SER C 206 51.82 58.86 -57.13
C SER C 206 50.61 58.30 -56.36
N SER C 207 49.45 58.18 -57.01
CA SER C 207 48.21 57.80 -56.30
C SER C 207 48.31 56.47 -55.52
N GLY C 208 47.57 56.41 -54.43
CA GLY C 208 47.48 55.23 -53.58
C GLY C 208 46.04 54.80 -53.35
N ASN C 209 45.11 55.25 -54.20
CA ASN C 209 43.71 54.80 -54.15
C ASN C 209 43.57 53.61 -55.10
N THR C 210 43.77 52.40 -54.57
CA THR C 210 43.63 51.13 -55.34
C THR C 210 42.28 50.95 -56.01
N GLN C 211 41.21 51.40 -55.33
CA GLN C 211 39.87 51.09 -55.81
C GLN C 211 39.59 51.76 -57.13
N LEU C 212 40.19 52.94 -57.36
CA LEU C 212 39.95 53.66 -58.62
C LEU C 212 41.11 53.53 -59.62
N LEU C 213 42.33 53.24 -59.15
CA LEU C 213 43.39 52.76 -60.04
C LEU C 213 42.92 51.55 -60.83
N LYS C 214 42.25 50.63 -60.17
CA LYS C 214 41.76 49.45 -60.85
C LYS C 214 40.46 49.70 -61.65
N ASP C 215 39.66 50.68 -61.27
CA ASP C 215 38.58 51.15 -62.15
C ASP C 215 39.09 51.43 -63.57
N LEU C 216 40.25 52.08 -63.66
CA LEU C 216 40.94 52.37 -64.93
C LEU C 216 41.34 51.12 -65.69
N ARG C 217 41.90 50.18 -64.94
CA ARG C 217 42.42 48.92 -65.47
C ARG C 217 41.34 47.99 -65.97
N ASP C 218 40.34 47.78 -65.13
CA ASP C 218 39.21 46.92 -65.47
C ASP C 218 38.23 47.58 -66.41
N ALA C 219 38.35 48.91 -66.59
CA ALA C 219 37.54 49.63 -67.55
C ALA C 219 37.46 48.86 -68.83
N MET C 220 36.35 49.00 -69.56
CA MET C 220 36.30 48.48 -70.92
C MET C 220 35.47 49.26 -71.95
N SER C 221 35.75 50.56 -71.98
CA SER C 221 35.26 51.48 -72.99
C SER C 221 35.97 52.79 -72.70
N LYS C 222 36.00 53.72 -73.64
CA LYS C 222 36.67 55.00 -73.40
C LYS C 222 36.09 55.78 -72.19
N PRO C 223 34.74 55.98 -72.14
CA PRO C 223 34.15 56.76 -71.03
C PRO C 223 34.58 56.26 -69.66
N GLU C 224 34.39 54.97 -69.40
CA GLU C 224 34.80 54.32 -68.14
C GLU C 224 36.26 54.59 -67.82
N ALA C 225 37.10 54.48 -68.84
CA ALA C 225 38.52 54.75 -68.70
C ALA C 225 38.77 56.23 -68.43
N GLU C 226 37.97 57.11 -69.03
CA GLU C 226 38.04 58.55 -68.70
C GLU C 226 37.72 58.82 -67.22
N ARG C 227 36.51 58.48 -66.79
CA ARG C 227 36.09 58.67 -65.39
C ARG C 227 37.20 58.32 -64.44
N ALA C 228 37.71 57.10 -64.61
CA ALA C 228 38.76 56.57 -63.77
C ALA C 228 40.03 57.41 -63.80
N ALA C 229 40.46 57.83 -64.99
CA ALA C 229 41.69 58.64 -65.13
C ALA C 229 41.47 60.07 -64.67
N ASN C 230 40.26 60.61 -64.83
CA ASN C 230 39.95 61.97 -64.39
C ASN C 230 39.97 62.09 -62.85
N ALA C 231 39.24 61.19 -62.20
CA ALA C 231 39.25 61.08 -60.74
C ALA C 231 40.65 60.78 -60.17
N LEU C 232 41.53 60.18 -60.96
CA LEU C 232 42.93 59.95 -60.56
C LEU C 232 43.81 61.19 -60.65
N GLY C 233 43.38 62.21 -61.37
CA GLY C 233 44.19 63.42 -61.60
C GLY C 233 44.38 63.83 -63.04
N PHE C 234 44.10 62.94 -64.00
CA PHE C 234 44.29 63.21 -65.43
C PHE C 234 43.30 64.28 -65.90
N PRO C 235 43.80 65.31 -66.63
CA PRO C 235 42.94 66.44 -67.00
C PRO C 235 41.81 66.10 -67.97
N THR C 236 40.56 66.46 -67.65
CA THR C 236 39.43 66.19 -68.55
C THR C 236 39.55 66.83 -69.94
N GLU C 237 40.37 67.89 -70.07
CA GLU C 237 40.69 68.45 -71.40
C GLU C 237 41.37 67.36 -72.22
N GLY C 238 42.44 66.81 -71.66
CA GLY C 238 43.23 65.73 -72.28
C GLY C 238 42.52 64.42 -72.67
N ASN C 239 41.29 64.20 -72.19
CA ASN C 239 40.45 63.03 -72.59
C ASN C 239 40.47 62.69 -74.10
N GLY C 240 40.39 63.73 -74.93
CA GLY C 240 40.51 63.57 -76.37
C GLY C 240 41.62 62.63 -76.79
N VAL C 241 42.72 62.63 -76.05
CA VAL C 241 43.94 61.87 -76.36
C VAL C 241 44.10 60.61 -75.46
N LEU C 242 43.06 60.25 -74.69
CA LEU C 242 43.19 59.19 -73.69
C LEU C 242 43.04 57.78 -74.29
N PHE C 243 44.18 57.14 -74.44
CA PHE C 243 44.29 55.77 -74.90
C PHE C 243 45.29 55.16 -73.96
N LEU C 244 44.92 54.02 -73.39
CA LEU C 244 45.84 53.35 -72.48
C LEU C 244 46.92 52.54 -73.24
N SER C 245 48.14 53.09 -73.25
CA SER C 245 49.26 52.48 -73.95
C SER C 245 49.80 51.32 -73.17
N ARG C 246 50.68 50.57 -73.83
CA ARG C 246 51.30 49.37 -73.29
C ARG C 246 52.12 49.64 -72.03
N GLU C 247 52.98 50.65 -72.11
CA GLU C 247 53.89 50.97 -71.02
C GLU C 247 53.14 51.49 -69.79
N VAL C 248 52.02 52.19 -70.01
CA VAL C 248 51.26 52.74 -68.87
C VAL C 248 50.38 51.68 -68.23
N VAL C 249 49.79 50.80 -69.03
CA VAL C 249 48.97 49.75 -68.46
C VAL C 249 49.87 48.85 -67.61
N ASP C 250 51.07 48.57 -68.10
CA ASP C 250 52.05 47.72 -67.39
C ASP C 250 52.42 48.28 -65.99
N ALA C 251 52.57 49.58 -65.88
CA ALA C 251 52.78 50.26 -64.59
C ALA C 251 51.53 50.15 -63.72
N LEU C 252 50.36 50.40 -64.34
CA LEU C 252 49.05 50.35 -63.69
C LEU C 252 48.80 49.01 -63.06
N GLU C 253 49.27 47.98 -63.75
CA GLU C 253 49.15 46.61 -63.31
C GLU C 253 50.04 46.38 -62.08
N GLU C 254 51.28 46.86 -62.14
CA GLU C 254 52.24 46.69 -61.04
C GLU C 254 51.97 47.54 -59.80
N ARG C 255 51.21 48.61 -59.97
CA ARG C 255 50.92 49.48 -58.87
C ARG C 255 49.88 48.81 -57.98
N VAL C 256 48.74 48.37 -58.56
CA VAL C 256 47.70 47.68 -57.76
C VAL C 256 48.26 46.37 -57.20
N GLU C 257 49.06 45.71 -58.03
CA GLU C 257 49.70 44.47 -57.65
C GLU C 257 50.51 44.66 -56.37
N LYS C 258 51.15 45.83 -56.24
CA LYS C 258 51.80 46.20 -54.99
C LYS C 258 50.75 46.59 -53.95
N LEU C 259 50.05 47.69 -54.17
CA LEU C 259 49.16 48.25 -53.17
C LEU C 259 48.24 47.27 -52.47
N GLU C 260 47.87 46.19 -53.15
CA GLU C 260 46.93 45.24 -52.59
C GLU C 260 47.58 44.08 -51.84
N GLN C 261 48.85 43.81 -52.13
CA GLN C 261 49.67 43.03 -51.20
C GLN C 261 49.69 43.75 -49.86
N GLU C 262 49.83 45.08 -49.92
CA GLU C 262 49.88 45.92 -48.75
C GLU C 262 48.60 45.78 -47.95
N ALA C 263 47.48 46.15 -48.57
CA ALA C 263 46.18 46.23 -47.87
C ALA C 263 45.70 44.90 -47.32
N ALA C 264 46.29 43.80 -47.77
CA ALA C 264 46.13 42.49 -47.15
C ALA C 264 46.88 42.40 -45.83
N LYS C 265 48.20 42.55 -45.89
CA LYS C 265 49.05 42.56 -44.69
C LYS C 265 48.45 43.39 -43.56
N ARG C 266 48.15 44.65 -43.85
CA ARG C 266 47.58 45.56 -42.84
C ARG C 266 46.26 44.98 -42.35
N GLY C 267 45.43 44.56 -43.30
CA GLY C 267 44.08 44.11 -43.00
C GLY C 267 43.92 42.70 -42.47
N PHE C 268 45.01 41.93 -42.34
CA PHE C 268 44.90 40.50 -41.99
C PHE C 268 44.43 40.19 -40.57
N ASP C 269 44.96 40.93 -39.57
CA ASP C 269 44.53 40.74 -38.17
C ASP C 269 43.11 41.22 -37.91
N SER C 270 42.67 42.25 -38.64
CA SER C 270 41.27 42.65 -38.62
C SER C 270 40.38 41.52 -39.15
N TYR C 271 40.84 40.87 -40.22
CA TYR C 271 40.04 39.86 -40.93
C TYR C 271 39.83 38.63 -40.03
N VAL C 272 40.94 38.03 -39.60
CA VAL C 272 40.95 36.83 -38.74
C VAL C 272 40.02 36.95 -37.52
N GLN C 273 39.95 38.13 -36.92
CA GLN C 273 39.01 38.39 -35.81
C GLN C 273 37.58 38.34 -36.37
N SER C 274 37.38 38.95 -37.53
CA SER C 274 36.08 38.97 -38.20
C SER C 274 35.53 37.60 -38.61
N LEU C 275 36.36 36.56 -38.65
CA LEU C 275 35.92 35.21 -39.04
C LEU C 275 35.03 34.56 -37.99
N SER C 276 33.98 33.86 -38.43
CA SER C 276 33.05 33.18 -37.53
C SER C 276 33.64 31.85 -36.99
N HIS C 277 32.90 31.17 -36.11
CA HIS C 277 33.38 29.91 -35.53
C HIS C 277 33.48 28.85 -36.62
N ASN C 278 32.36 28.62 -37.31
CA ASN C 278 32.32 27.63 -38.40
C ASN C 278 33.40 27.97 -39.48
N ALA C 279 33.49 29.25 -39.82
CA ALA C 279 34.50 29.76 -40.78
C ALA C 279 35.91 29.23 -40.47
N LEU C 280 36.35 29.46 -39.21
CA LEU C 280 37.65 28.98 -38.67
C LEU C 280 37.90 27.48 -38.83
N LEU C 281 36.87 26.69 -38.55
CA LEU C 281 37.03 25.26 -38.69
C LEU C 281 37.25 24.82 -40.14
N ALA C 282 36.85 25.64 -41.11
CA ALA C 282 37.22 25.41 -42.52
C ALA C 282 38.74 25.58 -42.81
N LYS C 283 39.39 26.43 -42.01
CA LYS C 283 40.77 26.83 -42.29
C LYS C 283 41.79 25.73 -42.01
N LYS C 284 41.40 24.67 -41.30
CA LYS C 284 42.30 23.55 -40.96
C LYS C 284 43.35 23.17 -42.00
N ASN C 285 42.89 22.75 -43.17
CA ASN C 285 43.80 22.31 -44.23
C ASN C 285 44.79 23.41 -44.60
N GLY C 286 44.33 24.65 -44.61
CA GLY C 286 45.23 25.80 -44.69
C GLY C 286 46.33 25.83 -43.65
N LEU C 287 45.96 26.00 -42.38
CA LEU C 287 46.91 26.08 -41.27
C LEU C 287 47.82 24.85 -41.30
N GLU C 288 47.25 23.70 -41.65
CA GLU C 288 48.03 22.46 -41.71
C GLU C 288 48.96 22.37 -42.93
N SER C 289 48.94 23.35 -43.83
CA SER C 289 49.67 23.23 -45.09
C SER C 289 51.20 23.33 -45.00
N THR C 290 51.83 22.39 -45.67
CA THR C 290 53.26 22.39 -45.95
C THR C 290 53.87 23.69 -46.54
N THR C 291 53.10 24.44 -47.32
CA THR C 291 53.64 25.60 -48.07
C THR C 291 52.77 26.83 -47.99
N ALA C 292 53.37 27.98 -48.29
CA ALA C 292 52.72 29.27 -48.14
C ALA C 292 51.53 29.40 -49.08
N ALA C 293 51.67 28.97 -50.33
CA ALA C 293 50.60 29.12 -51.30
C ALA C 293 49.43 28.24 -50.95
N GLY C 294 49.72 27.07 -50.38
CA GLY C 294 48.70 26.20 -49.80
C GLY C 294 47.95 26.81 -48.63
N PHE C 295 48.64 27.19 -47.57
CA PHE C 295 48.03 28.02 -46.54
C PHE C 295 47.21 29.18 -47.14
N LYS C 296 47.82 29.85 -48.11
CA LYS C 296 47.23 31.00 -48.77
C LYS C 296 46.15 30.61 -49.80
N ASN C 297 45.87 29.34 -50.02
CA ASN C 297 44.77 28.92 -50.91
C ASN C 297 43.45 28.87 -50.15
N SER C 298 43.45 28.50 -48.87
CA SER C 298 42.20 28.24 -48.16
C SER C 298 41.83 29.36 -47.17
N LEU C 299 41.75 30.58 -47.70
CA LEU C 299 41.36 31.80 -46.96
C LEU C 299 40.60 32.69 -47.92
N ASP C 300 40.09 33.82 -47.47
CA ASP C 300 38.89 34.46 -48.07
C ASP C 300 39.24 35.61 -49.05
N GLU C 301 39.30 35.26 -50.32
CA GLU C 301 39.73 36.13 -51.42
C GLU C 301 40.85 37.19 -51.25
N PRO C 302 40.56 38.49 -50.94
CA PRO C 302 41.72 39.41 -51.11
C PRO C 302 42.96 38.85 -50.47
N TYR C 303 42.76 38.29 -49.27
CA TYR C 303 43.83 37.67 -48.50
C TYR C 303 44.37 36.42 -49.22
N LYS C 304 43.48 35.63 -49.83
CA LYS C 304 43.89 34.48 -50.69
C LYS C 304 44.88 34.80 -51.79
N THR C 305 44.59 35.80 -52.60
CA THR C 305 45.47 36.16 -53.71
C THR C 305 46.67 37.01 -53.23
N TYR C 306 46.38 38.09 -52.52
CA TYR C 306 47.38 39.16 -52.34
C TYR C 306 48.22 39.16 -51.08
N LEU C 307 47.86 38.40 -50.05
CA LEU C 307 48.68 38.34 -48.83
C LEU C 307 50.06 37.77 -49.17
N PRO C 308 51.14 38.55 -48.98
CA PRO C 308 52.45 38.05 -49.41
C PRO C 308 52.94 36.87 -48.61
N GLU C 309 53.70 35.99 -49.23
CA GLU C 309 54.28 34.84 -48.52
C GLU C 309 55.26 35.22 -47.39
N SER C 310 55.76 36.46 -47.36
CA SER C 310 56.62 36.89 -46.24
C SER C 310 55.83 36.77 -44.96
N GLU C 311 54.55 37.12 -45.06
CA GLU C 311 53.64 37.21 -43.91
C GLU C 311 52.94 35.86 -43.58
N TRP C 312 53.55 34.74 -43.96
CA TRP C 312 52.98 33.40 -43.77
C TRP C 312 53.28 32.93 -42.37
N GLU C 313 54.57 32.91 -42.04
CA GLU C 313 55.06 32.67 -40.68
C GLU C 313 54.11 33.22 -39.60
N ARG C 314 53.80 34.50 -39.75
CA ARG C 314 52.97 35.23 -38.80
C ARG C 314 51.54 34.78 -38.85
N ALA C 315 51.00 34.69 -40.06
CA ALA C 315 49.59 34.37 -40.27
C ALA C 315 49.19 33.02 -39.69
N GLN C 316 50.04 32.00 -39.93
CA GLN C 316 49.94 30.70 -39.25
C GLN C 316 49.58 30.90 -37.77
N GLY C 317 50.34 31.73 -37.08
CA GLY C 317 50.07 31.99 -35.68
C GLY C 317 48.77 32.68 -35.36
N VAL C 318 48.51 33.79 -36.04
CA VAL C 318 47.39 34.66 -35.66
C VAL C 318 46.06 33.94 -35.90
N LEU C 319 46.00 33.12 -36.94
CA LEU C 319 44.79 32.38 -37.28
C LEU C 319 44.77 31.05 -36.56
N GLY C 320 45.93 30.41 -36.47
CA GLY C 320 46.08 29.22 -35.61
C GLY C 320 45.59 29.42 -34.17
N ALA C 321 45.89 30.58 -33.59
CA ALA C 321 45.39 30.94 -32.25
C ALA C 321 43.87 30.83 -32.18
N ARG C 322 43.19 31.54 -33.07
CA ARG C 322 41.72 31.53 -33.10
C ARG C 322 41.15 30.18 -33.56
N TYR C 323 41.87 29.51 -34.44
CA TYR C 323 41.53 28.14 -34.81
C TYR C 323 41.66 27.17 -33.64
N LEU C 324 42.74 27.28 -32.87
CA LEU C 324 42.94 26.38 -31.73
C LEU C 324 41.85 26.56 -30.68
N GLN C 325 41.42 27.80 -30.46
CA GLN C 325 40.33 28.08 -29.54
C GLN C 325 39.08 27.35 -30.00
N ALA C 326 38.66 27.58 -31.22
CA ALA C 326 37.43 26.96 -31.72
C ALA C 326 37.45 25.42 -31.93
N VAL C 327 38.59 24.82 -32.26
CA VAL C 327 38.68 23.35 -32.48
C VAL C 327 38.79 22.53 -31.17
N LEU C 328 39.27 23.21 -30.12
CA LEU C 328 39.33 22.67 -28.77
C LEU C 328 38.10 23.05 -27.95
N SER C 329 37.47 24.19 -28.24
CA SER C 329 36.12 24.51 -27.73
C SER C 329 35.19 23.33 -27.89
N SER C 330 35.05 22.82 -29.11
CA SER C 330 33.92 21.96 -29.46
C SER C 330 34.28 20.55 -29.96
N GLY C 331 35.48 20.07 -29.64
CA GLY C 331 35.87 18.71 -30.00
C GLY C 331 35.29 17.63 -29.09
N THR C 332 35.70 16.39 -29.36
CA THR C 332 35.29 15.21 -28.58
C THR C 332 36.49 14.24 -28.41
N GLN C 333 37.65 14.82 -28.12
CA GLN C 333 38.89 14.06 -28.00
C GLN C 333 39.26 13.90 -26.52
N ASN C 334 40.28 13.10 -26.23
CA ASN C 334 40.80 13.00 -24.89
C ASN C 334 41.72 14.19 -24.67
N LEU C 335 41.26 15.16 -23.90
CA LEU C 335 42.00 16.42 -23.72
C LEU C 335 42.88 16.50 -22.46
N LYS C 336 42.88 15.45 -21.63
CA LYS C 336 43.35 15.61 -20.25
C LYS C 336 44.85 15.91 -20.11
N ASP C 337 45.67 15.16 -20.83
CA ASP C 337 47.14 15.40 -20.80
C ASP C 337 47.50 16.83 -21.19
N ALA C 338 46.83 17.34 -22.22
CA ALA C 338 46.99 18.73 -22.65
C ALA C 338 46.47 19.71 -21.61
N LEU C 339 45.28 19.45 -21.07
CA LEU C 339 44.74 20.24 -19.93
C LEU C 339 45.67 20.29 -18.71
N ASN C 340 46.38 19.18 -18.46
CA ASN C 340 47.32 19.07 -17.33
C ASN C 340 48.71 19.69 -17.53
N ALA C 341 49.05 20.10 -18.76
CA ALA C 341 50.41 20.59 -19.08
C ALA C 341 50.83 21.80 -18.22
N LYS C 342 52.14 21.97 -18.06
CA LYS C 342 52.71 23.02 -17.20
C LYS C 342 52.71 24.39 -17.88
N ASP C 343 53.22 24.42 -19.11
CA ASP C 343 53.45 25.65 -19.88
C ASP C 343 53.06 25.43 -21.35
N ALA C 344 53.28 26.44 -22.17
CA ALA C 344 53.02 26.33 -23.59
C ALA C 344 53.83 25.25 -24.29
N ASN C 345 55.13 25.17 -23.99
CA ASN C 345 56.00 24.17 -24.63
C ASN C 345 55.55 22.73 -24.38
N ALA C 346 55.08 22.43 -23.18
CA ALA C 346 54.56 21.07 -22.86
C ALA C 346 53.22 20.80 -23.55
N LEU C 347 52.33 21.80 -23.46
CA LEU C 347 51.01 21.80 -24.11
C LEU C 347 51.12 21.57 -25.62
N ILE C 348 52.04 22.28 -26.24
CA ILE C 348 52.30 22.13 -27.69
C ILE C 348 52.72 20.71 -28.10
N THR C 349 53.70 20.13 -27.40
CA THR C 349 54.10 18.73 -27.64
C THR C 349 52.92 17.76 -27.47
N GLU C 350 51.92 18.15 -26.68
CA GLU C 350 50.71 17.34 -26.46
C GLU C 350 49.62 17.54 -27.53
N LEU C 351 49.37 18.77 -27.95
CA LEU C 351 48.47 19.00 -29.09
C LEU C 351 49.04 18.40 -30.39
N LYS C 352 50.37 18.44 -30.56
CA LYS C 352 51.05 17.86 -31.74
C LYS C 352 51.04 16.31 -31.73
N LYS C 353 50.63 15.71 -30.62
CA LYS C 353 50.38 14.28 -30.55
C LYS C 353 49.29 13.92 -31.60
N PRO C 354 49.47 12.79 -32.35
CA PRO C 354 48.54 12.28 -33.41
C PRO C 354 47.06 12.09 -33.03
N ALA C 355 46.83 11.52 -31.86
CA ALA C 355 45.47 11.33 -31.36
C ALA C 355 44.72 12.66 -31.18
N LEU C 356 45.45 13.77 -31.07
CA LEU C 356 44.83 15.08 -30.91
C LEU C 356 44.79 15.86 -32.25
N LEU C 357 45.83 16.61 -32.58
CA LEU C 357 45.84 17.51 -33.73
C LEU C 357 46.93 17.21 -34.76
N GLY C 358 47.81 16.24 -34.47
CA GLY C 358 48.89 15.86 -35.38
C GLY C 358 50.04 16.85 -35.37
N PRO C 359 51.18 16.46 -35.97
CA PRO C 359 52.39 17.26 -35.91
C PRO C 359 52.40 18.33 -37.00
N HIS C 360 52.13 19.58 -36.63
CA HIS C 360 52.04 20.67 -37.60
C HIS C 360 52.62 21.97 -37.06
N ASP C 361 53.27 22.72 -37.93
CA ASP C 361 53.98 23.91 -37.51
C ASP C 361 53.07 24.99 -36.90
N TYR C 362 51.80 25.06 -37.29
CA TYR C 362 50.92 26.15 -36.79
C TYR C 362 50.67 26.06 -35.28
N ILE C 363 50.74 24.86 -34.74
CA ILE C 363 50.52 24.65 -33.32
C ILE C 363 51.68 25.24 -32.51
N ASP C 364 52.88 25.27 -33.09
CA ASP C 364 54.02 26.01 -32.52
C ASP C 364 53.74 27.51 -32.32
N LYS C 365 52.64 28.01 -32.89
CA LYS C 365 52.06 29.31 -32.52
C LYS C 365 50.81 29.12 -31.62
N ALA C 366 51.10 28.75 -30.39
CA ALA C 366 50.17 28.61 -29.28
C ALA C 366 50.98 28.93 -28.05
N VAL C 367 51.16 30.21 -27.77
CA VAL C 367 52.14 30.68 -26.78
C VAL C 367 51.52 31.23 -25.49
N THR C 368 52.23 31.02 -24.37
CA THR C 368 51.82 31.47 -23.03
C THR C 368 51.03 32.77 -22.97
N GLU C 369 51.63 33.85 -23.50
CA GLU C 369 51.07 35.22 -23.41
C GLU C 369 49.55 35.25 -23.26
N GLU C 370 48.81 34.93 -24.32
CA GLU C 370 47.34 34.81 -24.25
C GLU C 370 46.89 33.36 -24.11
N ASN C 371 47.60 32.45 -24.79
CA ASN C 371 47.06 31.12 -25.06
C ASN C 371 46.92 30.23 -23.84
N LEU C 372 48.02 29.87 -23.17
CA LEU C 372 48.02 28.79 -22.13
C LEU C 372 46.78 28.83 -21.23
N GLY C 373 46.40 30.03 -20.81
CA GLY C 373 45.23 30.22 -19.97
C GLY C 373 44.01 30.08 -20.82
N SER C 374 43.87 30.98 -21.79
CA SER C 374 42.72 31.03 -22.70
C SER C 374 42.37 29.73 -23.45
N LEU C 375 43.38 28.95 -23.85
CA LEU C 375 43.17 27.67 -24.54
C LEU C 375 42.53 26.64 -23.63
N LYS C 376 43.16 26.43 -22.46
CA LYS C 376 42.67 25.47 -21.48
C LYS C 376 41.22 25.74 -21.03
N LYS C 377 40.84 27.01 -20.88
CA LYS C 377 39.44 27.34 -20.57
C LYS C 377 38.51 26.80 -21.66
N ASN C 378 38.88 27.03 -22.92
CA ASN C 378 38.14 26.44 -24.03
C ASN C 378 38.27 24.92 -24.07
N MET C 379 39.46 24.39 -23.77
CA MET C 379 39.63 22.95 -23.59
C MET C 379 38.66 22.38 -22.54
N MET C 380 38.51 23.11 -21.43
CA MET C 380 37.62 22.70 -20.34
C MET C 380 36.20 22.46 -20.86
N LYS C 381 35.67 23.36 -21.69
CA LYS C 381 34.32 23.18 -22.27
C LYS C 381 34.19 21.81 -22.95
N SER C 382 35.18 21.48 -23.78
CA SER C 382 35.21 20.18 -24.47
C SER C 382 35.37 19.02 -23.50
N PHE C 383 36.08 19.24 -22.39
CA PHE C 383 36.20 18.22 -21.34
C PHE C 383 34.88 17.89 -20.65
N ILE C 384 34.16 18.92 -20.16
CA ILE C 384 32.96 18.66 -19.34
C ILE C 384 31.77 18.27 -20.21
N ASN C 385 31.72 18.73 -21.46
CA ASN C 385 30.73 18.17 -22.40
C ASN C 385 31.07 16.72 -22.79
N ASN C 386 32.28 16.25 -22.50
CA ASN C 386 32.68 14.86 -22.74
C ASN C 386 32.77 13.96 -21.50
N ILE C 387 32.39 14.44 -20.32
CA ILE C 387 32.27 13.54 -19.18
C ILE C 387 31.14 12.56 -19.46
N LYS C 388 31.50 11.28 -19.44
CA LYS C 388 30.56 10.17 -19.61
C LYS C 388 30.47 9.39 -18.28
N ASP C 389 29.63 8.37 -18.23
CA ASP C 389 29.55 7.50 -17.04
C ASP C 389 30.84 6.67 -16.95
N GLU C 390 31.76 7.07 -16.08
CA GLU C 390 33.02 6.33 -15.83
C GLU C 390 32.74 5.25 -14.76
N THR C 391 33.75 4.48 -14.34
CA THR C 391 33.51 3.38 -13.39
C THR C 391 33.44 3.89 -11.93
N ASN C 392 34.49 4.58 -11.47
CA ASN C 392 34.57 5.09 -10.08
C ASN C 392 33.74 6.33 -9.81
N LEU C 393 33.35 7.03 -10.88
CA LEU C 393 32.52 8.23 -10.79
C LEU C 393 31.35 8.12 -11.76
N LYS C 394 30.28 8.84 -11.50
CA LYS C 394 29.14 8.92 -12.41
C LYS C 394 29.25 10.23 -13.18
N ALA C 395 28.50 10.33 -14.26
CA ALA C 395 28.43 11.55 -15.06
C ALA C 395 27.86 12.65 -14.20
N LEU C 396 26.60 12.49 -13.81
CA LEU C 396 25.85 13.54 -13.11
C LEU C 396 26.45 13.91 -11.76
N ASP C 397 27.14 12.97 -11.10
CA ASP C 397 27.80 13.22 -9.83
C ASP C 397 29.07 14.06 -9.99
N ALA C 398 29.82 13.83 -11.07
CA ALA C 398 30.92 14.73 -11.46
C ALA C 398 30.38 16.10 -11.88
N LEU C 399 29.28 16.10 -12.62
CA LEU C 399 28.69 17.32 -13.12
C LEU C 399 27.80 18.04 -12.09
N LYS C 400 27.47 17.38 -10.98
CA LYS C 400 26.88 18.05 -9.81
C LYS C 400 27.97 18.60 -8.90
N ALA C 401 29.10 17.90 -8.84
CA ALA C 401 30.22 18.27 -7.96
C ALA C 401 30.84 19.59 -8.39
N LEU C 402 31.15 19.67 -9.68
CA LEU C 402 31.69 20.87 -10.32
C LEU C 402 30.72 22.02 -10.14
N ASP C 403 29.43 21.72 -10.25
CA ASP C 403 28.37 22.70 -10.01
C ASP C 403 28.36 23.17 -8.57
N GLY C 404 28.49 22.22 -7.63
CA GLY C 404 28.32 22.47 -6.19
C GLY C 404 29.41 23.27 -5.51
N ALA C 405 30.59 22.66 -5.39
CA ALA C 405 31.80 23.32 -4.88
C ALA C 405 31.82 24.82 -5.18
N LYS C 406 31.62 25.67 -4.16
CA LYS C 406 31.53 27.14 -4.39
C LYS C 406 32.83 27.95 -4.13
N ASN C 407 33.81 27.38 -3.44
CA ASN C 407 35.16 27.96 -3.41
C ASN C 407 35.91 27.60 -4.66
N LEU C 408 36.92 28.39 -4.98
CA LEU C 408 37.85 28.05 -6.06
C LEU C 408 38.57 26.75 -5.72
N ASP C 409 39.01 26.62 -4.47
CA ASP C 409 39.75 25.41 -4.05
C ASP C 409 38.87 24.17 -3.99
N LYS C 410 37.58 24.36 -3.73
CA LYS C 410 36.60 23.26 -3.80
C LYS C 410 36.46 22.77 -5.25
N PHE C 411 36.56 23.73 -6.17
CA PHE C 411 36.62 23.44 -7.60
C PHE C 411 37.96 22.81 -8.03
N LYS C 412 39.08 23.33 -7.52
CA LYS C 412 40.41 22.73 -7.79
C LYS C 412 40.53 21.27 -7.29
N GLU C 413 39.82 20.93 -6.21
CA GLU C 413 39.78 19.55 -5.70
C GLU C 413 38.89 18.67 -6.59
N VAL C 414 37.67 19.12 -6.87
CA VAL C 414 36.75 18.40 -7.78
C VAL C 414 37.39 18.14 -9.16
N LEU C 415 38.26 19.05 -9.61
CA LEU C 415 39.03 18.83 -10.83
C LEU C 415 39.97 17.64 -10.70
N GLY C 416 40.94 17.71 -9.79
CA GLY C 416 41.85 16.58 -9.53
C GLY C 416 41.14 15.25 -9.35
N LYS C 417 39.91 15.34 -8.83
CA LYS C 417 38.98 14.21 -8.77
C LYS C 417 38.62 13.67 -10.16
N LEU C 418 38.61 14.54 -11.18
CA LEU C 418 38.34 14.14 -12.58
C LEU C 418 39.56 13.81 -13.47
N GLY C 419 40.76 14.25 -13.08
CA GLY C 419 41.99 14.01 -13.88
C GLY C 419 42.95 15.20 -13.87
N ILE C 420 42.40 16.41 -13.78
CA ILE C 420 43.14 17.66 -13.95
C ILE C 420 43.80 18.06 -12.61
N THR C 421 45.00 17.51 -12.37
CA THR C 421 45.58 17.48 -11.01
C THR C 421 46.07 18.85 -10.51
N PRO C 422 47.23 19.35 -11.00
CA PRO C 422 47.69 20.60 -10.35
C PRO C 422 46.66 21.74 -10.39
N ALA C 423 45.90 21.86 -11.48
CA ALA C 423 44.78 22.81 -11.61
C ALA C 423 45.13 24.28 -11.25
N ASP C 424 46.39 24.66 -11.50
CA ASP C 424 46.95 25.95 -11.07
C ASP C 424 46.41 27.19 -11.80
N TRP C 425 45.71 26.97 -12.91
CA TRP C 425 45.42 28.03 -13.88
C TRP C 425 43.97 28.52 -13.76
N VAL C 426 43.03 27.60 -13.56
CA VAL C 426 41.63 27.97 -13.32
C VAL C 426 41.51 29.14 -12.30
N LYS C 427 40.51 30.00 -12.49
CA LYS C 427 40.42 31.27 -11.77
C LYS C 427 38.96 31.66 -11.47
N ASP C 428 38.75 32.42 -10.40
CA ASP C 428 37.43 32.56 -9.78
C ASP C 428 36.30 32.96 -10.73
N THR C 429 36.51 33.99 -11.55
CA THR C 429 35.48 34.44 -12.52
C THR C 429 35.20 33.42 -13.63
N ASP C 430 36.13 32.49 -13.87
CA ASP C 430 35.87 31.36 -14.76
C ASP C 430 34.81 30.39 -14.23
N LEU C 431 34.47 30.44 -12.94
CA LEU C 431 33.42 29.56 -12.38
C LEU C 431 32.06 29.74 -13.07
N LYS C 432 31.42 30.89 -12.87
CA LYS C 432 30.02 31.05 -13.31
C LYS C 432 29.87 30.47 -14.71
N ASP C 433 30.79 30.83 -15.61
CA ASP C 433 30.89 30.25 -16.97
C ASP C 433 31.06 28.72 -16.92
N MET C 434 32.25 28.22 -16.56
CA MET C 434 32.53 26.75 -16.46
C MET C 434 31.39 25.90 -15.88
N LYS C 435 30.77 26.48 -14.85
CA LYS C 435 29.66 25.91 -14.11
C LYS C 435 28.39 25.86 -14.99
N GLN C 436 28.12 26.94 -15.73
CA GLN C 436 26.97 26.98 -16.65
C GLN C 436 26.99 25.86 -17.65
N TRP C 437 28.19 25.49 -18.10
CA TRP C 437 28.34 24.39 -19.04
C TRP C 437 27.94 23.12 -18.33
N ALA C 438 28.46 22.95 -17.11
CA ALA C 438 28.20 21.75 -16.34
C ALA C 438 26.71 21.54 -16.18
N ARG C 439 26.00 22.62 -15.83
CA ARG C 439 24.53 22.56 -15.65
C ARG C 439 23.80 22.25 -16.95
N ALA C 440 24.29 22.82 -18.05
CA ALA C 440 23.77 22.55 -19.37
C ALA C 440 24.11 21.14 -19.83
N ARG C 441 25.29 20.64 -19.48
CA ARG C 441 25.68 19.28 -19.82
C ARG C 441 24.80 18.27 -19.08
N GLN C 442 24.52 18.57 -17.81
CA GLN C 442 23.54 17.81 -17.05
C GLN C 442 22.26 17.83 -17.84
N PHE C 443 21.69 19.02 -18.03
CA PHE C 443 20.42 19.20 -18.77
C PHE C 443 20.29 18.33 -20.01
N GLU C 444 21.35 18.32 -20.82
CA GLU C 444 21.39 17.59 -22.11
C GLU C 444 21.33 16.08 -21.85
N LEU C 445 22.11 15.60 -20.87
CA LEU C 445 22.11 14.18 -20.50
C LEU C 445 20.73 13.70 -19.98
N GLU C 446 20.21 14.42 -19.00
CA GLU C 446 18.90 14.12 -18.41
C GLU C 446 17.79 14.08 -19.44
N ILE C 447 17.88 14.95 -20.45
CA ILE C 447 16.93 14.93 -21.56
C ILE C 447 17.12 13.69 -22.44
N ASN C 448 18.38 13.29 -22.68
CA ASN C 448 18.62 12.00 -23.36
C ASN C 448 18.02 10.81 -22.56
N ARG C 449 18.11 10.87 -21.23
CA ARG C 449 17.53 9.82 -20.34
C ARG C 449 15.99 9.78 -20.34
N VAL C 450 15.37 10.95 -20.20
CA VAL C 450 13.90 11.02 -20.16
C VAL C 450 13.27 10.54 -21.47
N SER C 451 13.92 10.85 -22.60
CA SER C 451 13.30 10.73 -23.92
C SER C 451 13.81 9.55 -24.74
N SER C 452 13.04 9.20 -25.77
CA SER C 452 13.42 8.18 -26.76
C SER C 452 14.24 8.80 -27.90
N LEU C 453 13.93 10.06 -28.26
CA LEU C 453 14.79 10.87 -29.14
C LEU C 453 15.96 11.37 -28.30
N GLY C 454 16.73 12.33 -28.81
CA GLY C 454 17.81 12.95 -28.03
C GLY C 454 17.76 14.46 -27.98
N SER C 455 18.64 15.02 -27.17
CA SER C 455 18.88 16.48 -27.13
C SER C 455 19.12 17.16 -28.48
N GLY C 456 19.52 16.39 -29.49
CA GLY C 456 19.55 16.86 -30.87
C GLY C 456 18.16 17.20 -31.37
N ALA C 457 17.20 16.33 -31.01
CA ALA C 457 15.78 16.56 -31.28
C ALA C 457 15.09 17.54 -30.32
N HIS C 458 15.52 17.59 -29.05
CA HIS C 458 14.98 18.54 -28.06
C HIS C 458 15.84 19.82 -27.96
N SER C 459 16.22 20.38 -29.10
CA SER C 459 17.19 21.48 -29.14
C SER C 459 16.60 22.78 -28.58
N LYS C 460 15.39 23.09 -29.06
CA LYS C 460 14.66 24.33 -28.74
C LYS C 460 14.30 24.45 -27.24
N LEU C 461 14.18 23.29 -26.58
CA LEU C 461 13.99 23.18 -25.13
C LEU C 461 15.33 23.47 -24.45
N MET C 462 16.36 22.71 -24.84
CA MET C 462 17.71 22.86 -24.32
C MET C 462 18.19 24.32 -24.22
N SER C 463 17.83 25.13 -25.22
CA SER C 463 18.16 26.55 -25.20
C SER C 463 17.39 27.27 -24.10
N THR C 464 16.06 27.22 -24.17
CA THR C 464 15.16 27.84 -23.17
C THR C 464 15.65 27.65 -21.74
N LEU C 465 16.09 26.43 -21.47
CA LEU C 465 16.62 26.05 -20.18
C LEU C 465 17.96 26.71 -19.88
N THR C 466 18.82 26.82 -20.89
CA THR C 466 20.22 27.17 -20.66
C THR C 466 20.46 28.65 -20.29
N LYS C 467 19.59 29.55 -20.76
CA LYS C 467 19.61 30.97 -20.37
C LYS C 467 18.36 31.24 -19.52
N LEU C 468 18.44 30.78 -18.26
CA LEU C 468 17.36 30.87 -17.28
C LEU C 468 18.09 30.80 -15.95
N PRO C 469 17.97 31.85 -15.08
CA PRO C 469 18.99 32.08 -14.02
C PRO C 469 19.47 30.86 -13.24
N VAL C 470 20.76 30.87 -12.88
CA VAL C 470 21.43 29.75 -12.17
C VAL C 470 20.49 28.95 -11.29
N GLU C 471 19.75 29.63 -10.41
CA GLU C 471 18.90 28.97 -9.41
C GLU C 471 17.71 28.24 -10.05
N LYS C 472 16.91 28.96 -10.82
CA LYS C 472 15.69 28.39 -11.43
C LYS C 472 15.95 27.22 -12.40
N GLN C 473 17.18 27.12 -12.92
CA GLN C 473 17.59 25.94 -13.71
C GLN C 473 18.20 24.83 -12.80
N ARG C 474 18.93 25.25 -11.76
CA ARG C 474 19.27 24.38 -10.62
C ARG C 474 18.03 23.73 -9.98
N GLU C 475 16.89 24.39 -10.14
CA GLU C 475 15.57 23.94 -9.65
C GLU C 475 14.97 22.78 -10.46
N ILE C 476 15.24 22.71 -11.77
CA ILE C 476 14.81 21.54 -12.57
C ILE C 476 15.80 20.39 -12.34
N LEU C 477 17.09 20.72 -12.18
CA LEU C 477 18.12 19.71 -11.82
C LEU C 477 17.90 19.12 -10.42
N ALA C 478 17.37 19.92 -9.50
CA ALA C 478 17.00 19.42 -8.18
C ALA C 478 16.01 18.25 -8.31
N LYS C 479 14.88 18.49 -8.99
CA LYS C 479 13.83 17.47 -9.18
C LYS C 479 13.57 17.24 -10.68
N PRO C 480 14.47 16.48 -11.34
CA PRO C 480 14.49 16.22 -12.78
C PRO C 480 13.15 16.09 -13.48
N GLN C 481 12.29 15.17 -13.02
CA GLN C 481 10.99 14.87 -13.68
C GLN C 481 10.45 16.02 -14.49
N GLN C 482 10.30 17.17 -13.83
CA GLN C 482 9.75 18.40 -14.43
C GLN C 482 9.87 18.53 -15.96
N LEU C 483 11.08 18.36 -16.50
CA LEU C 483 11.33 18.41 -17.96
C LEU C 483 10.36 17.54 -18.77
N ARG C 484 10.06 16.34 -18.26
CA ARG C 484 9.09 15.39 -18.84
C ARG C 484 7.71 16.01 -19.10
N HIS C 485 7.26 16.90 -18.21
CA HIS C 485 5.95 17.54 -18.33
C HIS C 485 5.98 18.72 -19.31
N LEU C 486 7.08 19.48 -19.35
CA LEU C 486 7.22 20.53 -20.38
C LEU C 486 7.69 19.96 -21.73
N MET C 487 8.11 18.69 -21.72
CA MET C 487 8.26 17.87 -22.93
C MET C 487 6.91 17.68 -23.59
N ASN C 488 5.87 17.48 -22.76
CA ASN C 488 4.48 17.35 -23.22
C ASN C 488 3.73 18.70 -23.42
N ALA C 489 4.20 19.78 -22.79
CA ALA C 489 3.61 21.14 -22.93
C ALA C 489 3.09 21.49 -24.35
N TYR C 490 1.85 21.98 -24.44
CA TYR C 490 1.29 22.53 -25.69
C TYR C 490 0.69 23.93 -25.54
N GLU C 491 0.96 24.61 -24.41
CA GLU C 491 0.42 25.96 -24.16
C GLU C 491 1.27 26.78 -23.17
N SER C 492 1.44 28.07 -23.50
CA SER C 492 2.12 29.11 -22.71
C SER C 492 2.25 28.81 -21.21
N HIS C 493 1.13 28.90 -20.49
CA HIS C 493 1.06 28.71 -19.03
C HIS C 493 1.54 27.35 -18.50
N VAL C 494 1.51 26.30 -19.34
CA VAL C 494 1.84 24.93 -18.91
C VAL C 494 3.32 24.84 -18.56
N ALA C 495 4.18 25.41 -19.42
CA ALA C 495 5.61 25.53 -19.14
C ALA C 495 5.87 26.58 -18.07
N GLU C 496 5.29 27.77 -18.25
CA GLU C 496 5.50 28.91 -17.34
C GLU C 496 5.51 28.56 -15.84
N HIS C 497 4.54 27.76 -15.40
CA HIS C 497 4.51 27.25 -14.02
C HIS C 497 5.81 26.47 -13.70
N TYR C 498 6.10 25.48 -14.56
CA TYR C 498 7.29 24.61 -14.43
C TYR C 498 8.63 25.34 -14.66
N LEU C 499 8.61 26.45 -15.40
CA LEU C 499 9.82 27.08 -15.99
C LEU C 499 10.06 28.53 -15.52
N GLY C 500 9.10 29.43 -15.78
CA GLY C 500 9.23 30.83 -15.36
C GLY C 500 8.09 31.76 -15.79
N LYS C 501 8.22 33.03 -15.49
CA LYS C 501 7.15 34.03 -15.70
C LYS C 501 6.88 34.19 -17.20
N ASN C 502 7.75 34.90 -17.92
CA ASN C 502 7.95 34.65 -19.35
C ASN C 502 9.45 34.71 -19.65
N ALA C 503 10.07 33.54 -19.43
CA ALA C 503 11.45 33.29 -19.81
C ALA C 503 11.57 33.17 -21.33
N SER C 504 12.77 32.86 -21.81
CA SER C 504 13.12 32.97 -23.22
C SER C 504 12.49 31.90 -24.12
N GLY C 505 12.07 32.34 -25.32
CA GLY C 505 11.63 31.45 -26.41
C GLY C 505 10.70 30.30 -26.04
N ILE C 506 9.61 30.63 -25.34
CA ILE C 506 8.65 29.62 -24.92
C ILE C 506 7.72 29.26 -26.11
N ALA C 507 7.39 30.25 -26.94
CA ALA C 507 6.63 30.00 -28.17
C ALA C 507 7.44 29.18 -29.18
N GLU C 508 8.77 29.27 -29.10
CA GLU C 508 9.67 28.40 -29.87
C GLU C 508 9.61 26.95 -29.36
N LEU C 509 9.57 26.79 -28.03
CA LEU C 509 9.41 25.48 -27.34
C LEU C 509 8.01 24.84 -27.52
N LEU C 510 6.99 25.69 -27.69
CA LEU C 510 5.66 25.26 -28.13
C LEU C 510 5.80 24.42 -29.41
N THR C 511 6.17 25.09 -30.50
CA THR C 511 6.35 24.46 -31.84
C THR C 511 7.23 23.21 -31.80
N GLU C 512 8.27 23.22 -30.98
CA GLU C 512 9.15 22.05 -30.87
C GLU C 512 8.32 20.83 -30.48
N ASN C 513 7.64 20.93 -29.33
CA ASN C 513 6.80 19.84 -28.86
C ASN C 513 5.61 19.60 -29.80
N LYS C 514 5.19 20.65 -30.50
CA LYS C 514 4.13 20.58 -31.54
C LYS C 514 4.46 19.59 -32.69
N ARG C 515 5.59 19.75 -33.38
CA ARG C 515 5.99 18.76 -34.41
C ARG C 515 6.49 17.42 -33.84
N LEU C 516 7.01 17.44 -32.62
CA LEU C 516 7.69 16.29 -32.00
C LEU C 516 6.77 15.15 -31.51
N GLU C 517 5.53 15.48 -31.13
CA GLU C 517 4.62 14.45 -30.60
C GLU C 517 4.19 13.41 -31.65
N GLY C 518 4.12 13.82 -32.93
CA GLY C 518 3.85 12.88 -34.03
C GLY C 518 4.90 11.79 -34.16
N PHE C 519 6.15 12.17 -33.90
CA PHE C 519 7.28 11.24 -33.87
C PHE C 519 7.26 10.34 -32.63
N ARG C 520 6.79 10.88 -31.49
CA ARG C 520 6.66 10.09 -30.23
C ARG C 520 5.57 9.00 -30.35
N ALA C 521 4.64 9.17 -31.31
CA ALA C 521 3.62 8.17 -31.61
C ALA C 521 4.17 6.90 -32.28
N ILE C 522 5.26 6.99 -33.06
CA ILE C 522 5.77 5.87 -33.87
C ILE C 522 5.96 4.57 -33.06
N HIS C 523 5.69 3.44 -33.71
CA HIS C 523 5.50 2.14 -33.05
C HIS C 523 6.75 1.28 -32.74
N ASN C 524 7.90 1.71 -33.23
CA ASN C 524 9.22 1.20 -32.78
C ASN C 524 9.81 2.36 -31.97
N ALA C 525 10.99 2.15 -31.38
CA ALA C 525 11.75 3.22 -30.71
C ALA C 525 12.91 3.80 -31.57
N GLU C 526 13.44 3.00 -32.50
CA GLU C 526 14.52 3.43 -33.43
C GLU C 526 14.02 4.30 -34.62
N VAL C 527 13.06 3.79 -35.39
CA VAL C 527 12.48 4.58 -36.52
C VAL C 527 12.03 5.97 -36.03
N ALA C 528 11.50 6.02 -34.80
CA ALA C 528 11.21 7.29 -34.15
C ALA C 528 12.47 8.11 -34.09
N ARG C 529 13.49 7.52 -33.48
CA ARG C 529 14.79 8.16 -33.27
C ARG C 529 15.31 8.79 -34.57
N VAL C 530 15.47 7.95 -35.58
CA VAL C 530 16.14 8.36 -36.83
C VAL C 530 15.28 9.25 -37.74
N LEU C 531 13.98 8.99 -37.81
CA LEU C 531 13.10 9.92 -38.51
C LEU C 531 13.03 11.27 -37.80
N ALA C 532 13.14 11.27 -36.47
CA ALA C 532 13.20 12.52 -35.71
C ALA C 532 14.42 13.37 -36.11
N ASN C 533 15.59 12.73 -36.13
CA ASN C 533 16.83 13.47 -36.37
C ASN C 533 17.28 13.49 -37.85
N PHE C 534 16.95 14.60 -38.52
CA PHE C 534 17.64 15.10 -39.71
C PHE C 534 18.06 16.56 -39.36
N LYS C 535 18.95 17.15 -40.17
CA LYS C 535 19.22 18.61 -40.08
C LYS C 535 18.02 19.37 -40.70
N PRO C 536 17.57 18.95 -41.92
CA PRO C 536 16.23 19.36 -42.39
C PRO C 536 15.10 19.20 -41.34
N GLU C 537 14.33 20.25 -41.08
CA GLU C 537 13.32 20.26 -40.00
C GLU C 537 11.99 19.59 -40.41
N ILE C 538 11.94 18.24 -40.38
CA ILE C 538 10.76 17.49 -40.92
C ILE C 538 9.57 17.36 -39.94
N THR C 539 8.37 17.28 -40.52
CA THR C 539 7.09 17.17 -39.77
C THR C 539 6.24 16.01 -40.29
N LEU C 540 5.41 15.45 -39.39
CA LEU C 540 4.53 14.29 -39.65
C LEU C 540 3.04 14.64 -39.46
N ASN C 541 2.30 14.72 -40.58
CA ASN C 541 0.88 15.17 -40.59
C ASN C 541 -0.07 14.01 -40.16
N ASP C 542 -0.57 14.12 -38.92
CA ASP C 542 -1.21 13.02 -38.15
C ASP C 542 -1.49 11.64 -38.80
N LYS C 543 -2.38 11.61 -39.80
CA LYS C 543 -2.89 10.34 -40.37
C LYS C 543 -1.82 9.41 -40.98
N GLN C 544 -0.66 9.97 -41.33
CA GLN C 544 0.51 9.20 -41.79
C GLN C 544 0.97 8.06 -40.85
N VAL C 545 0.93 8.26 -39.53
CA VAL C 545 1.42 7.24 -38.56
C VAL C 545 0.72 5.88 -38.69
N ALA C 546 -0.59 5.87 -38.95
CA ALA C 546 -1.37 4.62 -39.11
C ALA C 546 -0.96 3.72 -40.32
N ALA C 547 -0.14 4.25 -41.24
CA ALA C 547 0.54 3.45 -42.27
C ALA C 547 2.08 3.41 -42.12
N ILE C 548 2.67 4.25 -41.26
CA ILE C 548 3.98 3.95 -40.68
C ILE C 548 3.82 2.73 -39.76
N ASN C 549 2.73 2.70 -38.99
CA ASN C 549 2.46 1.65 -38.01
C ASN C 549 1.97 0.31 -38.61
N GLN C 550 1.10 0.35 -39.63
CA GLN C 550 0.59 -0.88 -40.33
C GLN C 550 1.50 -1.36 -41.51
N ALA C 551 2.38 -0.49 -42.03
CA ALA C 551 3.53 -0.96 -42.83
C ALA C 551 4.57 -1.61 -41.91
N LEU C 552 4.67 -1.10 -40.66
CA LEU C 552 5.47 -1.77 -39.62
C LEU C 552 4.95 -3.18 -39.25
N THR C 553 3.64 -3.34 -38.99
CA THR C 553 3.10 -4.66 -38.56
C THR C 553 2.89 -5.70 -39.68
N THR C 554 3.14 -5.34 -40.95
CA THR C 554 3.35 -6.34 -42.02
C THR C 554 4.74 -7.02 -41.87
N ALA C 555 5.69 -6.34 -41.21
CA ALA C 555 6.97 -6.93 -40.76
C ALA C 555 6.85 -7.67 -39.40
N ASN C 556 6.37 -6.95 -38.39
CA ASN C 556 6.27 -7.48 -37.03
C ASN C 556 5.01 -8.34 -36.90
N ALA C 565 17.11 -7.78 -47.33
CA ALA C 565 17.52 -6.81 -48.35
C ALA C 565 16.30 -6.36 -49.15
N THR C 566 15.65 -7.30 -49.85
CA THR C 566 14.38 -7.04 -50.55
C THR C 566 13.24 -6.91 -49.53
N ASP C 567 13.32 -7.74 -48.50
CA ASP C 567 12.28 -7.85 -47.48
C ASP C 567 12.38 -6.70 -46.47
N TYR C 568 13.60 -6.39 -46.04
CA TYR C 568 13.85 -5.29 -45.08
C TYR C 568 13.61 -3.88 -45.67
N LYS C 569 13.56 -3.75 -47.00
CA LYS C 569 13.14 -2.49 -47.67
C LYS C 569 11.66 -2.46 -48.11
N ILE C 570 10.83 -3.37 -47.58
CA ILE C 570 9.37 -3.34 -47.79
C ILE C 570 8.72 -2.27 -46.89
N LEU C 571 9.26 -2.10 -45.70
CA LEU C 571 8.79 -1.10 -44.74
C LEU C 571 9.43 0.27 -45.01
N ILE C 572 10.74 0.29 -45.27
CA ILE C 572 11.52 1.53 -45.57
C ILE C 572 10.98 2.32 -46.77
N ASP C 573 10.42 1.63 -47.76
CA ASP C 573 9.68 2.26 -48.87
C ASP C 573 8.22 2.57 -48.48
N ALA C 574 7.62 1.69 -47.66
CA ALA C 574 6.28 1.91 -47.08
C ALA C 574 6.24 2.83 -45.83
N ILE C 575 7.39 3.43 -45.48
CA ILE C 575 7.47 4.59 -44.57
C ILE C 575 7.93 5.86 -45.34
N LYS C 576 8.84 5.68 -46.32
CA LYS C 576 9.23 6.71 -47.33
C LYS C 576 8.05 7.38 -48.06
N THR C 577 6.93 6.66 -48.18
CA THR C 577 5.66 7.16 -48.73
C THR C 577 4.79 8.01 -47.75
N GLN C 578 5.04 7.91 -46.43
CA GLN C 578 4.38 8.75 -45.42
C GLN C 578 5.20 10.02 -45.11
N SER C 579 6.52 9.88 -45.04
CA SER C 579 7.46 11.02 -44.87
C SER C 579 7.66 11.78 -46.20
N GLY C 580 7.87 13.10 -46.11
CA GLY C 580 7.80 14.00 -47.28
C GLY C 580 8.85 13.86 -48.38
N SER C 581 9.77 14.82 -48.43
CA SER C 581 10.82 14.88 -49.46
C SER C 581 11.99 13.92 -49.13
N VAL C 582 11.87 12.66 -49.55
CA VAL C 582 12.84 11.59 -49.21
C VAL C 582 14.08 11.54 -50.15
N ASN C 583 13.88 11.90 -51.43
CA ASN C 583 14.96 11.96 -52.45
C ASN C 583 16.36 12.44 -51.96
N GLN C 584 16.35 13.33 -50.94
CA GLN C 584 17.52 13.79 -50.14
C GLN C 584 18.64 12.77 -49.81
N LYS C 585 19.84 13.30 -49.55
CA LYS C 585 20.96 12.53 -49.01
C LYS C 585 20.61 11.85 -47.66
N ASP C 586 21.04 10.59 -47.53
CA ASP C 586 21.16 9.84 -46.27
C ASP C 586 19.89 9.18 -45.66
N PHE C 587 18.73 9.27 -46.32
CA PHE C 587 17.49 8.60 -45.83
C PHE C 587 17.67 7.08 -45.78
N TYR C 588 18.15 6.49 -46.88
CA TYR C 588 18.51 5.06 -46.90
C TYR C 588 19.81 4.77 -46.09
N ASN C 589 20.78 5.70 -46.08
CA ASN C 589 22.05 5.54 -45.31
C ASN C 589 21.91 5.56 -43.77
N ALA C 590 20.79 6.10 -43.25
CA ALA C 590 20.49 6.10 -41.80
C ALA C 590 19.82 4.80 -41.29
N PHE C 591 19.03 4.14 -42.15
CA PHE C 591 18.40 2.83 -41.85
C PHE C 591 19.22 1.59 -42.22
N ASN C 592 20.43 1.82 -42.75
CA ASN C 592 21.43 0.77 -43.06
C ASN C 592 21.09 -0.04 -44.33
N LEU C 593 20.89 0.70 -45.43
CA LEU C 593 20.85 0.18 -46.82
C LEU C 593 21.83 1.02 -47.70
N ASN C 594 22.41 0.40 -48.74
CA ASN C 594 23.25 1.14 -49.72
C ASN C 594 22.41 2.14 -50.52
N ASP C 595 23.05 3.19 -51.06
CA ASP C 595 22.36 4.36 -51.69
C ASP C 595 21.32 3.98 -52.77
N ASP C 596 20.04 3.90 -52.36
CA ASP C 596 18.86 3.61 -53.23
C ASP C 596 18.61 2.14 -53.62
N GLY C 597 19.40 1.21 -53.08
CA GLY C 597 19.50 -0.13 -53.67
C GLY C 597 19.22 -1.34 -52.79
N ARG C 598 19.79 -2.47 -53.21
CA ARG C 598 19.57 -3.79 -52.60
C ARG C 598 20.20 -3.94 -51.20
N ALA C 599 21.48 -4.30 -51.16
CA ALA C 599 22.10 -4.88 -49.95
C ALA C 599 22.26 -3.86 -48.81
N PHE C 600 22.88 -4.29 -47.71
CA PHE C 600 23.11 -3.47 -46.53
C PHE C 600 24.54 -2.83 -46.51
N THR C 601 24.82 -2.02 -45.50
CA THR C 601 26.10 -1.30 -45.34
C THR C 601 27.11 -2.16 -44.56
N SER C 602 28.34 -1.66 -44.40
CA SER C 602 29.38 -2.25 -43.51
C SER C 602 28.97 -2.30 -42.02
N SER C 603 28.49 -1.16 -41.52
CA SER C 603 28.00 -1.04 -40.16
C SER C 603 26.47 -0.90 -40.17
N THR C 604 25.78 -1.92 -39.64
CA THR C 604 24.33 -1.86 -39.36
C THR C 604 24.08 -1.93 -37.83
N PRO C 605 24.16 -0.78 -37.12
CA PRO C 605 23.69 -0.69 -35.73
C PRO C 605 22.25 -0.17 -35.59
N ARG C 606 21.87 0.81 -36.41
CA ARG C 606 20.54 1.42 -36.39
C ARG C 606 19.52 0.58 -37.20
N LYS C 607 20.02 -0.51 -37.79
CA LYS C 607 19.20 -1.63 -38.28
C LYS C 607 18.95 -2.66 -37.18
N ASP C 608 20.02 -3.01 -36.46
CA ASP C 608 19.99 -4.09 -35.47
C ASP C 608 19.26 -3.69 -34.16
N GLU C 609 19.33 -2.42 -33.72
CA GLU C 609 18.48 -1.93 -32.62
C GLU C 609 17.02 -1.81 -33.10
N MET C 610 16.79 -1.56 -34.40
CA MET C 610 15.43 -1.67 -34.97
C MET C 610 14.91 -3.09 -34.79
N SER C 611 15.73 -4.09 -35.12
CA SER C 611 15.36 -5.52 -34.91
C SER C 611 15.60 -6.04 -33.46
N LYS C 612 16.07 -5.18 -32.55
CA LYS C 612 15.99 -5.40 -31.10
C LYS C 612 14.57 -5.05 -30.66
N GLN C 613 14.13 -3.84 -31.01
CA GLN C 613 12.76 -3.36 -30.73
C GLN C 613 11.70 -4.15 -31.48
N GLN C 614 11.74 -4.14 -32.81
CA GLN C 614 10.88 -4.99 -33.65
C GLN C 614 10.61 -6.36 -33.03
N GLN C 615 11.66 -6.99 -32.49
CA GLN C 615 11.54 -8.33 -31.85
C GLN C 615 11.18 -8.28 -30.35
N HIS C 616 11.43 -7.15 -29.68
CA HIS C 616 10.86 -6.94 -28.34
C HIS C 616 9.33 -7.05 -28.37
N ASN C 617 8.72 -6.48 -29.42
CA ASN C 617 7.26 -6.24 -29.47
C ASN C 617 6.38 -7.32 -30.17
N GLN C 618 6.90 -8.52 -30.41
CA GLN C 618 6.22 -9.45 -31.35
C GLN C 618 4.99 -10.18 -30.77
N HIS C 619 5.15 -10.76 -29.59
CA HIS C 619 4.04 -11.43 -28.89
C HIS C 619 2.88 -10.47 -28.46
N ILE C 620 3.20 -9.19 -28.23
CA ILE C 620 2.18 -8.15 -27.90
C ILE C 620 1.51 -7.57 -29.15
N TYR C 621 2.23 -7.55 -30.28
CA TYR C 621 1.64 -7.34 -31.63
C TYR C 621 0.54 -8.38 -31.95
N ALA C 622 0.68 -9.58 -31.41
CA ALA C 622 -0.38 -10.60 -31.46
C ALA C 622 -1.66 -10.11 -30.77
N GLU C 623 -1.50 -9.47 -29.60
CA GLU C 623 -2.61 -8.80 -28.92
C GLU C 623 -3.19 -7.62 -29.76
N TYR C 624 -2.33 -6.84 -30.43
CA TYR C 624 -2.73 -5.65 -31.26
C TYR C 624 -3.70 -5.92 -32.44
N ASN C 625 -3.25 -6.73 -33.41
CA ASN C 625 -3.98 -6.93 -34.70
C ASN C 625 -5.14 -7.95 -34.67
N SER C 626 -4.96 -9.02 -33.87
CA SER C 626 -5.93 -10.15 -33.81
C SER C 626 -7.23 -9.81 -33.07
N THR C 627 -7.12 -9.20 -31.88
CA THR C 627 -8.29 -8.79 -31.07
C THR C 627 -9.01 -7.59 -31.73
N SER C 628 -9.76 -7.92 -32.79
CA SER C 628 -10.47 -6.97 -33.66
C SER C 628 -11.86 -6.68 -33.09
N ASN C 629 -12.57 -7.74 -32.68
CA ASN C 629 -13.86 -7.66 -31.96
C ASN C 629 -13.72 -6.74 -30.71
N SER C 630 -14.15 -5.48 -30.87
CA SER C 630 -13.93 -4.38 -29.91
C SER C 630 -12.42 -4.25 -29.51
N GLY C 631 -12.10 -4.21 -28.21
CA GLY C 631 -10.72 -4.12 -27.75
C GLY C 631 -10.19 -2.70 -27.63
N ASN C 632 -9.17 -2.58 -26.80
CA ASN C 632 -8.55 -1.31 -26.44
C ASN C 632 -7.17 -1.40 -27.10
N LYS C 633 -7.19 -1.25 -28.43
CA LYS C 633 -6.01 -1.52 -29.29
C LYS C 633 -4.95 -0.43 -29.13
N LYS C 634 -5.40 0.81 -28.96
CA LYS C 634 -4.51 1.95 -28.77
C LYS C 634 -4.06 2.13 -27.30
N LEU C 635 -4.27 1.14 -26.44
CA LEU C 635 -3.48 0.99 -25.20
C LEU C 635 -2.13 0.34 -25.52
N LEU C 636 -2.16 -0.74 -26.31
CA LEU C 636 -0.94 -1.46 -26.73
C LEU C 636 -0.06 -0.69 -27.76
N ALA C 637 -0.65 0.29 -28.45
CA ALA C 637 0.08 1.17 -29.39
C ALA C 637 1.04 2.18 -28.73
N VAL C 638 0.77 2.58 -27.47
CA VAL C 638 1.73 3.41 -26.68
C VAL C 638 2.83 2.57 -26.02
N LEU C 639 2.51 1.31 -25.67
CA LEU C 639 3.48 0.37 -25.09
C LEU C 639 4.72 0.21 -25.97
N LEU C 640 4.51 -0.26 -27.20
CA LEU C 640 5.61 -0.52 -28.15
C LEU C 640 6.38 0.72 -28.64
N SER C 641 5.75 1.90 -28.52
CA SER C 641 6.41 3.17 -28.81
C SER C 641 7.53 3.48 -27.80
N ILE C 642 7.37 2.97 -26.58
CA ILE C 642 8.39 3.09 -25.54
C ILE C 642 9.52 2.08 -25.81
N GLU C 643 10.77 2.50 -25.58
CA GLU C 643 11.96 1.64 -25.71
C GLU C 643 11.96 0.57 -24.63
N LYS C 644 12.60 -0.56 -24.92
CA LYS C 644 12.53 -1.73 -24.05
C LYS C 644 13.91 -2.40 -24.02
N PRO C 645 14.45 -2.68 -22.79
CA PRO C 645 15.74 -3.37 -22.74
C PRO C 645 15.59 -4.88 -22.98
N VAL C 646 14.99 -5.59 -22.02
CA VAL C 646 14.69 -7.03 -22.16
C VAL C 646 13.39 -7.13 -22.99
N THR C 647 13.05 -8.34 -23.41
CA THR C 647 11.76 -8.62 -24.05
C THR C 647 10.70 -8.78 -22.96
N PHE C 648 9.45 -8.42 -23.26
CA PHE C 648 8.31 -8.79 -22.41
C PHE C 648 7.97 -10.26 -22.68
N SER C 649 7.79 -11.05 -21.63
CA SER C 649 7.23 -12.41 -21.77
C SER C 649 5.70 -12.31 -21.90
N LYS C 650 5.05 -13.43 -22.17
CA LYS C 650 3.59 -13.43 -22.38
C LYS C 650 2.76 -13.11 -21.13
N ASP C 651 3.32 -13.31 -19.93
CA ASP C 651 2.65 -12.98 -18.63
C ASP C 651 2.43 -11.48 -18.35
N ILE C 652 3.37 -10.64 -18.82
CA ILE C 652 3.28 -9.16 -18.72
C ILE C 652 2.79 -8.51 -20.05
N VAL C 653 2.04 -9.27 -20.85
CA VAL C 653 1.05 -8.69 -21.77
C VAL C 653 -0.26 -8.57 -20.98
N ASN C 654 -0.56 -9.63 -20.21
CA ASN C 654 -1.76 -9.69 -19.38
C ASN C 654 -1.70 -8.69 -18.24
N ARG C 655 -0.63 -8.75 -17.44
CA ARG C 655 -0.45 -7.84 -16.29
C ARG C 655 -0.39 -6.32 -16.64
N PHE C 656 -0.35 -5.99 -17.95
CA PHE C 656 -0.63 -4.61 -18.46
C PHE C 656 -2.10 -4.32 -18.81
N LEU C 657 -2.79 -5.32 -19.40
CA LEU C 657 -4.21 -5.23 -19.79
C LEU C 657 -5.24 -5.35 -18.64
N ARG C 658 -4.90 -6.09 -17.60
CA ARG C 658 -5.85 -6.49 -16.52
C ARG C 658 -6.51 -5.32 -15.73
N PRO C 659 -5.70 -4.43 -15.08
CA PRO C 659 -6.32 -3.34 -14.35
C PRO C 659 -6.83 -2.17 -15.22
N LEU C 660 -6.73 -2.26 -16.55
CA LEU C 660 -7.09 -1.16 -17.46
C LEU C 660 -8.59 -0.80 -17.46
N LYS C 661 -9.47 -1.80 -17.32
CA LYS C 661 -10.93 -1.54 -17.32
C LYS C 661 -11.39 -0.80 -16.03
N ASP C 662 -10.66 -1.06 -14.92
CA ASP C 662 -10.81 -0.32 -13.65
C ASP C 662 -9.54 0.51 -13.35
N SER C 663 -9.09 1.30 -14.33
CA SER C 663 -7.94 2.22 -14.17
C SER C 663 -8.41 3.68 -14.22
N GLU C 664 -8.55 4.30 -13.04
CA GLU C 664 -9.05 5.67 -12.93
C GLU C 664 -8.01 6.66 -13.40
N THR C 665 -6.88 6.71 -12.68
CA THR C 665 -5.80 7.66 -12.94
C THR C 665 -4.61 6.90 -13.54
N PRO C 666 -4.10 7.31 -14.73
CA PRO C 666 -2.90 6.69 -15.28
C PRO C 666 -1.64 7.00 -14.48
N GLN C 667 -1.68 8.07 -13.65
CA GLN C 667 -0.61 8.43 -12.70
C GLN C 667 -0.57 7.50 -11.47
N ASP C 668 -1.66 6.77 -11.19
CA ASP C 668 -1.64 5.60 -10.26
C ASP C 668 -2.16 4.24 -10.82
N TYR C 669 -2.49 4.15 -12.12
CA TYR C 669 -2.61 2.84 -12.85
C TYR C 669 -1.20 2.33 -13.23
N ALA C 670 -0.28 3.25 -13.52
CA ALA C 670 1.14 2.92 -13.64
C ALA C 670 1.72 2.51 -12.29
N ASP C 671 1.43 3.30 -11.25
CA ASP C 671 1.84 2.95 -9.89
C ASP C 671 1.15 1.68 -9.37
N THR C 672 -0.10 1.39 -9.74
CA THR C 672 -0.67 0.07 -9.40
C THR C 672 -0.14 -1.05 -10.33
N LEU C 673 0.35 -0.67 -11.52
CA LEU C 673 1.04 -1.61 -12.44
C LEU C 673 2.38 -2.09 -11.86
N PHE C 674 3.15 -1.19 -11.24
CA PHE C 674 4.41 -1.58 -10.58
C PHE C 674 4.55 -1.27 -9.07
N GLY C 675 3.56 -0.65 -8.46
CA GLY C 675 3.68 -0.20 -7.06
C GLY C 675 4.14 1.24 -6.94
N GLU C 676 4.21 1.71 -5.70
CA GLU C 676 4.49 3.12 -5.41
C GLU C 676 5.92 3.38 -5.91
N ASN C 677 6.88 2.58 -5.41
CA ASN C 677 8.31 2.65 -5.77
C ASN C 677 8.80 1.33 -6.45
N PRO C 678 9.00 1.31 -7.78
CA PRO C 678 9.57 0.11 -8.44
C PRO C 678 10.95 -0.46 -7.94
N THR C 679 11.84 0.42 -7.44
CA THR C 679 13.27 0.11 -7.08
C THR C 679 14.00 -1.05 -7.83
N ASN C 680 13.94 -1.03 -9.16
CA ASN C 680 14.71 -1.94 -10.06
C ASN C 680 14.87 -1.27 -11.44
N PRO C 681 16.12 -1.13 -11.96
CA PRO C 681 16.43 -0.43 -13.25
C PRO C 681 15.50 -0.59 -14.49
N ALA C 682 15.38 -1.80 -15.07
CA ALA C 682 14.51 -2.04 -16.26
C ALA C 682 13.00 -1.86 -15.98
N ASN C 683 12.64 -1.89 -14.69
CA ASN C 683 11.27 -1.67 -14.21
C ASN C 683 11.02 -0.23 -13.70
N LYS C 684 12.08 0.39 -13.19
CA LYS C 684 12.06 1.79 -12.75
C LYS C 684 11.86 2.68 -13.96
N LYS C 685 12.83 2.62 -14.88
CA LYS C 685 12.88 3.54 -16.02
C LYS C 685 11.83 3.23 -17.11
N PHE C 686 11.30 1.99 -17.14
CA PHE C 686 10.20 1.68 -18.05
C PHE C 686 8.90 2.39 -17.66
N LYS C 687 8.54 2.27 -16.38
CA LYS C 687 7.36 2.94 -15.84
C LYS C 687 7.49 4.47 -15.96
N ASP C 688 8.68 4.99 -15.67
CA ASP C 688 8.98 6.42 -15.76
C ASP C 688 8.65 6.94 -17.17
N ASP C 689 9.32 6.39 -18.17
CA ASP C 689 9.16 6.85 -19.56
C ASP C 689 7.91 6.26 -20.28
N LEU C 690 7.17 5.38 -19.62
CA LEU C 690 5.79 5.03 -20.04
C LEU C 690 4.86 6.18 -19.71
N LEU C 691 4.92 6.63 -18.45
CA LEU C 691 4.14 7.77 -17.95
C LEU C 691 4.25 8.96 -18.90
N ARG C 692 5.47 9.20 -19.37
CA ARG C 692 5.79 10.21 -20.39
C ARG C 692 4.81 10.28 -21.56
N GLU C 693 4.44 9.10 -22.11
CA GLU C 693 3.62 9.01 -23.35
C GLU C 693 2.10 9.10 -23.08
N LEU C 694 1.54 8.14 -22.34
CA LEU C 694 0.11 8.17 -22.04
C LEU C 694 -0.21 9.38 -21.14
N THR C 695 -0.38 10.51 -21.80
CA THR C 695 -0.74 11.75 -21.14
C THR C 695 -2.22 11.56 -20.70
N PRO C 696 -2.63 12.16 -19.57
CA PRO C 696 -4.01 12.06 -19.10
C PRO C 696 -5.11 12.16 -20.17
N THR C 697 -5.00 13.13 -21.08
CA THR C 697 -6.00 13.36 -22.15
C THR C 697 -6.16 12.20 -23.14
N VAL C 698 -5.02 11.64 -23.57
CA VAL C 698 -5.00 10.52 -24.52
C VAL C 698 -5.56 9.24 -23.84
N PHE C 699 -5.15 8.99 -22.60
CA PHE C 699 -5.66 7.87 -21.78
C PHE C 699 -7.17 7.88 -21.57
N ASN C 700 -7.72 9.08 -21.31
CA ASN C 700 -9.17 9.30 -21.18
C ASN C 700 -9.90 9.06 -22.52
N GLU C 701 -9.32 9.51 -23.63
CA GLU C 701 -9.87 9.26 -24.99
C GLU C 701 -9.84 7.78 -25.37
N ILE C 702 -8.89 7.03 -24.79
CA ILE C 702 -8.85 5.57 -24.91
C ILE C 702 -9.73 4.88 -23.84
N LYS C 703 -9.86 5.49 -22.66
CA LYS C 703 -10.80 5.03 -21.61
C LYS C 703 -12.27 5.03 -22.04
N ASN C 704 -12.64 6.03 -22.85
CA ASN C 704 -13.96 6.12 -23.54
C ASN C 704 -14.18 4.95 -24.51
N ASP C 705 -13.25 4.75 -25.46
CA ASP C 705 -13.25 3.57 -26.37
C ASP C 705 -13.16 2.22 -25.60
N LEU C 706 -12.66 2.28 -24.36
CA LEU C 706 -12.71 1.15 -23.40
C LEU C 706 -14.08 0.93 -22.71
N ARG C 707 -14.61 1.96 -22.03
CA ARG C 707 -15.87 1.89 -21.23
C ARG C 707 -17.14 1.75 -22.11
N LYS C 708 -17.07 2.27 -23.34
CA LYS C 708 -18.03 1.94 -24.42
C LYS C 708 -18.09 0.44 -24.64
N GLN C 709 -16.93 -0.16 -24.90
CA GLN C 709 -16.81 -1.56 -25.38
C GLN C 709 -17.33 -2.59 -24.38
N GLU C 710 -17.30 -2.22 -23.09
CA GLU C 710 -17.93 -2.94 -21.95
C GLU C 710 -19.14 -3.83 -22.26
N LEU C 711 -19.89 -3.47 -23.31
CA LEU C 711 -21.12 -4.15 -23.72
C LEU C 711 -21.27 -4.54 -25.22
N LEU C 712 -20.44 -3.99 -26.13
CA LEU C 712 -20.82 -3.90 -27.57
C LEU C 712 -21.30 -5.21 -28.21
N ASP C 713 -22.59 -5.22 -28.61
CA ASP C 713 -23.30 -6.35 -29.27
C ASP C 713 -23.73 -7.50 -28.33
N THR C 714 -23.68 -7.27 -27.01
CA THR C 714 -24.39 -8.05 -25.97
C THR C 714 -24.06 -9.56 -25.78
N ASN C 715 -22.91 -10.02 -26.29
CA ASN C 715 -22.52 -11.45 -26.17
C ASN C 715 -21.90 -11.76 -24.79
N ALA C 717 -24.88 -11.13 -21.73
CA ALA C 717 -25.90 -10.12 -21.45
C ALA C 717 -25.68 -9.44 -20.09
N HIS C 718 -24.45 -9.00 -19.81
CA HIS C 718 -24.14 -8.09 -18.65
C HIS C 718 -23.97 -6.60 -19.11
N VAL C 719 -24.73 -6.23 -20.15
CA VAL C 719 -24.63 -4.91 -20.82
C VAL C 719 -25.26 -3.73 -20.09
N MET C 720 -26.41 -3.95 -19.44
CA MET C 720 -27.19 -2.85 -18.83
C MET C 720 -26.56 -2.21 -17.56
N THR C 721 -25.54 -2.85 -16.96
CA THR C 721 -24.72 -2.22 -15.90
C THR C 721 -23.85 -1.08 -16.45
N ALA C 722 -23.37 -1.20 -17.70
CA ALA C 722 -22.51 -0.17 -18.33
C ALA C 722 -23.29 1.01 -18.96
N ILE C 723 -24.60 0.83 -19.22
CA ILE C 723 -25.53 1.95 -19.49
C ILE C 723 -26.07 2.53 -18.16
N LYS C 724 -26.11 1.71 -17.10
CA LYS C 724 -26.36 2.18 -15.70
C LYS C 724 -25.33 3.24 -15.23
N ALA C 725 -24.05 3.04 -15.55
CA ALA C 725 -23.00 4.05 -15.29
C ALA C 725 -23.25 5.39 -16.02
N LEU C 726 -23.74 5.32 -17.26
CA LEU C 726 -24.15 6.51 -18.05
C LEU C 726 -25.17 7.39 -17.31
N SER C 727 -26.08 6.75 -16.57
CA SER C 727 -27.17 7.44 -15.85
C SER C 727 -26.70 8.37 -14.71
N THR C 728 -25.58 8.04 -14.06
CA THR C 728 -25.06 8.88 -12.96
C THR C 728 -24.66 10.27 -13.47
N GLU C 729 -23.80 10.31 -14.48
CA GLU C 729 -23.29 11.56 -15.09
C GLU C 729 -24.35 12.48 -15.72
N LEU C 730 -25.34 11.88 -16.42
CA LEU C 730 -26.33 12.62 -17.27
C LEU C 730 -27.11 13.71 -16.51
N GLU C 731 -27.40 13.45 -15.23
CA GLU C 731 -28.04 14.42 -14.31
C GLU C 731 -27.05 15.03 -13.29
N SER C 732 -26.10 14.22 -12.79
CA SER C 732 -25.05 14.68 -11.85
C SER C 732 -24.36 15.95 -12.39
N ILE C 733 -23.91 15.87 -13.64
CA ILE C 733 -23.34 17.01 -14.36
C ILE C 733 -24.32 18.18 -14.28
N LYS C 734 -25.53 17.97 -14.81
CA LYS C 734 -26.52 19.05 -14.98
C LYS C 734 -27.12 19.64 -13.67
N GLY C 735 -26.57 19.27 -12.52
CA GLY C 735 -26.72 20.05 -11.28
C GLY C 735 -26.28 21.51 -11.39
N ILE C 736 -25.36 21.81 -12.31
CA ILE C 736 -24.88 23.19 -12.59
C ILE C 736 -25.72 23.91 -13.71
N THR C 737 -26.47 23.17 -14.55
CA THR C 737 -27.43 23.78 -15.53
C THR C 737 -28.73 24.19 -14.81
N ALA C 772 -15.93 55.44 0.11
CA ALA C 772 -15.70 54.23 -0.67
C ALA C 772 -17.03 53.46 -0.83
N GLN C 773 -17.91 54.00 -1.69
CA GLN C 773 -19.31 53.56 -1.82
C GLN C 773 -19.83 53.46 -3.27
N MET C 774 -20.85 52.61 -3.46
CA MET C 774 -21.80 52.63 -4.64
C MET C 774 -21.33 51.95 -5.96
N LYS C 775 -20.08 52.18 -6.37
CA LYS C 775 -19.53 51.71 -7.66
C LYS C 775 -18.81 50.34 -7.60
N GLU C 776 -18.08 50.09 -6.51
CA GLU C 776 -17.27 48.87 -6.34
C GLU C 776 -18.08 47.59 -6.06
N ARG C 777 -19.36 47.76 -5.69
CA ARG C 777 -20.29 46.65 -5.60
C ARG C 777 -20.48 45.95 -6.95
N TYR C 778 -20.53 46.77 -8.01
CA TYR C 778 -20.73 46.31 -9.39
C TYR C 778 -19.44 45.69 -9.99
N GLU C 779 -18.28 46.12 -9.50
CA GLU C 779 -16.99 45.43 -9.78
C GLU C 779 -17.01 44.01 -9.20
N GLY C 780 -17.61 43.87 -8.01
CA GLY C 780 -17.83 42.59 -7.37
C GLY C 780 -18.85 41.73 -8.09
N LEU C 781 -19.95 42.34 -8.55
CA LEU C 781 -21.00 41.61 -9.32
C LEU C 781 -20.61 41.22 -10.78
N SER C 782 -19.48 41.71 -11.28
CA SER C 782 -18.87 41.21 -12.53
C SER C 782 -18.50 39.73 -12.42
N ARG C 783 -17.61 39.43 -11.48
CA ARG C 783 -17.01 38.10 -11.36
C ARG C 783 -17.99 37.00 -10.90
N ASP C 784 -19.21 37.42 -10.49
CA ASP C 784 -20.38 36.54 -10.40
C ASP C 784 -20.72 35.83 -11.75
N CYS C 785 -20.24 36.39 -12.87
CA CYS C 785 -20.19 35.72 -14.19
C CYS C 785 -18.76 35.26 -14.59
N GLY C 786 -17.79 36.16 -14.44
CA GLY C 786 -16.38 35.86 -14.70
C GLY C 786 -15.95 34.50 -14.18
N LEU C 787 -16.34 34.19 -12.95
CA LEU C 787 -16.15 32.87 -12.34
C LEU C 787 -17.01 31.80 -13.08
N VAL C 788 -18.32 32.03 -13.15
CA VAL C 788 -19.35 31.05 -13.64
C VAL C 788 -19.07 30.40 -15.02
N VAL C 789 -18.55 31.18 -15.97
CA VAL C 789 -18.26 30.67 -17.34
C VAL C 789 -17.36 29.43 -17.46
N ASP C 790 -16.50 29.21 -16.47
CA ASP C 790 -15.55 28.10 -16.48
C ASP C 790 -16.21 26.72 -16.56
N GLN C 791 -17.27 26.51 -15.77
CA GLN C 791 -17.79 25.16 -15.49
C GLN C 791 -18.63 24.57 -16.63
N LEU C 792 -19.36 25.41 -17.37
CA LEU C 792 -20.16 24.95 -18.52
C LEU C 792 -19.27 24.67 -19.75
N ARG C 793 -18.40 25.63 -20.08
CA ARG C 793 -17.46 25.51 -21.20
C ARG C 793 -16.52 24.30 -20.97
N ARG C 794 -16.20 24.04 -19.69
CA ARG C 794 -15.56 22.79 -19.21
C ARG C 794 -16.41 21.53 -19.52
N GLN C 795 -17.65 21.49 -19.00
CA GLN C 795 -18.51 20.28 -19.09
C GLN C 795 -19.06 19.95 -20.49
N VAL C 796 -18.88 20.84 -21.46
CA VAL C 796 -19.36 20.63 -22.85
C VAL C 796 -18.61 19.52 -23.63
N VAL C 797 -17.33 19.30 -23.30
CA VAL C 797 -16.50 18.19 -23.84
C VAL C 797 -16.62 16.91 -22.95
N ALA C 798 -16.98 17.09 -21.68
CA ALA C 798 -17.40 15.99 -20.81
C ALA C 798 -18.78 15.41 -21.22
N LEU C 799 -19.60 16.23 -21.88
CA LEU C 799 -20.83 15.77 -22.56
C LEU C 799 -20.46 14.93 -23.78
N GLU C 800 -19.68 15.55 -24.69
CA GLU C 800 -19.11 14.87 -25.87
C GLU C 800 -18.43 13.53 -25.53
N GLY C 801 -17.88 13.42 -24.32
CA GLY C 801 -17.35 12.17 -23.76
C GLY C 801 -18.14 10.88 -23.96
N HIS C 802 -19.44 10.99 -24.25
CA HIS C 802 -20.25 9.85 -24.70
C HIS C 802 -20.78 10.00 -26.17
N LEU C 803 -20.16 10.86 -26.99
CA LEU C 803 -20.60 11.06 -28.42
C LEU C 803 -20.13 9.90 -29.31
N LYS C 804 -18.95 9.36 -29.00
CA LYS C 804 -18.46 8.14 -29.66
C LYS C 804 -19.03 6.89 -28.94
N SER C 805 -19.26 6.98 -27.62
CA SER C 805 -19.89 5.89 -26.85
C SER C 805 -21.36 6.18 -26.55
N THR C 830 -32.70 10.76 -27.77
CA THR C 830 -32.69 12.19 -28.15
C THR C 830 -32.74 13.14 -26.93
N ASP C 831 -32.48 12.62 -25.72
CA ASP C 831 -32.35 13.48 -24.50
C ASP C 831 -30.99 14.22 -24.37
N LEU C 832 -29.96 13.70 -25.05
CA LEU C 832 -28.62 14.32 -25.12
C LEU C 832 -28.46 15.40 -26.24
N GLU C 833 -29.13 15.24 -27.39
CA GLU C 833 -29.11 16.23 -28.52
C GLU C 833 -29.57 17.64 -28.15
N ALA C 834 -30.47 17.74 -27.15
CA ALA C 834 -30.92 19.03 -26.58
C ALA C 834 -29.98 19.59 -25.49
N GLU C 835 -29.35 18.71 -24.71
CA GLU C 835 -28.24 19.08 -23.80
C GLU C 835 -26.88 19.18 -24.53
N LEU C 836 -26.89 19.00 -25.86
CA LEU C 836 -25.82 19.43 -26.78
C LEU C 836 -26.19 20.72 -27.55
N SER C 837 -27.46 20.87 -27.97
CA SER C 837 -27.90 22.04 -28.76
C SER C 837 -28.22 23.29 -27.90
N ALA C 838 -29.17 23.16 -26.97
CA ALA C 838 -29.70 24.29 -26.17
C ALA C 838 -28.88 24.66 -24.91
N VAL C 839 -28.19 23.69 -24.30
CA VAL C 839 -27.25 23.95 -23.19
C VAL C 839 -25.92 24.60 -23.71
N ARG C 840 -25.49 24.29 -24.96
CA ARG C 840 -24.33 24.97 -25.62
C ARG C 840 -24.56 26.45 -25.99
N GLU C 841 -25.82 26.87 -26.16
CA GLU C 841 -26.15 28.30 -26.38
C GLU C 841 -26.27 29.10 -25.07
N ASP C 842 -26.12 28.45 -23.90
CA ASP C 842 -25.97 29.16 -22.62
C ASP C 842 -24.63 29.94 -22.58
N LEU C 843 -23.59 29.37 -23.21
CA LEU C 843 -22.26 30.02 -23.38
C LEU C 843 -22.31 31.34 -24.15
N ASP C 844 -23.13 31.42 -25.21
CA ASP C 844 -23.41 32.68 -25.95
C ASP C 844 -23.87 33.80 -25.00
N PHE C 845 -24.81 33.45 -24.13
CA PHE C 845 -25.28 34.35 -23.07
C PHE C 845 -24.15 34.59 -22.06
N TYR C 846 -23.51 33.51 -21.60
CA TYR C 846 -22.41 33.60 -20.61
C TYR C 846 -21.12 34.30 -21.08
N LYS C 847 -20.90 34.35 -22.39
CA LYS C 847 -19.86 35.20 -22.97
C LYS C 847 -20.35 36.65 -23.12
N LYS C 848 -21.65 36.82 -23.40
CA LYS C 848 -22.27 38.15 -23.52
C LYS C 848 -22.38 38.90 -22.18
N ILE C 849 -22.64 38.17 -21.08
CA ILE C 849 -22.59 38.77 -19.71
C ILE C 849 -21.13 39.05 -19.29
N GLN C 850 -20.21 38.20 -19.72
CA GLN C 850 -18.75 38.48 -19.58
C GLN C 850 -18.40 39.69 -20.46
N GLY C 851 -18.90 39.67 -21.70
CA GLY C 851 -18.79 40.79 -22.65
C GLY C 851 -19.57 42.05 -22.33
N LYS C 852 -20.52 41.97 -21.40
CA LYS C 852 -21.16 43.16 -20.83
C LYS C 852 -20.21 43.84 -19.84
N LEU C 853 -19.59 43.05 -18.97
CA LEU C 853 -18.56 43.55 -18.05
C LEU C 853 -17.13 43.47 -18.65
N GLU C 854 -17.03 43.69 -19.97
CA GLU C 854 -15.76 43.97 -20.67
C GLU C 854 -15.62 45.46 -21.06
N THR C 855 -16.72 46.10 -21.50
CA THR C 855 -16.79 47.59 -21.68
C THR C 855 -17.37 48.32 -20.43
N ILE C 856 -18.15 47.62 -19.59
CA ILE C 856 -18.73 48.20 -18.35
C ILE C 856 -17.64 48.44 -17.28
N VAL C 857 -16.74 47.47 -17.07
CA VAL C 857 -15.59 47.67 -16.17
C VAL C 857 -14.66 48.78 -16.68
N LYS C 858 -14.55 48.88 -18.03
CA LYS C 858 -13.89 50.01 -18.70
C LYS C 858 -14.88 51.15 -18.88
N SER D 1 -100.17 45.43 70.84
CA SER D 1 -100.91 46.51 70.10
C SER D 1 -100.34 46.70 68.68
N MET D 2 -99.57 47.79 68.46
CA MET D 2 -99.15 48.22 67.13
C MET D 2 -97.67 47.95 66.89
N ILE D 3 -97.38 46.94 66.06
CA ILE D 3 -96.01 46.58 65.71
C ILE D 3 -95.81 46.84 64.22
N LEU D 4 -94.62 47.31 63.86
CA LEU D 4 -94.26 47.62 62.48
C LEU D 4 -93.13 46.65 62.05
N GLU D 5 -93.48 45.36 61.97
CA GLU D 5 -92.50 44.29 61.68
C GLU D 5 -92.16 44.24 60.18
N GLU D 6 -90.86 44.14 59.86
CA GLU D 6 -90.36 44.19 58.47
C GLU D 6 -91.14 43.29 57.51
N TYR D 7 -91.03 41.97 57.72
CA TYR D 7 -91.69 40.98 56.87
C TYR D 7 -91.16 39.59 57.27
N ILE D 8 -92.06 38.62 57.44
CA ILE D 8 -91.69 37.21 57.61
C ILE D 8 -92.25 36.48 56.39
N ARG D 9 -91.44 35.60 55.78
CA ARG D 9 -91.89 34.77 54.65
C ARG D 9 -92.01 33.29 55.05
N MET D 10 -93.23 32.84 55.34
CA MET D 10 -93.48 31.43 55.68
C MET D 10 -94.17 30.73 54.50
N ALA D 11 -93.87 31.20 53.28
CA ALA D 11 -94.41 30.65 52.04
C ALA D 11 -93.29 30.12 51.16
N LYS D 12 -93.54 29.00 50.49
CA LYS D 12 -92.51 28.32 49.69
C LYS D 12 -92.15 29.03 48.38
N ASN D 13 -92.86 30.09 48.02
CA ASN D 13 -92.55 30.90 46.84
C ASN D 13 -91.06 31.07 46.53
N LYS D 14 -90.25 31.50 47.51
CA LYS D 14 -88.82 31.72 47.27
C LYS D 14 -88.14 30.41 46.97
N GLU D 15 -88.28 29.45 47.87
CA GLU D 15 -87.57 28.19 47.75
C GLU D 15 -87.72 27.54 46.37
N PHE D 16 -88.88 27.71 45.74
CA PHE D 16 -89.12 27.16 44.39
C PHE D 16 -88.31 27.90 43.31
N PHE D 17 -88.40 29.22 43.29
CA PHE D 17 -87.60 30.07 42.40
C PHE D 17 -86.12 29.67 42.54
N ASP D 18 -85.61 29.66 43.77
CA ASP D 18 -84.24 29.24 44.04
C ASP D 18 -83.97 27.80 43.65
N ALA D 19 -84.86 26.89 43.97
CA ALA D 19 -84.64 25.49 43.65
C ALA D 19 -84.60 25.33 42.14
N LEU D 20 -85.62 25.81 41.44
CA LEU D 20 -85.63 25.75 39.96
C LEU D 20 -84.35 26.26 39.30
N GLU D 21 -83.80 27.33 39.83
CA GLU D 21 -82.54 27.91 39.32
C GLU D 21 -81.38 26.94 39.59
N GLU D 22 -81.41 26.30 40.75
CA GLU D 22 -80.44 25.28 41.14
C GLU D 22 -80.59 23.99 40.32
N ILE D 23 -81.82 23.49 40.15
CA ILE D 23 -82.07 22.23 39.42
C ILE D 23 -81.44 22.36 38.06
N ALA D 24 -81.82 23.41 37.35
CA ALA D 24 -81.39 23.61 35.98
C ALA D 24 -79.87 23.67 35.85
N GLU D 25 -79.19 24.26 36.83
CA GLU D 25 -77.73 24.25 36.82
C GLU D 25 -77.22 22.81 36.80
N SER D 26 -77.90 21.89 37.49
CA SER D 26 -77.52 20.46 37.45
C SER D 26 -77.93 19.75 36.17
N ALA D 27 -78.95 20.27 35.51
CA ALA D 27 -79.45 19.69 34.28
C ALA D 27 -78.55 19.93 33.07
N LYS D 28 -77.53 20.77 33.20
CA LYS D 28 -76.59 21.06 32.09
C LYS D 28 -75.90 19.78 31.64
N ASN D 29 -75.60 18.89 32.60
CA ASN D 29 -74.85 17.64 32.37
C ASN D 29 -75.53 16.32 32.76
N ASP D 30 -76.69 16.37 33.43
CA ASP D 30 -77.53 15.18 33.66
C ASP D 30 -78.75 15.24 32.74
N GLU D 31 -78.73 14.46 31.64
CA GLU D 31 -79.73 14.62 30.56
C GLU D 31 -81.15 14.24 30.97
N THR D 32 -81.30 13.14 31.70
CA THR D 32 -82.64 12.74 32.12
C THR D 32 -83.29 13.87 32.91
N LEU D 33 -82.60 14.38 33.94
CA LEU D 33 -83.11 15.50 34.76
C LEU D 33 -83.55 16.69 33.93
N ARG D 34 -82.82 16.98 32.86
CA ARG D 34 -83.21 18.03 31.93
C ARG D 34 -84.62 17.77 31.39
N ASN D 35 -84.89 16.52 31.01
CA ASN D 35 -86.19 16.14 30.46
C ASN D 35 -87.30 16.11 31.51
N GLU D 36 -86.96 15.73 32.75
CA GLU D 36 -87.92 15.83 33.85
C GLU D 36 -88.23 17.32 34.06
N LEU D 37 -87.19 18.13 34.24
CA LEU D 37 -87.31 19.60 34.41
C LEU D 37 -88.05 20.27 33.26
N ALA D 38 -87.77 19.84 32.03
CA ALA D 38 -88.50 20.33 30.87
C ALA D 38 -89.98 20.25 31.14
N LYS D 39 -90.44 19.05 31.52
CA LYS D 39 -91.85 18.84 31.84
C LYS D 39 -92.38 19.77 32.94
N VAL D 40 -91.89 19.66 34.18
CA VAL D 40 -92.38 20.56 35.24
C VAL D 40 -92.40 22.04 34.81
N LEU D 41 -91.42 22.46 34.03
CA LEU D 41 -91.45 23.81 33.47
C LEU D 41 -92.62 23.95 32.49
N ASP D 42 -92.75 22.98 31.60
CA ASP D 42 -93.82 23.01 30.59
C ASP D 42 -95.21 23.09 31.20
N ASP D 43 -95.42 22.38 32.32
CA ASP D 43 -96.72 22.30 32.99
C ASP D 43 -97.05 23.58 33.74
N ILE D 44 -96.04 24.12 34.43
CA ILE D 44 -96.16 25.41 35.04
C ILE D 44 -96.51 26.45 33.95
N LEU D 45 -95.87 26.34 32.80
CA LEU D 45 -96.10 27.29 31.70
C LEU D 45 -97.50 27.20 31.14
N LYS D 46 -98.02 25.97 31.09
CA LYS D 46 -99.38 25.60 30.62
C LYS D 46 -100.50 26.36 31.39
N THR D 47 -100.36 26.35 32.71
CA THR D 47 -101.29 26.95 33.66
C THR D 47 -101.37 28.47 33.61
N ASP D 48 -102.51 29.03 34.02
CA ASP D 48 -102.68 30.49 34.23
C ASP D 48 -102.36 30.85 35.69
N PRO D 49 -101.38 31.74 35.92
CA PRO D 49 -101.07 32.14 37.30
C PRO D 49 -102.03 33.17 37.91
N SER D 50 -103.02 33.61 37.13
CA SER D 50 -104.22 34.28 37.65
C SER D 50 -105.26 33.34 38.26
N ASP D 51 -104.99 32.03 38.27
CA ASP D 51 -105.90 31.04 38.84
C ASP D 51 -105.21 30.41 40.05
N PRO D 52 -105.10 31.16 41.17
CA PRO D 52 -104.28 30.72 42.29
C PRO D 52 -104.27 29.23 42.60
N GLU D 53 -105.45 28.65 42.82
CA GLU D 53 -105.53 27.25 43.22
C GLU D 53 -105.03 26.35 42.10
N ALA D 54 -105.36 26.68 40.84
CA ALA D 54 -104.90 25.88 39.69
C ALA D 54 -103.37 25.83 39.62
N PHE D 55 -102.74 26.98 39.84
CA PHE D 55 -101.28 27.10 39.89
C PHE D 55 -100.74 26.23 41.02
N ARG D 56 -101.27 26.41 42.24
CA ARG D 56 -100.76 25.70 43.43
C ARG D 56 -100.91 24.18 43.31
N LYS D 57 -101.98 23.74 42.66
CA LYS D 57 -102.06 22.33 42.30
C LYS D 57 -100.90 21.96 41.39
N ILE D 58 -100.75 22.63 40.25
CA ILE D 58 -99.78 22.18 39.22
C ILE D 58 -98.38 22.00 39.79
N VAL D 59 -97.99 22.87 40.71
CA VAL D 59 -96.67 22.72 41.36
C VAL D 59 -96.71 21.59 42.38
N ALA D 60 -97.84 21.50 43.09
CA ALA D 60 -98.05 20.38 44.02
C ALA D 60 -98.25 19.00 43.34
N GLU D 61 -98.77 18.96 42.09
CA GLU D 61 -98.82 17.72 41.28
C GLU D 61 -97.44 17.06 41.14
N HIS D 62 -96.37 17.86 41.02
CA HIS D 62 -94.99 17.36 40.81
C HIS D 62 -94.19 17.15 42.12
N GLN D 63 -94.83 16.51 43.11
CA GLN D 63 -94.20 16.34 44.44
C GLN D 63 -92.93 15.50 44.39
N GLU D 64 -93.05 14.31 43.82
CA GLU D 64 -91.91 13.39 43.71
C GLU D 64 -90.70 14.14 43.15
N PHE D 65 -90.96 15.00 42.16
CA PHE D 65 -89.91 15.83 41.57
C PHE D 65 -89.27 16.74 42.61
N TRP D 66 -90.07 17.55 43.31
CA TRP D 66 -89.51 18.53 44.28
C TRP D 66 -88.86 17.82 45.44
N ASP D 67 -89.53 16.77 45.93
CA ASP D 67 -88.95 15.87 46.92
C ASP D 67 -87.59 15.29 46.47
N GLU D 68 -87.43 15.03 45.16
CA GLU D 68 -86.13 14.58 44.59
C GLU D 68 -84.94 15.58 44.67
N HIS D 69 -85.18 16.89 44.52
CA HIS D 69 -84.17 17.92 44.88
C HIS D 69 -84.14 18.21 46.38
N ASP D 70 -85.33 18.22 47.01
CA ASP D 70 -85.45 18.70 48.38
C ASP D 70 -86.81 18.34 48.98
N PRO D 71 -86.84 17.54 50.07
CA PRO D 71 -88.10 17.45 50.81
C PRO D 71 -88.62 18.81 51.31
N SER D 72 -87.70 19.75 51.59
CA SER D 72 -88.00 21.07 52.20
C SER D 72 -89.04 21.96 51.51
N LEU D 73 -89.42 21.64 50.28
CA LEU D 73 -90.49 22.38 49.60
C LEU D 73 -91.86 21.86 50.02
N MET D 74 -92.04 20.54 49.99
CA MET D 74 -93.35 19.91 50.25
C MET D 74 -93.55 19.42 51.69
N GLU D 75 -92.65 19.80 52.61
CA GLU D 75 -92.81 19.43 54.01
C GLU D 75 -94.03 20.14 54.64
N PHE D 76 -94.49 19.59 55.76
CA PHE D 76 -95.70 20.08 56.45
C PHE D 76 -95.61 19.68 57.93
N ASN D 77 -96.07 20.54 58.85
CA ASN D 77 -95.87 20.33 60.30
C ASN D 77 -96.93 20.96 61.21
N GLU D 78 -97.13 20.33 62.37
CA GLU D 78 -97.97 20.84 63.46
C GLU D 78 -97.25 20.64 64.83
N GLY D 79 -95.99 21.09 64.93
CA GLY D 79 -95.16 20.90 66.12
C GLY D 79 -95.65 21.63 67.35
N LYS D 84 -105.16 22.57 60.94
CA LYS D 84 -105.14 22.63 59.48
C LYS D 84 -104.46 21.39 58.92
N SER D 85 -105.11 20.76 57.93
CA SER D 85 -104.62 19.52 57.31
C SER D 85 -103.76 19.81 56.09
N ARG D 86 -103.03 18.81 55.65
CA ARG D 86 -102.07 18.96 54.54
C ARG D 86 -102.75 19.30 53.21
N LYS D 87 -103.84 18.62 52.88
CA LYS D 87 -104.65 18.98 51.71
C LYS D 87 -105.08 20.45 51.76
N GLN D 88 -105.52 20.91 52.94
CA GLN D 88 -105.90 22.33 53.14
C GLN D 88 -104.68 23.27 53.01
N TYR D 89 -103.54 22.85 53.54
CA TYR D 89 -102.29 23.61 53.45
C TYR D 89 -101.88 23.80 52.00
N LEU D 90 -101.83 22.71 51.23
CA LEU D 90 -101.42 22.76 49.82
C LEU D 90 -102.29 23.65 48.93
N LYS D 91 -103.47 24.03 49.40
CA LYS D 91 -104.28 25.02 48.69
C LYS D 91 -104.32 26.35 49.43
N SER D 92 -103.39 26.56 50.37
CA SER D 92 -103.41 27.76 51.21
C SER D 92 -102.43 28.80 50.68
N ASP D 93 -102.36 29.93 51.38
CA ASP D 93 -101.37 30.99 51.14
C ASP D 93 -100.11 30.78 52.01
N ASP D 94 -100.03 29.64 52.72
CA ASP D 94 -98.88 29.28 53.57
C ASP D 94 -98.01 28.18 52.95
N PHE D 95 -98.51 27.59 51.86
CA PHE D 95 -97.70 26.76 50.97
C PHE D 95 -97.10 27.66 49.91
N LEU D 96 -97.96 28.41 49.21
CA LEU D 96 -97.51 29.27 48.13
C LEU D 96 -98.32 30.54 48.09
N ASN D 97 -97.71 31.64 48.52
CA ASN D 97 -98.39 32.92 48.73
C ASN D 97 -98.62 33.62 47.39
N SER D 98 -99.86 33.63 46.91
CA SER D 98 -100.20 34.27 45.63
C SER D 98 -100.21 35.80 45.63
N THR D 99 -99.88 36.43 46.75
CA THR D 99 -99.70 37.88 46.80
C THR D 99 -98.31 38.20 47.36
N ASP D 100 -97.33 37.39 46.98
CA ASP D 100 -95.98 37.55 47.44
C ASP D 100 -95.39 38.79 46.75
N PRO D 101 -94.71 39.66 47.50
CA PRO D 101 -94.33 40.94 46.90
C PRO D 101 -93.26 40.83 45.82
N THR D 102 -92.27 39.96 46.00
CA THR D 102 -91.19 39.83 45.00
C THR D 102 -91.15 38.49 44.25
N TYR D 103 -92.04 37.53 44.60
CA TYR D 103 -92.06 36.22 43.93
C TYR D 103 -93.48 35.72 43.81
N ASN D 104 -94.37 36.56 43.30
CA ASN D 104 -95.78 36.17 43.20
C ASN D 104 -95.96 35.11 42.14
N PHE D 105 -97.21 34.81 41.77
CA PHE D 105 -97.44 33.73 40.76
C PHE D 105 -97.05 34.13 39.36
N GLN D 106 -97.23 35.40 38.98
CA GLN D 106 -96.85 35.88 37.62
C GLN D 106 -95.35 35.88 37.51
N LYS D 107 -94.66 36.31 38.57
CA LYS D 107 -93.22 36.31 38.55
C LYS D 107 -92.64 34.90 38.34
N LEU D 108 -93.23 33.86 38.94
CA LEU D 108 -92.72 32.49 38.76
C LEU D 108 -93.04 31.89 37.39
N HIS D 109 -94.19 32.24 36.83
CA HIS D 109 -94.53 31.82 35.47
C HIS D 109 -93.44 32.31 34.53
N GLN D 110 -93.13 33.61 34.63
CA GLN D 110 -92.12 34.31 33.81
C GLN D 110 -90.71 33.82 34.10
N PHE D 111 -90.42 33.55 35.37
CA PHE D 111 -89.16 32.92 35.71
C PHE D 111 -89.09 31.54 35.09
N ALA D 112 -90.20 30.82 35.04
CA ALA D 112 -90.22 29.51 34.37
C ALA D 112 -90.17 29.59 32.86
N ALA D 113 -90.58 30.71 32.27
CA ALA D 113 -90.49 30.90 30.82
C ALA D 113 -89.05 31.16 30.42
N GLU D 114 -88.39 32.03 31.19
CA GLU D 114 -86.95 32.27 31.02
C GLU D 114 -86.19 30.95 31.21
N GLN D 115 -86.14 30.42 32.42
CA GLN D 115 -85.61 29.08 32.69
C GLN D 115 -85.82 28.01 31.63
N ARG D 116 -86.98 27.99 30.98
CA ARG D 116 -87.26 27.00 29.96
C ARG D 116 -86.37 27.22 28.76
N VAL D 117 -86.36 28.43 28.23
CA VAL D 117 -85.59 28.73 27.02
C VAL D 117 -84.09 28.55 27.29
N LYS D 118 -83.62 28.97 28.47
CA LYS D 118 -82.26 28.68 28.91
C LYS D 118 -82.01 27.20 28.86
N LEU D 119 -82.90 26.42 29.46
CA LEU D 119 -82.79 24.95 29.40
C LEU D 119 -82.45 24.40 28.03
N GLY D 120 -83.11 24.94 27.02
CA GLY D 120 -82.95 24.50 25.63
C GLY D 120 -81.86 25.11 24.78
N LEU D 121 -81.02 25.95 25.38
CA LEU D 121 -79.87 26.43 24.68
C LEU D 121 -78.70 25.56 25.02
N GLU D 122 -78.62 25.08 26.26
CA GLU D 122 -77.40 24.46 26.68
C GLU D 122 -76.88 23.47 25.64
N LYS D 123 -77.77 22.69 25.05
CA LYS D 123 -77.33 21.65 24.13
C LYS D 123 -77.75 21.90 22.67
N SER D 124 -78.05 23.15 22.31
CA SER D 124 -78.53 23.46 20.95
C SER D 124 -77.42 23.96 20.04
N ASP D 125 -77.66 23.85 18.72
CA ASP D 125 -76.59 24.01 17.69
C ASP D 125 -76.19 25.45 17.42
N THR D 126 -75.07 25.58 16.73
CA THR D 126 -74.50 26.87 16.42
C THR D 126 -75.45 27.80 15.66
N ASP D 127 -76.33 27.25 14.84
CA ASP D 127 -77.30 28.08 14.12
C ASP D 127 -78.44 28.67 15.00
N THR D 128 -78.99 27.93 15.96
CA THR D 128 -80.05 28.52 16.79
C THR D 128 -79.47 29.66 17.65
N LEU D 129 -78.22 29.49 18.08
CA LEU D 129 -77.54 30.50 18.88
C LEU D 129 -77.40 31.82 18.10
N VAL D 130 -76.98 31.73 16.85
CA VAL D 130 -76.89 32.96 16.07
C VAL D 130 -78.30 33.48 15.68
N ALA D 131 -79.28 32.62 15.53
CA ALA D 131 -80.64 33.12 15.35
C ALA D 131 -81.11 33.95 16.55
N ILE D 132 -80.90 33.43 17.75
CA ILE D 132 -81.21 34.17 18.94
C ILE D 132 -80.42 35.46 19.01
N LEU D 133 -79.12 35.43 18.73
CA LEU D 133 -78.29 36.66 18.77
C LEU D 133 -78.72 37.64 17.70
N LYS D 134 -79.12 37.11 16.55
CA LYS D 134 -79.42 37.93 15.38
C LYS D 134 -80.73 38.67 15.57
N ASN D 135 -81.73 37.97 16.08
CA ASN D 135 -83.08 38.51 16.19
C ASN D 135 -83.28 39.45 17.35
N ASN D 136 -84.06 40.50 17.10
CA ASN D 136 -84.41 41.47 18.12
C ASN D 136 -85.48 40.89 19.05
N PRO D 137 -85.73 41.54 20.20
CA PRO D 137 -86.60 40.92 21.19
C PRO D 137 -87.85 40.26 20.57
N GLU D 138 -88.58 41.01 19.74
CA GLU D 138 -89.83 40.53 19.14
C GLU D 138 -89.60 39.35 18.21
N GLU D 139 -88.71 39.55 17.27
CA GLU D 139 -88.43 38.53 16.26
C GLU D 139 -87.91 37.27 16.94
N CYS D 140 -87.20 37.46 18.05
CA CYS D 140 -86.63 36.38 18.80
C CYS D 140 -87.70 35.51 19.50
N ARG D 141 -88.80 36.15 19.93
CA ARG D 141 -89.94 35.42 20.48
C ARG D 141 -90.59 34.58 19.37
N ALA D 142 -90.78 35.18 18.21
CA ALA D 142 -91.32 34.45 17.06
C ALA D 142 -90.47 33.24 16.76
N TYR D 143 -89.16 33.44 16.74
CA TYR D 143 -88.17 32.37 16.55
C TYR D 143 -88.29 31.25 17.60
N ILE D 144 -88.50 31.63 18.86
CA ILE D 144 -88.66 30.65 19.93
C ILE D 144 -89.85 29.75 19.68
N GLU D 145 -90.95 30.31 19.20
CA GLU D 145 -92.14 29.52 18.81
C GLU D 145 -91.86 28.56 17.65
N SER D 146 -91.11 29.04 16.67
CA SER D 146 -90.83 28.25 15.49
C SER D 146 -89.88 27.11 15.75
N LYS D 147 -89.41 26.94 16.98
CA LYS D 147 -88.56 25.82 17.34
C LYS D 147 -89.25 24.89 18.32
N LYS D 148 -90.56 25.07 18.47
CA LYS D 148 -91.41 24.22 19.26
C LYS D 148 -91.03 22.79 18.90
N PRO D 149 -90.72 21.91 19.88
CA PRO D 149 -90.62 22.07 21.31
C PRO D 149 -89.20 22.32 21.77
N GLY D 150 -88.24 22.39 20.86
CA GLY D 150 -86.83 22.47 21.21
C GLY D 150 -86.48 23.51 22.25
N LEU D 151 -87.23 24.62 22.25
CA LEU D 151 -87.03 25.65 23.24
C LEU D 151 -88.20 25.84 24.21
N GLY D 152 -89.02 24.80 24.37
CA GLY D 152 -90.31 24.93 25.05
C GLY D 152 -91.43 25.02 24.03
N ASN D 153 -92.66 25.05 24.55
CA ASN D 153 -93.89 24.83 23.77
C ASN D 153 -94.55 26.12 23.29
N PHE D 154 -93.79 27.19 23.13
CA PHE D 154 -94.35 28.54 23.10
C PHE D 154 -95.22 28.77 21.87
N SER D 155 -96.52 28.63 22.05
CA SER D 155 -97.52 28.90 21.01
C SER D 155 -98.89 29.06 21.68
N GLU D 156 -99.91 29.46 20.92
CA GLU D 156 -101.24 29.67 21.50
C GLU D 156 -101.85 28.38 22.08
N GLY D 157 -102.21 28.43 23.36
CA GLY D 157 -102.75 27.28 24.07
C GLY D 157 -101.79 26.58 25.03
N ASN D 158 -100.57 26.29 24.57
CA ASN D 158 -99.67 25.42 25.32
C ASN D 158 -98.80 26.15 26.35
N VAL D 159 -98.85 27.48 26.35
CA VAL D 159 -98.25 28.30 27.43
C VAL D 159 -99.19 29.47 27.64
N HIS D 160 -99.62 29.68 28.89
CA HIS D 160 -100.70 30.64 29.11
C HIS D 160 -100.30 32.01 28.66
N GLY D 161 -101.20 32.68 27.97
CA GLY D 161 -101.00 34.09 27.67
C GLY D 161 -100.17 34.40 26.46
N TRP D 162 -99.69 33.38 25.74
CA TRP D 162 -98.84 33.60 24.57
C TRP D 162 -99.67 34.14 23.44
N LEU D 163 -99.37 35.36 23.03
CA LEU D 163 -100.15 36.04 21.98
C LEU D 163 -100.05 35.38 20.62
N LYS D 164 -100.94 35.79 19.72
CA LYS D 164 -100.88 35.28 18.36
C LYS D 164 -99.74 35.99 17.69
N GLU D 165 -99.15 35.29 16.74
CA GLU D 165 -98.03 35.82 16.01
C GLU D 165 -98.44 36.91 15.07
N GLU D 166 -97.71 38.02 15.10
CA GLU D 166 -97.99 39.16 14.24
C GLU D 166 -96.88 39.25 13.20
N TYR D 167 -97.06 40.07 12.18
CA TYR D 167 -96.08 40.13 11.09
C TYR D 167 -95.78 41.56 10.69
N THR D 168 -94.52 41.83 10.36
CA THR D 168 -94.08 43.19 10.11
C THR D 168 -94.59 43.71 8.76
N PRO D 169 -94.81 45.04 8.66
CA PRO D 169 -95.22 45.62 7.37
C PRO D 169 -94.09 45.71 6.35
N THR D 170 -92.85 45.47 6.77
CA THR D 170 -91.69 45.41 5.88
C THR D 170 -91.91 44.44 4.72
N ILE D 171 -91.34 44.75 3.57
CA ILE D 171 -91.82 44.17 2.31
C ILE D 171 -91.58 42.65 2.31
N PRO D 172 -90.33 42.14 2.49
CA PRO D 172 -90.26 40.71 2.85
C PRO D 172 -90.58 40.59 4.35
N PRO D 173 -91.81 40.15 4.71
CA PRO D 173 -92.25 40.29 6.10
C PRO D 173 -91.61 39.28 7.06
N LYS D 174 -91.54 39.66 8.35
CA LYS D 174 -90.88 38.83 9.36
C LYS D 174 -91.82 38.54 10.52
N ALA D 175 -91.76 37.30 11.00
CA ALA D 175 -92.60 36.85 12.10
C ALA D 175 -92.16 37.56 13.34
N ILE D 176 -93.09 38.24 13.98
CA ILE D 176 -92.84 38.88 15.25
C ILE D 176 -93.85 38.42 16.29
N ASN D 177 -93.53 38.57 17.57
CA ASN D 177 -94.41 38.05 18.60
C ASN D 177 -94.29 38.86 19.85
N LYS D 178 -95.38 39.45 20.31
CA LYS D 178 -95.32 40.47 21.35
C LYS D 178 -95.65 39.97 22.76
N SER D 179 -95.32 38.71 23.07
CA SER D 179 -95.72 38.10 24.33
C SER D 179 -94.90 38.56 25.55
N THR D 180 -94.89 39.88 25.73
CA THR D 180 -94.23 40.58 26.84
C THR D 180 -94.48 39.95 28.16
N GLY D 181 -95.69 39.43 28.34
CA GLY D 181 -96.13 38.96 29.63
C GLY D 181 -95.47 37.70 30.10
N VAL D 182 -94.91 36.92 29.15
CA VAL D 182 -94.35 35.59 29.43
C VAL D 182 -92.82 35.63 29.31
N LEU D 183 -92.34 36.14 28.18
CA LEU D 183 -90.92 36.47 28.02
C LEU D 183 -90.69 37.98 27.98
N SER D 184 -90.23 38.55 29.09
CA SER D 184 -89.92 39.99 29.10
C SER D 184 -88.87 40.40 28.06
N ASP D 185 -88.74 41.70 27.82
CA ASP D 185 -87.59 42.24 27.10
C ASP D 185 -86.28 42.00 27.90
N GLU D 186 -86.37 42.06 29.22
CA GLU D 186 -85.23 41.69 30.06
C GLU D 186 -84.97 40.20 29.97
N ALA D 187 -85.98 39.42 29.60
CA ALA D 187 -85.81 37.96 29.48
C ALA D 187 -85.14 37.59 28.19
N ILE D 188 -85.56 38.16 27.07
CA ILE D 188 -84.78 37.96 25.85
C ILE D 188 -83.34 38.53 25.98
N LYS D 189 -83.12 39.55 26.82
CA LYS D 189 -81.76 40.00 27.10
C LYS D 189 -80.96 38.88 27.75
N ARG D 190 -81.39 38.40 28.92
CA ARG D 190 -80.62 37.37 29.64
C ARG D 190 -80.43 36.10 28.80
N ILE D 191 -81.41 35.80 27.94
CA ILE D 191 -81.31 34.68 27.03
C ILE D 191 -80.17 34.89 26.04
N LYS D 192 -80.17 36.07 25.41
CA LYS D 192 -79.13 36.49 24.47
C LYS D 192 -77.77 36.44 25.13
N GLU D 193 -77.67 36.92 26.37
CA GLU D 193 -76.45 36.85 27.13
C GLU D 193 -76.00 35.41 27.23
N GLN D 194 -76.87 34.52 27.73
CA GLN D 194 -76.49 33.13 27.84
C GLN D 194 -76.14 32.54 26.45
N ALA D 195 -76.82 32.98 25.39
CA ALA D 195 -76.55 32.43 24.02
C ALA D 195 -75.21 32.87 23.47
N ARG D 196 -74.95 34.16 23.57
CA ARG D 196 -73.62 34.79 23.42
C ARG D 196 -72.55 33.96 24.13
N ASP D 197 -72.59 33.86 25.45
CA ASP D 197 -71.58 33.05 26.12
C ASP D 197 -71.47 31.61 25.55
N LEU D 198 -72.59 30.99 25.21
CA LEU D 198 -72.57 29.60 24.67
C LEU D 198 -71.89 29.45 23.31
N LEU D 199 -72.10 30.43 22.43
CA LEU D 199 -71.50 30.44 21.10
C LEU D 199 -70.02 30.75 21.16
N LEU D 200 -69.64 31.76 21.94
CA LEU D 200 -68.23 32.10 22.12
C LEU D 200 -67.50 30.87 22.62
N LEU D 201 -67.99 30.24 23.69
CA LEU D 201 -67.32 29.03 24.20
C LEU D 201 -67.16 27.96 23.17
N LYS D 202 -68.11 27.91 22.25
CA LYS D 202 -68.13 27.00 21.12
C LYS D 202 -67.08 27.46 20.10
N LEU D 203 -67.27 28.64 19.52
CA LEU D 203 -66.32 29.22 18.56
C LEU D 203 -64.87 29.27 19.02
N ILE D 204 -64.65 29.39 20.34
CA ILE D 204 -63.31 29.44 20.90
C ILE D 204 -62.77 28.07 20.83
N ASN D 205 -63.40 27.12 21.49
CA ASN D 205 -62.86 25.77 21.45
C ASN D 205 -62.82 25.17 20.00
N SER D 206 -63.72 25.63 19.12
CA SER D 206 -63.71 25.21 17.69
C SER D 206 -62.50 25.69 16.92
N SER D 207 -62.02 26.88 17.24
CA SER D 207 -60.97 27.55 16.46
C SER D 207 -59.58 27.00 16.76
N GLY D 208 -58.70 27.20 15.78
CA GLY D 208 -57.26 26.96 15.91
C GLY D 208 -56.39 28.14 15.60
N ASN D 209 -56.98 29.29 15.27
CA ASN D 209 -56.26 30.49 14.85
C ASN D 209 -55.76 31.26 16.08
N THR D 210 -54.66 30.76 16.63
CA THR D 210 -54.13 31.25 17.91
C THR D 210 -53.89 32.78 17.96
N GLN D 211 -53.64 33.41 16.82
CA GLN D 211 -53.51 34.88 16.81
C GLN D 211 -54.84 35.56 17.10
N LEU D 212 -55.89 35.07 16.46
CA LEU D 212 -57.21 35.70 16.56
C LEU D 212 -57.72 35.62 17.96
N LEU D 213 -57.49 34.46 18.58
CA LEU D 213 -57.89 34.23 19.94
C LEU D 213 -57.11 35.14 20.81
N LYS D 214 -55.84 35.35 20.46
CA LYS D 214 -55.04 36.34 21.17
C LYS D 214 -55.63 37.71 21.04
N ASP D 215 -55.99 38.12 19.83
CA ASP D 215 -56.53 39.48 19.63
C ASP D 215 -57.74 39.77 20.52
N LEU D 216 -58.59 38.77 20.74
CA LEU D 216 -59.77 38.90 21.61
C LEU D 216 -59.38 39.01 23.08
N ARG D 217 -58.52 38.11 23.52
CA ARG D 217 -57.98 38.19 24.88
C ARG D 217 -57.28 39.55 25.11
N ASP D 218 -56.55 40.01 24.09
CA ASP D 218 -55.72 41.20 24.23
C ASP D 218 -56.33 42.48 23.67
N ALA D 219 -57.65 42.55 23.66
CA ALA D 219 -58.36 43.77 23.30
C ALA D 219 -58.26 44.80 24.41
N MET D 220 -58.46 46.05 24.02
CA MET D 220 -58.54 47.17 24.97
C MET D 220 -59.80 48.03 24.80
N SER D 221 -60.76 47.55 24.03
CA SER D 221 -61.93 48.33 23.69
C SER D 221 -62.91 47.47 22.90
N LYS D 222 -64.21 47.79 23.01
CA LYS D 222 -65.25 47.02 22.32
C LYS D 222 -64.97 46.84 20.81
N PRO D 223 -64.68 47.92 20.07
CA PRO D 223 -64.40 47.73 18.65
C PRO D 223 -63.24 46.78 18.38
N GLU D 224 -62.19 46.85 19.20
CA GLU D 224 -61.08 45.88 19.11
C GLU D 224 -61.63 44.48 19.35
N ALA D 225 -62.49 44.33 20.37
CA ALA D 225 -63.18 43.05 20.70
C ALA D 225 -64.17 42.55 19.64
N GLU D 226 -65.04 43.43 19.14
CA GLU D 226 -65.92 43.12 17.99
C GLU D 226 -65.13 42.45 16.85
N ARG D 227 -64.25 43.20 16.17
CA ARG D 227 -63.38 42.67 15.10
C ARG D 227 -62.87 41.25 15.32
N ALA D 228 -62.39 40.99 16.53
CA ALA D 228 -61.74 39.73 16.85
C ALA D 228 -62.79 38.66 17.00
N ALA D 229 -63.87 39.00 17.70
CA ALA D 229 -64.98 38.09 17.89
C ALA D 229 -65.64 37.79 16.57
N ASN D 230 -65.83 38.81 15.74
CA ASN D 230 -66.47 38.61 14.42
C ASN D 230 -65.69 37.69 13.50
N ALA D 231 -64.40 37.93 13.36
CA ALA D 231 -63.53 37.06 12.58
C ALA D 231 -63.49 35.61 13.12
N LEU D 232 -63.74 35.41 14.40
CA LEU D 232 -63.90 34.05 14.91
C LEU D 232 -65.25 33.37 14.58
N GLY D 233 -66.17 34.11 13.97
CA GLY D 233 -67.48 33.58 13.58
C GLY D 233 -68.68 34.15 14.32
N PHE D 234 -68.43 34.98 15.32
CA PHE D 234 -69.51 35.65 16.02
C PHE D 234 -70.19 36.62 15.06
N PRO D 235 -71.53 36.67 15.07
CA PRO D 235 -72.23 37.48 14.08
C PRO D 235 -72.27 38.94 14.47
N THR D 236 -72.34 39.77 13.45
CA THR D 236 -72.23 41.20 13.58
C THR D 236 -73.44 41.78 14.33
N GLU D 237 -74.58 41.11 14.28
CA GLU D 237 -75.78 41.59 14.97
C GLU D 237 -75.69 41.30 16.45
N GLY D 238 -75.02 40.20 16.76
CA GLY D 238 -74.77 39.82 18.12
C GLY D 238 -74.02 40.86 18.89
N ASN D 239 -73.08 41.55 18.23
CA ASN D 239 -72.07 42.30 18.99
C ASN D 239 -72.54 43.61 19.64
N GLY D 240 -73.75 44.04 19.29
CA GLY D 240 -74.48 44.96 20.17
C GLY D 240 -74.63 44.46 21.62
N VAL D 241 -74.50 43.16 21.86
CA VAL D 241 -74.63 42.59 23.19
C VAL D 241 -73.33 41.97 23.65
N LEU D 242 -72.26 42.13 22.85
CA LEU D 242 -70.98 41.42 23.09
C LEU D 242 -70.23 41.94 24.29
N PHE D 243 -70.05 41.06 25.27
CA PHE D 243 -69.41 41.35 26.53
C PHE D 243 -68.67 40.04 26.85
N LEU D 244 -67.61 40.12 27.65
CA LEU D 244 -66.80 38.95 27.89
C LEU D 244 -66.96 38.64 29.31
N SER D 245 -67.47 37.45 29.59
CA SER D 245 -67.68 36.99 30.95
C SER D 245 -66.44 36.30 31.49
N ARG D 246 -66.41 36.18 32.81
CA ARG D 246 -65.42 35.40 33.55
C ARG D 246 -65.29 33.97 32.99
N GLU D 247 -66.43 33.36 32.66
CA GLU D 247 -66.48 31.99 32.18
C GLU D 247 -65.83 31.87 30.79
N VAL D 248 -66.13 32.84 29.91
CA VAL D 248 -65.55 32.84 28.56
C VAL D 248 -64.05 33.10 28.58
N VAL D 249 -63.63 34.23 29.18
CA VAL D 249 -62.21 34.56 29.19
C VAL D 249 -61.41 33.39 29.74
N ASP D 250 -61.94 32.66 30.72
CA ASP D 250 -61.22 31.51 31.26
C ASP D 250 -60.99 30.53 30.13
N ALA D 251 -62.03 30.23 29.38
CA ALA D 251 -61.91 29.23 28.31
C ALA D 251 -61.01 29.69 27.16
N LEU D 252 -60.83 31.00 27.05
CA LEU D 252 -60.01 31.63 26.03
C LEU D 252 -58.55 31.47 26.38
N GLU D 253 -58.19 31.94 27.59
CA GLU D 253 -56.87 31.72 28.20
C GLU D 253 -56.51 30.23 28.06
N GLU D 254 -57.34 29.38 28.64
CA GLU D 254 -57.07 27.94 28.67
C GLU D 254 -56.66 27.40 27.29
N ARG D 255 -57.27 27.96 26.25
CA ARG D 255 -57.09 27.47 24.91
C ARG D 255 -55.83 28.01 24.28
N VAL D 256 -55.65 29.33 24.28
CA VAL D 256 -54.43 29.91 23.72
C VAL D 256 -53.22 29.22 24.34
N GLU D 257 -53.27 28.90 25.63
CA GLU D 257 -52.17 28.13 26.22
C GLU D 257 -52.02 26.78 25.51
N LYS D 258 -53.11 26.04 25.36
CA LYS D 258 -53.01 24.72 24.74
C LYS D 258 -52.50 24.84 23.32
N LEU D 259 -52.94 25.87 22.60
CA LEU D 259 -52.59 25.99 21.18
C LEU D 259 -51.10 26.28 21.00
N GLU D 260 -50.55 27.15 21.84
CA GLU D 260 -49.14 27.50 21.77
C GLU D 260 -48.27 26.37 22.30
N GLN D 261 -48.64 25.78 23.42
CA GLN D 261 -48.02 24.52 23.86
C GLN D 261 -47.92 23.49 22.73
N GLU D 262 -49.02 23.29 22.03
CA GLU D 262 -49.08 22.34 20.93
C GLU D 262 -48.25 22.82 19.75
N ALA D 263 -48.16 24.14 19.55
CA ALA D 263 -47.43 24.72 18.43
C ALA D 263 -45.95 24.57 18.65
N ALA D 264 -45.47 25.10 19.77
CA ALA D 264 -44.06 25.00 20.12
C ALA D 264 -43.59 23.56 20.27
N LYS D 265 -44.50 22.61 20.43
CA LYS D 265 -44.18 21.20 20.32
C LYS D 265 -43.80 20.82 18.90
N ARG D 266 -44.65 21.16 17.93
CA ARG D 266 -44.44 20.74 16.51
C ARG D 266 -43.15 21.33 16.03
N GLY D 267 -43.01 22.62 16.30
CA GLY D 267 -41.96 23.39 15.72
C GLY D 267 -40.70 23.47 16.53
N PHE D 268 -40.39 22.43 17.32
CA PHE D 268 -39.08 22.39 17.98
C PHE D 268 -37.99 21.89 17.05
N ASP D 269 -38.27 20.83 16.28
CA ASP D 269 -37.27 20.26 15.37
C ASP D 269 -36.85 21.26 14.31
N SER D 270 -37.83 21.97 13.75
CA SER D 270 -37.58 23.07 12.82
C SER D 270 -36.67 24.14 13.42
N TYR D 271 -36.95 24.49 14.67
CA TYR D 271 -36.17 25.48 15.43
C TYR D 271 -34.71 25.03 15.54
N VAL D 272 -34.49 23.90 16.20
CA VAL D 272 -33.13 23.39 16.39
C VAL D 272 -32.39 23.25 15.05
N GLN D 273 -33.08 22.76 14.03
CA GLN D 273 -32.45 22.56 12.72
C GLN D 273 -32.11 23.84 11.99
N SER D 274 -32.56 24.99 12.49
CA SER D 274 -32.19 26.31 11.94
C SER D 274 -31.20 27.15 12.80
N LEU D 275 -30.69 26.58 13.89
CA LEU D 275 -29.78 27.32 14.77
C LEU D 275 -28.35 27.54 14.21
N SER D 276 -27.89 28.79 14.28
CA SER D 276 -26.47 29.14 14.11
C SER D 276 -25.54 28.35 15.03
N HIS D 277 -24.42 27.85 14.51
CA HIS D 277 -23.42 27.14 15.31
C HIS D 277 -23.09 27.87 16.63
N ASN D 278 -22.99 29.20 16.58
CA ASN D 278 -22.80 29.98 17.82
C ASN D 278 -23.97 29.78 18.77
N ALA D 279 -25.18 29.81 18.22
CA ALA D 279 -26.42 29.64 19.00
C ALA D 279 -26.49 28.27 19.63
N LEU D 280 -26.11 27.25 18.87
CA LEU D 280 -26.04 25.88 19.37
C LEU D 280 -25.16 25.74 20.60
N LEU D 281 -24.02 26.39 20.57
CA LEU D 281 -23.08 26.27 21.66
C LEU D 281 -23.53 27.03 22.89
N ALA D 282 -24.42 28.03 22.73
CA ALA D 282 -25.01 28.73 23.89
C ALA D 282 -25.88 27.82 24.74
N LYS D 283 -26.47 26.80 24.11
CA LYS D 283 -27.35 25.88 24.79
C LYS D 283 -26.67 24.88 25.75
N LYS D 284 -25.36 24.99 25.97
CA LYS D 284 -24.67 24.09 26.90
C LYS D 284 -25.30 24.15 28.29
N ASN D 285 -25.48 25.34 28.83
CA ASN D 285 -26.06 25.46 30.17
C ASN D 285 -27.45 24.75 30.26
N GLY D 286 -28.30 25.02 29.26
CA GLY D 286 -29.60 24.38 29.16
C GLY D 286 -29.56 22.89 28.95
N LEU D 287 -28.75 22.44 27.99
CA LEU D 287 -28.57 20.99 27.74
C LEU D 287 -28.08 20.25 28.96
N GLU D 288 -27.14 20.87 29.66
CA GLU D 288 -26.61 20.32 30.90
C GLU D 288 -27.53 20.49 32.11
N SER D 289 -28.66 21.18 32.00
CA SER D 289 -29.57 21.37 33.15
C SER D 289 -30.17 20.07 33.74
N THR D 290 -30.37 20.11 35.05
CA THR D 290 -30.86 18.95 35.81
C THR D 290 -32.41 18.88 35.85
N THR D 291 -33.07 19.94 35.36
CA THR D 291 -34.53 20.12 35.43
C THR D 291 -35.07 20.64 34.09
N ALA D 292 -36.23 20.17 33.66
CA ALA D 292 -36.85 20.64 32.39
C ALA D 292 -37.04 22.16 32.31
N ALA D 293 -37.38 22.78 33.43
CA ALA D 293 -37.47 24.24 33.48
C ALA D 293 -36.14 24.88 33.07
N GLY D 294 -35.02 24.29 33.49
CA GLY D 294 -33.72 24.80 33.15
C GLY D 294 -33.50 24.72 31.68
N PHE D 295 -33.62 23.50 31.15
CA PHE D 295 -33.57 23.28 29.71
C PHE D 295 -34.38 24.31 28.95
N LYS D 296 -35.61 24.53 29.38
CA LYS D 296 -36.51 25.48 28.73
C LYS D 296 -36.02 26.92 28.76
N ASN D 297 -35.46 27.33 29.88
CA ASN D 297 -34.93 28.67 30.03
C ASN D 297 -33.91 29.05 28.92
N SER D 298 -33.13 28.06 28.47
CA SER D 298 -32.10 28.30 27.45
C SER D 298 -32.61 28.44 26.02
N LEU D 299 -33.88 28.16 25.77
CA LEU D 299 -34.44 28.22 24.40
C LEU D 299 -34.78 29.67 24.00
N ASP D 300 -35.40 29.85 22.83
CA ASP D 300 -35.83 31.16 22.34
C ASP D 300 -37.32 31.42 22.55
N GLU D 301 -37.69 32.67 22.33
CA GLU D 301 -39.02 33.23 22.51
C GLU D 301 -40.18 32.27 22.76
N PRO D 302 -40.62 31.50 21.72
CA PRO D 302 -41.83 30.64 21.86
C PRO D 302 -41.66 29.43 22.77
N TYR D 303 -40.50 28.83 22.70
CA TYR D 303 -40.23 27.54 23.30
C TYR D 303 -39.79 27.73 24.75
N LYS D 304 -39.30 28.93 25.07
CA LYS D 304 -38.99 29.31 26.44
C LYS D 304 -40.13 28.95 27.36
N THR D 305 -41.24 29.66 27.20
CA THR D 305 -42.39 29.49 28.06
C THR D 305 -43.25 28.32 27.59
N TYR D 306 -43.49 28.17 26.28
CA TYR D 306 -44.55 27.26 25.82
C TYR D 306 -44.19 25.81 25.48
N LEU D 307 -42.92 25.41 25.44
CA LEU D 307 -42.63 24.00 25.15
C LEU D 307 -43.14 23.18 26.32
N PRO D 308 -43.80 22.04 26.05
CA PRO D 308 -44.25 21.19 27.17
C PRO D 308 -43.11 20.55 27.90
N GLU D 309 -43.20 20.46 29.24
CA GLU D 309 -42.12 19.87 30.06
C GLU D 309 -42.04 18.37 29.83
N SER D 310 -43.17 17.76 29.46
CA SER D 310 -43.20 16.35 29.07
C SER D 310 -42.27 16.02 27.91
N GLU D 311 -42.05 17.01 27.06
CA GLU D 311 -41.22 16.88 25.88
C GLU D 311 -39.71 17.11 26.14
N TRP D 312 -39.31 17.43 27.39
CA TRP D 312 -37.90 17.59 27.79
C TRP D 312 -36.99 16.51 27.26
N GLU D 313 -37.26 15.25 27.59
CA GLU D 313 -36.35 14.17 27.23
C GLU D 313 -36.10 14.11 25.72
N ARG D 314 -37.16 14.04 24.94
CA ARG D 314 -37.04 14.07 23.49
C ARG D 314 -36.18 15.25 23.05
N ALA D 315 -36.53 16.43 23.57
CA ALA D 315 -35.89 17.69 23.18
C ALA D 315 -34.43 17.73 23.56
N GLN D 316 -34.09 17.20 24.74
CA GLN D 316 -32.67 17.07 25.10
C GLN D 316 -31.95 16.35 23.98
N GLY D 317 -32.48 15.21 23.57
CA GLY D 317 -31.94 14.46 22.45
C GLY D 317 -31.74 15.25 21.16
N VAL D 318 -32.81 15.60 20.49
CA VAL D 318 -32.68 16.17 19.16
C VAL D 318 -31.90 17.48 19.13
N LEU D 319 -31.83 18.18 20.26
CA LEU D 319 -30.93 19.34 20.41
C LEU D 319 -29.54 18.90 20.80
N GLY D 320 -29.44 17.96 21.72
CA GLY D 320 -28.14 17.38 22.13
C GLY D 320 -27.32 16.88 20.96
N ALA D 321 -27.96 16.10 20.10
CA ALA D 321 -27.40 15.68 18.82
C ALA D 321 -26.67 16.80 18.07
N ARG D 322 -27.35 17.92 17.89
CA ARG D 322 -26.79 19.08 17.17
C ARG D 322 -25.72 19.85 17.97
N TYR D 323 -25.81 19.87 19.29
CA TYR D 323 -24.77 20.49 20.11
C TYR D 323 -23.46 19.71 20.00
N LEU D 324 -23.55 18.39 19.99
CA LEU D 324 -22.39 17.53 19.83
C LEU D 324 -21.72 17.68 18.46
N GLN D 325 -22.52 17.84 17.42
CA GLN D 325 -21.97 18.12 16.07
C GLN D 325 -21.32 19.50 15.94
N ALA D 326 -21.46 20.37 16.95
CA ALA D 326 -20.75 21.63 17.01
C ALA D 326 -19.66 21.68 18.10
N VAL D 327 -19.86 21.00 19.23
CA VAL D 327 -18.87 21.04 20.32
C VAL D 327 -17.64 20.19 19.96
N LEU D 328 -17.88 19.05 19.32
CA LEU D 328 -16.80 18.15 18.93
C LEU D 328 -16.04 18.67 17.69
N SER D 329 -16.69 19.51 16.88
CA SER D 329 -16.09 20.02 15.63
C SER D 329 -14.95 21.02 15.82
N SER D 330 -15.06 21.90 16.80
CA SER D 330 -14.00 22.87 17.09
C SER D 330 -13.36 22.65 18.48
N GLY D 331 -13.14 21.39 18.82
CA GLY D 331 -12.60 21.01 20.11
C GLY D 331 -11.10 21.27 20.19
N THR D 332 -10.57 21.23 21.42
CA THR D 332 -9.12 21.26 21.73
C THR D 332 -8.75 20.00 22.56
N GLN D 333 -9.64 19.01 22.58
CA GLN D 333 -9.62 17.92 23.59
C GLN D 333 -8.90 16.66 23.08
N ASN D 334 -8.61 15.72 23.98
CA ASN D 334 -7.97 14.46 23.57
C ASN D 334 -9.03 13.50 23.06
N LEU D 335 -9.31 13.58 21.76
CA LEU D 335 -10.41 12.83 21.15
C LEU D 335 -10.06 11.45 20.63
N LYS D 336 -8.78 11.07 20.67
CA LYS D 336 -8.36 9.81 20.07
C LYS D 336 -9.13 8.62 20.67
N ASP D 337 -9.25 8.57 21.99
CA ASP D 337 -9.97 7.47 22.68
C ASP D 337 -11.43 7.37 22.26
N ALA D 338 -12.10 8.52 22.32
CA ALA D 338 -13.51 8.62 21.95
C ALA D 338 -13.74 8.26 20.49
N LEU D 339 -12.80 8.62 19.62
CA LEU D 339 -12.91 8.30 18.20
C LEU D 339 -12.78 6.79 17.92
N ASN D 340 -11.96 6.09 18.71
CA ASN D 340 -11.77 4.63 18.56
C ASN D 340 -12.89 3.77 19.17
N ALA D 341 -13.81 4.39 19.92
CA ALA D 341 -14.93 3.69 20.56
C ALA D 341 -15.59 2.63 19.68
N LYS D 342 -15.77 1.44 20.23
CA LYS D 342 -16.43 0.33 19.51
C LYS D 342 -17.74 0.81 18.87
N ASP D 343 -18.72 1.15 19.71
CA ASP D 343 -20.06 1.55 19.27
C ASP D 343 -20.47 2.82 20.03
N ALA D 344 -21.74 3.20 19.93
CA ALA D 344 -22.28 4.35 20.66
C ALA D 344 -22.15 4.24 22.17
N ASN D 345 -22.55 3.10 22.73
CA ASN D 345 -22.41 2.85 24.19
C ASN D 345 -20.98 3.06 24.73
N ALA D 346 -19.97 2.77 23.90
CA ALA D 346 -18.58 3.08 24.23
C ALA D 346 -18.32 4.56 24.08
N LEU D 347 -18.89 5.16 23.04
CA LEU D 347 -18.72 6.59 22.78
C LEU D 347 -19.25 7.44 23.91
N ILE D 348 -20.42 7.08 24.44
CA ILE D 348 -21.08 7.85 25.54
C ILE D 348 -20.33 7.81 26.88
N THR D 349 -19.76 6.66 27.22
CA THR D 349 -18.95 6.54 28.42
C THR D 349 -17.64 7.27 28.21
N GLU D 350 -17.19 7.39 26.96
CA GLU D 350 -15.99 8.16 26.62
C GLU D 350 -16.21 9.71 26.50
N LEU D 351 -17.38 10.11 26.02
CA LEU D 351 -17.76 11.55 25.98
C LEU D 351 -18.08 12.09 27.38
N LYS D 352 -18.71 11.27 28.21
CA LYS D 352 -18.99 11.67 29.60
C LYS D 352 -17.74 11.92 30.47
N LYS D 353 -16.57 11.41 30.08
CA LYS D 353 -15.37 11.61 30.90
C LYS D 353 -15.10 13.10 31.14
N PRO D 354 -14.77 13.47 32.38
CA PRO D 354 -14.62 14.90 32.71
C PRO D 354 -13.71 15.72 31.78
N ALA D 355 -12.71 15.07 31.19
CA ALA D 355 -11.76 15.71 30.26
C ALA D 355 -12.40 16.52 29.14
N LEU D 356 -13.55 16.07 28.64
CA LEU D 356 -14.17 16.65 27.44
C LEU D 356 -15.56 17.26 27.70
N LEU D 357 -16.55 16.42 27.99
CA LEU D 357 -17.93 16.91 28.12
C LEU D 357 -18.47 16.86 29.54
N GLY D 358 -18.38 15.70 30.19
CA GLY D 358 -18.77 15.56 31.60
C GLY D 358 -19.99 14.69 31.77
N PRO D 359 -20.16 14.07 32.95
CA PRO D 359 -21.24 13.12 33.11
C PRO D 359 -22.56 13.87 33.25
N HIS D 360 -23.16 14.13 32.10
CA HIS D 360 -24.47 14.78 31.99
C HIS D 360 -25.42 13.81 31.32
N ASP D 361 -26.70 14.15 31.23
CA ASP D 361 -27.65 13.18 30.70
C ASP D 361 -27.83 13.40 29.21
N TYR D 362 -27.79 14.65 28.74
CA TYR D 362 -28.03 14.94 27.31
C TYR D 362 -27.25 14.02 26.36
N ILE D 363 -25.99 13.75 26.70
CA ILE D 363 -25.17 12.89 25.84
C ILE D 363 -25.67 11.45 25.78
N ASP D 364 -26.62 11.05 26.62
CA ASP D 364 -27.34 9.76 26.45
C ASP D 364 -28.29 9.75 25.27
N LYS D 365 -28.39 10.87 24.54
CA LYS D 365 -28.87 10.88 23.14
C LYS D 365 -27.73 11.20 22.09
N ALA D 366 -26.81 10.23 22.00
CA ALA D 366 -25.74 10.12 21.03
C ALA D 366 -25.84 8.69 20.48
N VAL D 367 -26.82 8.48 19.59
CA VAL D 367 -27.28 7.13 19.20
C VAL D 367 -26.66 6.62 17.86
N THR D 368 -26.24 5.34 17.79
CA THR D 368 -25.64 4.73 16.56
C THR D 368 -26.45 5.06 15.31
N GLU D 369 -27.75 4.72 15.39
CA GLU D 369 -28.74 4.82 14.29
C GLU D 369 -28.33 5.85 13.26
N GLU D 370 -28.15 7.07 13.74
CA GLU D 370 -27.70 8.17 12.92
C GLU D 370 -26.37 8.72 13.46
N ASN D 371 -26.34 9.12 14.73
CA ASN D 371 -25.26 9.96 15.26
C ASN D 371 -23.85 9.47 14.90
N LEU D 372 -23.50 8.25 15.34
CA LEU D 372 -22.07 7.93 15.60
C LEU D 372 -21.18 8.06 14.37
N GLY D 373 -21.70 7.71 13.20
CA GLY D 373 -21.02 7.99 11.93
C GLY D 373 -20.63 9.45 11.84
N SER D 374 -21.64 10.33 11.77
CA SER D 374 -21.42 11.79 11.63
C SER D 374 -20.81 12.48 12.86
N LEU D 375 -20.90 11.83 14.03
CA LEU D 375 -20.14 12.30 15.21
C LEU D 375 -18.65 11.99 15.04
N LYS D 376 -18.34 10.72 14.77
CA LYS D 376 -16.96 10.31 14.47
C LYS D 376 -16.32 11.13 13.35
N LYS D 377 -17.08 11.42 12.29
CA LYS D 377 -16.61 12.30 11.21
C LYS D 377 -16.36 13.73 11.72
N ASN D 378 -17.28 14.24 12.52
CA ASN D 378 -17.17 15.63 13.01
C ASN D 378 -15.99 15.82 13.94
N MET D 379 -15.79 14.85 14.82
CA MET D 379 -14.62 14.77 15.69
C MET D 379 -13.29 14.78 14.91
N MET D 380 -13.31 14.13 13.74
CA MET D 380 -12.15 14.12 12.84
C MET D 380 -11.69 15.47 12.36
N LYS D 381 -12.62 16.40 12.18
CA LYS D 381 -12.28 17.76 11.83
C LYS D 381 -11.46 18.41 12.93
N SER D 382 -11.71 18.05 14.18
CA SER D 382 -10.93 18.65 15.27
C SER D 382 -9.62 17.90 15.55
N PHE D 383 -9.60 16.59 15.34
CA PHE D 383 -8.33 15.85 15.54
C PHE D 383 -7.31 16.27 14.52
N ILE D 384 -7.73 16.44 13.28
CA ILE D 384 -6.87 17.00 12.23
C ILE D 384 -6.40 18.41 12.58
N ASN D 385 -7.33 19.30 12.93
CA ASN D 385 -6.95 20.66 13.32
C ASN D 385 -6.20 20.78 14.66
N ASN D 386 -6.08 19.67 15.40
CA ASN D 386 -5.24 19.60 16.61
C ASN D 386 -4.05 18.64 16.55
N ILE D 387 -3.63 18.21 15.36
CA ILE D 387 -2.41 17.40 15.30
C ILE D 387 -1.22 18.38 15.38
N LYS D 388 -0.30 18.03 16.26
CA LYS D 388 0.78 18.92 16.69
C LYS D 388 2.08 18.16 16.48
N ASP D 389 3.16 18.91 16.32
CA ASP D 389 4.49 18.33 16.08
C ASP D 389 4.94 17.50 17.27
N GLU D 390 5.03 16.18 17.09
CA GLU D 390 5.46 15.27 18.15
C GLU D 390 6.84 14.62 17.81
N THR D 391 7.49 14.08 18.85
CA THR D 391 8.76 13.34 18.72
C THR D 391 8.63 12.18 17.72
N ASN D 392 9.43 12.23 16.64
CA ASN D 392 9.36 11.32 15.47
C ASN D 392 8.51 11.92 14.34
N LEU D 393 7.45 12.64 14.66
CA LEU D 393 6.40 13.00 13.69
C LEU D 393 5.93 14.47 13.82
N LYS D 394 6.45 15.34 12.96
CA LYS D 394 6.03 16.75 12.93
C LYS D 394 4.61 16.81 12.35
N ALA D 395 3.88 17.88 12.67
CA ALA D 395 2.45 18.00 12.27
C ALA D 395 2.29 18.14 10.77
N LEU D 396 3.02 19.06 10.18
CA LEU D 396 3.00 19.23 8.74
C LEU D 396 3.31 17.90 8.01
N ASP D 397 4.24 17.13 8.55
CA ASP D 397 4.58 15.80 8.00
C ASP D 397 3.47 14.77 8.14
N ALA D 398 2.66 14.90 9.19
CA ALA D 398 1.48 14.05 9.35
C ALA D 398 0.37 14.48 8.37
N LEU D 399 0.08 15.77 8.32
CA LEU D 399 -1.05 16.27 7.51
C LEU D 399 -0.84 16.01 6.03
N LYS D 400 0.38 16.28 5.57
CA LYS D 400 0.82 15.93 4.23
C LYS D 400 0.50 14.47 3.90
N ALA D 401 0.73 13.59 4.86
CA ALA D 401 0.51 12.15 4.70
C ALA D 401 -0.96 11.69 4.65
N LEU D 402 -1.85 12.44 5.30
CA LEU D 402 -3.28 12.17 5.17
C LEU D 402 -3.79 12.67 3.83
N ASP D 403 -3.26 13.82 3.39
CA ASP D 403 -3.48 14.32 2.02
C ASP D 403 -2.83 13.39 0.98
N GLY D 404 -1.74 12.73 1.39
CA GLY D 404 -1.01 11.78 0.57
C GLY D 404 -1.78 10.55 0.12
N ALA D 405 -2.20 9.71 1.07
CA ALA D 405 -2.88 8.43 0.80
C ALA D 405 -4.00 8.51 -0.25
N LYS D 406 -4.00 7.59 -1.24
CA LYS D 406 -4.99 7.55 -2.35
C LYS D 406 -6.13 6.54 -2.18
N ASN D 407 -5.88 5.48 -1.43
CA ASN D 407 -6.88 4.45 -1.18
C ASN D 407 -7.43 4.56 0.26
N LEU D 408 -8.66 4.07 0.44
CA LEU D 408 -9.31 3.92 1.75
C LEU D 408 -8.44 3.23 2.83
N ASP D 409 -7.68 2.22 2.42
CA ASP D 409 -6.78 1.49 3.33
C ASP D 409 -5.47 2.22 3.58
N LYS D 410 -4.94 2.93 2.58
CA LYS D 410 -3.76 3.80 2.76
C LYS D 410 -4.02 4.94 3.74
N PHE D 411 -5.29 5.33 3.85
CA PHE D 411 -5.74 6.25 4.90
C PHE D 411 -5.64 5.52 6.26
N LYS D 412 -6.26 4.34 6.36
CA LYS D 412 -6.23 3.55 7.60
C LYS D 412 -4.82 3.05 8.01
N GLU D 413 -3.87 3.04 7.06
CA GLU D 413 -2.43 2.93 7.36
C GLU D 413 -1.99 4.21 8.10
N VAL D 414 -2.12 5.37 7.44
CA VAL D 414 -1.67 6.64 8.03
C VAL D 414 -2.41 6.97 9.33
N LEU D 415 -3.65 6.47 9.47
CA LEU D 415 -4.42 6.54 10.74
C LEU D 415 -3.97 5.52 11.79
N GLY D 416 -3.38 4.40 11.35
CA GLY D 416 -2.60 3.54 12.24
C GLY D 416 -1.41 4.29 12.81
N LYS D 417 -0.72 5.05 11.97
CA LYS D 417 0.44 5.87 12.37
C LYS D 417 0.10 7.00 13.35
N LEU D 418 -1.08 7.62 13.21
CA LEU D 418 -1.54 8.72 14.09
C LEU D 418 -2.17 8.28 15.43
N GLY D 419 -2.44 6.98 15.58
CA GLY D 419 -2.90 6.40 16.84
C GLY D 419 -4.40 6.18 16.96
N ILE D 420 -5.05 5.79 15.86
CA ILE D 420 -6.45 5.35 15.87
C ILE D 420 -6.58 4.15 14.92
N THR D 421 -5.97 3.03 15.33
CA THR D 421 -5.82 1.87 14.46
C THR D 421 -7.16 1.22 14.12
N PRO D 422 -8.00 0.89 15.14
CA PRO D 422 -9.20 0.09 14.85
C PRO D 422 -9.88 0.44 13.52
N ALA D 423 -10.18 1.72 13.33
CA ALA D 423 -10.59 2.35 12.05
C ALA D 423 -11.52 1.62 11.05
N ASP D 424 -12.35 0.67 11.50
CA ASP D 424 -13.33 0.00 10.59
C ASP D 424 -14.67 0.75 10.45
N TRP D 425 -14.65 2.07 10.69
CA TRP D 425 -15.81 2.95 10.57
C TRP D 425 -15.65 4.09 9.55
N VAL D 426 -14.47 4.29 8.96
CA VAL D 426 -14.29 5.38 7.98
C VAL D 426 -15.04 5.00 6.70
N LYS D 427 -15.53 6.00 5.98
CA LYS D 427 -16.33 5.76 4.77
C LYS D 427 -15.83 6.63 3.61
N ASP D 428 -15.70 6.02 2.44
CA ASP D 428 -15.02 6.65 1.28
C ASP D 428 -15.51 8.06 0.96
N THR D 429 -16.81 8.32 1.10
CA THR D 429 -17.33 9.65 0.76
C THR D 429 -16.72 10.71 1.66
N ASP D 430 -16.53 10.34 2.94
CA ASP D 430 -15.95 11.26 3.94
C ASP D 430 -14.47 11.68 3.66
N LEU D 431 -13.74 10.85 2.90
CA LEU D 431 -12.31 11.07 2.65
C LEU D 431 -11.98 12.40 1.98
N LYS D 432 -12.72 12.76 0.92
CA LYS D 432 -12.39 14.00 0.18
C LYS D 432 -12.48 15.24 1.08
N ASP D 433 -13.38 15.19 2.06
CA ASP D 433 -13.62 16.30 3.00
C ASP D 433 -12.56 16.38 4.08
N MET D 434 -12.22 15.23 4.67
CA MET D 434 -11.19 15.17 5.72
C MET D 434 -9.76 15.29 5.21
N LYS D 435 -9.55 15.23 3.88
CA LYS D 435 -8.29 15.63 3.29
C LYS D 435 -8.27 17.15 3.09
N GLN D 436 -9.42 17.74 2.73
CA GLN D 436 -9.56 19.20 2.62
C GLN D 436 -9.28 19.86 3.96
N TRP D 437 -9.74 19.25 5.05
CA TRP D 437 -9.41 19.74 6.40
C TRP D 437 -7.91 19.64 6.68
N ALA D 438 -7.30 18.51 6.29
CA ALA D 438 -5.85 18.35 6.35
C ALA D 438 -5.13 19.45 5.57
N ARG D 439 -5.57 19.71 4.34
CA ARG D 439 -5.03 20.82 3.52
C ARG D 439 -5.26 22.19 4.15
N ALA D 440 -6.45 22.39 4.70
CA ALA D 440 -6.76 23.64 5.37
C ALA D 440 -5.81 23.86 6.54
N ARG D 441 -5.54 22.80 7.29
CA ARG D 441 -4.72 22.90 8.49
C ARG D 441 -3.29 23.33 8.14
N GLN D 442 -2.70 22.67 7.15
CA GLN D 442 -1.31 22.98 6.76
C GLN D 442 -1.15 24.40 6.18
N PHE D 443 -2.18 24.93 5.51
CA PHE D 443 -2.13 26.34 5.13
C PHE D 443 -2.19 27.26 6.33
N GLU D 444 -3.00 26.90 7.32
CA GLU D 444 -3.09 27.63 8.60
C GLU D 444 -1.69 27.72 9.25
N LEU D 445 -1.04 26.56 9.38
CA LEU D 445 0.32 26.44 9.94
C LEU D 445 1.34 27.24 9.14
N GLU D 446 1.37 27.04 7.83
CA GLU D 446 2.38 27.69 6.99
C GLU D 446 2.27 29.21 7.03
N ILE D 447 1.04 29.72 7.10
CA ILE D 447 0.82 31.15 7.23
C ILE D 447 1.34 31.63 8.59
N ASN D 448 1.12 30.81 9.61
CA ASN D 448 1.57 31.14 10.96
C ASN D 448 3.09 31.32 11.03
N ARG D 449 3.81 30.50 10.27
CA ARG D 449 5.29 30.54 10.20
C ARG D 449 5.79 31.75 9.41
N VAL D 450 5.24 31.91 8.22
CA VAL D 450 5.59 33.04 7.34
C VAL D 450 5.35 34.41 8.01
N SER D 451 4.23 34.54 8.73
CA SER D 451 3.78 35.84 9.21
C SER D 451 3.95 36.05 10.73
N SER D 452 4.26 37.31 11.07
CA SER D 452 4.34 37.81 12.45
C SER D 452 2.98 37.74 13.16
N LEU D 453 1.93 38.17 12.46
CA LEU D 453 0.54 38.18 12.99
C LEU D 453 -0.06 36.90 12.47
N GLY D 454 -0.64 36.10 13.34
CA GLY D 454 -0.91 34.69 13.05
C GLY D 454 -1.95 34.43 11.98
N SER D 455 -2.17 33.15 11.68
CA SER D 455 -3.18 32.70 10.70
C SER D 455 -4.51 33.43 10.78
N GLY D 456 -4.96 33.70 12.01
CA GLY D 456 -6.21 34.44 12.27
C GLY D 456 -6.37 35.79 11.59
N ALA D 457 -5.31 36.61 11.61
CA ALA D 457 -5.33 37.91 10.92
C ALA D 457 -5.35 37.81 9.38
N HIS D 458 -5.04 36.62 8.83
CA HIS D 458 -5.14 36.32 7.39
C HIS D 458 -6.24 35.27 7.07
N SER D 459 -7.52 35.62 7.27
CA SER D 459 -8.64 34.68 6.94
C SER D 459 -8.94 34.68 5.43
N LYS D 460 -9.02 35.89 4.88
CA LYS D 460 -8.84 36.16 3.46
C LYS D 460 -7.96 35.20 2.62
N LEU D 461 -6.68 35.00 2.98
CA LEU D 461 -5.78 34.06 2.27
C LEU D 461 -6.23 32.63 2.50
N MET D 462 -6.76 32.39 3.70
CA MET D 462 -7.17 31.06 4.12
C MET D 462 -8.45 30.57 3.45
N SER D 463 -9.37 31.50 3.19
CA SER D 463 -10.54 31.22 2.34
C SER D 463 -10.06 30.90 0.92
N THR D 464 -9.50 31.89 0.24
CA THR D 464 -9.10 31.80 -1.18
C THR D 464 -8.44 30.46 -1.48
N LEU D 465 -7.49 30.06 -0.63
CA LEU D 465 -6.74 28.80 -0.81
C LEU D 465 -7.62 27.55 -0.74
N THR D 466 -8.56 27.57 0.22
CA THR D 466 -9.46 26.45 0.46
C THR D 466 -10.49 26.28 -0.68
N LYS D 467 -10.91 27.40 -1.27
CA LYS D 467 -11.94 27.42 -2.32
C LYS D 467 -11.40 27.25 -3.78
N LEU D 468 -10.08 27.13 -3.95
CA LEU D 468 -9.48 26.68 -5.23
C LEU D 468 -9.71 25.18 -5.38
N PRO D 469 -9.55 24.65 -6.60
CA PRO D 469 -9.58 23.19 -6.73
C PRO D 469 -8.31 22.53 -6.16
N VAL D 470 -8.30 21.20 -6.14
CA VAL D 470 -7.46 20.42 -5.22
C VAL D 470 -5.95 20.29 -5.52
N GLU D 471 -5.56 20.24 -6.80
CA GLU D 471 -4.14 20.09 -7.16
C GLU D 471 -3.43 21.43 -7.03
N LYS D 472 -4.05 22.49 -7.56
CA LYS D 472 -3.56 23.86 -7.41
C LYS D 472 -3.38 24.21 -5.93
N GLN D 473 -4.24 23.64 -5.12
CA GLN D 473 -4.12 23.69 -3.67
C GLN D 473 -2.84 22.98 -3.19
N ARG D 474 -2.69 21.71 -3.60
CA ARG D 474 -1.48 20.91 -3.28
C ARG D 474 -0.15 21.46 -3.81
N GLU D 475 -0.23 22.20 -4.93
CA GLU D 475 0.91 22.88 -5.55
C GLU D 475 1.44 24.05 -4.70
N ILE D 476 0.54 24.84 -4.12
CA ILE D 476 0.98 25.96 -3.27
C ILE D 476 1.71 25.50 -1.99
N LEU D 477 1.48 24.26 -1.53
CA LEU D 477 2.26 23.66 -0.42
C LEU D 477 3.34 22.66 -0.88
N ALA D 478 3.48 22.46 -2.18
CA ALA D 478 4.76 22.06 -2.74
C ALA D 478 5.73 23.26 -2.63
N LYS D 479 5.26 24.47 -2.97
CA LYS D 479 6.07 25.72 -2.92
C LYS D 479 5.48 26.84 -1.99
N PRO D 480 5.53 26.64 -0.65
CA PRO D 480 5.10 27.64 0.34
C PRO D 480 5.60 29.09 0.15
N GLN D 481 6.68 29.30 -0.60
CA GLN D 481 7.15 30.66 -0.94
C GLN D 481 6.05 31.61 -1.41
N GLN D 482 5.04 31.08 -2.12
CA GLN D 482 3.92 31.86 -2.66
C GLN D 482 3.15 32.75 -1.64
N LEU D 483 2.80 32.14 -0.51
CA LEU D 483 2.18 32.82 0.64
C LEU D 483 2.82 34.17 0.98
N ARG D 484 4.14 34.25 0.87
CA ARG D 484 4.88 35.47 1.19
C ARG D 484 4.57 36.57 0.21
N HIS D 485 4.50 36.21 -1.07
CA HIS D 485 4.27 37.21 -2.14
C HIS D 485 2.78 37.53 -2.24
N LEU D 486 1.94 36.52 -1.98
CA LEU D 486 0.49 36.69 -1.79
C LEU D 486 0.11 37.70 -0.70
N MET D 487 0.90 37.76 0.39
CA MET D 487 0.67 38.74 1.47
C MET D 487 1.15 40.13 1.06
N ASN D 488 2.19 40.17 0.23
CA ASN D 488 2.68 41.40 -0.40
C ASN D 488 1.99 41.71 -1.74
N ALA D 489 1.04 40.88 -2.14
CA ALA D 489 0.22 41.12 -3.32
C ALA D 489 -0.88 42.14 -3.03
N TYR D 490 -0.58 43.43 -3.18
CA TYR D 490 -1.57 44.53 -3.01
C TYR D 490 -2.35 44.84 -4.32
N GLU D 491 -2.29 43.97 -5.33
CA GLU D 491 -2.87 44.21 -6.65
C GLU D 491 -3.44 42.91 -7.23
N SER D 492 -4.57 43.01 -7.92
CA SER D 492 -5.18 41.86 -8.62
C SER D 492 -4.28 41.22 -9.72
N HIS D 493 -3.31 41.99 -10.25
CA HIS D 493 -2.20 41.42 -11.04
C HIS D 493 -1.66 40.20 -10.30
N VAL D 494 -1.06 40.50 -9.16
CA VAL D 494 -0.04 39.67 -8.56
C VAL D 494 -0.70 38.55 -7.76
N ALA D 495 -1.92 38.80 -7.29
CA ALA D 495 -2.73 37.75 -6.69
C ALA D 495 -3.09 36.68 -7.72
N GLU D 496 -3.46 37.13 -8.91
CA GLU D 496 -3.84 36.20 -9.96
C GLU D 496 -2.66 35.33 -10.44
N HIS D 497 -1.44 35.88 -10.50
CA HIS D 497 -0.28 35.09 -10.93
C HIS D 497 -0.09 33.81 -10.10
N TYR D 498 -0.30 33.88 -8.79
CA TYR D 498 -0.09 32.71 -7.92
C TYR D 498 -1.38 31.87 -7.77
N LEU D 499 -2.51 32.55 -7.51
CA LEU D 499 -3.82 31.88 -7.28
C LEU D 499 -4.52 31.36 -8.55
N GLY D 500 -4.24 31.97 -9.70
CA GLY D 500 -4.86 31.56 -10.96
C GLY D 500 -5.54 32.67 -11.74
N LYS D 501 -6.21 32.27 -12.81
CA LYS D 501 -6.81 33.21 -13.75
C LYS D 501 -7.96 33.99 -13.10
N ASN D 502 -8.97 33.29 -12.59
CA ASN D 502 -9.98 33.92 -11.75
C ASN D 502 -10.68 32.92 -10.82
N ALA D 503 -10.04 32.68 -9.68
CA ALA D 503 -10.64 31.96 -8.54
C ALA D 503 -11.20 32.98 -7.53
N SER D 504 -11.74 32.49 -6.43
CA SER D 504 -12.59 33.32 -5.55
C SER D 504 -11.82 34.27 -4.63
N GLY D 505 -12.52 35.29 -4.14
CA GLY D 505 -12.11 36.08 -2.97
C GLY D 505 -10.99 37.09 -3.05
N ILE D 506 -10.44 37.32 -4.24
CA ILE D 506 -9.26 38.20 -4.44
C ILE D 506 -9.56 39.63 -3.94
N ALA D 507 -10.81 40.05 -4.05
CA ALA D 507 -11.24 41.40 -3.69
C ALA D 507 -10.70 41.85 -2.35
N GLU D 508 -11.06 41.10 -1.31
CA GLU D 508 -10.75 41.49 0.06
C GLU D 508 -9.28 41.21 0.37
N LEU D 509 -8.75 40.11 -0.13
CA LEU D 509 -7.32 39.79 -0.05
C LEU D 509 -6.47 41.01 -0.38
N LEU D 510 -6.88 41.75 -1.41
CA LEU D 510 -6.30 43.05 -1.72
C LEU D 510 -6.62 44.10 -0.62
N THR D 511 -7.90 44.24 -0.29
CA THR D 511 -8.39 45.26 0.68
C THR D 511 -7.82 45.12 2.09
N GLU D 512 -7.56 43.88 2.49
CA GLU D 512 -7.19 43.56 3.87
C GLU D 512 -5.69 43.38 4.05
N ASN D 513 -5.00 42.92 3.01
CA ASN D 513 -3.56 43.12 2.97
C ASN D 513 -3.26 44.62 3.19
N LYS D 514 -4.03 45.50 2.56
CA LYS D 514 -3.85 46.97 2.72
C LYS D 514 -4.03 47.48 4.16
N ARG D 515 -4.98 46.89 4.89
CA ARG D 515 -5.14 47.14 6.33
C ARG D 515 -3.97 46.61 7.14
N LEU D 516 -3.53 45.39 6.83
CA LEU D 516 -2.35 44.81 7.46
C LEU D 516 -1.05 45.56 7.14
N GLU D 517 -0.99 46.18 5.95
CA GLU D 517 0.21 46.92 5.49
C GLU D 517 0.74 47.87 6.55
N GLY D 518 -0.14 48.70 7.10
CA GLY D 518 0.23 49.64 8.16
C GLY D 518 0.63 48.95 9.46
N PHE D 519 -0.05 47.84 9.76
CA PHE D 519 0.24 46.99 10.94
C PHE D 519 1.61 46.36 10.87
N ARG D 520 2.04 46.03 9.66
CA ARG D 520 3.37 45.47 9.43
C ARG D 520 4.49 46.49 9.50
N ALA D 521 4.16 47.76 9.73
CA ALA D 521 5.17 48.79 9.91
C ALA D 521 5.31 49.25 11.38
N ILE D 522 4.60 48.61 12.31
CA ILE D 522 4.72 48.97 13.74
C ILE D 522 6.08 48.48 14.24
N HIS D 523 6.77 49.32 15.01
CA HIS D 523 8.17 49.07 15.38
C HIS D 523 8.39 48.03 16.48
N ASN D 524 7.44 47.11 16.62
CA ASN D 524 7.52 46.05 17.61
C ASN D 524 6.50 44.98 17.18
N ALA D 525 6.95 43.75 17.01
CA ALA D 525 6.10 42.69 16.46
C ALA D 525 4.90 42.38 17.34
N GLU D 526 5.06 42.50 18.65
CA GLU D 526 3.99 42.15 19.59
C GLU D 526 2.85 43.12 19.41
N VAL D 527 3.14 44.42 19.58
CA VAL D 527 2.11 45.47 19.39
C VAL D 527 1.45 45.38 18.01
N ALA D 528 2.21 44.93 17.00
CA ALA D 528 1.62 44.61 15.68
C ALA D 528 0.46 43.60 15.78
N ARG D 529 0.75 42.46 16.41
CA ARG D 529 -0.17 41.29 16.44
C ARG D 529 -1.49 41.52 17.19
N VAL D 530 -1.41 42.24 18.32
CA VAL D 530 -2.61 42.58 19.11
C VAL D 530 -3.43 43.63 18.37
N LEU D 531 -2.78 44.61 17.75
CA LEU D 531 -3.47 45.61 16.93
C LEU D 531 -4.05 45.02 15.63
N ALA D 532 -3.48 43.91 15.16
CA ALA D 532 -4.05 43.17 14.03
C ALA D 532 -5.42 42.59 14.32
N ASN D 533 -5.52 41.89 15.46
CA ASN D 533 -6.77 41.21 15.86
C ASN D 533 -7.42 41.89 17.08
N PHE D 534 -8.63 42.45 16.90
CA PHE D 534 -9.37 43.14 17.98
C PHE D 534 -10.88 43.03 17.77
N LYS D 535 -11.64 43.36 18.82
CA LYS D 535 -13.11 43.14 18.85
C LYS D 535 -13.84 44.06 17.82
N PRO D 536 -13.71 45.40 17.96
CA PRO D 536 -13.89 46.26 16.78
C PRO D 536 -12.58 46.32 16.00
N GLU D 537 -12.63 46.08 14.68
CA GLU D 537 -11.40 45.99 13.83
C GLU D 537 -10.73 47.34 13.57
N ILE D 538 -9.66 47.64 14.32
CA ILE D 538 -8.98 48.92 14.16
C ILE D 538 -8.23 48.86 12.82
N THR D 539 -8.11 50.02 12.15
CA THR D 539 -7.32 50.15 10.91
C THR D 539 -6.51 51.44 10.97
N LEU D 540 -5.18 51.32 10.86
CA LEU D 540 -4.27 52.46 11.00
C LEU D 540 -4.13 53.24 9.67
N ASN D 541 -3.36 54.32 9.70
CA ASN D 541 -3.04 55.12 8.50
C ASN D 541 -1.61 55.66 8.63
N ASP D 542 -1.12 56.26 7.54
CA ASP D 542 0.31 56.57 7.40
C ASP D 542 0.85 57.61 8.38
N LYS D 543 0.00 58.58 8.76
CA LYS D 543 0.45 59.69 9.64
C LYS D 543 0.40 59.34 11.13
N GLN D 544 -0.63 58.60 11.54
CA GLN D 544 -0.76 58.17 12.93
C GLN D 544 0.20 57.05 13.35
N VAL D 545 0.60 56.18 12.40
CA VAL D 545 1.60 55.12 12.68
C VAL D 545 2.98 55.66 13.11
N ALA D 546 3.33 56.86 12.66
CA ALA D 546 4.62 57.50 13.00
C ALA D 546 4.71 57.85 14.49
N ALA D 547 3.63 58.42 15.02
CA ALA D 547 3.50 58.70 16.45
C ALA D 547 3.61 57.43 17.31
N ILE D 548 3.03 56.32 16.83
CA ILE D 548 3.13 55.04 17.51
C ILE D 548 4.59 54.66 17.64
N ASN D 549 5.33 54.76 16.54
CA ASN D 549 6.76 54.36 16.48
C ASN D 549 7.70 55.33 17.22
N GLN D 550 7.31 56.61 17.26
CA GLN D 550 7.91 57.60 18.17
C GLN D 550 7.60 57.28 19.65
N ALA D 551 6.34 56.87 19.94
CA ALA D 551 5.95 56.42 21.29
C ALA D 551 6.83 55.29 21.78
N LEU D 552 7.26 54.45 20.83
CA LEU D 552 8.27 53.44 21.10
C LEU D 552 9.71 53.97 21.23
N THR D 553 10.02 55.15 20.68
CA THR D 553 11.33 55.82 20.94
C THR D 553 11.38 56.40 22.38
N THR D 554 10.30 57.08 22.83
CA THR D 554 10.13 57.50 24.26
C THR D 554 10.33 56.33 25.24
N ALA D 555 9.86 55.16 24.82
CA ALA D 555 10.06 53.92 25.51
C ALA D 555 11.54 53.61 25.64
N ASN D 556 12.25 53.56 24.52
CA ASN D 556 13.64 53.02 24.48
C ASN D 556 14.68 53.89 25.24
N SER D 557 14.44 55.20 25.33
CA SER D 557 15.22 56.08 26.21
C SER D 557 14.98 55.71 27.67
N ASN D 558 13.71 55.44 28.01
CA ASN D 558 13.23 55.14 29.37
C ASN D 558 13.63 53.70 29.80
N PRO D 559 14.60 53.56 30.75
CA PRO D 559 15.05 52.20 31.13
C PRO D 559 14.16 51.51 32.17
N ASN D 560 13.04 52.16 32.54
CA ASN D 560 12.03 51.61 33.45
C ASN D 560 10.64 51.49 32.80
N THR D 561 10.59 51.49 31.46
CA THR D 561 9.31 51.44 30.75
C THR D 561 8.58 50.08 30.85
N TYR D 562 9.23 49.05 31.40
CA TYR D 562 8.57 47.75 31.60
C TYR D 562 8.60 47.17 33.03
N THR D 563 9.28 47.85 33.97
CA THR D 563 9.27 47.47 35.40
C THR D 563 8.19 48.23 36.17
N GLN D 564 8.20 49.56 36.05
CA GLN D 564 7.17 50.41 36.66
C GLN D 564 5.86 50.33 35.88
N ALA D 565 4.78 50.85 36.46
CA ALA D 565 3.46 50.78 35.85
C ALA D 565 3.08 52.06 35.11
N THR D 566 3.38 53.23 35.70
CA THR D 566 3.14 54.54 35.05
C THR D 566 3.98 54.65 33.78
N ASP D 567 5.21 54.13 33.89
CA ASP D 567 6.21 54.14 32.81
C ASP D 567 5.95 53.20 31.63
N TYR D 568 5.30 52.07 31.89
CA TYR D 568 4.75 51.22 30.84
C TYR D 568 3.49 51.81 30.22
N LYS D 569 2.69 52.52 31.04
CA LYS D 569 1.50 53.22 30.55
C LYS D 569 1.82 54.51 29.77
N ILE D 570 3.11 54.88 29.65
CA ILE D 570 3.59 55.85 28.63
C ILE D 570 3.18 55.42 27.21
N LEU D 571 3.56 54.18 26.84
CA LEU D 571 3.38 53.64 25.48
C LEU D 571 1.92 53.39 25.16
N ILE D 572 1.26 52.67 26.06
CA ILE D 572 -0.10 52.18 25.85
C ILE D 572 -1.10 53.32 25.66
N ASP D 573 -0.81 54.49 26.25
CA ASP D 573 -1.64 55.70 26.10
C ASP D 573 -1.51 56.40 24.78
N ALA D 574 -0.26 56.45 24.28
CA ALA D 574 0.01 57.01 22.95
C ALA D 574 -0.64 56.15 21.86
N ILE D 575 -0.51 54.83 21.99
CA ILE D 575 -0.97 53.88 20.96
C ILE D 575 -2.50 53.85 20.90
N LYS D 576 -3.14 53.81 22.07
CA LYS D 576 -4.60 53.81 22.13
C LYS D 576 -5.20 55.06 21.50
N THR D 577 -4.53 56.21 21.66
CA THR D 577 -4.97 57.45 21.01
C THR D 577 -4.94 57.32 19.46
N GLN D 578 -3.84 56.77 18.92
CA GLN D 578 -3.71 56.59 17.46
C GLN D 578 -4.61 55.47 16.89
N SER D 579 -5.10 54.56 17.73
CA SER D 579 -6.11 53.58 17.31
C SER D 579 -7.44 54.26 17.01
N GLY D 580 -7.84 55.17 17.89
CA GLY D 580 -9.06 55.96 17.71
C GLY D 580 -9.95 55.82 18.93
N SER D 581 -11.27 55.81 18.69
CA SER D 581 -12.24 55.50 19.75
C SER D 581 -12.16 54.01 20.10
N VAL D 582 -11.97 53.72 21.38
CA VAL D 582 -11.65 52.36 21.84
C VAL D 582 -12.19 52.12 23.28
N ASN D 583 -12.60 50.88 23.55
CA ASN D 583 -13.09 50.47 24.88
C ASN D 583 -11.92 50.27 25.85
N GLN D 584 -11.51 51.33 26.55
CA GLN D 584 -10.21 51.37 27.26
C GLN D 584 -9.80 50.09 28.02
N LYS D 585 -10.76 49.46 28.68
CA LYS D 585 -10.56 48.15 29.31
C LYS D 585 -9.96 47.15 28.32
N ASP D 586 -10.73 46.83 27.26
CA ASP D 586 -10.30 45.91 26.17
C ASP D 586 -8.85 46.18 25.78
N PHE D 587 -8.49 47.48 25.69
CA PHE D 587 -7.14 47.92 25.33
C PHE D 587 -6.11 47.58 26.42
N TYR D 588 -6.37 48.00 27.65
CA TYR D 588 -5.43 47.75 28.77
C TYR D 588 -5.31 46.28 29.18
N ASN D 589 -6.40 45.51 29.02
CA ASN D 589 -6.37 44.09 29.35
C ASN D 589 -5.61 43.27 28.26
N ALA D 590 -5.75 43.68 26.99
CA ALA D 590 -4.98 43.09 25.87
C ALA D 590 -3.50 43.52 25.79
N PHE D 591 -3.07 44.46 26.65
CA PHE D 591 -1.64 44.82 26.84
C PHE D 591 -1.06 44.47 28.23
N ASN D 592 -1.84 43.75 29.04
CA ASN D 592 -1.49 43.33 30.41
C ASN D 592 -1.30 44.44 31.47
N LEU D 593 -2.34 45.23 31.67
CA LEU D 593 -2.49 46.07 32.87
C LEU D 593 -3.98 46.18 33.26
N ASN D 594 -4.24 46.68 34.47
CA ASN D 594 -5.55 46.57 35.12
C ASN D 594 -6.66 47.21 34.31
N ASP D 595 -7.88 46.82 34.68
CA ASP D 595 -9.12 47.34 34.11
C ASP D 595 -9.02 48.77 33.54
N ASP D 596 -8.39 49.67 34.29
CA ASP D 596 -8.12 51.04 33.83
C ASP D 596 -6.97 51.66 34.60
N GLY D 597 -6.13 52.42 33.91
CA GLY D 597 -5.00 53.12 34.52
C GLY D 597 -3.78 52.22 34.67
N ARG D 598 -2.91 52.58 35.62
CA ARG D 598 -1.61 51.92 35.83
C ARG D 598 -1.59 50.93 37.03
N ALA D 599 -1.73 49.66 36.69
CA ALA D 599 -1.39 48.55 37.57
C ALA D 599 -1.25 47.29 36.71
N PHE D 600 -0.10 46.62 36.75
CA PHE D 600 0.12 45.38 35.98
C PHE D 600 -0.99 44.34 36.27
N THR D 601 -1.35 43.51 35.30
CA THR D 601 -2.32 42.41 35.55
C THR D 601 -1.62 41.05 35.68
N SER D 602 -1.95 40.34 36.77
CA SER D 602 -1.47 38.98 37.16
C SER D 602 -0.26 38.42 36.38
N SER D 603 -0.49 37.35 35.60
CA SER D 603 0.48 36.82 34.64
C SER D 603 0.44 37.69 33.37
N THR D 604 1.59 38.18 32.92
CA THR D 604 1.66 39.32 31.97
C THR D 604 2.36 39.01 30.63
N PRO D 605 1.85 38.01 29.87
CA PRO D 605 2.56 37.48 28.68
C PRO D 605 2.81 38.49 27.54
N ARG D 606 1.89 39.42 27.34
CA ARG D 606 1.95 40.37 26.20
C ARG D 606 3.08 41.37 26.40
N LYS D 607 3.06 42.10 27.53
CA LYS D 607 4.16 43.02 27.92
C LYS D 607 5.53 42.33 27.83
N ASP D 608 5.58 41.07 28.27
CA ASP D 608 6.83 40.31 28.34
C ASP D 608 7.41 40.12 26.95
N GLU D 609 6.56 39.79 25.99
CA GLU D 609 6.97 39.72 24.59
C GLU D 609 7.23 41.13 23.99
N MET D 610 6.34 42.10 24.24
CA MET D 610 6.60 43.50 23.87
C MET D 610 7.99 43.90 24.31
N SER D 611 8.27 43.68 25.59
CA SER D 611 9.56 44.03 26.17
C SER D 611 10.70 43.14 25.63
N LYS D 612 10.41 41.90 25.23
CA LYS D 612 11.43 41.06 24.55
C LYS D 612 11.77 41.64 23.17
N GLN D 613 10.77 42.19 22.48
CA GLN D 613 11.01 42.80 21.18
C GLN D 613 11.69 44.17 21.34
N GLN D 614 11.08 45.05 22.14
CA GLN D 614 11.66 46.39 22.41
C GLN D 614 13.10 46.31 22.91
N GLN D 615 13.41 45.31 23.73
CA GLN D 615 14.80 45.08 24.14
C GLN D 615 15.69 44.73 22.96
N HIS D 616 15.18 43.90 22.06
CA HIS D 616 15.95 43.49 20.89
C HIS D 616 16.28 44.67 19.96
N ASN D 617 15.40 45.68 19.95
CA ASN D 617 15.59 46.89 19.14
C ASN D 617 16.56 47.95 19.73
N GLN D 618 17.17 47.72 20.90
CA GLN D 618 17.98 48.78 21.57
C GLN D 618 19.19 49.31 20.74
N HIS D 619 20.09 48.43 20.31
CA HIS D 619 21.26 48.88 19.56
C HIS D 619 20.89 49.40 18.16
N ILE D 620 19.72 49.00 17.65
CA ILE D 620 19.23 49.51 16.34
C ILE D 620 18.44 50.82 16.51
N TYR D 621 17.87 51.06 17.70
CA TYR D 621 17.32 52.38 18.07
C TYR D 621 18.45 53.43 18.32
N ALA D 622 19.65 52.95 18.67
CA ALA D 622 20.83 53.81 18.76
C ALA D 622 21.05 54.47 17.41
N GLU D 623 21.15 53.64 16.37
CA GLU D 623 21.36 54.11 14.99
C GLU D 623 20.11 54.84 14.45
N TYR D 624 18.92 54.25 14.56
CA TYR D 624 17.65 54.87 14.07
C TYR D 624 17.45 56.31 14.49
N ASN D 625 17.87 56.65 15.71
CA ASN D 625 17.80 58.03 16.21
C ASN D 625 19.04 58.88 15.90
N SER D 626 20.20 58.24 15.78
CA SER D 626 21.51 58.96 15.61
C SER D 626 21.61 59.93 14.40
N THR D 627 21.55 59.41 13.16
CA THR D 627 21.69 60.27 11.96
C THR D 627 20.33 60.70 11.35
N SER D 628 20.44 61.71 10.47
CA SER D 628 19.31 62.27 9.71
C SER D 628 19.22 61.72 8.27
N ASN D 629 20.23 60.94 7.85
CA ASN D 629 20.21 60.19 6.58
C ASN D 629 18.94 59.34 6.42
N SER D 630 17.85 59.99 6.04
CA SER D 630 16.52 59.35 6.06
C SER D 630 16.38 58.17 5.06
N GLY D 631 17.42 57.95 4.24
CA GLY D 631 17.57 56.70 3.49
C GLY D 631 17.63 55.45 4.34
N ASN D 632 18.78 55.21 4.98
CA ASN D 632 18.94 54.01 5.82
C ASN D 632 18.30 54.13 7.22
N LYS D 633 17.70 55.28 7.53
CA LYS D 633 16.74 55.37 8.63
C LYS D 633 15.53 54.46 8.33
N LYS D 634 15.01 54.51 7.11
CA LYS D 634 13.87 53.67 6.70
C LYS D 634 14.23 52.16 6.52
N LEU D 635 15.51 51.85 6.32
CA LEU D 635 15.98 50.45 6.33
C LEU D 635 16.00 49.93 7.76
N LEU D 636 16.44 50.78 8.69
CA LEU D 636 16.32 50.47 10.12
C LEU D 636 14.86 50.41 10.57
N ALA D 637 14.02 51.31 10.04
CA ALA D 637 12.58 51.29 10.30
C ALA D 637 11.91 49.96 9.90
N VAL D 638 12.44 49.30 8.89
CA VAL D 638 12.02 47.94 8.53
C VAL D 638 12.47 46.98 9.64
N LEU D 639 13.77 46.95 9.91
CA LEU D 639 14.38 46.06 10.89
C LEU D 639 13.64 45.91 12.24
N LEU D 640 13.45 47.01 12.96
CA LEU D 640 12.75 46.95 14.26
C LEU D 640 11.28 46.48 14.16
N SER D 641 10.70 46.47 12.96
CA SER D 641 9.34 45.97 12.76
C SER D 641 9.20 44.46 12.53
N ILE D 642 10.31 43.73 12.49
CA ILE D 642 10.31 42.30 12.16
C ILE D 642 10.67 41.47 13.39
N GLU D 643 9.88 40.44 13.69
CA GLU D 643 10.06 39.56 14.87
C GLU D 643 11.46 38.90 14.91
N LYS D 644 12.14 39.01 16.06
CA LYS D 644 13.50 38.45 16.22
C LYS D 644 13.57 37.52 17.42
N PRO D 645 14.61 36.66 17.46
CA PRO D 645 14.90 35.87 18.67
C PRO D 645 15.96 36.44 19.62
N VAL D 646 16.85 37.30 19.13
CA VAL D 646 17.94 37.84 19.97
C VAL D 646 18.07 39.35 19.74
N THR D 647 18.62 40.07 20.71
CA THR D 647 18.81 41.51 20.55
C THR D 647 19.90 41.68 19.48
N PHE D 648 19.81 42.74 18.69
CA PHE D 648 20.80 42.98 17.64
C PHE D 648 21.94 43.87 18.19
N SER D 649 23.15 43.30 18.18
CA SER D 649 24.43 43.98 18.50
C SER D 649 24.72 45.22 17.64
N LYS D 650 25.33 46.25 18.24
CA LYS D 650 25.74 47.45 17.48
C LYS D 650 26.61 47.09 16.25
N ASP D 651 27.46 46.06 16.35
CA ASP D 651 28.24 45.60 15.20
C ASP D 651 27.37 44.91 14.14
N ILE D 652 26.32 44.18 14.57
CA ILE D 652 25.40 43.51 13.64
C ILE D 652 24.41 44.49 12.94
N VAL D 653 24.27 45.74 13.42
CA VAL D 653 23.51 46.79 12.69
C VAL D 653 24.41 47.52 11.67
N ASN D 654 25.65 47.81 12.07
CA ASN D 654 26.65 48.34 11.14
C ASN D 654 26.77 47.34 10.00
N ARG D 655 27.08 46.09 10.33
CA ARG D 655 27.12 44.95 9.37
C ARG D 655 25.90 44.83 8.43
N PHE D 656 24.72 45.15 8.95
CA PHE D 656 23.45 45.13 8.18
C PHE D 656 23.39 46.22 7.13
N LEU D 657 23.55 47.48 7.56
CA LEU D 657 23.56 48.61 6.64
C LEU D 657 24.99 48.94 6.13
N ARG D 658 25.79 47.92 5.85
CA ARG D 658 26.96 48.08 4.98
C ARG D 658 26.50 47.89 3.53
N PRO D 659 26.00 46.69 3.15
CA PRO D 659 25.74 46.50 1.71
C PRO D 659 24.52 47.24 1.13
N LEU D 660 24.12 48.35 1.75
CA LEU D 660 22.96 49.15 1.33
C LEU D 660 23.11 49.75 -0.09
N LYS D 661 24.27 50.34 -0.36
CA LYS D 661 24.53 51.09 -1.60
C LYS D 661 24.87 50.12 -2.72
N ASP D 662 25.78 49.18 -2.41
CA ASP D 662 26.33 48.21 -3.38
C ASP D 662 25.38 47.06 -3.82
N SER D 663 24.15 47.01 -3.30
CA SER D 663 23.16 45.97 -3.63
C SER D 663 21.95 46.60 -4.32
N GLU D 664 21.88 46.49 -5.64
CA GLU D 664 20.81 47.15 -6.42
C GLU D 664 19.41 46.55 -6.22
N THR D 665 19.32 45.31 -5.74
CA THR D 665 18.03 44.61 -5.48
C THR D 665 17.90 44.18 -4.00
N PRO D 666 16.66 43.90 -3.53
CA PRO D 666 16.47 43.32 -2.20
C PRO D 666 17.00 41.88 -2.07
N GLN D 667 16.76 41.04 -3.08
CA GLN D 667 17.24 39.64 -3.08
C GLN D 667 18.76 39.52 -3.11
N ASP D 668 19.44 40.52 -3.67
CA ASP D 668 20.91 40.63 -3.58
C ASP D 668 21.35 40.98 -2.14
N TYR D 669 20.73 42.02 -1.55
CA TYR D 669 20.99 42.44 -0.15
C TYR D 669 20.87 41.30 0.84
N ALA D 670 19.75 40.60 0.75
CA ALA D 670 19.47 39.41 1.56
C ALA D 670 20.49 38.28 1.36
N ASP D 671 20.98 38.11 0.13
CA ASP D 671 21.99 37.09 -0.18
C ASP D 671 23.43 37.54 0.16
N THR D 672 23.70 38.85 0.15
CA THR D 672 24.98 39.40 0.62
C THR D 672 25.27 38.95 2.07
N LEU D 673 24.26 39.06 2.94
CA LEU D 673 24.42 38.89 4.40
C LEU D 673 24.37 37.42 4.88
N PHE D 674 23.36 36.67 4.43
CA PHE D 674 23.10 35.32 4.91
C PHE D 674 23.51 34.22 3.92
N GLY D 675 23.95 34.59 2.73
CA GLY D 675 24.29 33.63 1.67
C GLY D 675 23.05 33.23 0.88
N GLU D 676 23.22 32.21 0.01
CA GLU D 676 22.11 31.71 -0.80
C GLU D 676 21.21 30.99 0.20
N ASN D 677 21.69 29.84 0.68
CA ASN D 677 20.96 29.01 1.65
C ASN D 677 21.77 29.14 2.94
N PRO D 678 21.25 29.90 3.92
CA PRO D 678 21.95 29.93 5.21
C PRO D 678 21.80 28.61 5.99
N THR D 679 22.94 28.02 6.35
CA THR D 679 23.03 26.95 7.36
C THR D 679 22.04 27.05 8.52
N ASN D 680 22.03 28.22 9.18
CA ASN D 680 21.46 28.44 10.52
C ASN D 680 19.91 28.40 10.52
N PRO D 681 19.29 27.68 11.47
CA PRO D 681 17.82 27.67 11.51
C PRO D 681 17.20 29.04 11.85
N ALA D 682 17.82 29.75 12.79
CA ALA D 682 17.33 31.07 13.25
C ALA D 682 17.59 32.24 12.28
N ASN D 683 18.60 32.09 11.43
CA ASN D 683 18.86 33.08 10.37
C ASN D 683 17.87 32.91 9.21
N LYS D 684 17.66 31.66 8.82
CA LYS D 684 16.70 31.29 7.77
C LYS D 684 15.38 32.02 8.02
N LYS D 685 14.91 31.94 9.26
CA LYS D 685 13.74 32.68 9.70
C LYS D 685 13.87 34.15 9.32
N PHE D 686 14.92 34.81 9.81
CA PHE D 686 15.01 36.27 9.66
C PHE D 686 15.22 36.76 8.21
N LYS D 687 15.95 36.00 7.40
CA LYS D 687 16.17 36.40 6.01
C LYS D 687 14.84 36.38 5.25
N ASP D 688 14.07 35.31 5.44
CA ASP D 688 12.74 35.17 4.84
C ASP D 688 11.85 36.34 5.24
N ASP D 689 11.80 36.62 6.54
CA ASP D 689 11.03 37.73 7.07
C ASP D 689 11.56 39.08 6.53
N LEU D 690 12.87 39.16 6.29
CA LEU D 690 13.54 40.36 5.74
C LEU D 690 13.07 40.65 4.31
N LEU D 691 12.98 39.58 3.50
CA LEU D 691 12.46 39.69 2.14
C LEU D 691 10.97 40.01 2.08
N ARG D 692 10.20 39.50 3.04
CA ARG D 692 8.77 39.81 3.15
C ARG D 692 8.53 41.32 3.40
N GLU D 693 9.47 42.00 4.05
CA GLU D 693 9.34 43.42 4.37
C GLU D 693 10.18 44.36 3.48
N LEU D 694 11.36 43.90 3.02
CA LEU D 694 12.09 44.60 1.93
C LEU D 694 11.62 44.07 0.58
N THR D 695 10.42 44.48 0.17
CA THR D 695 9.90 44.14 -1.16
C THR D 695 10.71 44.94 -2.17
N PRO D 696 10.67 44.51 -3.45
CA PRO D 696 11.19 45.32 -4.53
C PRO D 696 10.80 46.80 -4.39
N THR D 697 9.50 47.08 -4.40
CA THR D 697 9.01 48.45 -4.47
C THR D 697 9.60 49.33 -3.38
N VAL D 698 9.61 48.83 -2.13
CA VAL D 698 10.12 49.60 -0.98
C VAL D 698 11.66 49.62 -0.90
N PHE D 699 12.32 48.59 -1.45
CA PHE D 699 13.79 48.48 -1.38
C PHE D 699 14.49 49.54 -2.21
N ASN D 700 14.05 49.67 -3.47
CA ASN D 700 14.57 50.70 -4.36
C ASN D 700 13.92 52.05 -4.02
N GLU D 701 12.85 52.03 -3.23
CA GLU D 701 12.32 53.25 -2.59
C GLU D 701 13.31 53.76 -1.53
N ILE D 702 14.00 52.85 -0.84
CA ILE D 702 15.10 53.24 0.07
C ILE D 702 16.27 53.85 -0.71
N LYS D 703 16.59 53.24 -1.86
CA LYS D 703 17.74 53.64 -2.69
C LYS D 703 17.71 55.09 -3.14
N ASN D 704 16.51 55.63 -3.40
CA ASN D 704 16.35 57.05 -3.74
C ASN D 704 16.84 57.92 -2.59
N ASP D 705 16.17 57.79 -1.43
CA ASP D 705 16.46 58.61 -0.26
C ASP D 705 17.97 58.70 0.07
N LEU D 706 18.70 57.58 -0.11
CA LEU D 706 20.13 57.54 0.18
C LEU D 706 20.96 58.29 -0.89
N ARG D 707 20.59 58.14 -2.17
CA ARG D 707 21.18 58.96 -3.23
C ARG D 707 21.00 60.45 -2.87
N LYS D 708 19.77 60.83 -2.50
CA LYS D 708 19.41 62.22 -2.21
C LYS D 708 20.21 62.84 -1.05
N GLN D 709 20.73 62.01 -0.13
CA GLN D 709 21.72 62.49 0.86
C GLN D 709 23.05 62.86 0.20
N GLU D 710 23.50 62.06 -0.77
CA GLU D 710 24.70 62.39 -1.57
C GLU D 710 24.48 63.68 -2.38
N LEU D 711 23.26 63.90 -2.86
CA LEU D 711 22.88 65.13 -3.59
C LEU D 711 22.33 66.25 -2.68
N LEU D 712 22.25 66.01 -1.37
CA LEU D 712 22.06 67.08 -0.38
C LEU D 712 23.39 67.57 0.25
N ASP D 713 24.52 66.98 -0.16
CA ASP D 713 25.81 67.22 0.52
C ASP D 713 26.21 68.70 0.53
N THR D 714 26.74 69.12 1.69
CA THR D 714 27.30 70.47 1.89
C THR D 714 28.11 70.95 0.68
N ASN D 715 29.16 70.20 0.36
CA ASN D 715 30.18 70.63 -0.61
C ASN D 715 29.84 70.11 -2.03
N PRO D 716 30.16 70.90 -3.09
CA PRO D 716 29.89 70.44 -4.47
C PRO D 716 30.71 69.24 -5.04
N ALA D 717 31.63 68.65 -4.28
CA ALA D 717 32.42 67.51 -4.78
C ALA D 717 31.63 66.19 -4.92
N HIS D 718 31.06 65.71 -3.82
CA HIS D 718 30.27 64.48 -3.81
C HIS D 718 28.97 64.57 -4.66
N VAL D 719 28.39 65.76 -4.77
CA VAL D 719 27.07 65.92 -5.43
C VAL D 719 27.16 65.72 -6.96
N MET D 720 28.17 66.32 -7.59
CA MET D 720 28.31 66.28 -9.06
C MET D 720 28.74 64.90 -9.55
N THR D 721 29.44 64.16 -8.68
CA THR D 721 29.77 62.76 -8.98
C THR D 721 28.58 61.79 -8.90
N ALA D 722 27.59 62.09 -8.05
CA ALA D 722 26.33 61.30 -8.00
C ALA D 722 25.46 61.55 -9.23
N ILE D 723 25.53 62.79 -9.78
CA ILE D 723 24.83 63.17 -11.03
C ILE D 723 25.23 62.27 -12.20
N LYS D 724 26.48 61.82 -12.19
CA LYS D 724 27.02 60.97 -13.24
C LYS D 724 26.32 59.61 -13.19
N ALA D 725 26.45 58.93 -12.04
CA ALA D 725 25.78 57.63 -11.81
C ALA D 725 24.28 57.69 -12.16
N LEU D 726 23.65 58.78 -11.78
CA LEU D 726 22.24 59.03 -12.10
C LEU D 726 22.06 59.16 -13.60
N SER D 727 22.90 59.98 -14.24
CA SER D 727 22.85 60.20 -15.69
C SER D 727 23.02 58.89 -16.43
N THR D 728 24.02 58.12 -16.02
CA THR D 728 24.30 56.82 -16.65
C THR D 728 23.25 55.74 -16.33
N GLU D 729 22.62 55.83 -15.14
CA GLU D 729 21.47 54.97 -14.85
C GLU D 729 20.32 55.34 -15.79
N LEU D 730 20.09 56.64 -15.99
CA LEU D 730 19.09 57.13 -16.96
C LEU D 730 19.37 56.60 -18.36
N GLU D 731 20.65 56.60 -18.73
CA GLU D 731 21.08 56.08 -20.03
C GLU D 731 20.84 54.55 -20.13
N SER D 732 21.09 53.81 -19.04
CA SER D 732 20.77 52.36 -18.96
C SER D 732 19.26 52.10 -19.09
N ILE D 733 18.46 53.01 -18.55
CA ILE D 733 17.01 53.03 -18.81
C ILE D 733 16.82 53.23 -20.34
N LYS D 734 17.40 54.30 -20.88
CA LYS D 734 17.29 54.63 -22.33
C LYS D 734 17.74 53.51 -23.28
N GLY D 735 18.48 52.53 -22.75
CA GLY D 735 18.76 51.28 -23.46
C GLY D 735 17.58 50.32 -23.62
N ILE D 736 16.77 50.16 -22.57
CA ILE D 736 15.57 49.30 -22.63
C ILE D 736 14.45 50.06 -23.35
N THR D 737 14.38 51.38 -23.13
CA THR D 737 13.35 52.20 -23.76
C THR D 737 13.78 52.90 -25.08
N GLY D 738 14.91 52.46 -25.65
CA GLY D 738 15.30 52.81 -27.01
C GLY D 738 14.61 51.92 -28.04
N PRO D 739 14.88 50.59 -28.03
CA PRO D 739 14.29 49.62 -28.98
C PRO D 739 12.77 49.54 -29.04
N ILE D 740 12.08 49.60 -27.91
CA ILE D 740 10.60 49.56 -27.89
C ILE D 740 9.93 50.84 -28.43
N ARG D 741 10.69 51.94 -28.58
CA ARG D 741 10.18 53.18 -29.18
C ARG D 741 10.21 53.11 -30.69
N THR D 742 11.39 52.83 -31.23
CA THR D 742 11.59 52.71 -32.68
C THR D 742 10.85 51.48 -33.24
N ASN D 743 10.65 50.47 -32.39
CA ASN D 743 9.75 49.35 -32.70
C ASN D 743 8.29 49.82 -32.73
N ALA D 744 7.91 50.67 -31.76
CA ALA D 744 6.55 51.22 -31.71
C ALA D 744 6.21 52.02 -32.97
N ASP D 745 7.10 52.93 -33.38
CA ASP D 745 6.90 53.69 -34.63
C ASP D 745 6.57 52.76 -35.81
N LYS D 746 7.32 51.67 -35.94
CA LYS D 746 7.10 50.67 -36.99
C LYS D 746 5.72 49.98 -36.90
N LEU D 747 5.43 49.36 -35.75
CA LEU D 747 4.21 48.58 -35.55
C LEU D 747 2.94 49.40 -35.27
N LYS D 748 3.08 50.69 -34.98
CA LYS D 748 1.91 51.58 -34.81
C LYS D 748 1.39 52.03 -36.17
N PHE D 749 2.29 52.27 -37.13
CA PHE D 749 1.87 52.46 -38.54
C PHE D 749 0.99 51.29 -38.99
N ILE D 750 1.45 50.07 -38.67
CA ILE D 750 0.80 48.78 -39.04
C ILE D 750 -0.61 48.59 -38.44
N ASN D 751 -0.78 48.98 -37.17
CA ASN D 751 -1.98 48.67 -36.37
C ASN D 751 -3.13 49.69 -36.55
N ASP D 752 -2.77 50.91 -36.92
CA ASP D 752 -3.76 51.96 -37.22
C ASP D 752 -4.46 51.66 -38.56
N ILE D 753 -3.66 51.44 -39.61
CA ILE D 753 -4.17 51.12 -40.96
C ILE D 753 -4.89 49.74 -41.05
N ASP D 754 -4.65 48.84 -40.07
CA ASP D 754 -5.31 47.51 -39.96
C ASP D 754 -5.99 47.31 -38.56
N PRO D 755 -7.17 47.93 -38.33
CA PRO D 755 -7.91 47.74 -37.06
C PRO D 755 -9.04 46.69 -37.14
N ALA D 772 -8.35 28.13 -33.64
CA ALA D 772 -7.19 27.49 -33.02
C ALA D 772 -5.87 28.00 -33.62
N GLN D 773 -5.66 27.75 -34.91
CA GLN D 773 -4.39 28.07 -35.60
C GLN D 773 -4.20 29.57 -35.92
N MET D 774 -5.27 30.22 -36.37
CA MET D 774 -5.29 31.67 -36.63
C MET D 774 -5.68 32.44 -35.33
N LYS D 775 -6.15 31.72 -34.31
CA LYS D 775 -6.50 32.25 -32.97
C LYS D 775 -5.28 32.40 -32.04
N GLU D 776 -4.41 31.38 -32.03
CA GLU D 776 -3.19 31.39 -31.20
C GLU D 776 -2.15 32.43 -31.67
N ARG D 777 -2.26 32.89 -32.92
CA ARG D 777 -1.47 34.02 -33.39
C ARG D 777 -2.12 35.39 -33.05
N TYR D 778 -3.24 35.38 -32.30
CA TYR D 778 -3.72 36.57 -31.57
C TYR D 778 -3.34 36.47 -30.10
N GLU D 779 -3.67 35.34 -29.49
CA GLU D 779 -3.27 35.05 -28.10
C GLU D 779 -1.75 35.11 -27.89
N GLY D 780 -0.97 34.72 -28.90
CA GLY D 780 0.49 34.86 -28.88
C GLY D 780 0.98 36.29 -29.01
N LEU D 781 0.35 37.07 -29.88
CA LEU D 781 0.67 38.50 -30.05
C LEU D 781 0.39 39.32 -28.77
N SER D 782 -0.75 39.06 -28.14
CA SER D 782 -1.13 39.75 -26.91
C SER D 782 -0.20 39.43 -25.74
N ARG D 783 0.21 38.17 -25.62
CA ARG D 783 1.15 37.74 -24.57
C ARG D 783 2.41 38.61 -24.58
N ASP D 784 2.98 38.80 -25.76
CA ASP D 784 4.21 39.59 -25.93
C ASP D 784 3.92 41.11 -25.76
N CYS D 785 2.76 41.53 -26.25
CA CYS D 785 2.25 42.91 -26.05
C CYS D 785 2.12 43.23 -24.55
N GLY D 786 1.60 42.25 -23.80
CA GLY D 786 1.49 42.33 -22.35
C GLY D 786 2.83 42.45 -21.65
N LEU D 787 3.85 41.74 -22.14
CA LEU D 787 5.20 41.81 -21.56
C LEU D 787 5.83 43.21 -21.80
N VAL D 788 5.53 43.84 -22.94
CA VAL D 788 6.14 45.14 -23.29
C VAL D 788 5.50 46.32 -22.54
N VAL D 789 4.19 46.30 -22.35
CA VAL D 789 3.50 47.33 -21.54
C VAL D 789 3.94 47.29 -20.08
N ASP D 790 4.09 46.08 -19.52
CA ASP D 790 4.66 45.88 -18.19
C ASP D 790 6.07 46.45 -18.16
N GLN D 791 6.87 46.05 -19.15
CA GLN D 791 8.29 46.41 -19.25
C GLN D 791 8.54 47.92 -19.27
N LEU D 792 7.56 48.67 -19.75
CA LEU D 792 7.60 50.13 -19.68
C LEU D 792 6.88 50.67 -18.44
N ARG D 793 5.83 49.98 -17.98
CA ARG D 793 5.20 50.29 -16.68
C ARG D 793 6.27 50.27 -15.58
N ARG D 794 7.04 49.19 -15.52
CA ARG D 794 8.21 49.13 -14.63
C ARG D 794 9.09 50.36 -14.79
N GLN D 795 9.34 50.74 -16.05
CA GLN D 795 10.22 51.88 -16.36
C GLN D 795 9.67 53.28 -16.02
N VAL D 796 8.35 53.43 -15.85
CA VAL D 796 7.78 54.73 -15.45
C VAL D 796 8.02 54.96 -13.96
N VAL D 797 7.73 53.95 -13.15
CA VAL D 797 7.90 54.06 -11.69
C VAL D 797 9.39 54.29 -11.41
N ALA D 798 10.25 53.63 -12.20
CA ALA D 798 11.70 53.82 -12.12
C ALA D 798 12.09 55.28 -12.13
N LEU D 799 11.83 55.95 -13.26
CA LEU D 799 12.29 57.33 -13.42
C LEU D 799 11.36 58.34 -12.79
N GLU D 800 10.20 57.89 -12.32
CA GLU D 800 9.42 58.69 -11.37
C GLU D 800 10.24 58.80 -10.08
N GLY D 801 10.85 57.70 -9.68
CA GLY D 801 11.75 57.66 -8.54
C GLY D 801 12.95 58.58 -8.67
N HIS D 802 13.77 58.30 -9.67
CA HIS D 802 15.01 59.06 -9.88
C HIS D 802 14.71 60.57 -9.87
N LEU D 803 13.61 60.95 -10.54
CA LEU D 803 13.17 62.36 -10.61
C LEU D 803 13.12 63.05 -9.23
N LYS D 804 12.49 62.37 -8.25
CA LYS D 804 12.32 62.90 -6.88
C LYS D 804 13.60 62.89 -6.04
N SER D 805 14.58 62.09 -6.47
CA SER D 805 15.83 61.84 -5.72
C SER D 805 17.00 62.77 -6.09
N LEU D 806 16.72 64.07 -6.23
CA LEU D 806 17.74 65.11 -6.46
C LEU D 806 17.13 66.48 -6.14
N PRO D 807 17.96 67.54 -5.98
CA PRO D 807 17.41 68.88 -5.65
C PRO D 807 16.30 69.37 -6.60
N LYS D 808 15.49 70.33 -6.15
CA LYS D 808 14.39 70.90 -6.97
C LYS D 808 14.90 72.01 -7.92
N GLU D 809 15.39 73.12 -7.36
CA GLU D 809 16.11 74.16 -8.11
C GLU D 809 17.12 74.90 -7.22
N GLY D 810 18.30 74.29 -7.03
CA GLY D 810 19.33 74.84 -6.16
C GLY D 810 18.93 74.85 -4.70
N GLU D 811 18.67 73.68 -4.14
CA GLU D 811 18.45 73.53 -2.71
C GLU D 811 19.73 73.11 -2.00
N PHE D 812 20.44 72.14 -2.58
CA PHE D 812 21.76 71.67 -2.11
C PHE D 812 21.98 71.69 -0.59
N THR D 818 28.38 76.12 -8.59
CA THR D 818 28.47 77.08 -9.69
C THR D 818 27.84 76.52 -10.97
N LEU D 819 27.29 77.42 -11.80
CA LEU D 819 26.53 77.03 -13.02
C LEU D 819 27.42 76.50 -14.19
N GLU D 820 28.74 76.38 -13.98
CA GLU D 820 29.61 75.55 -14.83
C GLU D 820 29.18 74.08 -14.79
N GLN D 821 29.06 73.54 -13.57
CA GLN D 821 28.67 72.14 -13.35
C GLN D 821 27.12 71.94 -13.29
N LYS D 822 26.40 72.96 -12.79
CA LYS D 822 24.92 73.00 -12.91
C LYS D 822 24.41 73.19 -14.34
N ALA D 823 25.33 73.44 -15.29
CA ALA D 823 25.04 73.30 -16.71
C ALA D 823 24.51 71.91 -17.03
N GLU D 824 25.01 70.89 -16.33
CA GLU D 824 24.55 69.50 -16.50
C GLU D 824 23.27 69.17 -15.68
N ILE D 825 23.09 69.77 -14.49
CA ILE D 825 22.00 69.35 -13.57
C ILE D 825 20.60 69.74 -14.03
N LYS D 826 20.41 71.00 -14.43
CA LYS D 826 19.08 71.48 -14.84
C LYS D 826 18.72 70.84 -16.17
N LYS D 827 19.74 70.65 -17.01
CA LYS D 827 19.71 69.75 -18.18
C LYS D 827 19.12 68.39 -17.82
N LEU D 828 19.80 67.67 -16.92
CA LEU D 828 19.47 66.26 -16.65
C LEU D 828 18.13 66.05 -15.93
N ARG D 829 17.61 67.08 -15.27
CA ARG D 829 16.22 67.06 -14.74
C ARG D 829 15.20 66.93 -15.89
N THR D 830 15.29 67.82 -16.88
CA THR D 830 14.38 67.79 -18.04
C THR D 830 14.59 66.56 -18.92
N ASP D 831 15.85 66.07 -18.99
CA ASP D 831 16.16 64.84 -19.72
C ASP D 831 15.37 63.64 -19.20
N LEU D 832 15.35 63.48 -17.87
CA LEU D 832 14.47 62.49 -17.21
C LEU D 832 13.00 62.78 -17.48
N GLU D 833 12.63 64.05 -17.24
CA GLU D 833 11.25 64.57 -17.42
C GLU D 833 10.75 64.29 -18.83
N ALA D 834 11.63 64.54 -19.80
CA ALA D 834 11.41 64.21 -21.20
C ALA D 834 11.14 62.71 -21.38
N GLU D 835 12.10 61.90 -20.90
CA GLU D 835 12.02 60.44 -21.01
C GLU D 835 10.83 59.82 -20.23
N LEU D 836 10.35 60.53 -19.20
CA LEU D 836 9.08 60.19 -18.55
C LEU D 836 7.95 60.53 -19.52
N SER D 837 7.92 61.76 -20.02
CA SER D 837 6.90 62.19 -20.98
C SER D 837 6.87 61.34 -22.27
N ALA D 838 8.01 60.76 -22.64
CA ALA D 838 8.07 59.84 -23.78
C ALA D 838 7.44 58.46 -23.48
N VAL D 839 7.95 57.75 -22.47
CA VAL D 839 7.34 56.46 -22.06
C VAL D 839 5.89 56.63 -21.61
N ARG D 840 5.58 57.79 -21.00
CA ARG D 840 4.19 58.21 -20.75
C ARG D 840 3.37 58.00 -22.03
N GLU D 841 3.84 58.58 -23.14
CA GLU D 841 3.15 58.42 -24.43
C GLU D 841 3.28 57.03 -25.08
N ASP D 842 4.39 56.33 -24.87
CA ASP D 842 4.54 54.96 -25.40
C ASP D 842 3.60 53.97 -24.71
N LEU D 843 3.40 54.17 -23.40
CA LEU D 843 2.48 53.33 -22.59
C LEU D 843 1.08 53.27 -23.20
N ASP D 844 0.48 54.44 -23.40
CA ASP D 844 -0.84 54.50 -24.06
C ASP D 844 -0.77 54.11 -25.55
N PHE D 845 0.37 54.37 -26.22
CA PHE D 845 0.59 53.87 -27.59
C PHE D 845 0.42 52.33 -27.61
N TYR D 846 1.09 51.63 -26.70
CA TYR D 846 0.95 50.15 -26.59
C TYR D 846 -0.39 49.69 -25.96
N LYS D 847 -0.95 50.50 -25.05
CA LYS D 847 -2.27 50.23 -24.47
C LYS D 847 -3.41 50.38 -25.49
N LYS D 848 -3.17 51.09 -26.61
CA LYS D 848 -4.11 51.06 -27.74
C LYS D 848 -4.38 49.62 -28.15
N ILE D 849 -3.29 48.82 -28.20
CA ILE D 849 -3.31 47.43 -28.65
C ILE D 849 -3.78 46.47 -27.52
N GLN D 850 -3.52 46.79 -26.26
CA GLN D 850 -4.11 46.02 -25.14
C GLN D 850 -5.61 45.82 -25.39
N GLY D 851 -6.31 46.92 -25.69
CA GLY D 851 -7.74 46.90 -25.99
C GLY D 851 -8.11 46.47 -27.41
N LYS D 852 -7.40 46.98 -28.41
CA LYS D 852 -7.67 46.66 -29.83
C LYS D 852 -7.41 45.19 -30.21
N LEU D 853 -6.55 44.52 -29.45
CA LEU D 853 -6.23 43.12 -29.67
C LEU D 853 -7.13 42.22 -28.84
N GLU D 854 -7.23 42.48 -27.53
CA GLU D 854 -8.07 41.67 -26.62
C GLU D 854 -9.56 41.70 -26.95
N THR D 855 -9.99 42.78 -27.60
CA THR D 855 -11.37 42.90 -28.13
C THR D 855 -11.63 41.88 -29.26
N ILE D 856 -10.61 41.63 -30.09
CA ILE D 856 -10.73 40.74 -31.24
C ILE D 856 -10.78 39.24 -30.86
N VAL D 857 -9.95 38.81 -29.91
CA VAL D 857 -9.86 37.38 -29.50
C VAL D 857 -11.08 36.83 -28.73
N LYS D 858 -11.98 37.72 -28.32
CA LYS D 858 -13.31 37.35 -27.79
C LYS D 858 -14.32 37.10 -28.93
N GLU D 859 -14.07 37.71 -30.10
CA GLU D 859 -14.92 37.57 -31.29
C GLU D 859 -14.45 36.52 -32.31
N VAL D 860 -13.13 36.24 -32.35
CA VAL D 860 -12.60 35.07 -33.09
C VAL D 860 -13.15 33.77 -32.48
N ASP D 861 -13.44 33.82 -31.17
CA ASP D 861 -14.16 32.77 -30.44
C ASP D 861 -15.64 32.82 -30.81
#